data_3H8F
#
_entry.id   3H8F
#
_cell.length_a   95.786
_cell.length_b   95.931
_cell.length_c   96.308
_cell.angle_alpha   68.43
_cell.angle_beta   76.31
_cell.angle_gamma   94.86
#
_symmetry.space_group_name_H-M   'P 1'
#
loop_
_entity.id
_entity.type
_entity.pdbx_description
1 polymer 'Cytosol aminopeptidase'
2 non-polymer 'ZINC ION'
3 non-polymer 'MANGANESE (II) ION'
4 non-polymer 'POTASSIUM ION'
5 non-polymer 'BICARBONATE ION'
6 water water
#
_entity_poly.entity_id   1
_entity_poly.type   'polypeptide(L)'
_entity_poly.pdbx_seq_one_letter_code
;MELVVKSVAAASVKTATLVIPVGENRKLGAVAKAVDLASEGAISAVLKRGDLAGKPGQTLLLQNLQGLKAERVLLVGSGK
DEALGDRTWRKLVASVAGVLKGLNGADAVLALDDVAVNNRDAHYGKYRLLAETLLDGEYVFDRFKSQKVEPRALKKVTLL
ADKAGQAEVERAVKHASAIATGMAFTRDLGNLPPNLCHPSFLAEQAKELGKAHKALKVEVLDEKKIKDLGMGAFYAVGQG
SDQPPRLIVLNYQGGKKADKPFVLVGKGITFDTGGISLKPGAGMDEMKYDMCGAASVFGTLRAVLELQLPVNLVCLLACA
ENMPSGGATRPGDIVTTMSGQTVEILNTDAEGRLVLCDTLTYAERFKPQAVIDIATLTGACIVALGSHTTGLMGNNDDLV
GQLLDAGKRADDRAWQLPLFDEYQEQLDSPFADMGNIGGPKAGTITAGCFLSRFAKAYNWAHMDIAGTAWISGGKDKGAT
GRPVPLLTQYLLDRAGA
;
_entity_poly.pdbx_strand_id   A,B,C,D,E,F
#
loop_
_chem_comp.id
_chem_comp.type
_chem_comp.name
_chem_comp.formula
BCT non-polymer 'BICARBONATE ION' 'C H O3 -1'
K non-polymer 'POTASSIUM ION' 'K 1'
MN non-polymer 'MANGANESE (II) ION' 'Mn 2'
ZN non-polymer 'ZINC ION' 'Zn 2'
#
# COMPACT_ATOMS: atom_id res chain seq x y z
N MET A 1 -48.20 0.59 10.33
CA MET A 1 -48.94 1.88 10.43
C MET A 1 -49.99 1.92 9.33
N GLU A 2 -51.23 2.35 9.52
CA GLU A 2 -52.43 2.69 8.72
C GLU A 2 -52.45 4.22 8.57
N LEU A 3 -52.69 4.61 7.33
CA LEU A 3 -52.82 5.98 6.92
C LEU A 3 -54.15 6.24 6.29
N VAL A 4 -54.89 7.11 6.89
CA VAL A 4 -56.16 7.50 6.30
C VAL A 4 -56.20 8.97 5.95
N VAL A 5 -57.17 9.35 5.11
CA VAL A 5 -57.38 10.74 4.74
C VAL A 5 -58.76 11.21 5.17
N LYS A 6 -58.81 12.32 5.89
CA LYS A 6 -60.11 12.93 6.21
C LYS A 6 -60.16 14.38 5.77
N SER A 7 -61.37 14.87 5.61
CA SER A 7 -61.61 16.22 5.15
C SER A 7 -62.32 17.04 6.19
N VAL A 8 -62.19 16.66 7.45
CA VAL A 8 -62.82 17.39 8.54
C VAL A 8 -61.89 18.54 9.00
N ALA A 9 -62.35 19.37 9.94
CA ALA A 9 -61.55 20.50 10.47
C ALA A 9 -60.53 20.00 11.46
N ALA A 10 -59.40 20.69 11.58
CA ALA A 10 -58.28 20.16 12.36
C ALA A 10 -58.63 20.13 13.85
N ALA A 11 -59.02 21.29 14.39
CA ALA A 11 -59.52 21.45 15.77
C ALA A 11 -60.66 20.49 16.18
N SER A 12 -61.45 20.04 15.20
CA SER A 12 -62.67 19.27 15.49
C SER A 12 -62.42 17.77 15.71
N VAL A 13 -61.20 17.31 15.48
CA VAL A 13 -60.94 15.86 15.52
C VAL A 13 -60.17 15.33 16.76
N LYS A 14 -60.65 14.20 17.28
CA LYS A 14 -60.13 13.66 18.51
C LYS A 14 -58.95 12.74 18.23
N THR A 15 -57.80 13.10 18.77
CA THR A 15 -56.61 12.35 18.51
C THR A 15 -55.69 12.39 19.70
N ALA A 16 -54.75 11.45 19.71
CA ALA A 16 -53.70 11.46 20.69
C ALA A 16 -52.79 12.69 20.51
N THR A 17 -52.49 13.03 19.24
CA THR A 17 -51.56 14.14 18.87
C THR A 17 -52.02 14.77 17.56
N LEU A 18 -52.26 16.09 17.57
CA LEU A 18 -52.46 16.88 16.36
C LEU A 18 -51.14 17.54 15.96
N VAL A 19 -50.74 17.33 14.69
CA VAL A 19 -49.54 17.96 14.16
C VAL A 19 -49.86 19.14 13.22
N ILE A 20 -49.35 20.31 13.57
CA ILE A 20 -49.52 21.48 12.73
C ILE A 20 -48.15 22.17 12.51
N PRO A 21 -47.99 22.87 11.37
CA PRO A 21 -46.75 23.57 11.04
C PRO A 21 -46.68 25.03 11.53
N VAL A 22 -45.50 25.49 11.85
CA VAL A 22 -45.29 26.87 12.19
C VAL A 22 -44.09 27.34 11.43
N GLY A 23 -44.23 28.53 10.88
CA GLY A 23 -43.25 29.24 10.11
C GLY A 23 -42.12 29.83 10.86
N GLU A 24 -41.04 30.15 10.18
CA GLU A 24 -40.07 31.10 10.68
C GLU A 24 -40.71 32.50 10.86
N ASN A 25 -40.45 33.16 11.97
CA ASN A 25 -41.15 34.44 12.32
C ASN A 25 -42.47 34.22 13.05
N ARG A 26 -42.64 33.04 13.64
CA ARG A 26 -43.82 32.73 14.44
C ARG A 26 -45.04 32.45 13.57
N LYS A 27 -44.83 32.32 12.26
CA LYS A 27 -45.91 32.43 11.31
C LYS A 27 -46.88 31.25 11.36
N LEU A 28 -48.16 31.56 11.28
CA LEU A 28 -49.20 30.57 11.22
C LEU A 28 -49.99 30.74 9.91
N GLY A 29 -50.07 29.67 9.12
CA GLY A 29 -50.97 29.58 7.96
C GLY A 29 -52.39 29.35 8.44
N ALA A 30 -53.35 29.21 7.53
CA ALA A 30 -54.78 29.16 7.90
C ALA A 30 -55.12 28.08 8.92
N VAL A 31 -54.66 26.86 8.65
CA VAL A 31 -55.00 25.70 9.48
C VAL A 31 -54.45 25.90 10.89
N ALA A 32 -53.17 26.29 10.99
CA ALA A 32 -52.54 26.61 12.27
C ALA A 32 -53.33 27.66 13.06
N LYS A 33 -53.83 28.66 12.35
CA LYS A 33 -54.54 29.79 12.95
C LYS A 33 -55.89 29.41 13.50
N ALA A 34 -56.62 28.57 12.77
CA ALA A 34 -57.88 28.04 13.26
C ALA A 34 -57.69 27.16 14.51
N VAL A 35 -56.53 26.51 14.62
CA VAL A 35 -56.24 25.68 15.77
C VAL A 35 -56.01 26.61 16.94
N ASP A 36 -55.14 27.60 16.70
CA ASP A 36 -54.81 28.66 17.64
C ASP A 36 -56.05 29.41 18.14
N LEU A 37 -56.93 29.77 17.21
CA LEU A 37 -58.15 30.51 17.52
C LEU A 37 -59.11 29.67 18.38
N ALA A 38 -59.22 28.38 18.08
CA ALA A 38 -60.03 27.43 18.85
C ALA A 38 -59.46 27.18 20.23
N SER A 39 -58.15 27.18 20.34
CA SER A 39 -57.51 26.99 21.63
C SER A 39 -57.47 28.34 22.33
N GLU A 40 -58.16 29.30 21.71
CA GLU A 40 -58.32 30.67 22.20
C GLU A 40 -57.02 31.40 22.46
N GLY A 41 -56.06 31.21 21.56
CA GLY A 41 -54.79 31.92 21.64
C GLY A 41 -53.71 31.28 22.51
N ALA A 42 -53.92 30.05 22.97
CA ALA A 42 -52.91 29.33 23.78
C ALA A 42 -51.59 29.16 23.01
N ILE A 43 -51.69 28.52 21.86
CA ILE A 43 -50.55 28.25 20.98
C ILE A 43 -49.71 29.52 20.74
N SER A 44 -50.35 30.56 20.23
CA SER A 44 -49.71 31.84 19.99
C SER A 44 -49.02 32.45 21.23
N ALA A 45 -49.66 32.29 22.38
CA ALA A 45 -49.11 32.74 23.65
C ALA A 45 -47.78 32.05 23.88
N VAL A 46 -47.76 30.73 23.68
CA VAL A 46 -46.55 29.93 23.83
C VAL A 46 -45.48 30.37 22.84
N LEU A 47 -45.86 30.51 21.58
CA LEU A 47 -44.96 30.94 20.52
C LEU A 47 -44.22 32.22 20.82
N LYS A 48 -44.99 33.19 21.33
CA LYS A 48 -44.47 34.50 21.77
C LYS A 48 -43.23 34.45 22.71
N ARG A 49 -43.05 33.34 23.41
CA ARG A 49 -41.89 33.23 24.29
C ARG A 49 -40.57 32.91 23.58
N GLY A 50 -40.67 32.43 22.34
CA GLY A 50 -39.50 32.27 21.48
C GLY A 50 -38.70 30.99 21.54
N ASP A 51 -39.23 29.93 22.17
CA ASP A 51 -38.57 28.62 22.25
C ASP A 51 -38.42 27.93 20.87
N LEU A 52 -39.46 28.07 20.03
CA LEU A 52 -39.46 27.49 18.68
C LEU A 52 -39.20 28.53 17.60
N ALA A 53 -38.04 28.44 16.96
CA ALA A 53 -37.66 29.38 15.90
C ALA A 53 -38.33 29.11 14.54
N GLY A 54 -38.80 27.88 14.35
CA GLY A 54 -39.51 27.50 13.12
C GLY A 54 -38.65 27.10 11.94
N LYS A 55 -37.37 26.79 12.19
CA LYS A 55 -36.53 26.21 11.17
C LYS A 55 -37.08 24.80 10.91
N PRO A 56 -36.95 24.29 9.67
CA PRO A 56 -37.59 23.04 9.32
C PRO A 56 -37.26 21.85 10.21
N GLY A 57 -38.30 21.12 10.65
CA GLY A 57 -38.11 19.97 11.54
C GLY A 57 -37.91 20.29 13.02
N GLN A 58 -37.73 21.56 13.39
CA GLN A 58 -37.80 21.94 14.83
C GLN A 58 -39.21 21.70 15.37
N THR A 59 -39.32 21.29 16.63
CA THR A 59 -40.63 20.95 17.20
C THR A 59 -40.80 21.53 18.58
N LEU A 60 -42.06 21.72 18.98
CA LEU A 60 -42.42 22.11 20.34
C LEU A 60 -43.64 21.27 20.66
N LEU A 61 -43.59 20.51 21.74
CA LEU A 61 -44.72 19.64 22.11
C LEU A 61 -45.56 20.23 23.25
N LEU A 62 -46.85 20.33 23.03
CA LEU A 62 -47.78 20.87 23.97
C LEU A 62 -48.73 19.80 24.39
N GLN A 63 -49.37 20.05 25.54
CA GLN A 63 -50.26 19.14 26.21
C GLN A 63 -51.53 19.86 26.66
N ASN A 64 -52.53 19.10 27.09
CA ASN A 64 -53.85 19.28 26.54
C ASN A 64 -54.33 20.72 26.79
N LEU A 65 -54.92 21.26 25.74
CA LEU A 65 -55.23 22.69 25.56
C LEU A 65 -56.73 22.93 25.52
N GLN A 66 -57.18 23.80 26.40
CA GLN A 66 -58.58 24.18 26.46
C GLN A 66 -58.99 24.60 25.07
N GLY A 67 -60.03 23.95 24.55
CA GLY A 67 -60.66 24.35 23.31
C GLY A 67 -60.41 23.36 22.18
N LEU A 68 -59.52 22.40 22.41
CA LEU A 68 -59.16 21.43 21.41
C LEU A 68 -59.58 20.01 21.83
N LYS A 69 -59.61 19.11 20.87
CA LYS A 69 -60.02 17.73 21.10
C LYS A 69 -58.84 16.81 21.04
N ALA A 70 -57.68 17.37 20.89
CA ALA A 70 -56.44 16.61 20.85
C ALA A 70 -55.78 16.49 22.21
N GLU A 71 -55.31 15.33 22.57
CA GLU A 71 -54.52 15.21 23.76
C GLU A 71 -53.24 16.01 23.76
N ARG A 72 -52.52 16.01 22.66
CA ARG A 72 -51.32 16.80 22.55
C ARG A 72 -51.26 17.67 21.30
N VAL A 73 -50.51 18.75 21.32
CA VAL A 73 -50.34 19.48 20.07
C VAL A 73 -48.87 19.54 19.69
N LEU A 74 -48.52 19.00 18.53
CA LEU A 74 -47.11 19.09 18.07
C LEU A 74 -46.92 20.17 17.02
N LEU A 75 -46.21 21.23 17.40
CA LEU A 75 -45.81 22.26 16.45
C LEU A 75 -44.50 21.84 15.79
N VAL A 76 -44.42 21.91 14.46
CA VAL A 76 -43.19 21.59 13.75
C VAL A 76 -42.80 22.76 12.87
N GLY A 77 -41.52 23.12 12.91
CA GLY A 77 -41.02 24.24 12.11
C GLY A 77 -41.08 24.00 10.62
N SER A 78 -41.38 25.03 9.84
CA SER A 78 -41.43 24.86 8.38
C SER A 78 -40.55 25.84 7.61
N GLY A 79 -39.68 26.56 8.34
CA GLY A 79 -38.72 27.52 7.77
C GLY A 79 -39.28 28.71 7.05
N LYS A 80 -38.42 29.40 6.30
CA LYS A 80 -38.77 30.57 5.48
C LYS A 80 -40.04 30.28 4.71
N ASP A 81 -40.80 31.33 4.43
CA ASP A 81 -42.15 31.19 3.88
C ASP A 81 -42.27 30.66 2.41
N GLU A 82 -41.13 30.46 1.76
CA GLU A 82 -41.11 29.84 0.41
C GLU A 82 -41.61 28.37 0.38
N ALA A 83 -41.83 27.85 -0.84
CA ALA A 83 -42.13 26.43 -1.08
C ALA A 83 -40.90 25.52 -0.83
N LEU A 84 -41.09 24.42 -0.11
CA LEU A 84 -39.93 23.66 0.37
C LEU A 84 -39.36 22.79 -0.73
N GLY A 85 -38.06 22.55 -0.68
CA GLY A 85 -37.49 21.49 -1.49
C GLY A 85 -37.93 20.11 -0.98
N ASP A 86 -37.92 19.12 -1.87
CA ASP A 86 -38.17 17.74 -1.50
C ASP A 86 -37.42 17.31 -0.25
N ARG A 87 -36.14 17.54 -0.22
CA ARG A 87 -35.28 17.16 0.85
C ARG A 87 -35.70 17.84 2.17
N THR A 88 -36.04 19.08 2.15
CA THR A 88 -36.46 19.77 3.35
C THR A 88 -37.83 19.23 3.82
N TRP A 89 -38.73 18.98 2.86
CA TRP A 89 -40.07 18.46 3.09
C TRP A 89 -39.98 17.07 3.75
N ARG A 90 -39.10 16.21 3.23
CA ARG A 90 -38.95 14.87 3.80
C ARG A 90 -38.26 14.87 5.16
N LYS A 91 -37.44 15.80 5.38
CA LYS A 91 -36.90 15.98 6.74
C LYS A 91 -37.92 16.47 7.76
N LEU A 92 -38.69 17.38 7.48
CA LEU A 92 -39.75 17.85 8.35
C LEU A 92 -40.61 16.62 8.76
N VAL A 93 -41.02 15.81 7.77
CA VAL A 93 -41.85 14.63 8.01
C VAL A 93 -41.15 13.63 8.92
N ALA A 94 -39.89 13.31 8.59
CA ALA A 94 -39.14 12.40 9.42
C ALA A 94 -38.95 12.95 10.83
N SER A 95 -38.89 14.27 11.04
CA SER A 95 -38.74 14.76 12.44
C SER A 95 -40.02 14.49 13.20
N VAL A 96 -41.12 14.78 12.53
CA VAL A 96 -42.42 14.58 13.10
C VAL A 96 -42.59 13.12 13.49
N ALA A 97 -42.17 12.21 12.62
CA ALA A 97 -42.36 10.80 12.88
C ALA A 97 -41.48 10.34 14.04
N GLY A 98 -40.28 10.89 14.14
CA GLY A 98 -39.36 10.53 15.23
C GLY A 98 -39.93 10.92 16.58
N VAL A 99 -40.61 12.07 16.63
CA VAL A 99 -41.28 12.52 17.85
C VAL A 99 -42.48 11.63 18.19
N LEU A 100 -43.38 11.43 17.23
CA LEU A 100 -44.58 10.63 17.43
C LEU A 100 -44.23 9.21 17.83
N LYS A 101 -43.07 8.72 17.38
CA LYS A 101 -42.74 7.35 17.70
C LYS A 101 -42.21 7.14 19.12
N GLY A 102 -41.83 8.21 19.81
CA GLY A 102 -41.49 8.13 21.24
C GLY A 102 -42.63 8.53 22.16
N LEU A 103 -43.78 8.90 21.59
CA LEU A 103 -44.97 9.25 22.38
C LEU A 103 -45.83 8.02 22.61
N ASN A 104 -46.54 7.99 23.73
CA ASN A 104 -47.38 6.84 24.00
C ASN A 104 -48.80 6.87 23.37
N GLY A 105 -48.99 7.59 22.26
CA GLY A 105 -50.34 7.69 21.66
C GLY A 105 -50.65 6.69 20.55
N ALA A 106 -51.92 6.32 20.45
CA ALA A 106 -52.33 5.33 19.43
C ALA A 106 -52.33 5.89 17.99
N ASP A 107 -52.52 7.20 17.87
CA ASP A 107 -52.66 7.83 16.57
C ASP A 107 -52.17 9.27 16.51
N ALA A 108 -52.18 9.83 15.31
CA ALA A 108 -51.81 11.21 15.13
C ALA A 108 -52.56 11.75 13.92
N VAL A 109 -52.85 13.04 13.93
CA VAL A 109 -53.46 13.70 12.79
C VAL A 109 -52.46 14.69 12.22
N LEU A 110 -52.10 14.56 10.93
CA LEU A 110 -51.24 15.56 10.29
C LEU A 110 -52.12 16.58 9.59
N ALA A 111 -52.01 17.82 10.04
CA ALA A 111 -52.77 18.91 9.48
C ALA A 111 -51.76 19.90 8.89
N LEU A 112 -51.12 19.47 7.81
CA LEU A 112 -50.04 20.21 7.19
C LEU A 112 -50.42 20.76 5.83
N ASP A 113 -51.71 21.02 5.59
CA ASP A 113 -52.16 21.50 4.27
C ASP A 113 -51.39 22.72 3.75
N ASP A 114 -51.08 23.64 4.67
CA ASP A 114 -50.48 24.95 4.35
C ASP A 114 -49.00 24.94 3.93
N VAL A 115 -48.30 23.82 4.12
CA VAL A 115 -46.94 23.72 3.66
C VAL A 115 -46.94 23.43 2.15
N ALA A 116 -46.31 24.28 1.34
CA ALA A 116 -46.12 24.01 -0.10
C ALA A 116 -44.81 23.27 -0.35
N VAL A 117 -44.80 22.44 -1.38
CA VAL A 117 -43.60 21.74 -1.81
C VAL A 117 -43.25 22.13 -3.25
N ASN A 118 -42.08 22.74 -3.37
CA ASN A 118 -41.60 23.28 -4.63
C ASN A 118 -41.86 22.33 -5.81
N ASN A 119 -42.64 22.77 -6.77
CA ASN A 119 -42.87 22.08 -8.02
C ASN A 119 -43.72 20.84 -7.89
N ARG A 120 -44.46 20.74 -6.83
CA ARG A 120 -45.30 19.63 -6.65
C ARG A 120 -46.68 20.02 -6.26
N ASP A 121 -47.60 19.25 -6.76
CA ASP A 121 -49.00 19.33 -6.55
C ASP A 121 -49.41 19.32 -5.08
N ALA A 122 -50.46 20.04 -4.65
CA ALA A 122 -50.68 20.17 -3.24
C ALA A 122 -51.33 18.89 -2.69
N HIS A 123 -51.77 18.04 -3.62
CA HIS A 123 -52.51 16.83 -3.25
C HIS A 123 -51.76 15.52 -3.54
N TYR A 124 -51.37 15.27 -4.78
CA TYR A 124 -50.70 13.99 -5.08
C TYR A 124 -49.18 13.98 -4.77
N GLY A 125 -48.43 14.87 -5.43
CA GLY A 125 -46.98 14.84 -5.34
C GLY A 125 -46.48 15.15 -3.93
N LYS A 126 -47.08 16.16 -3.28
CA LYS A 126 -46.70 16.52 -1.91
C LYS A 126 -46.83 15.29 -0.99
N TYR A 127 -48.01 14.67 -1.01
CA TYR A 127 -48.29 13.52 -0.14
C TYR A 127 -47.66 12.20 -0.56
N ARG A 128 -47.32 12.02 -1.85
CA ARG A 128 -46.48 10.85 -2.23
C ARG A 128 -45.18 10.79 -1.37
N LEU A 129 -44.57 11.94 -1.16
CA LEU A 129 -43.32 11.99 -0.46
C LEU A 129 -43.57 11.88 1.03
N LEU A 130 -44.60 12.57 1.52
CA LEU A 130 -44.93 12.50 2.93
C LEU A 130 -45.23 11.05 3.33
N ALA A 131 -46.14 10.42 2.59
CA ALA A 131 -46.66 9.08 2.93
C ALA A 131 -45.57 8.02 2.85
N GLU A 132 -44.75 8.10 1.90
CA GLU A 132 -43.59 7.20 1.75
C GLU A 132 -42.56 7.37 2.87
N THR A 133 -42.21 8.56 3.14
CA THR A 133 -41.25 8.83 4.19
C THR A 133 -41.72 8.29 5.55
N LEU A 134 -43.01 8.41 5.78
CA LEU A 134 -43.57 8.04 7.06
C LEU A 134 -43.69 6.49 7.10
N LEU A 135 -44.15 5.86 6.02
CA LEU A 135 -44.24 4.40 6.02
C LEU A 135 -42.88 3.69 6.00
N ASP A 136 -41.94 4.21 5.21
CA ASP A 136 -40.58 3.63 5.14
C ASP A 136 -39.81 3.91 6.43
N GLY A 137 -40.12 5.01 7.10
CA GLY A 137 -39.54 5.32 8.42
C GLY A 137 -39.95 4.29 9.47
N GLU A 138 -41.04 3.57 9.24
CA GLU A 138 -41.45 2.56 10.21
C GLU A 138 -40.54 1.33 10.19
N TYR A 139 -39.70 1.23 9.17
CA TYR A 139 -38.88 0.04 8.97
C TYR A 139 -37.98 -0.31 10.15
N VAL A 140 -38.05 -1.56 10.61
CA VAL A 140 -37.06 -2.12 11.56
C VAL A 140 -36.61 -3.49 11.08
N PHE A 141 -35.30 -3.76 11.21
CA PHE A 141 -34.79 -5.08 10.94
C PHE A 141 -34.16 -5.60 12.23
N ASP A 142 -34.93 -6.34 13.03
CA ASP A 142 -34.45 -6.66 14.38
C ASP A 142 -34.53 -8.15 14.66
N ARG A 143 -34.66 -8.92 13.60
CA ARG A 143 -34.83 -10.35 13.76
C ARG A 143 -33.60 -11.10 14.35
N PHE A 144 -32.40 -10.52 14.24
CA PHE A 144 -31.21 -11.14 14.88
C PHE A 144 -30.87 -10.56 16.25
N LYS A 145 -31.73 -9.70 16.76
CA LYS A 145 -31.59 -9.12 18.08
C LYS A 145 -32.29 -9.98 19.17
N SER A 146 -31.57 -10.32 20.23
CA SER A 146 -32.15 -11.10 21.33
C SER A 146 -33.16 -10.25 22.10
N GLN A 147 -32.78 -9.00 22.39
CA GLN A 147 -33.63 -8.06 23.07
C GLN A 147 -34.20 -7.07 22.04
N LYS A 148 -35.51 -7.15 21.83
CA LYS A 148 -36.17 -6.28 20.84
C LYS A 148 -36.83 -5.07 21.49
N VAL A 149 -37.04 -4.04 20.67
CA VAL A 149 -37.94 -2.91 20.99
C VAL A 149 -39.41 -3.36 20.89
N GLU A 150 -40.13 -3.27 22.01
CA GLU A 150 -41.57 -3.62 22.05
C GLU A 150 -42.35 -2.73 21.08
N PRO A 151 -43.33 -3.31 20.36
CA PRO A 151 -44.11 -2.60 19.32
C PRO A 151 -44.49 -1.18 19.75
N ARG A 152 -44.45 -0.25 18.79
CA ARG A 152 -44.76 1.16 19.03
C ARG A 152 -46.23 1.33 19.37
N ALA A 153 -46.55 2.42 20.05
CA ALA A 153 -47.92 2.77 20.35
C ALA A 153 -48.65 3.29 19.10
N LEU A 154 -47.92 4.01 18.26
CA LEU A 154 -48.47 4.67 17.06
C LEU A 154 -48.82 3.69 15.97
N LYS A 155 -50.08 3.63 15.64
CA LYS A 155 -50.52 2.61 14.71
C LYS A 155 -51.30 3.21 13.57
N LYS A 156 -51.87 4.39 13.80
CA LYS A 156 -52.72 5.01 12.81
C LYS A 156 -52.36 6.50 12.64
N VAL A 157 -52.29 6.96 11.39
CA VAL A 157 -52.13 8.38 11.13
C VAL A 157 -53.20 8.85 10.17
N THR A 158 -53.77 10.02 10.43
CA THR A 158 -54.76 10.64 9.57
C THR A 158 -54.12 11.88 8.92
N LEU A 159 -54.37 12.07 7.62
CA LEU A 159 -53.96 13.27 6.89
C LEU A 159 -55.16 14.14 6.57
N LEU A 160 -55.12 15.41 6.93
CA LEU A 160 -56.25 16.26 6.63
C LEU A 160 -56.00 17.10 5.40
N ALA A 161 -56.89 16.97 4.42
CA ALA A 161 -56.95 17.84 3.26
C ALA A 161 -58.36 18.43 3.17
N ASP A 162 -58.56 19.38 2.25
CA ASP A 162 -59.91 19.81 1.89
C ASP A 162 -60.58 18.81 0.94
N LYS A 163 -61.92 18.74 0.95
CA LYS A 163 -62.68 17.72 0.18
C LYS A 163 -62.34 17.68 -1.31
N ALA A 164 -62.05 18.83 -1.90
CA ALA A 164 -61.73 18.86 -3.31
C ALA A 164 -60.41 18.09 -3.56
N GLY A 165 -59.57 17.99 -2.52
CA GLY A 165 -58.27 17.30 -2.64
C GLY A 165 -58.25 15.82 -2.28
N GLN A 166 -59.26 15.36 -1.56
CA GLN A 166 -59.23 14.03 -0.92
C GLN A 166 -58.93 12.82 -1.83
N ALA A 167 -59.66 12.65 -2.93
CA ALA A 167 -59.40 11.53 -3.85
C ALA A 167 -57.93 11.44 -4.28
N GLU A 168 -57.25 12.57 -4.40
CA GLU A 168 -55.89 12.60 -4.90
C GLU A 168 -54.85 12.32 -3.83
N VAL A 169 -55.16 12.74 -2.59
CA VAL A 169 -54.33 12.40 -1.41
C VAL A 169 -54.42 10.90 -1.14
N GLU A 170 -55.63 10.35 -1.29
CA GLU A 170 -55.84 8.91 -1.19
C GLU A 170 -55.09 8.15 -2.29
N ARG A 171 -55.05 8.69 -3.51
CA ARG A 171 -54.31 8.03 -4.58
C ARG A 171 -52.79 8.07 -4.29
N ALA A 172 -52.33 9.14 -3.62
CA ALA A 172 -50.92 9.30 -3.22
C ALA A 172 -50.56 8.31 -2.12
N VAL A 173 -51.43 8.19 -1.13
CA VAL A 173 -51.24 7.25 -0.05
C VAL A 173 -51.20 5.82 -0.57
N LYS A 174 -51.97 5.51 -1.60
CA LYS A 174 -52.09 4.15 -2.07
C LYS A 174 -50.85 3.75 -2.90
N HIS A 175 -50.35 4.69 -3.70
CA HIS A 175 -49.13 4.42 -4.46
C HIS A 175 -47.93 4.35 -3.50
N ALA A 176 -47.90 5.25 -2.52
CA ALA A 176 -46.85 5.26 -1.52
C ALA A 176 -46.84 4.05 -0.59
N SER A 177 -48.01 3.43 -0.34
CA SER A 177 -48.09 2.26 0.52
C SER A 177 -47.48 1.06 -0.17
N ALA A 178 -47.83 0.91 -1.45
CA ALA A 178 -47.31 -0.19 -2.25
C ALA A 178 -45.81 -0.03 -2.35
N ILE A 179 -45.37 1.18 -2.61
CA ILE A 179 -43.94 1.47 -2.74
C ILE A 179 -43.19 1.10 -1.45
N ALA A 180 -43.68 1.62 -0.33
CA ALA A 180 -43.04 1.41 0.97
C ALA A 180 -42.96 -0.06 1.30
N THR A 181 -44.04 -0.76 0.96
CA THR A 181 -44.15 -2.19 1.18
C THR A 181 -43.14 -2.91 0.31
N GLY A 182 -42.97 -2.47 -0.95
CA GLY A 182 -41.91 -3.02 -1.78
C GLY A 182 -40.52 -2.73 -1.24
N MET A 183 -40.31 -1.50 -0.77
CA MET A 183 -39.03 -1.13 -0.19
C MET A 183 -38.67 -2.00 1.04
N ALA A 184 -39.67 -2.34 1.87
CA ALA A 184 -39.43 -3.14 3.09
C ALA A 184 -38.93 -4.53 2.74
N PHE A 185 -39.56 -5.11 1.74
CA PHE A 185 -39.19 -6.40 1.18
C PHE A 185 -37.77 -6.30 0.64
N THR A 186 -37.46 -5.21 -0.10
CA THR A 186 -36.11 -4.99 -0.67
C THR A 186 -35.05 -4.87 0.44
N ARG A 187 -35.36 -4.04 1.43
CA ARG A 187 -34.45 -3.83 2.55
C ARG A 187 -34.25 -5.11 3.36
N ASP A 188 -35.30 -5.91 3.59
CA ASP A 188 -35.15 -7.19 4.26
C ASP A 188 -34.20 -8.13 3.52
N LEU A 189 -34.38 -8.23 2.20
CA LEU A 189 -33.53 -9.09 1.41
C LEU A 189 -32.07 -8.64 1.44
N GLY A 190 -31.84 -7.33 1.22
CA GLY A 190 -30.53 -6.71 1.36
C GLY A 190 -29.83 -6.86 2.71
N ASN A 191 -30.58 -6.68 3.81
CA ASN A 191 -29.98 -6.76 5.14
C ASN A 191 -29.70 -8.17 5.64
N LEU A 192 -30.46 -9.18 5.18
CA LEU A 192 -30.19 -10.58 5.54
C LEU A 192 -28.73 -10.92 5.28
N PRO A 193 -28.08 -11.66 6.20
CA PRO A 193 -26.65 -11.97 6.06
C PRO A 193 -26.40 -13.09 5.03
N PRO A 194 -25.23 -13.07 4.37
CA PRO A 194 -25.00 -13.97 3.22
C PRO A 194 -25.02 -15.49 3.49
N ASN A 195 -24.73 -15.91 4.73
CA ASN A 195 -24.87 -17.32 5.11
C ASN A 195 -26.32 -17.84 5.00
N LEU A 196 -27.28 -16.93 5.14
CA LEU A 196 -28.72 -17.24 5.05
C LEU A 196 -29.28 -16.80 3.69
N CYS A 197 -28.85 -15.63 3.20
CA CYS A 197 -29.38 -15.11 1.95
C CYS A 197 -28.49 -15.46 0.76
N HIS A 198 -28.67 -16.68 0.23
CA HIS A 198 -27.89 -17.20 -0.91
C HIS A 198 -28.80 -17.40 -2.12
N PRO A 199 -28.24 -17.85 -3.26
CA PRO A 199 -29.11 -17.94 -4.44
C PRO A 199 -30.32 -18.88 -4.28
N SER A 200 -30.14 -19.99 -3.55
CA SER A 200 -31.21 -20.96 -3.34
C SER A 200 -32.30 -20.38 -2.42
N PHE A 201 -31.89 -19.55 -1.46
CA PHE A 201 -32.85 -18.88 -0.62
C PHE A 201 -33.69 -17.93 -1.46
N LEU A 202 -33.04 -17.08 -2.24
CA LEU A 202 -33.78 -16.15 -3.10
C LEU A 202 -34.77 -16.90 -4.02
N ALA A 203 -34.34 -18.06 -4.53
CA ALA A 203 -35.20 -18.95 -5.32
C ALA A 203 -36.43 -19.36 -4.53
N GLU A 204 -36.22 -19.91 -3.33
CA GLU A 204 -37.35 -20.24 -2.45
C GLU A 204 -38.30 -19.05 -2.28
N GLN A 205 -37.75 -17.84 -2.09
CA GLN A 205 -38.58 -16.63 -1.91
C GLN A 205 -39.45 -16.30 -3.13
N ALA A 206 -38.90 -16.56 -4.31
CA ALA A 206 -39.61 -16.30 -5.54
C ALA A 206 -40.74 -17.31 -5.67
N LYS A 207 -40.47 -18.57 -5.32
CA LYS A 207 -41.49 -19.63 -5.37
C LYS A 207 -42.65 -19.34 -4.41
N GLU A 208 -42.33 -18.80 -3.25
CA GLU A 208 -43.34 -18.48 -2.25
C GLU A 208 -44.21 -17.36 -2.78
N LEU A 209 -43.55 -16.34 -3.32
CA LEU A 209 -44.25 -15.23 -3.98
C LEU A 209 -45.16 -15.70 -5.16
N GLY A 210 -44.70 -16.67 -5.94
CA GLY A 210 -45.52 -17.20 -7.02
C GLY A 210 -46.71 -18.03 -6.56
N LYS A 211 -46.62 -18.57 -5.35
CA LYS A 211 -47.74 -19.28 -4.73
C LYS A 211 -48.82 -18.30 -4.24
N ALA A 212 -48.39 -17.17 -3.68
CA ALA A 212 -49.31 -16.19 -3.10
C ALA A 212 -50.08 -15.33 -4.12
N HIS A 213 -49.72 -15.41 -5.40
CA HIS A 213 -50.29 -14.52 -6.41
C HIS A 213 -50.70 -15.28 -7.66
N LYS A 214 -52.00 -15.22 -8.00
CA LYS A 214 -52.55 -15.99 -9.11
C LYS A 214 -51.98 -15.51 -10.44
N ALA A 215 -51.69 -14.21 -10.50
CA ALA A 215 -51.22 -13.61 -11.74
C ALA A 215 -49.73 -13.86 -12.01
N LEU A 216 -49.02 -14.55 -11.10
CA LEU A 216 -47.58 -14.76 -11.22
C LEU A 216 -47.19 -16.24 -11.41
N LYS A 217 -46.45 -16.53 -12.47
CA LYS A 217 -45.78 -17.83 -12.60
C LYS A 217 -44.29 -17.60 -12.37
N VAL A 218 -43.72 -18.43 -11.50
CA VAL A 218 -42.31 -18.44 -11.24
C VAL A 218 -41.67 -19.70 -11.79
N GLU A 219 -40.40 -19.57 -12.20
CA GLU A 219 -39.63 -20.67 -12.74
C GLU A 219 -38.14 -20.45 -12.33
N VAL A 220 -37.49 -21.53 -11.90
CA VAL A 220 -36.16 -21.46 -11.33
C VAL A 220 -35.19 -22.38 -12.07
N LEU A 221 -34.17 -21.76 -12.66
CA LEU A 221 -33.18 -22.46 -13.46
C LEU A 221 -31.92 -22.62 -12.63
N ASP A 222 -31.55 -23.86 -12.39
CA ASP A 222 -30.43 -24.16 -11.53
C ASP A 222 -29.09 -24.12 -12.30
N GLU A 223 -28.03 -24.61 -11.66
CA GLU A 223 -26.65 -24.49 -12.15
C GLU A 223 -26.52 -25.19 -13.49
N LYS A 224 -27.08 -26.38 -13.62
CA LYS A 224 -26.87 -27.21 -14.79
C LYS A 224 -27.68 -26.72 -15.98
N LYS A 225 -28.85 -26.19 -15.68
CA LYS A 225 -29.67 -25.53 -16.70
C LYS A 225 -28.98 -24.25 -17.23
N ILE A 226 -28.39 -23.48 -16.33
CA ILE A 226 -27.58 -22.29 -16.71
C ILE A 226 -26.46 -22.75 -17.63
N LYS A 227 -25.73 -23.79 -17.22
CA LYS A 227 -24.68 -24.37 -18.07
C LYS A 227 -25.20 -24.83 -19.44
N ASP A 228 -26.34 -25.54 -19.45
CA ASP A 228 -26.85 -26.12 -20.71
C ASP A 228 -27.39 -25.12 -21.74
N LEU A 229 -27.99 -24.03 -21.26
CA LEU A 229 -28.39 -22.94 -22.15
C LEU A 229 -27.20 -22.23 -22.80
N GLY A 230 -25.97 -22.56 -22.39
CA GLY A 230 -24.74 -21.94 -22.92
C GLY A 230 -24.30 -20.66 -22.18
N MET A 231 -24.73 -20.46 -20.94
CA MET A 231 -24.36 -19.27 -20.17
C MET A 231 -22.96 -19.36 -19.54
N GLY A 232 -21.92 -19.37 -20.37
CA GLY A 232 -20.56 -19.55 -19.90
C GLY A 232 -20.09 -18.50 -18.92
N ALA A 233 -20.59 -17.27 -19.08
CA ALA A 233 -20.14 -16.19 -18.23
C ALA A 233 -20.85 -16.24 -16.87
N PHE A 234 -22.17 -16.47 -16.89
CA PHE A 234 -22.99 -16.68 -15.67
C PHE A 234 -22.45 -17.88 -14.85
N TYR A 235 -22.30 -19.03 -15.51
CA TYR A 235 -21.77 -20.25 -14.88
C TYR A 235 -20.37 -20.04 -14.25
N ALA A 236 -19.44 -19.39 -14.97
CA ALA A 236 -18.09 -19.12 -14.43
C ALA A 236 -18.12 -18.35 -13.09
N VAL A 237 -19.01 -17.38 -12.98
CA VAL A 237 -19.15 -16.63 -11.74
C VAL A 237 -19.51 -17.52 -10.58
N GLY A 238 -20.49 -18.39 -10.75
CA GLY A 238 -20.97 -19.21 -9.64
C GLY A 238 -20.18 -20.44 -9.26
N GLN A 239 -19.40 -21.00 -10.18
CA GLN A 239 -18.72 -22.28 -9.97
C GLN A 239 -17.79 -22.33 -8.76
N GLY A 240 -17.28 -21.18 -8.34
CA GLY A 240 -16.37 -21.14 -7.22
C GLY A 240 -16.96 -21.56 -5.89
N SER A 241 -18.28 -21.45 -5.76
CA SER A 241 -18.99 -21.53 -4.48
C SER A 241 -19.68 -22.89 -4.14
N ASP A 242 -19.82 -23.18 -2.84
CA ASP A 242 -20.60 -24.32 -2.39
C ASP A 242 -22.09 -24.07 -2.64
N GLN A 243 -22.49 -22.78 -2.65
CA GLN A 243 -23.83 -22.39 -3.01
C GLN A 243 -23.93 -22.15 -4.52
N PRO A 244 -24.68 -23.01 -5.26
CA PRO A 244 -24.80 -22.87 -6.73
C PRO A 244 -25.63 -21.65 -7.21
N PRO A 245 -25.39 -21.22 -8.45
CA PRO A 245 -26.20 -20.14 -9.02
C PRO A 245 -27.64 -20.54 -9.31
N ARG A 246 -28.50 -19.52 -9.39
CA ARG A 246 -29.89 -19.66 -9.79
C ARG A 246 -30.25 -18.44 -10.64
N LEU A 247 -30.88 -18.68 -11.77
CA LEU A 247 -31.51 -17.62 -12.56
C LEU A 247 -33.00 -17.72 -12.29
N ILE A 248 -33.54 -16.69 -11.65
CA ILE A 248 -34.95 -16.75 -11.24
C ILE A 248 -35.80 -15.94 -12.21
N VAL A 249 -36.81 -16.60 -12.79
CA VAL A 249 -37.81 -15.97 -13.69
C VAL A 249 -39.17 -15.78 -12.98
N LEU A 250 -39.64 -14.55 -12.88
CA LEU A 250 -40.96 -14.29 -12.29
C LEU A 250 -41.85 -13.55 -13.28
N ASN A 251 -42.89 -14.21 -13.76
CA ASN A 251 -43.71 -13.69 -14.84
C ASN A 251 -45.07 -13.14 -14.37
N TYR A 252 -45.26 -11.84 -14.49
CA TYR A 252 -46.52 -11.23 -14.13
C TYR A 252 -47.28 -10.77 -15.36
N GLN A 253 -48.39 -11.46 -15.66
CA GLN A 253 -49.27 -11.07 -16.77
C GLN A 253 -50.40 -10.18 -16.28
N GLY A 254 -50.22 -8.86 -16.35
CA GLY A 254 -51.26 -7.94 -15.89
C GLY A 254 -51.92 -7.19 -17.03
N GLY A 255 -51.31 -7.22 -18.22
CA GLY A 255 -51.88 -6.57 -19.40
C GLY A 255 -52.55 -7.57 -20.33
N LYS A 256 -52.90 -7.11 -21.53
CA LYS A 256 -53.47 -7.96 -22.57
C LYS A 256 -52.42 -8.97 -23.01
N LYS A 257 -52.90 -10.11 -23.50
CA LYS A 257 -52.03 -11.20 -23.93
C LYS A 257 -50.93 -10.68 -24.88
N ALA A 258 -51.29 -9.78 -25.81
CA ALA A 258 -50.36 -9.24 -26.80
C ALA A 258 -49.63 -7.92 -26.45
N ASP A 259 -49.67 -7.48 -25.20
CA ASP A 259 -48.83 -6.35 -24.80
C ASP A 259 -47.40 -6.81 -24.62
N LYS A 260 -46.46 -6.18 -25.31
CA LYS A 260 -45.05 -6.50 -25.10
C LYS A 260 -44.74 -6.29 -23.62
N PRO A 261 -44.00 -7.24 -23.03
CA PRO A 261 -43.67 -7.12 -21.62
C PRO A 261 -42.57 -6.11 -21.33
N PHE A 262 -42.57 -5.58 -20.10
CA PHE A 262 -41.43 -4.87 -19.54
C PHE A 262 -40.57 -5.87 -18.78
N VAL A 263 -39.26 -5.82 -19.00
CA VAL A 263 -38.37 -6.78 -18.39
C VAL A 263 -37.47 -6.06 -17.41
N LEU A 264 -37.39 -6.59 -16.19
CA LEU A 264 -36.48 -6.06 -15.17
C LEU A 264 -35.48 -7.13 -14.80
N VAL A 265 -34.21 -6.83 -15.06
CA VAL A 265 -33.09 -7.73 -14.74
C VAL A 265 -32.32 -7.30 -13.47
N GLY A 266 -32.24 -8.20 -12.48
CA GLY A 266 -31.56 -7.90 -11.21
C GLY A 266 -30.24 -8.63 -10.98
N LYS A 267 -29.18 -7.87 -10.69
CA LYS A 267 -27.95 -8.48 -10.25
C LYS A 267 -28.11 -9.03 -8.85
N GLY A 268 -28.02 -10.34 -8.72
CA GLY A 268 -28.19 -10.96 -7.43
C GLY A 268 -26.96 -11.68 -6.89
N ILE A 269 -25.85 -10.96 -6.72
CA ILE A 269 -24.68 -11.58 -6.17
C ILE A 269 -24.83 -11.48 -4.67
N THR A 270 -25.17 -12.63 -4.08
CA THR A 270 -25.62 -12.67 -2.69
C THR A 270 -24.47 -12.38 -1.70
N PHE A 271 -23.26 -12.84 -2.05
CA PHE A 271 -22.02 -12.27 -1.45
C PHE A 271 -20.90 -12.17 -2.47
N ASP A 272 -20.18 -11.05 -2.44
CA ASP A 272 -19.11 -10.84 -3.37
C ASP A 272 -17.74 -10.69 -2.67
N THR A 273 -16.89 -11.72 -2.74
CA THR A 273 -15.55 -11.65 -2.14
C THR A 273 -14.55 -11.09 -3.15
N GLY A 274 -15.03 -10.91 -4.38
CA GLY A 274 -14.20 -10.66 -5.54
C GLY A 274 -13.79 -11.95 -6.23
N GLY A 275 -13.88 -13.09 -5.53
CA GLY A 275 -13.28 -14.31 -6.05
C GLY A 275 -11.76 -14.35 -5.96
N ILE A 276 -11.11 -14.97 -6.96
CA ILE A 276 -9.64 -15.04 -7.01
C ILE A 276 -9.03 -13.61 -6.97
N SER A 277 -9.64 -12.67 -7.71
CA SER A 277 -9.29 -11.24 -7.53
C SER A 277 -9.92 -10.78 -6.24
N LEU A 278 -9.41 -11.33 -5.13
CA LEU A 278 -9.97 -11.13 -3.81
C LEU A 278 -9.98 -9.65 -3.36
N LYS A 279 -11.11 -9.22 -2.81
CA LYS A 279 -11.25 -7.86 -2.27
C LYS A 279 -10.47 -7.72 -0.98
N PRO A 280 -10.13 -6.47 -0.56
CA PRO A 280 -9.52 -6.29 0.77
C PRO A 280 -10.56 -6.62 1.88
N GLY A 281 -10.11 -6.93 3.10
CA GLY A 281 -11.02 -7.19 4.26
C GLY A 281 -11.91 -6.03 4.73
N ALA A 282 -11.34 -4.82 4.77
CA ALA A 282 -11.98 -3.61 5.30
C ALA A 282 -13.32 -3.42 4.65
N GLY A 283 -14.38 -3.39 5.48
CA GLY A 283 -15.74 -3.21 5.01
C GLY A 283 -16.24 -4.26 4.02
N MET A 284 -15.67 -5.47 4.02
CA MET A 284 -16.21 -6.48 3.10
C MET A 284 -17.63 -6.95 3.41
N ASP A 285 -18.04 -6.75 4.65
CA ASP A 285 -19.36 -7.19 5.11
C ASP A 285 -20.46 -6.54 4.26
N GLU A 286 -20.15 -5.38 3.72
CA GLU A 286 -21.11 -4.61 2.91
C GLU A 286 -21.49 -5.27 1.59
N MET A 287 -20.70 -6.27 1.20
CA MET A 287 -20.88 -6.94 -0.05
C MET A 287 -22.06 -7.92 -0.02
N LYS A 288 -22.71 -8.04 1.15
CA LYS A 288 -23.99 -8.73 1.22
C LYS A 288 -25.01 -7.87 0.50
N TYR A 289 -24.66 -6.61 0.27
CA TYR A 289 -25.53 -5.71 -0.45
C TYR A 289 -25.38 -5.88 -1.97
N ASP A 290 -24.54 -6.82 -2.40
CA ASP A 290 -24.30 -6.99 -3.83
C ASP A 290 -25.45 -7.70 -4.60
N MET A 291 -26.52 -8.00 -3.86
CA MET A 291 -27.75 -8.58 -4.45
C MET A 291 -28.94 -7.57 -4.40
N CYS A 292 -28.61 -6.33 -4.11
CA CYS A 292 -29.58 -5.24 -4.11
C CYS A 292 -30.25 -4.95 -5.49
N GLY A 293 -29.61 -5.23 -6.63
CA GLY A 293 -30.30 -5.19 -7.94
C GLY A 293 -31.49 -6.16 -7.96
N ALA A 294 -31.21 -7.43 -7.66
CA ALA A 294 -32.25 -8.43 -7.50
C ALA A 294 -33.29 -8.05 -6.43
N ALA A 295 -32.84 -7.56 -5.28
CA ALA A 295 -33.78 -7.15 -4.21
C ALA A 295 -34.73 -6.03 -4.68
N SER A 296 -34.21 -5.04 -5.39
CA SER A 296 -35.03 -3.91 -5.85
C SER A 296 -36.09 -4.33 -6.85
N VAL A 297 -35.83 -5.40 -7.61
CA VAL A 297 -36.81 -5.95 -8.57
C VAL A 297 -37.90 -6.77 -7.83
N PHE A 298 -37.48 -7.66 -6.93
CA PHE A 298 -38.39 -8.34 -6.01
C PHE A 298 -39.35 -7.30 -5.45
N GLY A 299 -38.82 -6.19 -4.93
CA GLY A 299 -39.65 -5.20 -4.27
C GLY A 299 -40.50 -4.39 -5.22
N THR A 300 -40.00 -4.12 -6.41
CA THR A 300 -40.85 -3.48 -7.45
C THR A 300 -42.02 -4.44 -7.82
N LEU A 301 -41.71 -5.72 -7.95
CA LEU A 301 -42.72 -6.73 -8.22
C LEU A 301 -43.83 -6.72 -7.16
N ARG A 302 -43.45 -6.67 -5.88
CA ARG A 302 -44.43 -6.67 -4.79
C ARG A 302 -45.32 -5.46 -4.91
N ALA A 303 -44.74 -4.29 -5.22
CA ALA A 303 -45.53 -3.08 -5.42
C ALA A 303 -46.47 -3.23 -6.60
N VAL A 304 -45.98 -3.79 -7.72
CA VAL A 304 -46.79 -4.00 -8.91
C VAL A 304 -47.95 -4.99 -8.60
N LEU A 305 -47.67 -6.00 -7.78
CA LEU A 305 -48.64 -6.98 -7.33
C LEU A 305 -49.68 -6.32 -6.42
N GLU A 306 -49.22 -5.59 -5.41
CA GLU A 306 -50.13 -4.81 -4.58
C GLU A 306 -51.07 -3.90 -5.34
N LEU A 307 -50.55 -3.16 -6.32
CA LEU A 307 -51.36 -2.23 -7.12
C LEU A 307 -52.12 -2.87 -8.27
N GLN A 308 -51.85 -4.13 -8.58
CA GLN A 308 -52.46 -4.79 -9.74
C GLN A 308 -52.40 -3.90 -10.99
N LEU A 309 -51.25 -3.32 -11.29
CA LEU A 309 -51.13 -2.50 -12.52
C LEU A 309 -51.42 -3.34 -13.79
N PRO A 310 -52.08 -2.75 -14.81
CA PRO A 310 -52.39 -3.62 -15.93
C PRO A 310 -51.28 -3.73 -16.97
N VAL A 311 -50.13 -4.27 -16.58
CA VAL A 311 -48.99 -4.46 -17.50
C VAL A 311 -48.43 -5.89 -17.48
N ASN A 312 -47.73 -6.25 -18.54
CA ASN A 312 -46.95 -7.48 -18.52
C ASN A 312 -45.52 -7.15 -17.98
N LEU A 313 -45.11 -7.85 -16.92
CA LEU A 313 -43.80 -7.62 -16.26
C LEU A 313 -43.06 -8.94 -16.06
N VAL A 314 -41.85 -9.05 -16.59
CA VAL A 314 -41.05 -10.23 -16.40
C VAL A 314 -39.83 -9.85 -15.57
N CYS A 315 -39.63 -10.47 -14.42
CA CYS A 315 -38.44 -10.19 -13.66
C CYS A 315 -37.46 -11.35 -13.82
N LEU A 316 -36.19 -11.01 -14.03
CA LEU A 316 -35.12 -12.01 -14.19
C LEU A 316 -34.03 -11.68 -13.17
N LEU A 317 -33.76 -12.63 -12.27
CA LEU A 317 -32.84 -12.41 -11.17
C LEU A 317 -31.70 -13.37 -11.41
N ALA A 318 -30.52 -12.76 -11.62
CA ALA A 318 -29.28 -13.46 -11.92
C ALA A 318 -28.52 -13.58 -10.62
N CYS A 319 -28.61 -14.77 -9.98
CA CYS A 319 -28.10 -15.01 -8.62
C CYS A 319 -26.92 -15.96 -8.61
N ALA A 320 -25.84 -15.55 -7.94
CA ALA A 320 -24.64 -16.36 -7.75
C ALA A 320 -23.96 -15.93 -6.44
N GLU A 321 -23.08 -16.77 -5.93
CA GLU A 321 -22.21 -16.37 -4.87
C GLU A 321 -20.77 -16.41 -5.40
N ASN A 322 -20.06 -15.28 -5.27
CA ASN A 322 -18.67 -15.13 -5.75
C ASN A 322 -17.65 -15.43 -4.65
N MET A 323 -17.15 -16.67 -4.65
CA MET A 323 -16.25 -17.21 -3.61
C MET A 323 -14.94 -17.69 -4.24
N PRO A 324 -13.78 -17.61 -3.51
CA PRO A 324 -12.53 -18.24 -3.96
C PRO A 324 -12.43 -19.71 -3.53
N SER A 325 -11.83 -20.54 -4.36
CA SER A 325 -11.71 -21.97 -4.08
C SER A 325 -10.83 -22.63 -5.14
N GLY A 326 -10.57 -23.92 -4.95
CA GLY A 326 -9.83 -24.73 -5.91
C GLY A 326 -10.52 -24.93 -7.24
N GLY A 327 -11.82 -24.63 -7.34
CA GLY A 327 -12.51 -24.68 -8.63
C GLY A 327 -13.01 -23.33 -9.16
N ALA A 328 -12.68 -22.24 -8.48
CA ALA A 328 -13.14 -20.90 -8.88
C ALA A 328 -12.54 -20.44 -10.17
N THR A 329 -13.28 -19.62 -10.90
CA THR A 329 -12.77 -18.96 -12.11
C THR A 329 -11.46 -18.19 -11.85
N ARG A 330 -10.55 -18.27 -12.81
CA ARG A 330 -9.28 -17.54 -12.77
C ARG A 330 -9.25 -16.31 -13.67
N PRO A 331 -8.53 -15.23 -13.27
CA PRO A 331 -8.33 -14.16 -14.24
C PRO A 331 -7.64 -14.78 -15.47
N GLY A 332 -8.06 -14.42 -16.69
CA GLY A 332 -7.49 -15.02 -17.87
C GLY A 332 -8.37 -16.12 -18.45
N ASP A 333 -9.33 -16.66 -17.69
CA ASP A 333 -10.22 -17.62 -18.30
C ASP A 333 -10.94 -16.96 -19.48
N ILE A 334 -11.27 -17.73 -20.49
CA ILE A 334 -12.09 -17.25 -21.58
C ILE A 334 -13.30 -18.15 -21.57
N VAL A 335 -14.49 -17.53 -21.54
CA VAL A 335 -15.73 -18.32 -21.53
C VAL A 335 -16.55 -18.00 -22.77
N THR A 336 -17.49 -18.89 -23.13
CA THR A 336 -18.45 -18.57 -24.17
C THR A 336 -19.80 -18.27 -23.59
N THR A 337 -20.30 -17.11 -23.95
CA THR A 337 -21.57 -16.57 -23.47
C THR A 337 -22.73 -17.12 -24.31
N MET A 338 -23.95 -16.98 -23.81
CA MET A 338 -25.14 -17.53 -24.48
C MET A 338 -25.28 -16.95 -25.89
N SER A 339 -24.99 -15.64 -26.03
CA SER A 339 -24.98 -14.93 -27.31
C SER A 339 -23.97 -15.48 -28.34
N GLY A 340 -23.04 -16.31 -27.89
CA GLY A 340 -21.98 -16.79 -28.77
C GLY A 340 -20.73 -15.91 -28.72
N GLN A 341 -20.86 -14.70 -28.16
CA GLN A 341 -19.65 -13.86 -27.92
C GLN A 341 -18.78 -14.44 -26.82
N THR A 342 -17.46 -14.36 -27.01
CA THR A 342 -16.50 -14.84 -26.00
C THR A 342 -15.93 -13.72 -25.15
N VAL A 343 -15.68 -14.05 -23.90
CA VAL A 343 -15.27 -13.02 -22.94
C VAL A 343 -14.07 -13.52 -22.21
N GLU A 344 -13.02 -12.70 -22.17
CA GLU A 344 -11.87 -12.93 -21.34
C GLU A 344 -12.11 -12.34 -19.94
N ILE A 345 -12.23 -13.19 -18.92
CA ILE A 345 -12.43 -12.71 -17.55
C ILE A 345 -11.06 -12.31 -16.96
N LEU A 346 -10.72 -11.02 -17.13
CA LEU A 346 -9.41 -10.52 -16.72
C LEU A 346 -9.39 -10.25 -15.21
N ASN A 347 -10.56 -9.94 -14.66
CA ASN A 347 -10.67 -9.72 -13.22
C ASN A 347 -12.00 -10.33 -12.72
N THR A 348 -11.91 -11.23 -11.75
CA THR A 348 -13.07 -11.98 -11.27
C THR A 348 -13.98 -11.17 -10.35
N ASP A 349 -13.56 -9.95 -10.02
CA ASP A 349 -14.33 -9.05 -9.17
C ASP A 349 -15.22 -8.16 -10.07
N ALA A 350 -15.03 -8.23 -11.39
CA ALA A 350 -16.00 -7.69 -12.31
C ALA A 350 -16.98 -8.81 -12.69
N GLU A 351 -17.74 -9.32 -11.71
CA GLU A 351 -18.58 -10.49 -11.94
C GLU A 351 -20.03 -10.19 -12.26
N GLY A 352 -20.54 -9.06 -11.77
CA GLY A 352 -21.94 -8.70 -11.99
C GLY A 352 -22.27 -8.58 -13.46
N ARG A 353 -21.32 -8.05 -14.25
CA ARG A 353 -21.59 -7.90 -15.67
C ARG A 353 -21.63 -9.26 -16.36
N LEU A 354 -21.03 -10.26 -15.72
CA LEU A 354 -20.98 -11.58 -16.29
C LEU A 354 -22.28 -12.36 -16.10
N VAL A 355 -22.87 -12.27 -14.91
CA VAL A 355 -24.17 -12.90 -14.72
C VAL A 355 -25.19 -12.16 -15.59
N LEU A 356 -25.10 -10.83 -15.68
CA LEU A 356 -26.10 -10.03 -16.39
C LEU A 356 -26.00 -10.17 -17.91
N CYS A 357 -24.80 -10.27 -18.45
CA CYS A 357 -24.73 -10.37 -19.90
C CYS A 357 -25.52 -11.59 -20.38
N ASP A 358 -25.38 -12.74 -19.72
CA ASP A 358 -26.02 -13.98 -20.17
C ASP A 358 -27.52 -13.89 -20.04
N THR A 359 -27.94 -13.22 -18.96
CA THR A 359 -29.34 -13.00 -18.63
C THR A 359 -30.02 -12.05 -19.59
N LEU A 360 -29.30 -11.02 -20.07
CA LEU A 360 -29.78 -10.12 -21.11
C LEU A 360 -30.05 -10.90 -22.41
N THR A 361 -29.19 -11.85 -22.72
CA THR A 361 -29.46 -12.64 -23.91
C THR A 361 -30.78 -13.40 -23.68
N TYR A 362 -30.94 -13.96 -22.49
CA TYR A 362 -32.11 -14.76 -22.17
C TYR A 362 -33.41 -13.92 -22.30
N ALA A 363 -33.31 -12.63 -21.97
CA ALA A 363 -34.43 -11.70 -21.99
C ALA A 363 -35.05 -11.61 -23.39
N GLU A 364 -34.26 -11.89 -24.41
CA GLU A 364 -34.73 -11.83 -25.79
C GLU A 364 -36.03 -12.61 -26.08
N ARG A 365 -36.16 -13.81 -25.51
CA ARG A 365 -37.29 -14.68 -25.81
C ARG A 365 -38.67 -14.10 -25.47
N PHE A 366 -38.70 -13.03 -24.65
CA PHE A 366 -39.96 -12.39 -24.26
C PHE A 366 -40.40 -11.23 -25.15
N LYS A 367 -39.63 -10.94 -26.18
CA LYS A 367 -39.90 -9.83 -27.10
C LYS A 367 -40.26 -8.51 -26.39
N PRO A 368 -39.42 -8.07 -25.44
CA PRO A 368 -39.82 -6.94 -24.57
C PRO A 368 -39.93 -5.59 -25.28
N GLN A 369 -40.68 -4.68 -24.74
CA GLN A 369 -40.69 -3.32 -25.20
C GLN A 369 -39.63 -2.45 -24.47
N ALA A 370 -39.13 -2.93 -23.35
CA ALA A 370 -38.07 -2.30 -22.57
C ALA A 370 -37.48 -3.36 -21.64
N VAL A 371 -36.18 -3.25 -21.45
CA VAL A 371 -35.36 -4.10 -20.59
C VAL A 371 -34.48 -3.14 -19.82
N ILE A 372 -34.59 -3.19 -18.49
CA ILE A 372 -33.86 -2.35 -17.57
C ILE A 372 -33.11 -3.29 -16.66
N ASP A 373 -31.77 -3.21 -16.65
CA ASP A 373 -31.02 -3.98 -15.68
C ASP A 373 -30.65 -3.11 -14.50
N ILE A 374 -30.62 -3.71 -13.31
CA ILE A 374 -30.34 -2.93 -12.09
C ILE A 374 -29.27 -3.64 -11.30
N ALA A 375 -28.19 -2.92 -11.02
CA ALA A 375 -26.99 -3.53 -10.48
C ALA A 375 -26.11 -2.62 -9.58
N THR A 376 -25.49 -3.23 -8.55
CA THR A 376 -24.51 -2.57 -7.69
C THR A 376 -23.19 -2.86 -8.36
N LEU A 377 -22.95 -2.15 -9.46
CA LEU A 377 -22.01 -2.65 -10.43
C LEU A 377 -20.60 -2.18 -10.18
N THR A 378 -20.41 -0.90 -9.87
CA THR A 378 -19.03 -0.33 -9.86
C THR A 378 -18.77 0.65 -8.72
N GLY A 379 -17.57 0.56 -8.09
CA GLY A 379 -17.07 1.59 -7.13
C GLY A 379 -16.87 2.94 -7.83
N ALA A 380 -16.45 2.87 -9.11
CA ALA A 380 -16.36 4.02 -10.04
C ALA A 380 -17.61 4.91 -10.07
N CYS A 381 -18.79 4.30 -9.97
CA CYS A 381 -20.04 5.06 -9.92
C CYS A 381 -20.20 5.87 -8.62
N ILE A 382 -19.69 5.34 -7.51
CA ILE A 382 -19.76 6.08 -6.24
C ILE A 382 -18.80 7.26 -6.36
N VAL A 383 -17.66 7.04 -6.98
CA VAL A 383 -16.75 8.14 -7.29
C VAL A 383 -17.38 9.17 -8.29
N ALA A 384 -18.19 8.68 -9.21
CA ALA A 384 -18.79 9.53 -10.23
C ALA A 384 -20.00 10.32 -9.71
N LEU A 385 -20.87 9.67 -8.90
CA LEU A 385 -22.19 10.26 -8.58
C LEU A 385 -22.61 10.23 -7.11
N GLY A 386 -21.72 9.75 -6.25
CA GLY A 386 -22.01 9.72 -4.84
C GLY A 386 -23.14 8.79 -4.45
N SER A 387 -23.71 9.08 -3.29
CA SER A 387 -24.81 8.34 -2.65
C SER A 387 -26.18 8.75 -3.13
N HIS A 388 -26.26 9.92 -3.75
CA HIS A 388 -27.55 10.59 -3.93
C HIS A 388 -28.26 10.26 -5.23
N THR A 389 -27.49 9.81 -6.23
CA THR A 389 -27.99 9.73 -7.60
C THR A 389 -27.50 8.47 -8.30
N THR A 390 -28.44 7.70 -8.81
CA THR A 390 -28.15 6.47 -9.50
C THR A 390 -27.56 6.72 -10.89
N GLY A 391 -26.53 5.97 -11.27
CA GLY A 391 -26.02 6.05 -12.65
C GLY A 391 -26.95 5.39 -13.68
N LEU A 392 -27.20 6.07 -14.79
CA LEU A 392 -28.07 5.49 -15.79
C LEU A 392 -27.44 5.65 -17.18
N MET A 393 -27.51 4.59 -17.98
CA MET A 393 -26.99 4.54 -19.34
C MET A 393 -28.01 3.71 -20.12
N GLY A 394 -27.97 3.74 -21.45
CA GLY A 394 -28.89 2.88 -22.25
C GLY A 394 -28.66 3.00 -23.77
N ASN A 395 -29.44 2.26 -24.57
CA ASN A 395 -29.25 2.29 -26.04
C ASN A 395 -30.42 2.99 -26.77
N ASN A 396 -31.30 3.58 -25.96
CA ASN A 396 -32.50 4.28 -26.42
C ASN A 396 -32.82 5.53 -25.59
N ASP A 397 -32.81 6.69 -26.25
CA ASP A 397 -32.99 7.97 -25.57
C ASP A 397 -34.36 8.13 -24.90
N ASP A 398 -35.42 7.58 -25.51
CA ASP A 398 -36.76 7.62 -24.90
C ASP A 398 -36.90 6.79 -23.60
N LEU A 399 -36.46 5.54 -23.60
CA LEU A 399 -36.38 4.76 -22.38
C LEU A 399 -35.63 5.55 -21.29
N VAL A 400 -34.36 5.88 -21.54
CA VAL A 400 -33.53 6.72 -20.61
C VAL A 400 -34.28 7.95 -20.08
N GLY A 401 -34.82 8.75 -20.98
CA GLY A 401 -35.60 9.95 -20.65
C GLY A 401 -36.79 9.60 -19.77
N GLN A 402 -37.48 8.50 -20.08
CA GLN A 402 -38.56 7.99 -19.22
C GLN A 402 -38.11 7.59 -17.82
N LEU A 403 -37.00 6.88 -17.71
CA LEU A 403 -36.49 6.54 -16.39
C LEU A 403 -36.06 7.80 -15.58
N LEU A 404 -35.46 8.78 -16.26
CA LEU A 404 -35.00 10.03 -15.61
C LEU A 404 -36.14 10.81 -14.97
N ASP A 405 -37.16 11.07 -15.78
CA ASP A 405 -38.39 11.70 -15.33
C ASP A 405 -39.07 10.96 -14.18
N ALA A 406 -39.20 9.64 -14.33
CA ALA A 406 -39.70 8.80 -13.25
C ALA A 406 -38.91 9.10 -11.95
N GLY A 407 -37.57 9.11 -12.02
CA GLY A 407 -36.74 9.35 -10.84
C GLY A 407 -37.03 10.73 -10.29
N LYS A 408 -37.27 11.70 -11.15
CA LYS A 408 -37.58 13.07 -10.64
C LYS A 408 -38.90 13.18 -9.90
N ARG A 409 -39.98 12.66 -10.51
CA ARG A 409 -41.27 12.68 -9.88
C ARG A 409 -41.32 11.83 -8.60
N ALA A 410 -40.52 10.78 -8.55
CA ALA A 410 -40.46 9.88 -7.37
C ALA A 410 -39.54 10.38 -6.27
N ASP A 411 -38.74 11.40 -6.59
CA ASP A 411 -37.61 11.82 -5.76
C ASP A 411 -36.74 10.64 -5.45
N ASP A 412 -36.33 9.95 -6.51
CA ASP A 412 -35.36 8.86 -6.42
C ASP A 412 -34.45 8.97 -7.69
N ARG A 413 -33.67 10.05 -7.73
CA ARG A 413 -33.10 10.56 -8.98
C ARG A 413 -31.98 9.71 -9.56
N ALA A 414 -31.90 9.74 -10.87
CA ALA A 414 -30.79 9.17 -11.61
C ALA A 414 -30.13 10.28 -12.45
N TRP A 415 -29.03 9.92 -13.12
CA TRP A 415 -28.31 10.82 -14.00
C TRP A 415 -27.70 10.00 -15.12
N GLN A 416 -27.92 10.45 -16.35
CA GLN A 416 -27.39 9.74 -17.50
C GLN A 416 -25.88 9.92 -17.66
N LEU A 417 -25.18 8.84 -17.96
CA LEU A 417 -23.77 8.87 -18.40
C LEU A 417 -23.68 8.33 -19.81
N PRO A 418 -22.72 8.83 -20.61
CA PRO A 418 -22.72 8.57 -22.05
C PRO A 418 -22.18 7.19 -22.39
N LEU A 419 -22.71 6.57 -23.43
CA LEU A 419 -22.11 5.36 -23.94
C LEU A 419 -21.43 5.65 -25.26
N PHE A 420 -20.48 6.59 -25.31
CA PHE A 420 -19.83 6.93 -26.59
C PHE A 420 -18.99 5.76 -27.08
N ASP A 421 -18.91 5.56 -28.37
CA ASP A 421 -18.25 4.44 -28.98
C ASP A 421 -16.75 4.26 -28.68
N GLU A 422 -16.10 5.44 -28.55
CA GLU A 422 -14.73 5.66 -28.10
C GLU A 422 -14.32 4.84 -26.87
N TYR A 423 -15.28 4.59 -26.01
CA TYR A 423 -15.05 3.81 -24.84
C TYR A 423 -14.95 2.29 -25.11
N GLN A 424 -15.52 1.85 -26.23
CA GLN A 424 -15.63 0.39 -26.50
C GLN A 424 -14.25 -0.26 -26.73
N GLU A 425 -13.29 0.52 -27.21
CA GLU A 425 -11.92 -0.01 -27.47
C GLU A 425 -11.22 -0.43 -26.18
N GLN A 426 -11.64 0.16 -25.04
CA GLN A 426 -11.10 -0.22 -23.72
C GLN A 426 -11.37 -1.69 -23.36
N LEU A 427 -12.38 -2.29 -23.98
CA LEU A 427 -12.73 -3.69 -23.75
C LEU A 427 -12.08 -4.70 -24.73
N ASP A 428 -11.46 -4.20 -25.80
CA ASP A 428 -10.67 -5.09 -26.68
C ASP A 428 -9.78 -6.11 -25.93
N SER A 429 -9.78 -7.34 -26.43
CA SER A 429 -8.92 -8.41 -25.98
C SER A 429 -8.15 -8.92 -27.18
N PRO A 430 -6.87 -9.25 -26.99
CA PRO A 430 -6.18 -9.81 -28.16
C PRO A 430 -6.57 -11.28 -28.40
N PHE A 431 -7.31 -11.91 -27.47
CA PHE A 431 -7.67 -13.34 -27.63
C PHE A 431 -9.16 -13.62 -27.84
N ALA A 432 -10.00 -13.10 -26.94
CA ALA A 432 -11.44 -13.25 -26.99
C ALA A 432 -12.05 -12.06 -27.72
N ASP A 433 -13.38 -12.05 -27.88
CA ASP A 433 -14.06 -10.94 -28.53
C ASP A 433 -13.94 -9.66 -27.74
N MET A 434 -13.83 -9.81 -26.41
CA MET A 434 -13.78 -8.72 -25.47
C MET A 434 -13.28 -9.21 -24.09
N GLY A 435 -12.61 -8.32 -23.36
CA GLY A 435 -12.36 -8.53 -21.94
C GLY A 435 -13.50 -7.98 -21.09
N ASN A 436 -13.54 -8.34 -19.80
CA ASN A 436 -14.64 -7.89 -18.97
C ASN A 436 -14.36 -6.57 -18.22
N ILE A 437 -13.14 -6.03 -18.33
CA ILE A 437 -12.81 -4.70 -17.79
C ILE A 437 -12.03 -3.88 -18.79
N GLY A 438 -12.10 -2.56 -18.62
CA GLY A 438 -11.39 -1.62 -19.49
C GLY A 438 -10.47 -0.65 -18.74
N GLY A 439 -10.18 -1.00 -17.49
CA GLY A 439 -9.16 -0.29 -16.73
C GLY A 439 -9.63 0.85 -15.85
N PRO A 440 -8.67 1.67 -15.34
CA PRO A 440 -8.96 2.69 -14.32
C PRO A 440 -9.81 3.89 -14.78
N LYS A 441 -10.03 4.03 -16.09
CA LYS A 441 -10.79 5.16 -16.67
C LYS A 441 -12.23 4.81 -17.07
N ALA A 442 -13.16 5.68 -16.72
CA ALA A 442 -14.52 5.59 -17.22
C ALA A 442 -15.20 4.28 -16.78
N GLY A 443 -14.98 3.92 -15.51
CA GLY A 443 -15.24 2.58 -14.99
C GLY A 443 -16.70 2.21 -14.95
N THR A 444 -17.57 3.20 -14.71
CA THR A 444 -18.98 2.95 -14.69
C THR A 444 -19.44 2.78 -16.15
N ILE A 445 -18.93 3.68 -17.00
CA ILE A 445 -19.22 3.67 -18.43
C ILE A 445 -18.81 2.37 -19.14
N THR A 446 -17.60 1.83 -18.85
CA THR A 446 -17.10 0.68 -19.63
C THR A 446 -17.88 -0.58 -19.25
N ALA A 447 -18.32 -0.68 -18.00
CA ALA A 447 -19.35 -1.67 -17.59
C ALA A 447 -20.67 -1.52 -18.37
N GLY A 448 -21.13 -0.27 -18.51
CA GLY A 448 -22.23 0.05 -19.40
C GLY A 448 -21.93 -0.40 -20.82
N CYS A 449 -20.75 -0.02 -21.34
CA CYS A 449 -20.38 -0.43 -22.72
C CYS A 449 -20.38 -1.93 -22.89
N PHE A 450 -19.83 -2.61 -21.89
CA PHE A 450 -19.82 -4.05 -21.83
C PHE A 450 -21.23 -4.65 -21.99
N LEU A 451 -22.17 -4.24 -21.15
CA LEU A 451 -23.52 -4.80 -21.19
C LEU A 451 -24.31 -4.50 -22.48
N SER A 452 -24.07 -3.34 -23.09
CA SER A 452 -24.76 -2.93 -24.29
C SER A 452 -24.52 -3.86 -25.48
N ARG A 453 -23.40 -4.55 -25.46
CA ARG A 453 -23.11 -5.54 -26.50
C ARG A 453 -24.00 -6.74 -26.41
N PHE A 454 -24.78 -6.90 -25.33
CA PHE A 454 -25.72 -8.03 -25.19
C PHE A 454 -27.21 -7.60 -25.25
N ALA A 455 -27.42 -6.30 -25.44
CA ALA A 455 -28.70 -5.65 -25.41
C ALA A 455 -29.15 -5.05 -26.75
N LYS A 456 -28.51 -5.40 -27.84
CA LYS A 456 -28.89 -4.90 -29.18
C LYS A 456 -30.25 -5.30 -29.74
N ALA A 457 -30.85 -6.40 -29.31
CA ALA A 457 -32.17 -6.78 -29.85
C ALA A 457 -33.36 -5.97 -29.27
N TYR A 458 -33.16 -5.09 -28.27
CA TYR A 458 -34.29 -4.31 -27.70
C TYR A 458 -33.89 -2.96 -27.12
N ASN A 459 -34.87 -2.15 -26.70
CA ASN A 459 -34.60 -0.89 -26.00
C ASN A 459 -34.13 -1.27 -24.61
N TRP A 460 -33.00 -0.70 -24.19
CA TRP A 460 -32.44 -1.15 -22.94
C TRP A 460 -31.83 -0.02 -22.13
N ALA A 461 -31.80 -0.19 -20.83
CA ALA A 461 -31.23 0.81 -19.98
C ALA A 461 -30.62 0.05 -18.79
N HIS A 462 -29.59 0.67 -18.22
CA HIS A 462 -28.78 0.05 -17.19
C HIS A 462 -28.61 1.06 -16.07
N MET A 463 -28.89 0.59 -14.86
CA MET A 463 -28.86 1.43 -13.67
C MET A 463 -27.81 0.90 -12.73
N ASP A 464 -26.87 1.76 -12.37
CA ASP A 464 -25.77 1.38 -11.49
C ASP A 464 -26.09 2.00 -10.17
N ILE A 465 -26.38 1.14 -9.21
CA ILE A 465 -26.92 1.59 -7.93
C ILE A 465 -25.93 1.34 -6.82
N ALA A 466 -24.68 1.08 -7.17
CA ALA A 466 -23.67 0.87 -6.14
C ALA A 466 -23.67 1.95 -5.05
N GLY A 467 -24.02 3.20 -5.36
CA GLY A 467 -23.96 4.26 -4.32
C GLY A 467 -25.28 4.59 -3.63
N THR A 468 -26.39 4.17 -4.23
CA THR A 468 -27.72 4.53 -3.73
C THR A 468 -28.41 3.36 -3.04
N ALA A 469 -27.88 2.15 -3.18
CA ALA A 469 -28.58 0.97 -2.63
C ALA A 469 -28.46 0.73 -1.12
N TRP A 470 -27.42 1.24 -0.48
CA TRP A 470 -27.27 1.04 0.95
C TRP A 470 -26.44 2.15 1.55
N ILE A 471 -26.55 2.32 2.86
CA ILE A 471 -25.85 3.32 3.61
C ILE A 471 -24.74 2.59 4.37
N SER A 472 -23.49 3.03 4.21
CA SER A 472 -22.29 2.35 4.78
C SER A 472 -22.17 2.26 6.32
N GLY A 473 -22.44 3.36 7.01
CA GLY A 473 -22.05 3.44 8.44
C GLY A 473 -23.01 4.22 9.31
N GLY A 474 -22.64 4.40 10.58
CA GLY A 474 -23.54 5.03 11.54
C GLY A 474 -24.71 4.10 11.81
N LYS A 475 -25.75 4.61 12.46
CA LYS A 475 -26.82 3.70 12.86
C LYS A 475 -28.00 3.67 11.90
N ASP A 476 -27.89 4.43 10.82
CA ASP A 476 -28.71 4.18 9.63
C ASP A 476 -28.12 3.14 8.63
N LYS A 477 -26.92 2.60 8.90
CA LYS A 477 -26.30 1.55 8.04
C LYS A 477 -27.31 0.47 7.67
N GLY A 478 -27.41 0.19 6.39
CA GLY A 478 -28.41 -0.76 5.89
C GLY A 478 -28.85 -0.42 4.49
N ALA A 479 -29.54 -1.37 3.86
CA ALA A 479 -30.19 -1.19 2.56
C ALA A 479 -31.15 0.00 2.64
N THR A 480 -31.27 0.76 1.55
CA THR A 480 -32.22 1.85 1.40
C THR A 480 -33.29 1.17 0.54
N GLY A 481 -34.45 1.72 0.36
CA GLY A 481 -35.28 0.88 -0.60
C GLY A 481 -35.02 1.10 -2.09
N ARG A 482 -33.88 1.74 -2.42
CA ARG A 482 -33.69 2.31 -3.75
C ARG A 482 -33.06 1.31 -4.73
N PRO A 483 -33.50 1.26 -5.96
CA PRO A 483 -34.41 2.20 -6.57
C PRO A 483 -35.85 1.69 -6.74
N VAL A 484 -36.46 1.10 -5.76
CA VAL A 484 -37.90 0.76 -5.87
C VAL A 484 -38.84 1.95 -6.24
N PRO A 485 -38.64 3.14 -5.63
CA PRO A 485 -39.47 4.28 -6.04
C PRO A 485 -39.40 4.62 -7.53
N LEU A 486 -38.19 4.77 -8.07
CA LEU A 486 -38.04 5.03 -9.52
C LEU A 486 -38.70 3.95 -10.39
N LEU A 487 -38.39 2.69 -10.11
CA LEU A 487 -38.87 1.59 -10.97
C LEU A 487 -40.37 1.53 -10.90
N THR A 488 -40.92 1.60 -9.69
CA THR A 488 -42.39 1.62 -9.55
C THR A 488 -43.03 2.81 -10.28
N GLN A 489 -42.42 3.99 -10.13
CA GLN A 489 -42.95 5.20 -10.79
C GLN A 489 -42.87 5.02 -12.32
N TYR A 490 -41.78 4.46 -12.81
CA TYR A 490 -41.68 4.22 -14.26
C TYR A 490 -42.85 3.36 -14.75
N LEU A 491 -43.24 2.35 -13.97
CA LEU A 491 -44.31 1.45 -14.39
C LEU A 491 -45.70 2.09 -14.20
N LEU A 492 -45.86 2.90 -13.14
CA LEU A 492 -47.08 3.66 -13.00
C LEU A 492 -47.31 4.54 -14.19
N ASP A 493 -46.23 5.14 -14.69
CA ASP A 493 -46.25 6.05 -15.84
C ASP A 493 -46.73 5.28 -17.06
N ARG A 494 -46.13 4.13 -17.27
CA ARG A 494 -46.43 3.23 -18.35
C ARG A 494 -47.86 2.73 -18.32
N ALA A 495 -48.42 2.50 -17.15
CA ALA A 495 -49.76 1.98 -16.96
C ALA A 495 -50.82 3.07 -16.99
N GLY A 496 -50.37 4.32 -16.99
CA GLY A 496 -51.28 5.47 -16.90
C GLY A 496 -52.00 5.59 -15.57
N ALA A 497 -51.40 5.14 -14.48
CA ALA A 497 -52.06 5.15 -13.16
C ALA A 497 -51.81 6.43 -12.36
N MET B 1 46.54 -1.19 15.15
CA MET B 1 47.21 -2.43 15.60
C MET B 1 48.47 -2.67 14.77
N GLU B 2 49.62 -2.82 15.40
CA GLU B 2 50.84 -3.03 14.63
C GLU B 2 50.92 -4.50 14.18
N LEU B 3 51.30 -4.73 12.91
CA LEU B 3 51.39 -6.07 12.38
C LEU B 3 52.74 -6.34 11.69
N VAL B 4 53.54 -7.22 12.30
CA VAL B 4 54.90 -7.53 11.82
C VAL B 4 55.05 -9.00 11.44
N VAL B 5 56.07 -9.30 10.62
CA VAL B 5 56.42 -10.67 10.22
C VAL B 5 57.80 -11.07 10.76
N LYS B 6 57.85 -12.13 11.54
CA LYS B 6 59.13 -12.68 11.94
C LYS B 6 59.25 -14.09 11.34
N SER B 7 60.49 -14.57 11.36
CA SER B 7 60.91 -15.82 10.76
C SER B 7 61.39 -16.85 11.81
N VAL B 8 61.30 -16.50 13.09
CA VAL B 8 61.77 -17.37 14.18
C VAL B 8 60.87 -18.62 14.37
N ALA B 9 61.17 -19.46 15.36
CA ALA B 9 60.34 -20.63 15.64
C ALA B 9 59.22 -20.35 16.66
N ALA B 10 58.13 -21.10 16.57
CA ALA B 10 56.94 -20.84 17.41
C ALA B 10 57.11 -21.14 18.91
N ALA B 11 57.76 -22.24 19.26
CA ALA B 11 57.98 -22.57 20.67
C ALA B 11 58.85 -21.52 21.35
N SER B 12 59.63 -20.81 20.56
CA SER B 12 60.68 -19.93 21.04
C SER B 12 60.20 -18.52 21.37
N VAL B 13 59.02 -18.14 20.88
CA VAL B 13 58.67 -16.72 20.87
C VAL B 13 58.05 -16.26 22.19
N LYS B 14 58.68 -15.27 22.84
CA LYS B 14 58.08 -14.70 24.05
C LYS B 14 56.88 -13.88 23.61
N THR B 15 55.71 -14.21 24.17
CA THR B 15 54.47 -13.56 23.77
C THR B 15 53.35 -13.80 24.77
N ALA B 16 52.35 -12.94 24.73
CA ALA B 16 51.18 -13.09 25.60
C ALA B 16 50.21 -14.22 25.15
N THR B 17 49.92 -14.31 23.85
CA THR B 17 49.14 -15.45 23.33
C THR B 17 49.75 -16.02 22.07
N LEU B 18 50.03 -17.33 22.08
CA LEU B 18 50.46 -18.03 20.84
C LEU B 18 49.30 -18.74 20.17
N VAL B 19 49.14 -18.48 18.87
CA VAL B 19 48.03 -19.07 18.13
C VAL B 19 48.48 -20.13 17.12
N ILE B 20 47.92 -21.34 17.24
CA ILE B 20 48.24 -22.45 16.33
C ILE B 20 46.99 -23.21 15.86
N PRO B 21 47.08 -23.82 14.67
CA PRO B 21 45.91 -24.53 14.10
C PRO B 21 45.86 -26.00 14.46
N VAL B 22 44.73 -26.46 14.91
CA VAL B 22 44.40 -27.85 15.01
C VAL B 22 43.40 -28.23 13.94
N GLY B 23 43.68 -29.31 13.25
CA GLY B 23 42.75 -29.96 12.37
C GLY B 23 41.69 -30.78 13.05
N GLU B 24 40.82 -31.30 12.25
CA GLU B 24 39.62 -32.02 12.65
C GLU B 24 39.66 -33.35 13.46
N ASN B 25 40.67 -34.16 13.29
CA ASN B 25 40.84 -35.32 14.15
C ASN B 25 42.10 -35.17 14.98
N ARG B 26 42.36 -33.90 15.33
CA ARG B 26 43.49 -33.46 16.15
C ARG B 26 44.84 -33.65 15.42
N LYS B 27 44.72 -33.76 14.09
CA LYS B 27 45.82 -33.81 13.14
C LYS B 27 46.60 -32.50 13.25
N LEU B 28 47.71 -32.56 13.99
CA LEU B 28 48.59 -31.40 14.16
C LEU B 28 49.63 -31.37 13.04
N GLY B 29 49.71 -30.24 12.35
CA GLY B 29 50.74 -30.08 11.31
C GLY B 29 52.06 -29.75 11.95
N ALA B 30 53.12 -29.66 11.14
CA ALA B 30 54.50 -29.41 11.63
C ALA B 30 54.69 -28.35 12.71
N VAL B 31 54.07 -27.17 12.55
CA VAL B 31 54.23 -26.06 13.50
C VAL B 31 53.55 -26.38 14.83
N ALA B 32 52.35 -26.88 14.74
CA ALA B 32 51.59 -27.23 15.88
C ALA B 32 52.19 -28.34 16.65
N LYS B 33 52.71 -29.34 15.96
CA LYS B 33 53.38 -30.46 16.62
C LYS B 33 54.65 -29.96 17.32
N ALA B 34 55.44 -29.21 16.61
CA ALA B 34 56.65 -28.60 17.20
C ALA B 34 56.33 -27.99 18.55
N VAL B 35 55.24 -27.23 18.59
CA VAL B 35 54.79 -26.49 19.77
C VAL B 35 54.30 -27.45 20.84
N ASP B 36 53.59 -28.47 20.41
CA ASP B 36 53.13 -29.51 21.31
C ASP B 36 54.29 -30.26 21.95
N LEU B 37 55.35 -30.55 21.20
CA LEU B 37 56.48 -31.29 21.78
C LEU B 37 57.27 -30.44 22.80
N ALA B 38 57.39 -29.14 22.53
CA ALA B 38 58.14 -28.22 23.36
C ALA B 38 57.39 -28.03 24.66
N SER B 39 56.09 -28.31 24.59
CA SER B 39 55.20 -28.25 25.75
C SER B 39 55.04 -29.62 26.41
N GLU B 40 55.77 -30.64 25.95
CA GLU B 40 55.71 -32.01 26.48
C GLU B 40 54.34 -32.68 26.39
N GLY B 41 53.84 -32.47 25.28
CA GLY B 41 52.56 -33.07 25.00
C GLY B 41 51.36 -32.54 25.74
N ALA B 42 51.49 -31.38 26.39
CA ALA B 42 50.35 -30.81 27.12
C ALA B 42 49.20 -30.47 26.16
N ILE B 43 49.55 -29.90 25.00
CA ILE B 43 48.57 -29.56 23.94
C ILE B 43 47.78 -30.80 23.47
N SER B 44 48.46 -31.82 22.93
CA SER B 44 47.78 -33.08 22.53
C SER B 44 47.11 -33.86 23.69
N ALA B 45 47.63 -33.74 24.90
CA ALA B 45 46.94 -34.34 26.06
C ALA B 45 45.63 -33.62 26.44
N VAL B 46 45.55 -32.31 26.22
CA VAL B 46 44.28 -31.59 26.33
C VAL B 46 43.30 -31.98 25.19
N LEU B 47 43.83 -32.14 23.98
CA LEU B 47 43.02 -32.40 22.82
C LEU B 47 42.32 -33.74 22.95
N LYS B 48 42.93 -34.63 23.72
CA LYS B 48 42.42 -35.97 23.99
C LYS B 48 41.02 -35.96 24.63
N ARG B 49 40.75 -34.99 25.50
CA ARG B 49 39.46 -34.92 26.17
C ARG B 49 38.32 -34.55 25.21
N GLY B 50 38.70 -34.11 24.01
CA GLY B 50 37.76 -33.89 22.90
C GLY B 50 36.92 -32.62 22.86
N ASP B 51 37.36 -31.56 23.53
CA ASP B 51 36.54 -30.33 23.60
C ASP B 51 36.53 -29.51 22.31
N LEU B 52 37.61 -29.64 21.54
CA LEU B 52 37.82 -28.93 20.29
C LEU B 52 37.76 -29.94 19.14
N ALA B 53 36.66 -29.88 18.37
CA ALA B 53 36.42 -30.77 17.22
C ALA B 53 37.36 -30.43 16.06
N GLY B 54 37.82 -29.19 16.03
CA GLY B 54 38.75 -28.74 15.00
C GLY B 54 38.03 -28.23 13.77
N LYS B 55 36.77 -27.82 13.95
CA LYS B 55 36.00 -27.24 12.87
C LYS B 55 36.49 -25.83 12.57
N PRO B 56 36.50 -25.44 11.29
CA PRO B 56 37.10 -24.14 10.98
C PRO B 56 36.61 -23.04 11.91
N GLY B 57 37.50 -22.49 12.74
CA GLY B 57 37.18 -21.36 13.60
C GLY B 57 36.85 -21.61 15.06
N GLN B 58 36.67 -22.87 15.46
CA GLN B 58 36.42 -23.19 16.88
C GLN B 58 37.69 -22.96 17.69
N THR B 59 37.55 -22.59 18.95
CA THR B 59 38.72 -22.28 19.77
C THR B 59 38.76 -22.97 21.15
N LEU B 60 39.98 -23.27 21.58
CA LEU B 60 40.25 -23.61 22.96
C LEU B 60 41.45 -22.79 23.46
N LEU B 61 41.33 -22.20 24.65
CA LEU B 61 42.36 -21.34 25.18
C LEU B 61 43.03 -22.01 26.37
N LEU B 62 44.33 -22.04 26.28
CA LEU B 62 45.17 -22.53 27.33
C LEU B 62 46.11 -21.47 27.82
N GLN B 63 46.51 -21.68 29.07
CA GLN B 63 47.38 -20.84 29.84
C GLN B 63 48.86 -21.17 29.73
N ASN B 64 49.54 -21.02 30.86
CA ASN B 64 50.98 -21.22 30.97
C ASN B 64 51.27 -22.66 30.85
N LEU B 65 51.98 -23.00 29.80
CA LEU B 65 52.38 -24.39 29.58
C LEU B 65 53.86 -24.50 29.79
N GLN B 66 54.27 -25.51 30.56
CA GLN B 66 55.67 -25.73 30.87
C GLN B 66 56.47 -25.96 29.58
N GLY B 67 57.59 -25.22 29.45
CA GLY B 67 58.53 -25.40 28.34
C GLY B 67 58.28 -24.47 27.16
N LEU B 68 57.24 -23.63 27.29
CA LEU B 68 56.91 -22.62 26.30
C LEU B 68 57.20 -21.23 26.83
N LYS B 69 57.30 -20.28 25.90
CA LYS B 69 57.53 -18.87 26.24
C LYS B 69 56.29 -18.03 25.89
N ALA B 70 55.23 -18.72 25.52
CA ALA B 70 53.92 -18.13 25.36
C ALA B 70 53.14 -18.14 26.69
N GLU B 71 52.62 -17.00 27.11
CA GLU B 71 51.76 -16.94 28.29
C GLU B 71 50.45 -17.71 28.16
N ARG B 72 49.86 -17.69 26.99
CA ARG B 72 48.63 -18.41 26.71
C ARG B 72 48.81 -19.13 25.39
N VAL B 73 48.11 -20.24 25.18
CA VAL B 73 48.03 -20.84 23.84
C VAL B 73 46.59 -21.00 23.35
N LEU B 74 46.38 -20.49 22.13
CA LEU B 74 45.05 -20.50 21.55
C LEU B 74 45.03 -21.45 20.38
N LEU B 75 44.21 -22.48 20.52
CA LEU B 75 44.07 -23.50 19.52
C LEU B 75 42.89 -23.11 18.65
N VAL B 76 43.11 -22.96 17.34
CA VAL B 76 42.02 -22.66 16.44
C VAL B 76 41.82 -23.79 15.46
N GLY B 77 40.56 -24.19 15.26
CA GLY B 77 40.26 -25.31 14.37
C GLY B 77 40.50 -24.94 12.92
N SER B 78 41.20 -25.81 12.19
CA SER B 78 41.47 -25.57 10.78
C SER B 78 40.62 -26.38 9.80
N GLY B 79 39.76 -27.27 10.30
CA GLY B 79 38.96 -28.16 9.44
C GLY B 79 39.74 -29.37 8.91
N LYS B 80 39.07 -30.19 8.10
CA LYS B 80 39.66 -31.42 7.56
C LYS B 80 40.94 -31.22 6.72
N ASP B 81 41.52 -32.34 6.28
CA ASP B 81 42.71 -32.39 5.41
C ASP B 81 42.74 -31.44 4.21
N GLU B 82 41.57 -31.05 3.72
CA GLU B 82 41.52 -30.20 2.53
C GLU B 82 41.85 -28.74 2.85
N ALA B 83 42.51 -28.08 1.90
CA ALA B 83 42.66 -26.63 1.90
C ALA B 83 41.32 -25.87 2.15
N LEU B 84 41.40 -24.67 2.74
CA LEU B 84 40.20 -23.85 3.00
C LEU B 84 39.92 -22.86 1.85
N GLY B 85 38.65 -22.44 1.73
CA GLY B 85 38.25 -21.39 0.79
C GLY B 85 38.36 -20.04 1.43
N ASP B 86 38.25 -18.98 0.65
CA ASP B 86 38.35 -17.62 1.18
C ASP B 86 37.47 -17.34 2.37
N ARG B 87 36.16 -17.55 2.26
CA ARG B 87 35.28 -17.19 3.31
C ARG B 87 35.60 -17.94 4.59
N THR B 88 35.84 -19.25 4.50
CA THR B 88 36.25 -20.02 5.68
C THR B 88 37.57 -19.50 6.28
N TRP B 89 38.59 -19.31 5.45
CA TRP B 89 39.84 -18.68 5.92
C TRP B 89 39.61 -17.37 6.69
N ARG B 90 38.93 -16.41 6.07
CA ARG B 90 38.62 -15.17 6.78
C ARG B 90 37.85 -15.40 8.08
N LYS B 91 36.89 -16.33 8.10
CA LYS B 91 36.12 -16.62 9.33
C LYS B 91 36.98 -17.11 10.48
N LEU B 92 37.90 -17.99 10.17
CA LEU B 92 38.87 -18.46 11.15
C LEU B 92 39.69 -17.30 11.73
N VAL B 93 40.12 -16.37 10.87
CA VAL B 93 40.93 -15.25 11.33
C VAL B 93 40.11 -14.38 12.28
N ALA B 94 38.84 -14.16 11.93
CA ALA B 94 38.00 -13.25 12.68
C ALA B 94 37.65 -13.80 14.06
N SER B 95 37.58 -15.12 14.19
CA SER B 95 37.26 -15.76 15.48
C SER B 95 38.43 -15.58 16.41
N VAL B 96 39.62 -15.94 15.92
CA VAL B 96 40.88 -15.66 16.59
C VAL B 96 40.95 -14.20 17.12
N ALA B 97 40.78 -13.22 16.21
CA ALA B 97 40.69 -11.79 16.57
C ALA B 97 39.66 -11.53 17.68
N GLY B 98 38.51 -12.21 17.56
CA GLY B 98 37.46 -12.18 18.56
C GLY B 98 37.96 -12.60 19.93
N VAL B 99 38.63 -13.75 20.00
CA VAL B 99 39.21 -14.13 21.29
C VAL B 99 40.32 -13.16 21.78
N LEU B 100 41.23 -12.76 20.93
CA LEU B 100 42.31 -11.91 21.32
C LEU B 100 41.84 -10.54 21.88
N LYS B 101 40.78 -10.02 21.30
CA LYS B 101 40.24 -8.74 21.68
C LYS B 101 39.73 -8.76 23.10
N GLY B 102 39.34 -9.92 23.56
CA GLY B 102 38.83 -10.12 24.89
C GLY B 102 39.77 -10.50 26.01
N LEU B 103 41.00 -10.68 25.69
CA LEU B 103 42.04 -11.05 26.67
C LEU B 103 42.82 -9.81 27.10
N ASN B 104 43.49 -9.87 28.25
CA ASN B 104 44.38 -8.82 28.71
C ASN B 104 45.82 -9.03 28.24
N GLY B 105 46.00 -9.22 26.92
CA GLY B 105 47.33 -9.49 26.34
C GLY B 105 47.79 -8.37 25.41
N ALA B 106 49.00 -7.90 25.63
CA ALA B 106 49.57 -6.78 24.89
C ALA B 106 49.90 -7.16 23.44
N ASP B 107 50.16 -8.44 23.19
CA ASP B 107 50.52 -8.86 21.84
C ASP B 107 50.05 -10.27 21.60
N ALA B 108 50.11 -10.70 20.34
CA ALA B 108 49.83 -12.08 19.98
C ALA B 108 50.73 -12.48 18.83
N VAL B 109 50.99 -13.77 18.75
CA VAL B 109 51.77 -14.32 17.66
C VAL B 109 50.91 -15.35 16.94
N LEU B 110 50.76 -15.17 15.62
CA LEU B 110 49.99 -16.10 14.79
C LEU B 110 50.95 -17.00 14.06
N ALA B 111 50.88 -18.28 14.40
CA ALA B 111 51.77 -19.30 13.85
C ALA B 111 50.90 -20.22 13.04
N LEU B 112 50.52 -19.73 11.85
CA LEU B 112 49.54 -20.40 11.00
C LEU B 112 50.05 -20.82 9.61
N ASP B 113 51.35 -21.04 9.45
CA ASP B 113 51.89 -21.52 8.17
C ASP B 113 51.20 -22.79 7.63
N ASP B 114 50.82 -23.71 8.53
CA ASP B 114 50.24 -25.05 8.16
C ASP B 114 48.90 -25.07 7.42
N VAL B 115 48.12 -23.99 7.48
CA VAL B 115 46.80 -24.02 6.88
C VAL B 115 46.94 -23.67 5.40
N ALA B 116 46.38 -24.50 4.52
CA ALA B 116 46.38 -24.20 3.08
C ALA B 116 45.10 -23.48 2.63
N VAL B 117 45.28 -22.41 1.85
CA VAL B 117 44.13 -21.68 1.27
C VAL B 117 44.03 -22.00 -0.23
N ASN B 118 42.88 -22.55 -0.65
CA ASN B 118 42.58 -22.98 -2.04
C ASN B 118 42.87 -21.90 -3.09
N ASN B 119 43.63 -22.29 -4.12
CA ASN B 119 43.98 -21.38 -5.22
C ASN B 119 44.73 -20.10 -4.78
N ARG B 120 45.37 -20.12 -3.61
CA ARG B 120 46.24 -19.03 -3.19
C ARG B 120 47.59 -19.49 -2.63
N ASP B 121 48.67 -18.86 -3.04
CA ASP B 121 50.00 -19.24 -2.56
C ASP B 121 50.09 -18.91 -1.06
N ALA B 122 51.00 -19.57 -0.34
CA ALA B 122 51.04 -19.48 1.12
C ALA B 122 51.81 -18.27 1.69
N HIS B 123 52.25 -17.36 0.82
CA HIS B 123 53.00 -16.21 1.29
C HIS B 123 52.35 -14.87 0.99
N TYR B 124 51.80 -14.67 -0.20
CA TYR B 124 51.17 -13.40 -0.52
C TYR B 124 49.67 -13.51 -0.54
N GLY B 125 49.14 -14.40 -1.39
CA GLY B 125 47.69 -14.63 -1.48
C GLY B 125 47.05 -14.90 -0.12
N LYS B 126 47.63 -15.83 0.64
CA LYS B 126 47.08 -16.23 1.94
C LYS B 126 47.05 -15.06 2.95
N TYR B 127 48.14 -14.33 3.05
CA TYR B 127 48.27 -13.32 4.09
C TYR B 127 47.67 -11.98 3.72
N ARG B 128 47.47 -11.77 2.42
CA ARG B 128 46.67 -10.61 1.98
C ARG B 128 45.29 -10.58 2.64
N LEU B 129 44.62 -11.73 2.66
CA LEU B 129 43.27 -11.86 3.17
C LEU B 129 43.35 -11.78 4.68
N LEU B 130 44.33 -12.49 5.25
CA LEU B 130 44.48 -12.58 6.70
C LEU B 130 44.71 -11.23 7.32
N ALA B 131 45.68 -10.50 6.77
CA ALA B 131 46.06 -9.19 7.27
C ALA B 131 44.91 -8.19 7.17
N GLU B 132 44.13 -8.28 6.08
CA GLU B 132 43.06 -7.36 5.88
C GLU B 132 41.98 -7.60 6.93
N THR B 133 41.59 -8.86 7.12
CA THR B 133 40.56 -9.23 8.07
C THR B 133 40.95 -8.83 9.50
N LEU B 134 42.18 -9.11 9.90
CA LEU B 134 42.65 -8.72 11.25
C LEU B 134 42.60 -7.19 11.46
N LEU B 135 43.23 -6.46 10.56
CA LEU B 135 43.29 -4.97 10.65
C LEU B 135 41.93 -4.28 10.50
N ASP B 136 41.19 -4.58 9.42
CA ASP B 136 39.82 -4.12 9.30
C ASP B 136 38.91 -4.52 10.51
N GLY B 137 39.11 -5.68 11.11
CA GLY B 137 38.39 -6.05 12.33
C GLY B 137 38.70 -5.16 13.53
N GLU B 138 39.75 -4.33 13.43
CA GLU B 138 40.05 -3.39 14.49
C GLU B 138 39.12 -2.18 14.50
N TYR B 139 38.42 -1.98 13.38
CA TYR B 139 37.53 -0.85 13.19
C TYR B 139 36.41 -0.81 14.24
N VAL B 140 36.19 0.37 14.83
CA VAL B 140 35.08 0.66 15.75
C VAL B 140 34.74 2.12 15.40
N PHE B 141 33.46 2.46 15.19
CA PHE B 141 33.03 3.86 14.99
C PHE B 141 32.28 4.36 16.23
N ASP B 142 33.01 4.85 17.21
CA ASP B 142 32.43 5.14 18.52
C ASP B 142 32.44 6.63 18.83
N ARG B 143 32.68 7.41 17.78
CA ARG B 143 32.75 8.87 17.85
C ARG B 143 31.57 9.52 18.61
N PHE B 144 30.36 8.97 18.47
CA PHE B 144 29.17 9.60 19.03
C PHE B 144 28.64 8.89 20.25
N LYS B 145 29.37 7.90 20.72
CA LYS B 145 29.05 7.24 21.97
C LYS B 145 29.63 8.13 23.09
N SER B 146 28.81 8.49 24.07
CA SER B 146 29.32 9.38 25.11
C SER B 146 29.88 8.62 26.30
N GLN B 147 29.72 7.29 26.33
CA GLN B 147 30.39 6.46 27.36
C GLN B 147 31.88 6.39 27.05
N LYS B 148 32.71 6.55 28.07
CA LYS B 148 34.17 6.55 27.90
C LYS B 148 34.69 5.30 27.14
N VAL B 149 35.51 5.54 26.11
CA VAL B 149 36.22 4.47 25.39
C VAL B 149 36.95 3.54 26.38
N GLU B 150 36.82 2.23 26.14
CA GLU B 150 37.49 1.18 26.92
C GLU B 150 38.73 0.81 26.13
N PRO B 151 39.91 1.24 26.61
CA PRO B 151 41.10 0.94 25.78
C PRO B 151 41.35 -0.57 25.76
N ARG B 152 41.72 -1.11 24.61
CA ARG B 152 42.11 -2.53 24.55
C ARG B 152 43.60 -2.70 24.88
N ALA B 153 43.96 -3.93 25.29
CA ALA B 153 45.34 -4.28 25.61
C ALA B 153 46.10 -4.69 24.34
N LEU B 154 45.41 -5.36 23.42
CA LEU B 154 46.06 -5.88 22.20
C LEU B 154 46.63 -4.75 21.34
N LYS B 155 47.94 -4.76 21.11
CA LYS B 155 48.55 -3.70 20.30
C LYS B 155 49.42 -4.16 19.11
N LYS B 156 49.76 -5.44 19.08
CA LYS B 156 50.78 -5.95 18.16
C LYS B 156 50.57 -7.45 17.89
N VAL B 157 50.66 -7.83 16.61
CA VAL B 157 50.54 -9.21 16.22
C VAL B 157 51.75 -9.52 15.36
N THR B 158 52.35 -10.69 15.61
CA THR B 158 53.44 -11.19 14.80
C THR B 158 52.95 -12.40 14.03
N LEU B 159 53.17 -12.40 12.71
CA LEU B 159 52.97 -13.59 11.90
C LEU B 159 54.32 -14.31 11.76
N LEU B 160 54.35 -15.60 12.06
CA LEU B 160 55.53 -16.39 11.78
C LEU B 160 55.42 -17.12 10.44
N ALA B 161 56.48 -16.95 9.64
CA ALA B 161 56.70 -17.66 8.38
C ALA B 161 58.12 -18.21 8.35
N ASP B 162 58.39 -19.17 7.46
CA ASP B 162 59.77 -19.62 7.23
C ASP B 162 60.55 -18.54 6.48
N LYS B 163 61.86 -18.69 6.42
CA LYS B 163 62.74 -17.61 5.97
C LYS B 163 62.53 -17.28 4.49
N ALA B 164 62.27 -18.31 3.69
CA ALA B 164 62.07 -18.13 2.25
C ALA B 164 60.88 -17.23 1.87
N GLY B 165 59.73 -17.42 2.54
CA GLY B 165 58.52 -16.65 2.22
C GLY B 165 58.35 -15.29 2.91
N GLN B 166 59.23 -15.00 3.86
CA GLN B 166 59.12 -13.78 4.67
C GLN B 166 58.95 -12.47 3.87
N ALA B 167 59.73 -12.29 2.79
CA ALA B 167 59.63 -11.07 2.00
C ALA B 167 58.24 -10.95 1.34
N GLU B 168 57.69 -12.11 0.95
CA GLU B 168 56.39 -12.19 0.34
C GLU B 168 55.25 -11.98 1.34
N VAL B 169 55.36 -12.59 2.52
CA VAL B 169 54.41 -12.34 3.58
C VAL B 169 54.45 -10.83 3.90
N GLU B 170 55.65 -10.24 3.88
CA GLU B 170 55.78 -8.80 4.14
C GLU B 170 55.11 -7.92 3.07
N ARG B 171 55.24 -8.28 1.80
CA ARG B 171 54.56 -7.56 0.75
C ARG B 171 53.03 -7.59 1.01
N ALA B 172 52.51 -8.77 1.36
CA ALA B 172 51.10 -8.92 1.73
C ALA B 172 50.65 -7.95 2.86
N VAL B 173 51.35 -7.99 3.99
CA VAL B 173 51.06 -7.08 5.09
C VAL B 173 51.13 -5.59 4.65
N LYS B 174 52.12 -5.24 3.84
CA LYS B 174 52.24 -3.88 3.34
C LYS B 174 50.98 -3.47 2.55
N HIS B 175 50.54 -4.31 1.59
CA HIS B 175 49.33 -4.01 0.79
C HIS B 175 48.01 -4.07 1.59
N ALA B 176 47.78 -5.17 2.29
CA ALA B 176 46.62 -5.27 3.16
C ALA B 176 46.58 -4.09 4.14
N SER B 177 47.75 -3.63 4.58
CA SER B 177 47.81 -2.46 5.46
C SER B 177 47.29 -1.19 4.82
N ALA B 178 47.65 -0.99 3.56
CA ALA B 178 47.21 0.20 2.84
C ALA B 178 45.71 0.12 2.66
N ILE B 179 45.22 -1.08 2.32
CA ILE B 179 43.80 -1.29 1.99
C ILE B 179 42.89 -1.07 3.20
N ALA B 180 43.34 -1.51 4.37
CA ALA B 180 42.56 -1.39 5.60
C ALA B 180 42.60 0.06 6.04
N THR B 181 43.75 0.69 5.88
CA THR B 181 43.80 2.09 6.20
C THR B 181 42.77 2.89 5.36
N GLY B 182 42.70 2.63 4.05
CA GLY B 182 41.70 3.27 3.17
C GLY B 182 40.26 2.81 3.43
N MET B 183 40.06 1.54 3.77
CA MET B 183 38.75 1.04 4.15
C MET B 183 38.20 1.74 5.41
N ALA B 184 39.06 2.11 6.36
CA ALA B 184 38.61 2.74 7.61
C ALA B 184 38.26 4.22 7.38
N PHE B 185 38.98 4.87 6.49
CA PHE B 185 38.59 6.20 6.03
C PHE B 185 37.22 6.16 5.33
N THR B 186 37.03 5.18 4.46
CA THR B 186 35.77 5.02 3.75
C THR B 186 34.57 4.77 4.66
N ARG B 187 34.75 3.84 5.60
CA ARG B 187 33.73 3.53 6.62
C ARG B 187 33.40 4.75 7.51
N ASP B 188 34.41 5.49 7.91
CA ASP B 188 34.21 6.69 8.70
C ASP B 188 33.33 7.67 7.97
N LEU B 189 33.64 7.94 6.71
CA LEU B 189 32.88 8.90 5.96
C LEU B 189 31.46 8.34 5.75
N GLY B 190 31.35 7.05 5.44
CA GLY B 190 30.05 6.40 5.28
C GLY B 190 29.18 6.45 6.52
N ASN B 191 29.77 6.11 7.66
CA ASN B 191 29.03 6.04 8.92
C ASN B 191 28.66 7.39 9.52
N LEU B 192 29.44 8.43 9.24
CA LEU B 192 29.14 9.78 9.71
C LEU B 192 27.75 10.20 9.23
N PRO B 193 26.93 10.76 10.14
CA PRO B 193 25.55 11.13 9.90
C PRO B 193 25.50 12.39 9.04
N PRO B 194 24.41 12.55 8.26
CA PRO B 194 24.38 13.50 7.17
C PRO B 194 24.28 14.95 7.61
N ASN B 195 24.00 15.16 8.89
CA ASN B 195 23.98 16.54 9.39
C ASN B 195 25.41 17.11 9.53
N LEU B 196 26.41 16.21 9.57
CA LEU B 196 27.83 16.54 9.69
C LEU B 196 28.52 16.23 8.35
N CYS B 197 28.20 15.07 7.77
CA CYS B 197 28.81 14.66 6.51
C CYS B 197 27.98 15.16 5.31
N HIS B 198 28.18 16.41 4.91
CA HIS B 198 27.54 17.02 3.73
C HIS B 198 28.60 17.38 2.66
N PRO B 199 28.21 17.99 1.51
CA PRO B 199 29.25 18.17 0.49
C PRO B 199 30.43 19.10 0.88
N SER B 200 30.16 20.19 1.55
CA SER B 200 31.21 21.08 2.04
C SER B 200 32.16 20.41 3.02
N PHE B 201 31.64 19.51 3.87
CA PHE B 201 32.51 18.70 4.74
C PHE B 201 33.52 17.88 3.96
N LEU B 202 33.04 17.15 2.95
CA LEU B 202 33.92 16.37 2.09
C LEU B 202 34.93 17.22 1.33
N ALA B 203 34.51 18.38 0.84
CA ALA B 203 35.44 19.34 0.25
C ALA B 203 36.51 19.60 1.28
N GLU B 204 36.10 19.90 2.52
CA GLU B 204 37.06 20.18 3.58
C GLU B 204 37.99 19.03 3.89
N GLN B 205 37.47 17.81 3.90
CA GLN B 205 38.31 16.64 4.05
C GLN B 205 39.28 16.53 2.87
N ALA B 206 38.90 16.96 1.67
CA ALA B 206 39.77 16.77 0.49
C ALA B 206 40.94 17.76 0.49
N LYS B 207 40.62 19.03 0.74
CA LYS B 207 41.60 20.10 0.83
C LYS B 207 42.67 19.79 1.87
N GLU B 208 42.29 19.25 3.04
CA GLU B 208 43.25 18.86 4.09
C GLU B 208 44.14 17.72 3.59
N LEU B 209 43.54 16.73 2.91
CA LEU B 209 44.33 15.68 2.27
C LEU B 209 45.41 16.22 1.28
N GLY B 210 45.03 17.14 0.40
CA GLY B 210 45.94 17.73 -0.58
C GLY B 210 47.07 18.54 0.04
N LYS B 211 46.78 19.20 1.15
CA LYS B 211 47.80 19.90 1.94
C LYS B 211 48.85 18.93 2.47
N ALA B 212 48.42 17.72 2.81
CA ALA B 212 49.30 16.71 3.41
C ALA B 212 50.22 15.98 2.44
N HIS B 213 49.96 16.10 1.13
CA HIS B 213 50.75 15.34 0.14
C HIS B 213 51.13 16.19 -1.07
N LYS B 214 52.44 16.26 -1.33
CA LYS B 214 52.99 17.09 -2.40
C LYS B 214 52.67 16.54 -3.78
N ALA B 215 52.63 15.22 -3.91
CA ALA B 215 52.16 14.54 -5.14
C ALA B 215 50.69 14.79 -5.49
N LEU B 216 49.92 15.31 -4.52
CA LEU B 216 48.44 15.47 -4.66
C LEU B 216 48.02 16.94 -4.67
N LYS B 217 47.32 17.35 -5.71
CA LYS B 217 46.69 18.66 -5.73
C LYS B 217 45.16 18.52 -5.72
N VAL B 218 44.49 19.32 -4.89
CA VAL B 218 43.04 19.25 -4.79
C VAL B 218 42.38 20.55 -5.21
N GLU B 219 41.27 20.43 -5.92
CA GLU B 219 40.53 21.56 -6.41
C GLU B 219 39.04 21.34 -6.08
N VAL B 220 38.35 22.37 -5.63
CA VAL B 220 36.95 22.27 -5.24
C VAL B 220 36.08 23.22 -6.03
N LEU B 221 35.16 22.66 -6.80
CA LEU B 221 34.23 23.39 -7.62
C LEU B 221 32.89 23.63 -6.86
N ASP B 222 32.54 24.89 -6.61
CA ASP B 222 31.28 25.20 -5.90
C ASP B 222 30.00 25.18 -6.77
N GLU B 223 28.85 25.43 -6.15
CA GLU B 223 27.55 25.46 -6.87
C GLU B 223 27.62 26.36 -8.13
N LYS B 224 28.21 27.55 -8.00
CA LYS B 224 28.24 28.53 -9.09
C LYS B 224 29.01 28.01 -10.31
N LYS B 225 30.17 27.42 -10.04
CA LYS B 225 31.05 26.84 -11.03
C LYS B 225 30.40 25.63 -11.73
N ILE B 226 29.85 24.69 -10.96
CA ILE B 226 29.10 23.55 -11.53
C ILE B 226 28.07 24.04 -12.56
N LYS B 227 27.33 25.10 -12.21
CA LYS B 227 26.34 25.67 -13.10
C LYS B 227 26.96 26.34 -14.31
N ASP B 228 28.02 27.10 -14.07
CA ASP B 228 28.65 27.85 -15.14
C ASP B 228 29.28 26.94 -16.16
N LEU B 229 29.81 25.80 -15.73
CA LEU B 229 30.29 24.79 -16.68
C LEU B 229 29.20 24.11 -17.51
N GLY B 230 27.94 24.51 -17.32
CA GLY B 230 26.81 23.87 -18.00
C GLY B 230 26.33 22.52 -17.45
N MET B 231 26.58 22.25 -16.17
CA MET B 231 26.24 20.96 -15.53
C MET B 231 24.79 20.93 -15.01
N GLY B 232 23.83 20.95 -15.94
CA GLY B 232 22.45 21.16 -15.60
C GLY B 232 21.89 20.01 -14.78
N ALA B 233 22.32 18.80 -15.07
CA ALA B 233 21.89 17.63 -14.31
C ALA B 233 22.45 17.67 -12.87
N PHE B 234 23.76 17.80 -12.73
CA PHE B 234 24.40 17.92 -11.42
C PHE B 234 23.76 19.06 -10.59
N TYR B 235 23.66 20.28 -11.18
CA TYR B 235 23.00 21.39 -10.51
C TYR B 235 21.56 21.09 -10.13
N ALA B 236 20.83 20.43 -11.04
CA ALA B 236 19.43 20.11 -10.82
C ALA B 236 19.27 19.32 -9.52
N VAL B 237 20.15 18.34 -9.32
CA VAL B 237 20.12 17.51 -8.13
C VAL B 237 20.37 18.30 -6.85
N GLY B 238 21.46 19.06 -6.79
CA GLY B 238 21.82 19.72 -5.55
C GLY B 238 20.99 20.93 -5.17
N GLN B 239 20.20 21.44 -6.10
CA GLN B 239 19.56 22.77 -5.91
C GLN B 239 18.44 22.83 -4.84
N GLY B 240 17.80 21.71 -4.49
CA GLY B 240 16.74 21.75 -3.49
C GLY B 240 17.21 22.00 -2.07
N SER B 241 18.50 21.81 -1.82
CA SER B 241 19.05 21.80 -0.46
C SER B 241 19.68 23.12 -0.05
N ASP B 242 19.75 23.36 1.26
CA ASP B 242 20.54 24.45 1.83
C ASP B 242 22.03 24.12 1.80
N GLN B 243 22.36 22.84 1.79
CA GLN B 243 23.77 22.44 1.61
C GLN B 243 24.14 22.31 0.12
N PRO B 244 24.96 23.25 -0.41
CA PRO B 244 25.10 23.27 -1.85
C PRO B 244 26.00 22.14 -2.34
N PRO B 245 25.97 21.89 -3.65
CA PRO B 245 26.83 20.83 -4.18
C PRO B 245 28.32 21.22 -4.33
N ARG B 246 29.16 20.19 -4.33
CA ARG B 246 30.59 20.31 -4.63
C ARG B 246 31.04 19.20 -5.58
N LEU B 247 31.85 19.57 -6.58
CA LEU B 247 32.70 18.62 -7.33
C LEU B 247 34.17 18.73 -6.90
N ILE B 248 34.68 17.63 -6.37
CA ILE B 248 35.98 17.62 -5.78
C ILE B 248 36.91 16.85 -6.71
N VAL B 249 38.03 17.52 -7.03
CA VAL B 249 39.10 17.01 -7.90
C VAL B 249 40.32 16.75 -7.03
N LEU B 250 40.68 15.48 -6.91
CA LEU B 250 41.86 15.06 -6.17
C LEU B 250 42.83 14.47 -7.16
N ASN B 251 43.90 15.21 -7.43
CA ASN B 251 44.76 14.89 -8.58
C ASN B 251 46.14 14.37 -8.14
N TYR B 252 46.29 13.04 -8.16
CA TYR B 252 47.49 12.37 -7.74
C TYR B 252 48.43 12.14 -8.89
N GLN B 253 49.59 12.80 -8.89
CA GLN B 253 50.54 12.61 -9.99
C GLN B 253 51.64 11.70 -9.48
N GLY B 254 51.51 10.39 -9.68
CA GLY B 254 52.53 9.43 -9.25
C GLY B 254 53.45 8.80 -10.29
N GLY B 255 53.11 8.95 -11.58
CA GLY B 255 53.94 8.47 -12.68
C GLY B 255 54.46 9.62 -13.51
N LYS B 256 54.93 9.30 -14.74
CA LYS B 256 55.45 10.26 -15.73
C LYS B 256 54.39 11.30 -16.01
N LYS B 257 54.81 12.52 -16.29
CA LYS B 257 53.89 13.58 -16.70
C LYS B 257 53.04 13.16 -17.90
N ALA B 258 53.66 12.43 -18.84
CA ALA B 258 52.94 11.93 -20.03
C ALA B 258 52.15 10.61 -19.84
N ASP B 259 52.26 9.96 -18.66
CA ASP B 259 51.42 8.78 -18.36
C ASP B 259 49.93 9.20 -18.29
N LYS B 260 49.11 8.53 -19.08
CA LYS B 260 47.66 8.75 -19.07
C LYS B 260 47.04 8.34 -17.73
N PRO B 261 46.27 9.26 -17.10
CA PRO B 261 45.76 9.01 -15.75
C PRO B 261 44.64 7.97 -15.68
N PHE B 262 44.48 7.36 -14.52
CA PHE B 262 43.31 6.58 -14.20
C PHE B 262 42.35 7.51 -13.44
N VAL B 263 41.09 7.48 -13.86
CA VAL B 263 40.09 8.37 -13.29
C VAL B 263 38.99 7.60 -12.56
N LEU B 264 38.90 7.80 -11.24
CA LEU B 264 37.77 7.30 -10.44
C LEU B 264 36.75 8.37 -10.19
N VAL B 265 35.49 8.07 -10.52
CA VAL B 265 34.36 8.94 -10.30
C VAL B 265 33.47 8.38 -9.19
N GLY B 266 33.26 9.18 -8.15
CA GLY B 266 32.48 8.70 -7.01
C GLY B 266 31.19 9.43 -6.82
N LYS B 267 30.08 8.69 -6.84
CA LYS B 267 28.77 9.23 -6.45
C LYS B 267 28.78 9.67 -4.98
N GLY B 268 28.65 10.98 -4.76
CA GLY B 268 28.66 11.49 -3.37
C GLY B 268 27.36 12.14 -2.89
N ILE B 269 26.23 11.43 -2.99
CA ILE B 269 24.98 11.98 -2.50
C ILE B 269 24.93 11.79 -1.00
N THR B 270 25.11 12.88 -0.25
CA THR B 270 25.48 12.72 1.17
C THR B 270 24.25 12.44 2.00
N PHE B 271 23.10 12.86 1.48
CA PHE B 271 21.83 12.28 1.94
C PHE B 271 20.83 12.25 0.78
N ASP B 272 20.14 11.12 0.66
CA ASP B 272 19.15 10.95 -0.39
C ASP B 272 17.72 10.80 0.14
N THR B 273 16.90 11.86 0.05
CA THR B 273 15.52 11.78 0.52
C THR B 273 14.60 11.33 -0.63
N GLY B 274 15.18 11.22 -1.84
CA GLY B 274 14.37 11.12 -3.06
C GLY B 274 14.04 12.47 -3.67
N GLY B 275 14.12 13.55 -2.88
CA GLY B 275 13.66 14.86 -3.35
C GLY B 275 12.14 14.84 -3.44
N ILE B 276 11.60 15.62 -4.38
CA ILE B 276 10.15 15.71 -4.58
C ILE B 276 9.52 14.35 -4.82
N SER B 277 10.26 13.44 -5.50
CA SER B 277 9.88 12.02 -5.57
C SER B 277 10.29 11.34 -4.28
N LEU B 278 9.69 11.80 -3.18
CA LEU B 278 10.11 11.46 -1.84
C LEU B 278 10.03 9.99 -1.56
N LYS B 279 11.06 9.45 -0.93
CA LYS B 279 11.10 8.07 -0.42
C LYS B 279 10.15 7.86 0.75
N PRO B 280 9.71 6.59 0.98
CA PRO B 280 9.03 6.22 2.22
C PRO B 280 9.97 6.33 3.43
N GLY B 281 9.36 6.54 4.61
CA GLY B 281 10.10 6.71 5.85
C GLY B 281 10.94 5.52 6.28
N ALA B 282 10.38 4.31 6.18
CA ALA B 282 11.03 3.10 6.75
C ALA B 282 12.42 2.92 6.17
N GLY B 283 13.41 2.86 7.06
CA GLY B 283 14.81 2.66 6.65
C GLY B 283 15.49 3.82 5.92
N MET B 284 14.88 5.02 5.91
CA MET B 284 15.51 6.11 5.15
C MET B 284 16.86 6.54 5.75
N ASP B 285 17.09 6.25 7.04
CA ASP B 285 18.38 6.57 7.67
C ASP B 285 19.61 5.98 6.92
N GLU B 286 19.37 4.86 6.24
CA GLU B 286 20.43 4.22 5.49
C GLU B 286 20.88 5.04 4.28
N MET B 287 20.09 6.07 3.93
CA MET B 287 20.43 6.90 2.77
C MET B 287 21.63 7.84 3.03
N LYS B 288 22.28 7.68 4.18
CA LYS B 288 23.52 8.41 4.47
C LYS B 288 24.69 7.64 3.82
N TYR B 289 24.42 6.41 3.42
CA TYR B 289 25.37 5.59 2.72
C TYR B 289 25.30 5.83 1.22
N ASP B 290 24.49 6.79 0.80
CA ASP B 290 24.40 7.08 -0.62
C ASP B 290 25.61 7.87 -1.11
N MET B 291 26.59 8.06 -0.21
CA MET B 291 27.81 8.77 -0.56
C MET B 291 28.96 7.75 -0.57
N CYS B 292 28.63 6.48 -0.47
CA CYS B 292 29.66 5.45 -0.31
C CYS B 292 30.59 5.24 -1.52
N GLY B 293 30.08 5.57 -2.72
CA GLY B 293 30.93 5.56 -3.92
C GLY B 293 32.00 6.66 -3.86
N ALA B 294 31.63 7.87 -3.41
CA ALA B 294 32.65 8.91 -3.21
C ALA B 294 33.62 8.48 -2.07
N ALA B 295 33.09 7.80 -1.05
CA ALA B 295 33.91 7.39 0.09
C ALA B 295 34.94 6.33 -0.28
N SER B 296 34.53 5.38 -1.12
CA SER B 296 35.49 4.37 -1.62
C SER B 296 36.59 4.99 -2.50
N VAL B 297 36.28 6.02 -3.25
CA VAL B 297 37.31 6.74 -4.01
C VAL B 297 38.35 7.38 -3.07
N PHE B 298 37.84 8.08 -2.05
CA PHE B 298 38.66 8.61 -0.97
C PHE B 298 39.59 7.54 -0.37
N GLY B 299 39.01 6.39 -0.02
CA GLY B 299 39.79 5.35 0.62
C GLY B 299 40.86 4.81 -0.28
N THR B 300 40.48 4.51 -1.51
CA THR B 300 41.40 4.03 -2.51
C THR B 300 42.55 5.01 -2.69
N LEU B 301 42.24 6.31 -2.78
CA LEU B 301 43.29 7.34 -2.87
C LEU B 301 44.19 7.26 -1.62
N ARG B 302 43.73 7.18 -0.21
CA ARG B 302 44.55 6.77 0.95
C ARG B 302 45.50 5.59 0.63
N ALA B 303 44.93 4.54 0.23
CA ALA B 303 45.78 3.35 0.06
C ALA B 303 46.89 3.56 -0.97
N VAL B 304 46.52 4.15 -2.11
CA VAL B 304 47.46 4.60 -3.11
C VAL B 304 48.54 5.52 -2.51
N LEU B 305 48.14 6.51 -1.72
CA LEU B 305 49.10 7.38 -1.07
C LEU B 305 50.00 6.62 -0.09
N GLU B 306 49.43 5.66 0.63
CA GLU B 306 50.23 4.86 1.56
C GLU B 306 51.23 4.03 0.77
N LEU B 307 50.84 3.64 -0.44
CA LEU B 307 51.69 2.79 -1.26
C LEU B 307 52.69 3.54 -2.17
N GLN B 308 52.50 4.85 -2.29
CA GLN B 308 53.22 5.67 -3.26
C GLN B 308 53.32 4.99 -4.62
N LEU B 309 52.16 4.63 -5.15
CA LEU B 309 52.06 3.97 -6.43
C LEU B 309 52.48 4.87 -7.59
N PRO B 310 53.22 4.31 -8.57
CA PRO B 310 53.74 5.13 -9.69
C PRO B 310 52.74 5.28 -10.87
N VAL B 311 51.56 5.78 -10.56
CA VAL B 311 50.55 6.02 -11.58
C VAL B 311 49.98 7.40 -11.39
N ASN B 312 49.31 7.90 -12.42
CA ASN B 312 48.55 9.13 -12.28
C ASN B 312 47.08 8.78 -11.99
N LEU B 313 46.49 9.44 -11.00
CA LEU B 313 45.14 9.10 -10.52
C LEU B 313 44.32 10.34 -10.28
N VAL B 314 43.20 10.44 -10.98
CA VAL B 314 42.34 11.59 -10.85
C VAL B 314 41.05 11.11 -10.23
N CYS B 315 40.78 11.66 -9.05
CA CYS B 315 39.57 11.37 -8.32
C CYS B 315 38.60 12.55 -8.45
N LEU B 316 37.37 12.23 -8.88
CA LEU B 316 36.29 13.20 -9.05
C LEU B 316 35.12 12.77 -8.20
N LEU B 317 34.84 13.61 -7.20
CA LEU B 317 33.74 13.35 -6.25
C LEU B 317 32.52 14.18 -6.58
N ALA B 318 31.46 13.54 -7.06
CA ALA B 318 30.24 14.24 -7.43
C ALA B 318 29.34 14.38 -6.21
N CYS B 319 29.48 15.49 -5.49
CA CYS B 319 28.76 15.62 -4.22
C CYS B 319 27.55 16.57 -4.20
N ALA B 320 26.44 16.08 -3.65
CA ALA B 320 25.24 16.89 -3.43
C ALA B 320 24.33 16.25 -2.39
N GLU B 321 23.38 17.03 -1.91
CA GLU B 321 22.38 16.53 -0.98
C GLU B 321 21.03 16.65 -1.65
N ASN B 322 20.24 15.56 -1.64
CA ASN B 322 18.98 15.46 -2.39
C ASN B 322 17.78 15.65 -1.45
N MET B 323 17.22 16.86 -1.50
CA MET B 323 16.25 17.35 -0.52
C MET B 323 15.00 17.91 -1.23
N PRO B 324 13.80 17.69 -0.64
CA PRO B 324 12.59 18.37 -1.10
C PRO B 324 12.57 19.84 -0.64
N SER B 325 12.03 20.75 -1.45
CA SER B 325 11.79 22.14 -1.01
C SER B 325 11.12 22.93 -2.09
N GLY B 326 10.86 24.20 -1.80
CA GLY B 326 10.15 25.07 -2.71
C GLY B 326 11.01 25.50 -3.87
N GLY B 327 12.25 25.03 -3.89
CA GLY B 327 13.16 25.33 -4.98
C GLY B 327 13.75 24.08 -5.60
N ALA B 328 13.24 22.91 -5.19
CA ALA B 328 13.80 21.61 -5.60
C ALA B 328 13.47 21.30 -7.04
N THR B 329 14.23 20.41 -7.68
CA THR B 329 13.89 19.96 -9.02
C THR B 329 12.53 19.24 -8.97
N ARG B 330 11.72 19.40 -10.02
CA ARG B 330 10.47 18.65 -10.18
C ARG B 330 10.56 17.51 -11.21
N PRO B 331 9.88 16.37 -10.95
CA PRO B 331 9.60 15.40 -12.03
C PRO B 331 9.04 16.08 -13.27
N GLY B 332 9.53 15.72 -14.47
CA GLY B 332 9.14 16.44 -15.70
C GLY B 332 10.09 17.60 -16.06
N ASP B 333 10.97 18.03 -15.14
CA ASP B 333 12.00 19.04 -15.51
C ASP B 333 12.87 18.50 -16.61
N ILE B 334 13.23 19.38 -17.54
CA ILE B 334 14.19 19.04 -18.59
C ILE B 334 15.39 19.95 -18.45
N VAL B 335 16.57 19.37 -18.30
CA VAL B 335 17.79 20.18 -18.13
C VAL B 335 18.76 19.88 -19.27
N THR B 336 19.79 20.70 -19.41
CA THR B 336 20.77 20.51 -20.44
C THR B 336 22.06 20.11 -19.74
N THR B 337 22.56 18.91 -20.02
CA THR B 337 23.79 18.47 -19.39
C THR B 337 25.04 19.12 -20.01
N MET B 338 26.21 18.83 -19.44
CA MET B 338 27.47 19.42 -19.91
C MET B 338 27.79 19.02 -21.33
N SER B 339 27.43 17.79 -21.68
CA SER B 339 27.66 17.22 -23.00
C SER B 339 26.74 17.78 -24.07
N GLY B 340 25.85 18.70 -23.71
CA GLY B 340 24.82 19.16 -24.65
C GLY B 340 23.54 18.34 -24.68
N GLN B 341 23.63 17.02 -24.40
CA GLN B 341 22.46 16.13 -24.31
C GLN B 341 21.44 16.60 -23.27
N THR B 342 20.16 16.67 -23.66
CA THR B 342 19.10 17.06 -22.72
C THR B 342 18.56 15.82 -22.04
N VAL B 343 18.05 16.03 -20.83
CA VAL B 343 17.56 14.95 -19.97
C VAL B 343 16.25 15.39 -19.31
N GLU B 344 15.23 14.55 -19.52
CA GLU B 344 13.99 14.70 -18.81
C GLU B 344 14.08 13.95 -17.46
N ILE B 345 14.00 14.68 -16.37
CA ILE B 345 14.05 14.10 -15.03
C ILE B 345 12.66 13.59 -14.62
N LEU B 346 12.33 12.36 -14.96
CA LEU B 346 11.02 11.82 -14.71
C LEU B 346 10.81 11.48 -13.22
N ASN B 347 11.93 11.23 -12.55
CA ASN B 347 11.96 10.79 -11.19
C ASN B 347 13.20 11.35 -10.50
N THR B 348 12.98 12.18 -9.50
CA THR B 348 14.05 12.89 -8.81
C THR B 348 14.84 12.01 -7.86
N ASP B 349 14.35 10.80 -7.63
CA ASP B 349 15.02 9.79 -6.84
C ASP B 349 15.99 8.94 -7.68
N ALA B 350 16.09 9.25 -8.98
CA ALA B 350 17.16 8.65 -9.75
C ALA B 350 18.14 9.79 -10.04
N GLU B 351 18.82 10.23 -8.98
CA GLU B 351 19.59 11.46 -9.01
C GLU B 351 21.11 11.24 -9.10
N GLY B 352 21.57 10.02 -8.75
CA GLY B 352 22.98 9.63 -8.79
C GLY B 352 23.54 9.63 -10.22
N ARG B 353 22.87 8.93 -11.13
CA ARG B 353 23.17 9.03 -12.57
C ARG B 353 23.22 10.46 -13.11
N LEU B 354 22.50 11.38 -12.49
CA LEU B 354 22.51 12.77 -12.93
C LEU B 354 23.77 13.49 -12.52
N VAL B 355 24.22 13.30 -11.29
CA VAL B 355 25.50 13.93 -10.89
C VAL B 355 26.65 13.20 -11.58
N LEU B 356 26.49 11.88 -11.80
CA LEU B 356 27.54 11.13 -12.47
C LEU B 356 27.69 11.56 -13.93
N CYS B 357 26.58 11.81 -14.64
CA CYS B 357 26.66 12.03 -16.10
C CYS B 357 27.44 13.29 -16.46
N ASP B 358 27.25 14.35 -15.67
CA ASP B 358 27.97 15.60 -15.89
C ASP B 358 29.43 15.43 -15.50
N THR B 359 29.69 14.65 -14.44
CA THR B 359 31.06 14.40 -13.98
C THR B 359 31.83 13.49 -14.97
N LEU B 360 31.13 12.59 -15.67
CA LEU B 360 31.78 11.78 -16.74
C LEU B 360 32.24 12.67 -17.92
N THR B 361 31.41 13.65 -18.29
CA THR B 361 31.76 14.61 -19.35
C THR B 361 32.98 15.40 -18.93
N TYR B 362 33.03 15.76 -17.65
CA TYR B 362 34.14 16.49 -17.07
C TYR B 362 35.43 15.68 -17.17
N ALA B 363 35.33 14.38 -16.89
CA ALA B 363 36.46 13.45 -16.95
C ALA B 363 37.25 13.54 -18.24
N GLU B 364 36.60 13.94 -19.34
CA GLU B 364 37.22 13.98 -20.67
C GLU B 364 38.49 14.79 -20.72
N ARG B 365 38.49 15.96 -20.10
CA ARG B 365 39.62 16.89 -20.16
C ARG B 365 40.94 16.28 -19.70
N PHE B 366 40.86 15.19 -18.94
CA PHE B 366 42.06 14.57 -18.34
C PHE B 366 42.73 13.55 -19.26
N LYS B 367 42.11 13.30 -20.43
CA LYS B 367 42.63 12.35 -21.41
C LYS B 367 42.95 10.99 -20.74
N PRO B 368 41.98 10.41 -20.01
CA PRO B 368 42.25 9.21 -19.19
C PRO B 368 42.42 7.95 -20.05
N GLN B 369 43.14 6.96 -19.50
CA GLN B 369 43.32 5.66 -20.17
C GLN B 369 42.26 4.67 -19.68
N ALA B 370 41.61 5.04 -18.58
CA ALA B 370 40.47 4.31 -18.02
C ALA B 370 39.68 5.21 -17.03
N VAL B 371 38.36 5.27 -17.20
CA VAL B 371 37.48 5.95 -16.24
C VAL B 371 36.57 4.89 -15.60
N ILE B 372 36.57 4.84 -14.26
CA ILE B 372 35.66 3.94 -13.53
C ILE B 372 34.75 4.70 -12.56
N ASP B 373 33.43 4.58 -12.70
CA ASP B 373 32.54 5.29 -11.77
C ASP B 373 32.02 4.28 -10.80
N ILE B 374 31.80 4.71 -9.56
CA ILE B 374 31.39 3.83 -8.46
C ILE B 374 30.22 4.53 -7.75
N ALA B 375 29.12 3.81 -7.57
CA ALA B 375 27.86 4.39 -7.11
C ALA B 375 26.93 3.38 -6.44
N THR B 376 26.24 3.83 -5.37
CA THR B 376 25.16 3.09 -4.72
C THR B 376 23.94 3.49 -5.50
N LEU B 377 23.82 2.93 -6.68
CA LEU B 377 23.03 3.58 -7.71
C LEU B 377 21.57 3.16 -7.76
N THR B 378 21.30 1.88 -7.51
CA THR B 378 19.96 1.35 -7.75
C THR B 378 19.62 0.24 -6.79
N GLY B 379 18.37 0.27 -6.32
CA GLY B 379 17.76 -0.82 -5.54
C GLY B 379 17.62 -2.08 -6.39
N ALA B 380 17.34 -1.88 -7.68
CA ALA B 380 17.29 -2.99 -8.64
C ALA B 380 18.52 -3.91 -8.54
N CYS B 381 19.69 -3.32 -8.30
CA CYS B 381 20.91 -4.10 -8.11
C CYS B 381 20.91 -5.00 -6.85
N ILE B 382 20.21 -4.58 -5.79
CA ILE B 382 20.09 -5.40 -4.59
C ILE B 382 19.26 -6.64 -4.96
N VAL B 383 18.22 -6.43 -5.76
CA VAL B 383 17.42 -7.55 -6.31
C VAL B 383 18.27 -8.46 -7.22
N ALA B 384 19.01 -7.86 -8.14
CA ALA B 384 19.85 -8.61 -9.06
C ALA B 384 20.98 -9.43 -8.38
N LEU B 385 21.76 -8.80 -7.51
CA LEU B 385 22.97 -9.44 -7.00
C LEU B 385 23.12 -9.42 -5.48
N GLY B 386 22.18 -8.79 -4.77
CA GLY B 386 22.15 -8.90 -3.33
C GLY B 386 23.38 -8.30 -2.67
N SER B 387 23.82 -8.92 -1.58
CA SER B 387 24.76 -8.22 -0.74
C SER B 387 26.23 -8.57 -0.95
N HIS B 388 26.52 -9.57 -1.78
CA HIS B 388 27.86 -10.15 -1.78
C HIS B 388 28.70 -9.76 -2.98
N THR B 389 27.99 -9.32 -4.01
CA THR B 389 28.62 -9.13 -5.30
C THR B 389 28.29 -7.79 -5.94
N THR B 390 29.32 -7.02 -6.22
CA THR B 390 29.18 -5.75 -6.92
C THR B 390 28.84 -5.94 -8.41
N GLY B 391 27.81 -5.25 -8.89
CA GLY B 391 27.46 -5.31 -10.29
C GLY B 391 28.41 -4.47 -11.11
N LEU B 392 28.76 -4.93 -12.30
CA LEU B 392 29.70 -4.20 -13.13
C LEU B 392 29.27 -4.23 -14.59
N MET B 393 29.40 -3.06 -15.22
CA MET B 393 29.03 -2.87 -16.62
C MET B 393 30.11 -2.01 -17.26
N GLY B 394 30.24 -2.04 -18.58
CA GLY B 394 31.18 -1.13 -19.24
C GLY B 394 31.20 -1.24 -20.74
N ASN B 395 31.82 -0.24 -21.40
CA ASN B 395 31.94 -0.11 -22.88
C ASN B 395 33.23 -0.74 -23.45
N ASN B 396 33.96 -1.46 -22.60
CA ASN B 396 35.24 -2.04 -23.00
C ASN B 396 35.55 -3.33 -22.23
N ASP B 397 35.66 -4.45 -22.95
CA ASP B 397 35.75 -5.77 -22.33
C ASP B 397 37.03 -6.03 -21.54
N ASP B 398 38.16 -5.49 -22.01
CA ASP B 398 39.42 -5.67 -21.27
C ASP B 398 39.44 -4.96 -19.90
N LEU B 399 38.93 -3.72 -19.85
CA LEU B 399 38.76 -2.98 -18.59
C LEU B 399 37.81 -3.69 -17.63
N VAL B 400 36.74 -4.27 -18.15
CA VAL B 400 35.82 -5.07 -17.32
C VAL B 400 36.55 -6.30 -16.76
N GLY B 401 37.32 -6.97 -17.61
CA GLY B 401 38.07 -8.18 -17.28
C GLY B 401 39.17 -7.93 -16.26
N GLN B 402 39.77 -6.74 -16.33
CA GLN B 402 40.76 -6.34 -15.35
C GLN B 402 40.10 -6.15 -14.00
N LEU B 403 38.92 -5.50 -13.99
CA LEU B 403 38.17 -5.24 -12.76
C LEU B 403 37.60 -6.54 -12.13
N LEU B 404 36.92 -7.33 -12.94
CA LEU B 404 36.50 -8.66 -12.53
C LEU B 404 37.67 -9.43 -11.88
N ASP B 405 38.84 -9.42 -12.53
CA ASP B 405 39.95 -10.24 -12.07
C ASP B 405 40.48 -9.66 -10.78
N ALA B 406 40.72 -8.35 -10.77
CA ALA B 406 41.16 -7.67 -9.57
C ALA B 406 40.27 -8.02 -8.36
N GLY B 407 38.94 -7.97 -8.55
CA GLY B 407 38.00 -8.46 -7.53
C GLY B 407 38.10 -9.91 -7.06
N LYS B 408 38.49 -10.81 -7.94
CA LYS B 408 38.71 -12.21 -7.53
C LYS B 408 39.96 -12.33 -6.64
N ARG B 409 41.06 -11.68 -7.02
CA ARG B 409 42.29 -11.77 -6.22
C ARG B 409 42.12 -11.03 -4.89
N ALA B 410 41.34 -9.96 -4.91
CA ALA B 410 41.18 -9.15 -3.73
C ALA B 410 40.23 -9.79 -2.70
N ASP B 411 39.47 -10.78 -3.16
CA ASP B 411 38.27 -11.30 -2.46
C ASP B 411 37.20 -10.23 -2.17
N ASP B 412 36.97 -9.40 -3.18
CA ASP B 412 35.95 -8.37 -3.15
C ASP B 412 35.31 -8.38 -4.56
N ARG B 413 34.55 -9.42 -4.84
CA ARG B 413 34.06 -9.74 -6.16
C ARG B 413 33.03 -8.79 -6.80
N ALA B 414 33.15 -8.64 -8.11
CA ALA B 414 32.14 -8.02 -8.97
C ALA B 414 31.55 -9.08 -9.88
N TRP B 415 30.64 -8.67 -10.74
CA TRP B 415 30.00 -9.55 -11.69
C TRP B 415 29.45 -8.70 -12.81
N GLN B 416 29.73 -9.09 -14.05
CA GLN B 416 29.30 -8.29 -15.20
C GLN B 416 27.81 -8.43 -15.49
N LEU B 417 27.17 -7.29 -15.77
CA LEU B 417 25.80 -7.20 -16.32
C LEU B 417 25.89 -6.62 -17.74
N PRO B 418 24.93 -6.93 -18.61
CA PRO B 418 25.05 -6.53 -20.03
C PRO B 418 24.50 -5.14 -20.35
N LEU B 419 25.10 -4.42 -21.29
CA LEU B 419 24.49 -3.17 -21.78
C LEU B 419 24.06 -3.33 -23.24
N PHE B 420 23.22 -4.30 -23.51
CA PHE B 420 22.71 -4.52 -24.87
C PHE B 420 22.00 -3.28 -25.42
N ASP B 421 22.16 -3.03 -26.71
CA ASP B 421 21.50 -1.88 -27.37
C ASP B 421 19.97 -1.85 -27.20
N GLU B 422 19.37 -3.02 -27.00
CA GLU B 422 17.92 -3.15 -26.86
C GLU B 422 17.35 -2.57 -25.55
N TYR B 423 18.20 -2.46 -24.52
CA TYR B 423 17.82 -1.80 -23.27
C TYR B 423 17.75 -0.28 -23.37
N GLN B 424 18.42 0.28 -24.39
CA GLN B 424 18.54 1.74 -24.60
C GLN B 424 17.21 2.46 -24.88
N GLU B 425 16.33 1.83 -25.66
CA GLU B 425 15.02 2.41 -26.01
C GLU B 425 14.13 2.64 -24.80
N GLN B 426 14.44 1.98 -23.69
CA GLN B 426 13.77 2.26 -22.41
C GLN B 426 14.04 3.69 -21.86
N LEU B 427 15.11 4.32 -22.34
CA LEU B 427 15.41 5.68 -21.93
C LEU B 427 14.74 6.73 -22.82
N ASP B 428 14.00 6.26 -23.81
CA ASP B 428 13.37 7.13 -24.77
C ASP B 428 12.44 8.09 -24.05
N SER B 429 12.46 9.34 -24.50
CA SER B 429 11.59 10.38 -24.01
C SER B 429 10.94 11.01 -25.22
N PRO B 430 9.64 11.37 -25.12
CA PRO B 430 9.07 12.03 -26.26
C PRO B 430 9.46 13.52 -26.38
N PHE B 431 10.15 14.07 -25.37
CA PHE B 431 10.51 15.52 -25.38
C PHE B 431 12.03 15.77 -25.36
N ALA B 432 12.77 15.09 -24.50
CA ALA B 432 14.21 15.32 -24.37
C ALA B 432 14.96 14.27 -25.17
N ASP B 433 16.31 14.32 -25.18
CA ASP B 433 17.11 13.24 -25.81
C ASP B 433 16.99 11.90 -25.06
N MET B 434 16.77 11.96 -23.74
CA MET B 434 16.54 10.76 -22.90
C MET B 434 15.77 11.11 -21.60
N GLY B 435 15.08 10.13 -21.05
CA GLY B 435 14.55 10.21 -19.71
C GLY B 435 15.58 9.65 -18.75
N ASN B 436 15.57 10.10 -17.49
CA ASN B 436 16.49 9.55 -16.52
C ASN B 436 16.09 8.19 -15.90
N ILE B 437 14.93 7.61 -16.26
CA ILE B 437 14.56 6.25 -15.82
C ILE B 437 14.00 5.39 -16.94
N GLY B 438 14.11 4.07 -16.79
CA GLY B 438 13.62 3.16 -17.82
C GLY B 438 12.54 2.18 -17.41
N GLY B 439 11.98 2.37 -16.21
CA GLY B 439 10.82 1.60 -15.74
C GLY B 439 11.24 0.51 -14.79
N PRO B 440 10.31 -0.44 -14.48
CA PRO B 440 10.62 -1.47 -13.46
C PRO B 440 11.53 -2.62 -13.96
N LYS B 441 11.69 -2.75 -15.27
CA LYS B 441 12.49 -3.83 -15.84
C LYS B 441 13.95 -3.41 -15.99
N ALA B 442 14.87 -4.25 -15.55
CA ALA B 442 16.28 -4.02 -15.84
C ALA B 442 16.81 -2.73 -15.24
N GLY B 443 16.46 -2.43 -13.98
CA GLY B 443 16.84 -1.14 -13.34
C GLY B 443 18.34 -0.86 -13.30
N THR B 444 19.13 -1.87 -12.93
CA THR B 444 20.59 -1.73 -12.84
C THR B 444 21.22 -1.47 -14.22
N ILE B 445 20.81 -2.28 -15.20
CA ILE B 445 21.19 -2.10 -16.59
C ILE B 445 20.83 -0.74 -17.21
N THR B 446 19.60 -0.26 -17.00
CA THR B 446 19.18 0.96 -17.70
C THR B 446 19.96 2.15 -17.11
N ALA B 447 20.20 2.11 -15.81
CA ALA B 447 21.04 3.08 -15.14
C ALA B 447 22.43 3.07 -15.81
N GLY B 448 22.99 1.87 -15.93
CA GLY B 448 24.19 1.62 -16.72
C GLY B 448 24.07 2.17 -18.12
N CYS B 449 22.94 1.95 -18.81
CA CYS B 449 22.79 2.41 -20.19
C CYS B 449 22.85 3.90 -20.28
N PHE B 450 22.25 4.55 -19.28
CA PHE B 450 22.11 5.99 -19.23
C PHE B 450 23.51 6.57 -19.15
N LEU B 451 24.30 6.03 -18.25
CA LEU B 451 25.64 6.56 -18.03
C LEU B 451 26.56 6.35 -19.27
N SER B 452 26.39 5.24 -20.00
CA SER B 452 27.20 4.97 -21.19
C SER B 452 27.07 6.07 -22.26
N ARG B 453 25.95 6.75 -22.30
CA ARG B 453 25.75 7.82 -23.27
C ARG B 453 26.68 9.03 -23.02
N PHE B 454 27.34 9.01 -21.86
CA PHE B 454 28.16 10.13 -21.46
C PHE B 454 29.65 9.75 -21.44
N ALA B 455 29.89 8.45 -21.71
CA ALA B 455 31.18 7.78 -21.56
C ALA B 455 31.89 7.36 -22.87
N LYS B 456 31.42 7.79 -24.05
CA LYS B 456 31.94 7.24 -25.34
C LYS B 456 33.40 7.60 -25.68
N ALA B 457 33.88 8.69 -25.09
CA ALA B 457 35.23 9.20 -25.35
C ALA B 457 36.41 8.34 -24.84
N TYR B 458 36.15 7.45 -23.90
CA TYR B 458 37.24 6.76 -23.23
C TYR B 458 36.87 5.34 -22.80
N ASN B 459 37.84 4.59 -22.32
CA ASN B 459 37.56 3.27 -21.79
C ASN B 459 36.90 3.46 -20.44
N TRP B 460 35.73 2.84 -20.27
CA TRP B 460 34.89 3.13 -19.10
C TRP B 460 34.18 1.92 -18.52
N ALA B 461 34.11 1.89 -17.18
CA ALA B 461 33.33 0.89 -16.45
C ALA B 461 32.53 1.54 -15.31
N HIS B 462 31.43 0.88 -14.94
CA HIS B 462 30.50 1.39 -13.94
C HIS B 462 30.28 0.33 -12.89
N MET B 463 30.39 0.71 -11.63
CA MET B 463 30.25 -0.23 -10.53
C MET B 463 29.02 0.11 -9.68
N ASP B 464 28.05 -0.80 -9.63
CA ASP B 464 26.89 -0.58 -8.76
C ASP B 464 27.16 -1.22 -7.43
N ILE B 465 27.28 -0.41 -6.38
CA ILE B 465 27.59 -0.93 -5.03
C ILE B 465 26.45 -0.83 -4.02
N ALA B 466 25.20 -0.64 -4.48
CA ALA B 466 24.11 -0.36 -3.53
C ALA B 466 23.92 -1.51 -2.52
N GLY B 467 24.36 -2.71 -2.89
CA GLY B 467 24.28 -3.86 -2.00
C GLY B 467 25.57 -4.22 -1.27
N THR B 468 26.71 -3.74 -1.74
CA THR B 468 27.95 -4.18 -1.12
C THR B 468 28.60 -3.11 -0.20
N ALA B 469 28.15 -1.86 -0.35
CA ALA B 469 28.71 -0.75 0.39
C ALA B 469 28.38 -0.74 1.87
N TRP B 470 27.29 -1.38 2.27
CA TRP B 470 26.89 -1.36 3.68
C TRP B 470 26.06 -2.57 4.08
N ILE B 471 25.98 -2.83 5.41
CA ILE B 471 25.16 -3.87 6.03
C ILE B 471 23.96 -3.19 6.74
N SER B 472 22.77 -3.73 6.52
CA SER B 472 21.49 -3.10 6.88
C SER B 472 21.11 -2.96 8.34
N GLY B 473 21.29 -4.04 9.10
CA GLY B 473 20.85 -4.07 10.48
C GLY B 473 21.69 -5.07 11.23
N GLY B 474 21.29 -5.35 12.46
CA GLY B 474 22.06 -6.24 13.31
C GLY B 474 23.35 -5.59 13.80
N LYS B 475 24.02 -6.32 14.70
CA LYS B 475 25.21 -5.83 15.39
C LYS B 475 26.18 -5.09 14.46
N ASP B 476 26.29 -5.55 13.22
CA ASP B 476 27.31 -5.04 12.30
C ASP B 476 26.79 -3.97 11.31
N LYS B 477 25.62 -3.41 11.60
CA LYS B 477 25.07 -2.36 10.76
C LYS B 477 26.18 -1.33 10.44
N GLY B 478 26.40 -1.10 9.16
CA GLY B 478 27.29 -0.06 8.77
C GLY B 478 28.03 -0.31 7.49
N ALA B 479 28.81 0.71 7.13
CA ALA B 479 29.64 0.70 5.92
C ALA B 479 30.64 -0.46 5.96
N THR B 480 30.87 -1.08 4.81
CA THR B 480 31.78 -2.25 4.74
C THR B 480 33.17 -1.84 4.25
N GLY B 481 33.26 -0.66 3.64
CA GLY B 481 34.54 -0.24 3.07
C GLY B 481 34.76 -0.72 1.65
N ARG B 482 33.95 -1.68 1.20
CA ARG B 482 33.92 -2.10 -0.22
C ARG B 482 33.39 -0.97 -1.15
N PRO B 483 34.03 -0.77 -2.28
CA PRO B 483 35.00 -1.71 -2.80
C PRO B 483 36.47 -1.20 -2.86
N VAL B 484 37.01 -0.74 -1.76
CA VAL B 484 38.43 -0.36 -1.73
C VAL B 484 39.41 -1.50 -2.06
N PRO B 485 39.12 -2.76 -1.64
CA PRO B 485 40.02 -3.85 -2.06
C PRO B 485 40.07 -4.06 -3.56
N LEU B 486 38.92 -4.20 -4.20
CA LEU B 486 38.90 -4.32 -5.64
C LEU B 486 39.65 -3.14 -6.27
N LEU B 487 39.26 -1.92 -5.93
CA LEU B 487 39.88 -0.76 -6.61
C LEU B 487 41.39 -0.67 -6.41
N THR B 488 41.85 -1.01 -5.21
CA THR B 488 43.28 -0.94 -4.93
C THR B 488 44.00 -2.07 -5.67
N GLN B 489 43.36 -3.24 -5.74
CA GLN B 489 43.95 -4.37 -6.41
C GLN B 489 44.12 -4.00 -7.87
N TYR B 490 43.09 -3.43 -8.48
CA TYR B 490 43.21 -3.04 -9.87
C TYR B 490 44.38 -2.07 -10.09
N LEU B 491 44.58 -1.14 -9.17
CA LEU B 491 45.65 -0.16 -9.31
C LEU B 491 47.04 -0.76 -9.06
N LEU B 492 47.13 -1.74 -8.16
CA LEU B 492 48.36 -2.47 -7.94
C LEU B 492 48.75 -3.19 -9.22
N ASP B 493 47.76 -3.79 -9.87
CA ASP B 493 47.96 -4.46 -11.18
C ASP B 493 48.51 -3.50 -12.20
N ARG B 494 47.87 -2.34 -12.33
CA ARG B 494 48.30 -1.33 -13.30
C ARG B 494 49.69 -0.81 -12.95
N ALA B 495 49.93 -0.59 -11.65
CA ALA B 495 51.25 -0.16 -11.16
C ALA B 495 52.37 -1.20 -11.35
N GLY B 496 51.98 -2.46 -11.59
CA GLY B 496 52.93 -3.56 -11.71
C GLY B 496 53.55 -3.84 -10.37
N ALA B 497 52.70 -4.05 -9.36
CA ALA B 497 53.18 -4.21 -7.99
C ALA B 497 52.75 -5.54 -7.36
N MET C 1 2.26 23.55 -43.02
CA MET C 1 1.60 23.14 -44.28
C MET C 1 0.59 24.19 -44.70
N GLU C 2 0.72 24.73 -45.92
CA GLU C 2 -0.24 25.66 -46.49
C GLU C 2 -1.52 24.91 -46.91
N LEU C 3 -2.69 25.48 -46.70
CA LEU C 3 -3.93 24.78 -47.01
C LEU C 3 -4.90 25.66 -47.82
N VAL C 4 -5.08 25.30 -49.08
CA VAL C 4 -6.00 26.05 -49.98
C VAL C 4 -7.09 25.16 -50.61
N VAL C 5 -8.11 25.83 -51.11
CA VAL C 5 -9.29 25.18 -51.70
C VAL C 5 -9.45 25.52 -53.19
N LYS C 6 -9.66 24.50 -54.01
CA LYS C 6 -9.95 24.72 -55.44
C LYS C 6 -11.16 23.91 -55.89
N SER C 7 -11.72 24.33 -57.02
CA SER C 7 -12.90 23.68 -57.62
C SER C 7 -12.66 23.13 -59.03
N VAL C 8 -11.42 22.78 -59.36
CA VAL C 8 -11.14 22.18 -60.66
C VAL C 8 -11.38 20.67 -60.62
N ALA C 9 -11.39 20.01 -61.79
CA ALA C 9 -11.56 18.56 -61.88
C ALA C 9 -10.32 17.77 -61.40
N ALA C 10 -10.58 16.79 -60.52
CA ALA C 10 -9.48 15.98 -59.94
C ALA C 10 -8.47 15.42 -60.98
N ALA C 11 -8.95 14.94 -62.13
CA ALA C 11 -8.06 14.45 -63.19
C ALA C 11 -7.18 15.51 -63.83
N SER C 12 -7.67 16.73 -63.85
CA SER C 12 -7.00 17.75 -64.65
C SER C 12 -5.94 18.41 -63.80
N VAL C 13 -5.89 18.10 -62.50
CA VAL C 13 -5.02 18.84 -61.56
C VAL C 13 -3.57 18.39 -61.55
N LYS C 14 -2.68 19.37 -61.57
CA LYS C 14 -1.25 19.19 -61.57
C LYS C 14 -0.77 19.20 -60.12
N THR C 15 -0.27 18.06 -59.67
CA THR C 15 0.13 17.86 -58.27
C THR C 15 1.09 16.69 -58.16
N ALA C 16 1.87 16.69 -57.08
CA ALA C 16 2.76 15.58 -56.77
C ALA C 16 2.04 14.26 -56.43
N THR C 17 0.90 14.40 -55.72
CA THR C 17 0.07 13.26 -55.26
C THR C 17 -1.42 13.66 -55.28
N LEU C 18 -2.23 12.86 -55.98
CA LEU C 18 -3.68 12.98 -55.93
C LEU C 18 -4.28 11.88 -55.03
N VAL C 19 -5.13 12.29 -54.07
CA VAL C 19 -5.72 11.36 -53.11
C VAL C 19 -7.25 11.19 -53.35
N ILE C 20 -7.68 9.94 -53.52
CA ILE C 20 -9.09 9.68 -53.69
C ILE C 20 -9.55 8.56 -52.80
N PRO C 21 -10.84 8.57 -52.41
CA PRO C 21 -11.31 7.51 -51.53
C PRO C 21 -11.82 6.30 -52.28
N VAL C 22 -11.77 5.15 -51.62
CA VAL C 22 -12.40 3.96 -52.14
C VAL C 22 -13.15 3.25 -51.01
N GLY C 23 -14.41 2.88 -51.23
CA GLY C 23 -15.18 2.09 -50.24
C GLY C 23 -14.82 0.59 -50.10
N GLU C 24 -15.30 -0.04 -49.04
CA GLU C 24 -15.07 -1.49 -48.85
C GLU C 24 -15.44 -2.34 -50.07
N ASN C 25 -16.64 -2.12 -50.63
CA ASN C 25 -17.07 -2.88 -51.82
C ASN C 25 -15.99 -3.11 -52.90
N ARG C 26 -14.98 -2.24 -52.92
CA ARG C 26 -14.28 -1.80 -54.16
C ARG C 26 -15.08 -0.66 -54.83
N LYS C 27 -16.00 -0.11 -54.09
CA LYS C 27 -16.88 0.88 -54.57
C LYS C 27 -16.15 2.23 -54.84
N LEU C 28 -16.38 2.78 -56.00
CA LEU C 28 -15.83 4.05 -56.43
C LEU C 28 -16.90 5.14 -56.52
N GLY C 29 -16.74 6.25 -55.77
CA GLY C 29 -17.66 7.41 -55.88
C GLY C 29 -17.50 8.16 -57.21
N ALA C 30 -18.32 9.20 -57.38
CA ALA C 30 -18.32 10.06 -58.57
C ALA C 30 -16.93 10.63 -58.93
N VAL C 31 -16.23 11.21 -57.95
CA VAL C 31 -14.89 11.78 -58.20
C VAL C 31 -13.87 10.70 -58.61
N ALA C 32 -13.80 9.65 -57.78
CA ALA C 32 -12.94 8.49 -57.97
C ALA C 32 -13.13 7.84 -59.35
N LYS C 33 -14.39 7.65 -59.75
CA LYS C 33 -14.76 7.19 -61.10
C LYS C 33 -14.23 8.09 -62.22
N ALA C 34 -14.51 9.40 -62.13
CA ALA C 34 -13.99 10.34 -63.13
C ALA C 34 -12.48 10.25 -63.23
N VAL C 35 -11.79 10.06 -62.09
CA VAL C 35 -10.33 9.84 -62.14
C VAL C 35 -10.02 8.54 -62.91
N ASP C 36 -10.72 7.47 -62.54
CA ASP C 36 -10.53 6.15 -63.15
C ASP C 36 -10.81 6.17 -64.66
N LEU C 37 -11.91 6.79 -65.06
CA LEU C 37 -12.20 6.92 -66.49
C LEU C 37 -11.09 7.68 -67.21
N ALA C 38 -10.62 8.79 -66.63
CA ALA C 38 -9.52 9.55 -67.27
C ALA C 38 -8.27 8.70 -67.34
N SER C 39 -8.07 7.84 -66.35
CA SER C 39 -6.94 6.93 -66.38
C SER C 39 -7.21 5.72 -67.32
N GLU C 40 -8.39 5.71 -67.96
CA GLU C 40 -8.86 4.64 -68.86
C GLU C 40 -9.02 3.28 -68.16
N GLY C 41 -9.54 3.30 -66.94
CA GLY C 41 -9.79 2.08 -66.20
C GLY C 41 -8.59 1.48 -65.46
N ALA C 42 -7.43 2.12 -65.52
CA ALA C 42 -6.24 1.61 -64.82
C ALA C 42 -6.40 1.49 -63.28
N ILE C 43 -7.10 2.47 -62.70
CA ILE C 43 -7.38 2.45 -61.26
C ILE C 43 -8.22 1.23 -60.82
N SER C 44 -9.33 0.89 -61.51
CA SER C 44 -10.03 -0.35 -61.12
C SER C 44 -9.41 -1.66 -61.56
N ALA C 45 -8.61 -1.66 -62.61
CA ALA C 45 -7.77 -2.83 -62.91
C ALA C 45 -6.90 -3.19 -61.68
N VAL C 46 -6.23 -2.20 -61.07
CA VAL C 46 -5.45 -2.48 -59.86
C VAL C 46 -6.34 -2.92 -58.70
N LEU C 47 -7.48 -2.24 -58.50
CA LEU C 47 -8.37 -2.56 -57.40
C LEU C 47 -8.92 -3.99 -57.43
N LYS C 48 -9.08 -4.53 -58.65
CA LYS C 48 -9.52 -5.93 -58.93
C LYS C 48 -8.58 -6.98 -58.38
N ARG C 49 -7.30 -6.63 -58.28
CA ARG C 49 -6.35 -7.58 -57.75
C ARG C 49 -6.53 -7.85 -56.26
N GLY C 50 -7.19 -6.92 -55.56
CA GLY C 50 -7.67 -7.18 -54.19
C GLY C 50 -6.76 -6.80 -53.03
N ASP C 51 -5.67 -6.08 -53.31
CA ASP C 51 -4.74 -5.65 -52.26
C ASP C 51 -5.38 -4.65 -51.30
N LEU C 52 -6.26 -3.79 -51.82
CA LEU C 52 -6.84 -2.73 -50.97
C LEU C 52 -8.28 -3.12 -50.60
N ALA C 53 -8.48 -3.57 -49.38
CA ALA C 53 -9.84 -3.94 -48.96
C ALA C 53 -10.76 -2.71 -48.72
N GLY C 54 -10.19 -1.54 -48.44
CA GLY C 54 -11.01 -0.33 -48.33
C GLY C 54 -11.60 -0.02 -46.95
N LYS C 55 -11.01 -0.62 -45.92
CA LYS C 55 -11.31 -0.29 -44.55
C LYS C 55 -10.73 1.11 -44.30
N PRO C 56 -11.33 1.88 -43.38
CA PRO C 56 -10.90 3.28 -43.13
C PRO C 56 -9.39 3.45 -42.98
N GLY C 57 -8.79 4.35 -43.76
CA GLY C 57 -7.37 4.61 -43.61
C GLY C 57 -6.37 3.63 -44.22
N GLN C 58 -6.83 2.49 -44.74
CA GLN C 58 -5.93 1.64 -45.55
C GLN C 58 -5.54 2.37 -46.84
N THR C 59 -4.37 2.06 -47.38
CA THR C 59 -3.90 2.80 -48.56
C THR C 59 -3.26 1.91 -49.60
N LEU C 60 -3.30 2.40 -50.83
CA LEU C 60 -2.61 1.80 -51.96
C LEU C 60 -2.09 2.94 -52.80
N LEU C 61 -0.78 2.91 -53.09
CA LEU C 61 -0.07 3.99 -53.78
C LEU C 61 0.32 3.69 -55.22
N LEU C 62 -0.22 4.46 -56.16
CA LEU C 62 0.14 4.29 -57.56
C LEU C 62 1.02 5.45 -58.03
N GLN C 63 1.59 5.21 -59.21
CA GLN C 63 2.54 6.08 -59.85
C GLN C 63 2.16 6.25 -61.32
N ASN C 64 2.78 7.18 -62.03
CA ASN C 64 2.16 8.02 -63.01
C ASN C 64 1.21 7.21 -63.83
N LEU C 65 0.04 7.73 -64.07
CA LEU C 65 -0.89 6.97 -64.89
C LEU C 65 -1.23 7.75 -66.16
N GLN C 66 -1.17 7.04 -67.28
CA GLN C 66 -1.58 7.60 -68.57
C GLN C 66 -2.93 8.31 -68.36
N GLY C 67 -3.01 9.57 -68.77
CA GLY C 67 -4.26 10.32 -68.74
C GLY C 67 -4.50 11.23 -67.55
N LEU C 68 -3.62 11.17 -66.55
CA LEU C 68 -3.72 12.02 -65.35
C LEU C 68 -2.52 12.96 -65.31
N LYS C 69 -2.68 14.10 -64.64
CA LYS C 69 -1.56 15.03 -64.45
C LYS C 69 -0.95 14.92 -63.06
N ALA C 70 -1.37 13.92 -62.30
CA ALA C 70 -0.86 13.75 -60.97
C ALA C 70 0.31 12.79 -61.10
N GLU C 71 1.41 13.06 -60.41
CA GLU C 71 2.58 12.19 -60.43
C GLU C 71 2.34 10.87 -59.68
N ARG C 72 1.54 10.91 -58.63
CA ARG C 72 1.17 9.74 -57.84
C ARG C 72 -0.33 9.74 -57.62
N VAL C 73 -0.91 8.56 -57.39
CA VAL C 73 -2.30 8.49 -56.94
C VAL C 73 -2.36 7.71 -55.66
N LEU C 74 -2.79 8.39 -54.60
CA LEU C 74 -3.05 7.70 -53.33
C LEU C 74 -4.54 7.28 -53.19
N LEU C 75 -4.77 5.97 -53.16
CA LEU C 75 -6.10 5.47 -52.87
C LEU C 75 -6.22 5.24 -51.35
N VAL C 76 -7.26 5.81 -50.70
CA VAL C 76 -7.47 5.62 -49.25
C VAL C 76 -8.87 5.03 -48.96
N GLY C 77 -8.91 4.03 -48.06
CA GLY C 77 -10.17 3.33 -47.78
C GLY C 77 -11.08 4.19 -46.92
N SER C 78 -12.37 4.22 -47.28
CA SER C 78 -13.38 4.91 -46.49
C SER C 78 -14.30 3.96 -45.66
N GLY C 79 -14.15 2.65 -45.84
CA GLY C 79 -14.88 1.68 -45.04
C GLY C 79 -16.23 1.37 -45.62
N LYS C 80 -17.09 0.82 -44.80
CA LYS C 80 -18.46 0.57 -45.12
C LYS C 80 -19.11 1.75 -45.75
N ASP C 81 -20.18 1.44 -46.45
CA ASP C 81 -20.94 2.33 -47.33
C ASP C 81 -21.79 3.39 -46.60
N GLU C 82 -21.76 3.40 -45.29
CA GLU C 82 -22.54 4.34 -44.56
C GLU C 82 -21.76 5.63 -44.30
N ALA C 83 -22.40 6.68 -43.84
CA ALA C 83 -21.74 7.93 -43.54
C ALA C 83 -20.77 7.68 -42.39
N LEU C 84 -19.55 8.21 -42.49
CA LEU C 84 -18.54 7.94 -41.48
C LEU C 84 -18.91 8.64 -40.20
N GLY C 85 -18.50 8.07 -39.07
CA GLY C 85 -18.54 8.79 -37.83
C GLY C 85 -17.35 9.75 -37.76
N ASP C 86 -17.45 10.74 -36.86
CA ASP C 86 -16.40 11.75 -36.69
C ASP C 86 -15.01 11.11 -36.54
N ARG C 87 -14.91 10.09 -35.69
CA ARG C 87 -13.65 9.43 -35.36
C ARG C 87 -13.05 8.72 -36.58
N THR C 88 -13.90 8.06 -37.36
CA THR C 88 -13.50 7.37 -38.59
C THR C 88 -12.96 8.34 -39.65
N TRP C 89 -13.71 9.41 -39.91
CA TRP C 89 -13.32 10.46 -40.85
C TRP C 89 -11.96 11.01 -40.43
N ARG C 90 -11.81 11.30 -39.14
CA ARG C 90 -10.54 11.86 -38.66
C ARG C 90 -9.36 10.88 -38.79
N LYS C 91 -9.61 9.57 -38.64
CA LYS C 91 -8.53 8.59 -38.89
C LYS C 91 -8.13 8.48 -40.35
N LEU C 92 -9.12 8.41 -41.24
CA LEU C 92 -8.87 8.43 -42.66
C LEU C 92 -7.97 9.64 -43.02
N VAL C 93 -8.29 10.80 -42.47
CA VAL C 93 -7.51 12.02 -42.73
C VAL C 93 -6.07 11.91 -42.21
N ALA C 94 -5.88 11.35 -41.01
CA ALA C 94 -4.55 11.22 -40.41
C ALA C 94 -3.70 10.13 -41.09
N SER C 95 -4.33 9.07 -41.60
CA SER C 95 -3.62 8.06 -42.37
C SER C 95 -3.08 8.62 -43.68
N VAL C 96 -3.91 9.41 -44.37
CA VAL C 96 -3.50 10.14 -45.57
C VAL C 96 -2.32 11.02 -45.22
N ALA C 97 -2.45 11.82 -44.15
CA ALA C 97 -1.39 12.78 -43.79
C ALA C 97 -0.06 12.04 -43.54
N GLY C 98 -0.14 10.98 -42.74
CA GLY C 98 1.00 10.10 -42.46
C GLY C 98 1.67 9.50 -43.68
N VAL C 99 0.88 9.08 -44.67
CA VAL C 99 1.47 8.60 -45.93
C VAL C 99 2.16 9.75 -46.69
N LEU C 100 1.48 10.88 -46.84
CA LEU C 100 2.08 12.04 -47.53
C LEU C 100 3.30 12.62 -46.82
N LYS C 101 3.34 12.56 -45.50
CA LYS C 101 4.49 13.11 -44.78
C LYS C 101 5.75 12.30 -45.14
N GLY C 102 5.60 11.00 -45.40
CA GLY C 102 6.73 10.14 -45.82
C GLY C 102 7.03 10.06 -47.32
N LEU C 103 6.28 10.77 -48.14
CA LEU C 103 6.62 10.79 -49.55
C LEU C 103 7.46 12.04 -49.85
N ASN C 104 8.17 12.00 -50.97
CA ASN C 104 8.99 13.15 -51.40
C ASN C 104 8.21 14.04 -52.38
N GLY C 105 7.01 14.46 -52.00
CA GLY C 105 6.19 15.35 -52.81
C GLY C 105 5.94 16.67 -52.10
N ALA C 106 5.96 17.75 -52.86
CA ALA C 106 5.92 19.11 -52.28
C ALA C 106 4.48 19.55 -52.00
N ASP C 107 3.56 18.99 -52.76
CA ASP C 107 2.15 19.28 -52.61
C ASP C 107 1.28 18.01 -52.72
N ALA C 108 0.04 18.08 -52.26
CA ALA C 108 -0.89 17.03 -52.48
C ALA C 108 -2.20 17.67 -52.78
N VAL C 109 -3.01 16.95 -53.54
CA VAL C 109 -4.40 17.36 -53.72
C VAL C 109 -5.31 16.31 -53.09
N LEU C 110 -6.22 16.78 -52.23
CA LEU C 110 -7.21 15.93 -51.60
C LEU C 110 -8.55 16.06 -52.29
N ALA C 111 -8.94 15.02 -53.04
CA ALA C 111 -10.18 15.00 -53.77
C ALA C 111 -11.19 14.07 -53.09
N LEU C 112 -11.65 14.47 -51.89
CA LEU C 112 -12.42 13.58 -51.01
C LEU C 112 -13.89 13.95 -50.90
N ASP C 113 -14.38 14.71 -51.88
CA ASP C 113 -15.78 15.11 -51.97
C ASP C 113 -16.81 14.00 -51.75
N ASP C 114 -16.55 12.78 -52.28
CA ASP C 114 -17.53 11.68 -52.21
C ASP C 114 -17.74 11.17 -50.76
N VAL C 115 -16.81 11.45 -49.85
CA VAL C 115 -16.96 10.95 -48.49
C VAL C 115 -18.08 11.69 -47.71
N ALA C 116 -18.98 10.93 -47.10
CA ALA C 116 -20.07 11.49 -46.32
C ALA C 116 -19.78 11.33 -44.83
N VAL C 117 -19.97 12.39 -44.09
CA VAL C 117 -19.74 12.32 -42.67
C VAL C 117 -21.09 12.45 -41.95
N ASN C 118 -21.34 11.51 -41.05
CA ASN C 118 -22.62 11.38 -40.36
C ASN C 118 -23.07 12.70 -39.77
N ASN C 119 -24.27 13.17 -40.14
CA ASN C 119 -24.87 14.43 -39.56
C ASN C 119 -24.00 15.68 -39.75
N ARG C 120 -23.14 15.70 -40.77
CA ARG C 120 -22.39 16.93 -41.09
C ARG C 120 -22.53 17.40 -42.57
N ASP C 121 -22.73 18.71 -42.78
CA ASP C 121 -22.92 19.19 -44.17
C ASP C 121 -21.58 19.00 -44.93
N ALA C 122 -21.67 18.79 -46.24
CA ALA C 122 -20.53 18.36 -47.03
C ALA C 122 -19.49 19.47 -47.24
N HIS C 123 -19.79 20.69 -46.77
CA HIS C 123 -18.90 21.80 -47.03
C HIS C 123 -18.26 22.41 -45.80
N TYR C 124 -19.05 22.74 -44.78
CA TYR C 124 -18.52 23.33 -43.53
C TYR C 124 -18.10 22.32 -42.44
N GLY C 125 -19.07 21.57 -41.92
CA GLY C 125 -18.83 20.64 -40.82
C GLY C 125 -17.77 19.60 -41.14
N LYS C 126 -17.97 18.88 -42.26
CA LYS C 126 -17.01 17.91 -42.78
C LYS C 126 -15.56 18.46 -42.87
N TYR C 127 -15.40 19.60 -43.52
CA TYR C 127 -14.05 20.14 -43.68
C TYR C 127 -13.46 20.83 -42.46
N ARG C 128 -14.32 21.21 -41.50
CA ARG C 128 -13.84 21.75 -40.22
C ARG C 128 -13.00 20.68 -39.56
N LEU C 129 -13.50 19.44 -39.57
CA LEU C 129 -12.80 18.31 -38.96
C LEU C 129 -11.56 17.90 -39.74
N LEU C 130 -11.70 17.74 -41.05
CA LEU C 130 -10.55 17.42 -41.86
C LEU C 130 -9.42 18.47 -41.69
N ALA C 131 -9.74 19.77 -41.77
CA ALA C 131 -8.65 20.77 -41.79
C ALA C 131 -8.00 20.86 -40.43
N GLU C 132 -8.79 20.69 -39.38
CA GLU C 132 -8.20 20.71 -38.04
C GLU C 132 -7.25 19.53 -37.85
N THR C 133 -7.67 18.35 -38.33
CA THR C 133 -6.88 17.15 -38.11
C THR C 133 -5.55 17.25 -38.85
N LEU C 134 -5.61 17.81 -40.05
CA LEU C 134 -4.47 17.99 -40.93
C LEU C 134 -3.46 18.97 -40.34
N LEU C 135 -3.96 20.09 -39.84
CA LEU C 135 -3.11 21.18 -39.38
C LEU C 135 -2.52 20.89 -38.00
N ASP C 136 -3.37 20.40 -37.07
CA ASP C 136 -2.92 19.97 -35.76
C ASP C 136 -2.01 18.75 -35.89
N GLY C 137 -2.12 18.02 -37.00
CA GLY C 137 -1.26 16.86 -37.23
C GLY C 137 0.17 17.25 -37.53
N GLU C 138 0.38 18.49 -37.96
CA GLU C 138 1.72 19.06 -38.14
C GLU C 138 2.42 19.36 -36.81
N TYR C 139 1.69 19.31 -35.67
CA TYR C 139 2.32 19.67 -34.41
C TYR C 139 3.50 18.77 -34.10
N VAL C 140 4.59 19.40 -33.68
CA VAL C 140 5.82 18.74 -33.24
C VAL C 140 6.39 19.62 -32.11
N PHE C 141 6.72 19.02 -30.96
CA PHE C 141 7.37 19.75 -29.87
C PHE C 141 8.76 19.15 -29.75
N ASP C 142 9.71 19.69 -30.48
CA ASP C 142 11.04 19.12 -30.59
C ASP C 142 12.16 20.03 -30.11
N ARG C 143 11.81 21.11 -29.48
CA ARG C 143 12.74 22.10 -28.99
C ARG C 143 13.77 21.59 -27.99
N PHE C 144 13.53 20.46 -27.38
CA PHE C 144 14.54 19.89 -26.49
C PHE C 144 15.35 18.76 -27.10
N LYS C 145 14.99 18.36 -28.32
CA LYS C 145 15.68 17.28 -29.02
C LYS C 145 16.98 17.75 -29.67
N SER C 146 18.03 17.03 -29.46
CA SER C 146 19.30 17.46 -29.93
C SER C 146 19.46 17.28 -31.41
N GLN C 147 18.87 16.21 -31.94
CA GLN C 147 18.98 15.83 -33.32
C GLN C 147 18.56 16.94 -34.24
N LYS C 148 19.27 17.08 -35.34
CA LYS C 148 18.88 17.94 -36.43
C LYS C 148 17.46 17.60 -36.91
N VAL C 149 16.59 18.62 -36.96
CA VAL C 149 15.25 18.50 -37.54
C VAL C 149 15.28 17.81 -38.92
N GLU C 150 14.32 16.94 -39.20
CA GLU C 150 14.26 16.29 -40.51
C GLU C 150 13.61 17.19 -41.49
N PRO C 151 14.32 17.39 -42.57
CA PRO C 151 13.77 18.12 -43.71
C PRO C 151 12.56 17.37 -44.31
N ARG C 152 11.40 18.00 -44.34
CA ARG C 152 10.23 17.35 -44.97
C ARG C 152 9.82 18.03 -46.31
N ALA C 153 9.55 17.24 -47.33
CA ALA C 153 9.16 17.77 -48.64
C ALA C 153 7.79 18.47 -48.70
N LEU C 154 6.78 17.90 -48.06
CA LEU C 154 5.41 18.38 -48.23
C LEU C 154 5.19 19.81 -47.70
N LYS C 155 4.74 20.72 -48.56
CA LYS C 155 4.56 22.13 -48.18
C LYS C 155 3.10 22.58 -48.23
N LYS C 156 2.29 21.84 -48.97
CA LYS C 156 1.02 22.37 -49.42
C LYS C 156 0.02 21.27 -49.76
N VAL C 157 -1.19 21.42 -49.26
CA VAL C 157 -2.27 20.53 -49.56
C VAL C 157 -3.38 21.41 -50.09
N THR C 158 -3.99 20.94 -51.20
CA THR C 158 -5.20 21.53 -51.83
C THR C 158 -6.43 20.62 -51.64
N LEU C 159 -7.51 21.24 -51.18
CA LEU C 159 -8.81 20.57 -51.10
C LEU C 159 -9.66 20.91 -52.32
N LEU C 160 -10.08 19.87 -53.04
CA LEU C 160 -11.07 20.02 -54.13
C LEU C 160 -12.52 19.88 -53.64
N ALA C 161 -13.35 20.84 -54.02
CA ALA C 161 -14.80 20.89 -53.77
C ALA C 161 -15.51 21.29 -55.08
N ASP C 162 -16.84 21.26 -55.12
CA ASP C 162 -17.58 21.84 -56.25
C ASP C 162 -17.69 23.36 -56.11
N LYS C 163 -17.78 24.05 -57.27
CA LYS C 163 -17.82 25.51 -57.32
C LYS C 163 -18.77 26.11 -56.30
N ALA C 164 -19.93 25.48 -56.11
CA ALA C 164 -21.00 26.07 -55.30
C ALA C 164 -20.73 25.96 -53.79
N GLY C 165 -19.83 25.05 -53.41
CA GLY C 165 -19.53 24.84 -52.00
C GLY C 165 -18.19 25.40 -51.57
N GLN C 166 -17.43 25.97 -52.51
CA GLN C 166 -16.07 26.44 -52.23
C GLN C 166 -16.03 27.47 -51.08
N ALA C 167 -16.88 28.49 -51.14
CA ALA C 167 -16.90 29.53 -50.12
C ALA C 167 -17.05 28.97 -48.70
N GLU C 168 -17.85 27.91 -48.59
CA GLU C 168 -18.08 27.27 -47.34
C GLU C 168 -16.90 26.39 -46.87
N VAL C 169 -16.23 25.70 -47.81
CA VAL C 169 -15.04 24.92 -47.51
C VAL C 169 -13.94 25.88 -47.08
N GLU C 170 -13.91 27.06 -47.70
CA GLU C 170 -12.93 28.07 -47.32
C GLU C 170 -13.15 28.65 -45.94
N ARG C 171 -14.42 28.82 -45.57
CA ARG C 171 -14.78 29.28 -44.23
C ARG C 171 -14.38 28.20 -43.22
N ALA C 172 -14.59 26.91 -43.57
CA ALA C 172 -14.22 25.78 -42.70
C ALA C 172 -12.73 25.81 -42.40
N VAL C 173 -11.96 26.02 -43.47
CA VAL C 173 -10.50 26.09 -43.41
C VAL C 173 -10.04 27.33 -42.63
N LYS C 174 -10.76 28.45 -42.76
CA LYS C 174 -10.38 29.66 -42.02
C LYS C 174 -10.52 29.46 -40.49
N HIS C 175 -11.67 28.94 -40.09
CA HIS C 175 -11.94 28.59 -38.70
C HIS C 175 -11.08 27.44 -38.15
N ALA C 176 -10.93 26.36 -38.92
CA ALA C 176 -10.00 25.30 -38.54
C ALA C 176 -8.55 25.76 -38.35
N SER C 177 -8.13 26.79 -39.08
CA SER C 177 -6.74 27.24 -38.97
C SER C 177 -6.57 28.01 -37.68
N ALA C 178 -7.59 28.81 -37.36
CA ALA C 178 -7.52 29.60 -36.16
C ALA C 178 -7.47 28.69 -34.96
N ILE C 179 -8.29 27.64 -34.96
CA ILE C 179 -8.31 26.66 -33.87
C ILE C 179 -6.97 25.88 -33.77
N ALA C 180 -6.46 25.36 -34.89
CA ALA C 180 -5.14 24.72 -34.92
C ALA C 180 -4.01 25.63 -34.42
N THR C 181 -3.98 26.86 -34.90
CA THR C 181 -3.05 27.85 -34.33
C THR C 181 -3.21 27.95 -32.81
N GLY C 182 -4.44 28.11 -32.33
CA GLY C 182 -4.65 28.17 -30.87
C GLY C 182 -4.20 26.90 -30.15
N MET C 183 -4.53 25.74 -30.72
CA MET C 183 -4.17 24.45 -30.08
C MET C 183 -2.67 24.28 -29.96
N ALA C 184 -1.90 24.70 -30.97
CA ALA C 184 -0.41 24.53 -30.95
C ALA C 184 0.25 25.37 -29.85
N PHE C 185 -0.30 26.56 -29.65
CA PHE C 185 0.09 27.46 -28.59
C PHE C 185 -0.23 26.75 -27.24
N THR C 186 -1.42 26.19 -27.12
CA THR C 186 -1.86 25.53 -25.92
C THR C 186 -0.98 24.33 -25.62
N ARG C 187 -0.64 23.57 -26.66
CA ARG C 187 0.15 22.37 -26.52
C ARG C 187 1.60 22.71 -26.13
N ASP C 188 2.15 23.81 -26.68
CA ASP C 188 3.50 24.27 -26.35
C ASP C 188 3.61 24.57 -24.89
N LEU C 189 2.66 25.34 -24.39
CA LEU C 189 2.67 25.77 -23.01
C LEU C 189 2.55 24.60 -22.10
N GLY C 190 1.64 23.67 -22.45
CA GLY C 190 1.39 22.44 -21.72
C GLY C 190 2.57 21.48 -21.70
N ASN C 191 3.21 21.30 -22.84
CA ASN C 191 4.41 20.48 -22.96
C ASN C 191 5.70 21.03 -22.36
N LEU C 192 5.83 22.37 -22.30
CA LEU C 192 7.04 22.99 -21.72
C LEU C 192 7.20 22.46 -20.28
N PRO C 193 8.44 22.08 -19.88
CA PRO C 193 8.78 21.55 -18.56
C PRO C 193 8.65 22.60 -17.46
N PRO C 194 8.29 22.16 -16.24
CA PRO C 194 7.90 23.16 -15.27
C PRO C 194 9.05 24.00 -14.75
N ASN C 195 10.29 23.62 -15.01
CA ASN C 195 11.42 24.47 -14.60
C ASN C 195 11.56 25.73 -15.48
N LEU C 196 10.89 25.71 -16.64
CA LEU C 196 10.86 26.80 -17.57
C LEU C 196 9.51 27.46 -17.57
N CYS C 197 8.46 26.65 -17.64
CA CYS C 197 7.10 27.18 -17.64
C CYS C 197 6.56 27.34 -16.22
N HIS C 198 6.79 28.51 -15.60
CA HIS C 198 6.33 28.85 -14.23
C HIS C 198 5.41 30.06 -14.35
N PRO C 199 4.83 30.55 -13.26
CA PRO C 199 3.86 31.62 -13.51
C PRO C 199 4.42 32.95 -14.06
N SER C 200 5.65 33.30 -13.67
CA SER C 200 6.31 34.51 -14.21
C SER C 200 6.61 34.36 -15.70
N PHE C 201 6.86 33.14 -16.16
CA PHE C 201 7.06 32.91 -17.59
C PHE C 201 5.73 33.07 -18.31
N LEU C 202 4.66 32.56 -17.71
CA LEU C 202 3.33 32.72 -18.31
C LEU C 202 2.93 34.21 -18.35
N ALA C 203 3.27 34.95 -17.30
CA ALA C 203 3.05 36.43 -17.25
C ALA C 203 3.65 37.13 -18.45
N GLU C 204 4.85 36.68 -18.82
CA GLU C 204 5.61 37.31 -19.90
C GLU C 204 5.01 36.95 -21.24
N GLN C 205 4.51 35.73 -21.41
CA GLN C 205 3.82 35.37 -22.68
C GLN C 205 2.61 36.27 -22.88
N ALA C 206 1.89 36.53 -21.80
CA ALA C 206 0.75 37.43 -21.84
C ALA C 206 1.10 38.90 -22.22
N LYS C 207 2.13 39.46 -21.58
CA LYS C 207 2.60 40.80 -21.89
C LYS C 207 3.00 40.90 -23.35
N GLU C 208 3.81 39.94 -23.80
CA GLU C 208 4.21 39.87 -25.20
C GLU C 208 2.99 39.82 -26.13
N LEU C 209 1.98 39.00 -25.77
CA LEU C 209 0.75 38.88 -26.57
C LEU C 209 0.02 40.22 -26.68
N GLY C 210 -0.07 40.95 -25.57
CA GLY C 210 -0.74 42.24 -25.53
C GLY C 210 -0.03 43.36 -26.29
N LYS C 211 1.28 43.25 -26.42
CA LYS C 211 2.01 44.11 -27.34
C LYS C 211 1.48 43.95 -28.76
N ALA C 212 1.26 42.72 -29.18
CA ALA C 212 1.14 42.41 -30.61
C ALA C 212 -0.26 42.50 -31.19
N HIS C 213 -1.27 42.70 -30.34
CA HIS C 213 -2.64 42.85 -30.82
C HIS C 213 -3.32 44.11 -30.28
N LYS C 214 -3.86 44.87 -31.23
CA LYS C 214 -4.45 46.19 -31.00
C LYS C 214 -5.55 46.22 -29.95
N ALA C 215 -6.42 45.20 -29.94
CA ALA C 215 -7.60 45.23 -29.10
C ALA C 215 -7.42 44.48 -27.77
N LEU C 216 -6.19 44.01 -27.53
CA LEU C 216 -5.86 43.27 -26.32
C LEU C 216 -5.07 44.10 -25.29
N LYS C 217 -5.67 44.34 -24.14
CA LYS C 217 -4.90 44.93 -23.04
C LYS C 217 -4.60 43.91 -21.90
N VAL C 218 -3.33 43.90 -21.46
CA VAL C 218 -2.85 42.90 -20.49
C VAL C 218 -2.35 43.54 -19.18
N GLU C 219 -2.84 43.05 -18.05
CA GLU C 219 -2.42 43.52 -16.74
C GLU C 219 -2.03 42.30 -15.90
N VAL C 220 -0.93 42.41 -15.14
CA VAL C 220 -0.39 41.33 -14.30
C VAL C 220 -0.37 41.71 -12.81
N LEU C 221 -1.05 40.91 -12.01
CA LEU C 221 -1.06 41.07 -10.56
C LEU C 221 -0.09 40.08 -9.89
N ASP C 222 0.84 40.59 -9.12
CA ASP C 222 1.86 39.77 -8.46
C ASP C 222 1.40 39.23 -7.07
N GLU C 223 2.32 38.52 -6.41
CA GLU C 223 2.13 37.88 -5.10
C GLU C 223 1.52 38.88 -4.11
N LYS C 224 2.17 40.02 -3.97
CA LYS C 224 1.70 41.04 -3.01
C LYS C 224 0.26 41.55 -3.31
N LYS C 225 0.02 41.84 -4.57
CA LYS C 225 -1.27 42.37 -4.96
C LYS C 225 -2.37 41.31 -4.77
N ILE C 226 -2.08 40.06 -5.15
CA ILE C 226 -2.97 38.93 -4.81
C ILE C 226 -3.29 38.96 -3.30
N LYS C 227 -2.23 39.07 -2.48
CA LYS C 227 -2.40 39.11 -1.04
C LYS C 227 -3.24 40.30 -0.57
N ASP C 228 -2.94 41.49 -1.09
CA ASP C 228 -3.63 42.73 -0.70
C ASP C 228 -5.09 42.80 -1.10
N LEU C 229 -5.45 42.14 -2.19
CA LEU C 229 -6.85 42.06 -2.57
C LEU C 229 -7.64 41.10 -1.70
N GLY C 230 -6.98 40.43 -0.76
CA GLY C 230 -7.67 39.52 0.14
C GLY C 230 -7.88 38.10 -0.40
N MET C 231 -7.17 37.74 -1.47
CA MET C 231 -7.24 36.40 -2.06
C MET C 231 -6.44 35.41 -1.24
N GLY C 232 -6.95 35.11 -0.05
CA GLY C 232 -6.26 34.26 0.89
C GLY C 232 -6.03 32.84 0.38
N ALA C 233 -7.04 32.28 -0.30
CA ALA C 233 -6.97 30.92 -0.86
C ALA C 233 -5.92 30.82 -1.99
N PHE C 234 -5.97 31.75 -2.94
CA PHE C 234 -5.03 31.84 -4.06
C PHE C 234 -3.60 32.00 -3.49
N TYR C 235 -3.44 32.91 -2.53
CA TYR C 235 -2.13 33.14 -1.89
C TYR C 235 -1.60 31.92 -1.16
N ALA C 236 -2.49 31.23 -0.45
CA ALA C 236 -2.13 30.04 0.30
C ALA C 236 -1.51 28.97 -0.56
N VAL C 237 -2.04 28.75 -1.76
CA VAL C 237 -1.51 27.73 -2.69
C VAL C 237 -0.14 28.10 -3.15
N GLY C 238 0.06 29.36 -3.49
CA GLY C 238 1.36 29.80 -4.04
C GLY C 238 2.56 29.99 -3.12
N GLN C 239 2.31 30.14 -1.81
CA GLN C 239 3.35 30.61 -0.86
C GLN C 239 4.48 29.63 -0.57
N GLY C 240 4.24 28.32 -0.73
CA GLY C 240 5.31 27.34 -0.53
C GLY C 240 6.43 27.32 -1.57
N SER C 241 6.22 27.99 -2.71
CA SER C 241 7.21 27.93 -3.78
C SER C 241 8.16 29.12 -3.79
N ASP C 242 9.38 28.89 -4.28
CA ASP C 242 10.32 29.95 -4.70
C ASP C 242 9.83 30.66 -5.96
N GLN C 243 8.98 30.03 -6.77
CA GLN C 243 8.40 30.73 -7.93
C GLN C 243 7.08 31.36 -7.49
N PRO C 244 7.00 32.72 -7.48
CA PRO C 244 5.78 33.28 -6.89
C PRO C 244 4.55 33.17 -7.81
N PRO C 245 3.32 33.33 -7.25
CA PRO C 245 2.12 33.23 -8.11
C PRO C 245 1.83 34.53 -8.89
N ARG C 246 0.95 34.43 -9.90
CA ARG C 246 0.54 35.57 -10.76
C ARG C 246 -0.91 35.39 -11.18
N LEU C 247 -1.66 36.47 -11.13
CA LEU C 247 -2.99 36.52 -11.76
C LEU C 247 -2.86 37.35 -13.00
N ILE C 248 -3.16 36.74 -14.12
CA ILE C 248 -2.93 37.41 -15.40
C ILE C 248 -4.28 37.80 -16.05
N VAL C 249 -4.42 39.10 -16.37
CA VAL C 249 -5.65 39.58 -17.00
C VAL C 249 -5.43 39.92 -18.45
N LEU C 250 -6.10 39.23 -19.38
CA LEU C 250 -6.00 39.57 -20.81
C LEU C 250 -7.36 40.02 -21.32
N ASN C 251 -7.47 41.33 -21.58
CA ASN C 251 -8.75 42.00 -21.94
C ASN C 251 -8.86 42.26 -23.46
N TYR C 252 -9.67 41.46 -24.15
CA TYR C 252 -9.87 41.60 -25.60
C TYR C 252 -11.18 42.29 -25.89
N GLN C 253 -11.07 43.52 -26.40
CA GLN C 253 -12.21 44.40 -26.64
C GLN C 253 -12.58 44.40 -28.11
N GLY C 254 -13.41 43.43 -28.50
CA GLY C 254 -13.71 43.15 -29.89
C GLY C 254 -15.13 43.50 -30.21
N GLY C 255 -15.94 43.71 -29.18
CA GLY C 255 -17.34 44.06 -29.38
C GLY C 255 -17.61 45.54 -29.13
N LYS C 256 -18.88 45.89 -29.02
CA LYS C 256 -19.28 47.25 -28.66
C LYS C 256 -18.98 47.51 -27.17
N LYS C 257 -18.76 48.77 -26.79
CA LYS C 257 -18.27 49.09 -25.45
C LYS C 257 -19.28 48.65 -24.39
N ALA C 258 -20.55 48.57 -24.78
CA ALA C 258 -21.59 48.20 -23.81
C ALA C 258 -21.98 46.72 -23.81
N ASP C 259 -21.41 45.93 -24.73
CA ASP C 259 -21.65 44.48 -24.74
C ASP C 259 -20.98 43.88 -23.52
N LYS C 260 -21.73 43.09 -22.77
CA LYS C 260 -21.13 42.45 -21.61
C LYS C 260 -20.11 41.40 -22.06
N PRO C 261 -18.99 41.28 -21.32
CA PRO C 261 -17.95 40.36 -21.74
C PRO C 261 -18.24 38.89 -21.45
N PHE C 262 -17.52 38.04 -22.18
CA PHE C 262 -17.46 36.63 -21.86
C PHE C 262 -16.15 36.49 -21.08
N VAL C 263 -16.20 35.77 -19.96
CA VAL C 263 -15.03 35.64 -19.13
C VAL C 263 -14.59 34.20 -19.09
N LEU C 264 -13.34 33.96 -19.49
CA LEU C 264 -12.68 32.65 -19.33
C LEU C 264 -11.66 32.64 -18.15
N VAL C 265 -11.84 31.69 -17.26
CA VAL C 265 -10.97 31.53 -16.10
C VAL C 265 -10.17 30.22 -16.23
N GLY C 266 -8.85 30.29 -16.24
CA GLY C 266 -8.04 29.07 -16.44
C GLY C 266 -7.18 28.74 -15.23
N LYS C 267 -7.23 27.48 -14.79
CA LYS C 267 -6.28 26.98 -13.80
C LYS C 267 -4.85 26.92 -14.38
N GLY C 268 -3.94 27.69 -13.80
CA GLY C 268 -2.57 27.65 -14.22
C GLY C 268 -1.60 27.21 -13.13
N ILE C 269 -1.83 26.01 -12.60
CA ILE C 269 -0.86 25.40 -11.74
C ILE C 269 0.24 24.71 -12.58
N THR C 270 1.38 25.40 -12.66
CA THR C 270 2.44 25.06 -13.58
C THR C 270 3.21 23.81 -13.12
N PHE C 271 3.18 23.54 -11.83
CA PHE C 271 3.50 22.22 -11.38
C PHE C 271 2.76 21.90 -10.11
N ASP C 272 2.22 20.69 -10.06
CA ASP C 272 1.51 20.23 -8.88
C ASP C 272 2.14 19.05 -8.16
N THR C 273 2.85 19.31 -7.07
CA THR C 273 3.44 18.25 -6.22
C THR C 273 2.42 17.72 -5.24
N GLY C 274 1.28 18.43 -5.13
CA GLY C 274 0.35 18.19 -4.07
C GLY C 274 0.70 19.04 -2.87
N GLY C 275 1.93 19.58 -2.83
CA GLY C 275 2.39 20.32 -1.65
C GLY C 275 2.57 19.42 -0.41
N ILE C 276 2.19 19.88 0.78
CA ILE C 276 2.43 19.06 1.97
C ILE C 276 1.68 17.68 1.91
N SER C 277 0.47 17.70 1.35
CA SER C 277 -0.26 16.48 1.03
C SER C 277 0.36 15.99 -0.28
N LEU C 278 1.64 15.61 -0.22
CA LEU C 278 2.45 15.26 -1.40
C LEU C 278 1.90 14.11 -2.23
N LYS C 279 1.99 14.25 -3.54
CA LYS C 279 1.59 13.18 -4.46
C LYS C 279 2.55 12.00 -4.38
N PRO C 280 2.06 10.79 -4.73
CA PRO C 280 2.98 9.63 -4.75
C PRO C 280 4.16 9.68 -5.79
N GLY C 281 4.15 10.46 -6.83
CA GLY C 281 5.48 10.22 -7.49
C GLY C 281 5.60 9.40 -8.77
N ALA C 282 5.03 8.18 -8.84
CA ALA C 282 4.86 7.50 -10.15
C ALA C 282 3.95 8.37 -11.02
N GLY C 283 4.36 8.73 -12.23
CA GLY C 283 3.55 9.60 -13.09
C GLY C 283 3.58 11.09 -12.74
N MET C 284 4.31 11.47 -11.70
CA MET C 284 4.27 12.85 -11.29
C MET C 284 4.75 13.87 -12.35
N ASP C 285 5.58 13.46 -13.31
CA ASP C 285 5.97 14.36 -14.41
C ASP C 285 4.77 14.97 -15.12
N GLU C 286 3.65 14.23 -15.18
CA GLU C 286 2.45 14.66 -15.90
C GLU C 286 1.77 15.88 -15.27
N MET C 287 2.19 16.21 -14.05
CA MET C 287 1.62 17.34 -13.31
C MET C 287 2.10 18.70 -13.85
N LYS C 288 3.01 18.69 -14.83
CA LYS C 288 3.32 19.91 -15.58
C LYS C 288 2.12 20.31 -16.45
N TYR C 289 1.20 19.35 -16.67
CA TYR C 289 -0.05 19.59 -17.41
C TYR C 289 -1.16 20.16 -16.51
N ASP C 290 -0.84 20.48 -15.26
CA ASP C 290 -1.84 21.09 -14.36
C ASP C 290 -2.05 22.59 -14.64
N MET C 291 -1.36 23.14 -15.64
CA MET C 291 -1.70 24.48 -16.16
C MET C 291 -2.39 24.42 -17.51
N CYS C 292 -2.91 23.25 -17.88
CA CYS C 292 -3.60 23.11 -19.15
C CYS C 292 -4.88 23.95 -19.34
N GLY C 293 -5.59 24.27 -18.25
CA GLY C 293 -6.75 25.13 -18.32
C GLY C 293 -6.35 26.54 -18.75
N ALA C 294 -5.36 27.10 -18.05
CA ALA C 294 -4.74 28.36 -18.46
C ALA C 294 -4.21 28.27 -19.89
N ALA C 295 -3.64 27.13 -20.28
CA ALA C 295 -3.09 27.00 -21.62
C ALA C 295 -4.20 27.10 -22.64
N SER C 296 -5.35 26.50 -22.31
CA SER C 296 -6.44 26.39 -23.27
C SER C 296 -7.13 27.74 -23.43
N VAL C 297 -7.00 28.59 -22.42
CA VAL C 297 -7.48 29.99 -22.47
C VAL C 297 -6.55 30.86 -23.31
N PHE C 298 -5.24 30.69 -23.14
CA PHE C 298 -4.30 31.28 -24.11
C PHE C 298 -4.66 30.90 -25.55
N GLY C 299 -4.86 29.60 -25.77
CA GLY C 299 -5.13 29.10 -27.10
C GLY C 299 -6.40 29.63 -27.71
N THR C 300 -7.50 29.64 -26.93
CA THR C 300 -8.77 30.15 -27.44
C THR C 300 -8.62 31.63 -27.80
N LEU C 301 -8.04 32.41 -26.93
CA LEU C 301 -7.76 33.79 -27.16
C LEU C 301 -6.98 34.02 -28.43
N ARG C 302 -5.89 33.33 -28.59
CA ARG C 302 -5.16 33.33 -29.79
C ARG C 302 -6.04 33.03 -31.02
N ALA C 303 -6.89 32.02 -30.94
CA ALA C 303 -7.93 31.78 -31.94
C ALA C 303 -8.87 32.93 -32.19
N VAL C 304 -9.36 33.60 -31.14
CA VAL C 304 -10.34 34.66 -31.43
C VAL C 304 -9.65 35.89 -32.04
N LEU C 305 -8.36 36.06 -31.73
CA LEU C 305 -7.56 37.14 -32.27
C LEU C 305 -7.28 36.92 -33.73
N GLU C 306 -6.99 35.68 -34.10
CA GLU C 306 -6.76 35.39 -35.49
C GLU C 306 -8.06 35.67 -36.30
N LEU C 307 -9.20 35.47 -35.68
CA LEU C 307 -10.49 35.58 -36.36
C LEU C 307 -11.10 36.95 -36.25
N GLN C 308 -10.59 37.76 -35.30
CA GLN C 308 -11.15 39.08 -34.98
C GLN C 308 -12.66 38.98 -34.71
N LEU C 309 -13.03 37.99 -33.93
CA LEU C 309 -14.37 37.89 -33.40
C LEU C 309 -14.90 39.18 -32.76
N PRO C 310 -16.10 39.63 -33.19
CA PRO C 310 -16.64 40.87 -32.57
C PRO C 310 -17.25 40.60 -31.22
N VAL C 311 -16.45 40.18 -30.25
CA VAL C 311 -16.96 39.99 -28.88
C VAL C 311 -15.97 40.57 -27.92
N ASN C 312 -16.42 40.91 -26.70
CA ASN C 312 -15.50 41.20 -25.63
C ASN C 312 -15.22 39.94 -24.80
N LEU C 313 -13.95 39.74 -24.47
CA LEU C 313 -13.46 38.51 -23.89
C LEU C 313 -12.40 38.84 -22.86
N VAL C 314 -12.65 38.47 -21.61
CA VAL C 314 -11.70 38.73 -20.58
C VAL C 314 -11.21 37.37 -20.16
N CYS C 315 -9.88 37.20 -20.26
CA CYS C 315 -9.19 35.98 -19.85
C CYS C 315 -8.50 36.21 -18.48
N LEU C 316 -8.84 35.36 -17.52
CA LEU C 316 -8.21 35.41 -16.19
C LEU C 316 -7.43 34.15 -15.92
N LEU C 317 -6.12 34.31 -15.80
CA LEU C 317 -5.22 33.15 -15.61
C LEU C 317 -4.67 33.12 -14.17
N ALA C 318 -5.13 32.13 -13.39
CA ALA C 318 -4.79 31.99 -11.98
C ALA C 318 -3.61 31.04 -11.87
N CYS C 319 -2.41 31.61 -11.73
CA CYS C 319 -1.15 30.84 -11.88
C CYS C 319 -0.40 30.68 -10.58
N ALA C 320 0.03 29.46 -10.29
CA ALA C 320 0.83 29.16 -9.07
C ALA C 320 1.60 27.89 -9.23
N GLU C 321 2.69 27.77 -8.50
CA GLU C 321 3.37 26.52 -8.34
C GLU C 321 3.15 25.95 -6.94
N ASN C 322 2.71 24.70 -6.89
CA ASN C 322 2.40 24.01 -5.63
C ASN C 322 3.53 23.09 -5.16
N MET C 323 4.33 23.60 -4.23
CA MET C 323 5.52 22.92 -3.73
C MET C 323 5.45 22.70 -2.21
N PRO C 324 6.07 21.63 -1.71
CA PRO C 324 6.31 21.48 -0.28
C PRO C 324 7.50 22.35 0.20
N SER C 325 7.45 22.86 1.44
CA SER C 325 8.60 23.54 2.05
C SER C 325 8.28 24.06 3.45
N GLY C 326 9.23 24.74 4.05
CA GLY C 326 9.16 25.28 5.42
C GLY C 326 8.15 26.40 5.62
N GLY C 327 7.65 26.98 4.52
CA GLY C 327 6.54 27.90 4.61
C GLY C 327 5.37 27.55 3.71
N ALA C 328 5.19 26.28 3.36
CA ALA C 328 4.00 25.85 2.59
C ALA C 328 2.79 25.83 3.52
N THR C 329 1.63 25.97 2.89
CA THR C 329 0.34 25.77 3.53
C THR C 329 0.26 24.37 4.14
N ARG C 330 -0.37 24.23 5.29
CA ARG C 330 -0.45 22.91 5.94
C ARG C 330 -1.90 22.44 6.08
N PRO C 331 -2.18 21.18 5.71
CA PRO C 331 -3.56 20.66 5.93
C PRO C 331 -4.15 21.22 7.24
N GLY C 332 -5.38 21.78 7.21
CA GLY C 332 -5.96 22.39 8.39
C GLY C 332 -5.76 23.90 8.51
N ASP C 333 -4.91 24.53 7.67
CA ASP C 333 -4.88 26.01 7.65
C ASP C 333 -6.27 26.57 7.34
N ILE C 334 -6.65 27.67 7.97
CA ILE C 334 -7.89 28.31 7.60
C ILE C 334 -7.54 29.68 7.02
N VAL C 335 -8.05 29.99 5.83
CA VAL C 335 -7.76 31.26 5.15
C VAL C 335 -9.06 32.01 4.85
N THR C 336 -8.95 33.32 4.58
CA THR C 336 -10.12 34.14 4.25
C THR C 336 -10.08 34.43 2.77
N THR C 337 -11.10 34.04 2.02
CA THR C 337 -11.11 34.29 0.57
C THR C 337 -11.53 35.74 0.25
N MET C 338 -11.41 36.15 -1.02
CA MET C 338 -11.70 37.54 -1.37
C MET C 338 -13.17 37.83 -1.14
N SER C 339 -14.00 36.80 -1.22
CA SER C 339 -15.43 36.91 -1.05
C SER C 339 -15.77 37.05 0.40
N GLY C 340 -14.79 36.83 1.27
CA GLY C 340 -15.01 36.93 2.71
C GLY C 340 -15.40 35.58 3.33
N GLN C 341 -15.82 34.64 2.49
CA GLN C 341 -15.99 33.27 2.94
C GLN C 341 -14.65 32.66 3.35
N THR C 342 -14.68 31.90 4.44
CA THR C 342 -13.47 31.24 4.91
C THR C 342 -13.48 29.77 4.47
N VAL C 343 -12.28 29.24 4.21
CA VAL C 343 -12.05 27.89 3.69
C VAL C 343 -11.02 27.20 4.57
N GLU C 344 -11.35 25.98 5.00
CA GLU C 344 -10.42 25.08 5.67
C GLU C 344 -9.74 24.16 4.64
N ILE C 345 -8.41 24.26 4.54
CA ILE C 345 -7.68 23.52 3.55
C ILE C 345 -7.30 22.18 4.18
N LEU C 346 -8.21 21.21 4.07
CA LEU C 346 -7.99 19.90 4.59
C LEU C 346 -6.93 19.17 3.77
N ASN C 347 -6.90 19.44 2.47
CA ASN C 347 -5.95 18.80 1.59
C ASN C 347 -5.29 19.82 0.65
N THR C 348 -3.97 19.89 0.72
CA THR C 348 -3.24 20.88 -0.09
C THR C 348 -3.15 20.48 -1.57
N ASP C 349 -3.49 19.24 -1.89
CA ASP C 349 -3.47 18.78 -3.28
C ASP C 349 -4.84 19.08 -3.93
N ALA C 350 -5.78 19.61 -3.18
CA ALA C 350 -6.94 20.19 -3.84
C ALA C 350 -6.75 21.72 -3.95
N GLU C 351 -5.72 22.12 -4.69
CA GLU C 351 -5.32 23.55 -4.74
C GLU C 351 -5.96 24.35 -5.86
N GLY C 352 -6.31 23.67 -6.97
CA GLY C 352 -6.93 24.29 -8.14
C GLY C 352 -8.19 25.05 -7.82
N ARG C 353 -9.05 24.46 -7.00
CA ARG C 353 -10.29 25.15 -6.63
C ARG C 353 -9.98 26.33 -5.75
N LEU C 354 -8.81 26.33 -5.09
CA LEU C 354 -8.43 27.46 -4.23
C LEU C 354 -7.97 28.70 -5.05
N VAL C 355 -7.19 28.48 -6.13
CA VAL C 355 -6.86 29.61 -7.01
C VAL C 355 -8.09 30.12 -7.82
N LEU C 356 -8.94 29.19 -8.24
CA LEU C 356 -10.12 29.55 -9.04
C LEU C 356 -11.19 30.31 -8.23
N CYS C 357 -11.38 29.93 -6.95
CA CYS C 357 -12.42 30.55 -6.18
C CYS C 357 -12.16 32.04 -6.00
N ASP C 358 -10.93 32.44 -5.77
CA ASP C 358 -10.60 33.85 -5.61
C ASP C 358 -10.70 34.61 -6.92
N THR C 359 -10.26 33.97 -8.01
CA THR C 359 -10.36 34.53 -9.36
C THR C 359 -11.82 34.68 -9.84
N LEU C 360 -12.68 33.75 -9.39
CA LEU C 360 -14.12 33.86 -9.66
C LEU C 360 -14.71 35.14 -9.01
N THR C 361 -14.26 35.44 -7.81
CA THR C 361 -14.70 36.67 -7.14
C THR C 361 -14.22 37.91 -7.86
N TYR C 362 -13.02 37.82 -8.43
CA TYR C 362 -12.38 38.88 -9.18
C TYR C 362 -13.13 39.13 -10.50
N ALA C 363 -13.65 38.06 -11.09
CA ALA C 363 -14.43 38.19 -12.32
C ALA C 363 -15.70 39.05 -12.15
N GLU C 364 -16.17 39.23 -10.91
CA GLU C 364 -17.41 39.99 -10.72
C GLU C 364 -17.29 41.39 -11.31
N ARG C 365 -16.11 41.99 -11.20
CA ARG C 365 -15.88 43.35 -11.66
C ARG C 365 -16.26 43.64 -13.13
N PHE C 366 -16.13 42.64 -14.00
CA PHE C 366 -16.37 42.89 -15.42
C PHE C 366 -17.81 42.86 -15.85
N LYS C 367 -18.72 42.62 -14.91
CA LYS C 367 -20.14 42.36 -15.23
C LYS C 367 -20.38 41.46 -16.44
N PRO C 368 -20.03 40.17 -16.29
CA PRO C 368 -20.03 39.24 -17.43
C PRO C 368 -21.41 38.76 -17.82
N GLN C 369 -21.62 38.45 -19.10
CA GLN C 369 -22.80 37.68 -19.47
C GLN C 369 -22.63 36.14 -19.35
N ALA C 370 -21.40 35.66 -19.22
CA ALA C 370 -21.10 34.24 -18.93
C ALA C 370 -19.68 34.16 -18.39
N VAL C 371 -19.46 33.32 -17.36
CA VAL C 371 -18.11 32.98 -16.86
C VAL C 371 -17.86 31.47 -16.95
N ILE C 372 -16.84 31.09 -17.72
CA ILE C 372 -16.45 29.71 -17.83
C ILE C 372 -15.04 29.51 -17.25
N ASP C 373 -14.94 28.58 -16.29
CA ASP C 373 -13.65 28.15 -15.74
C ASP C 373 -13.25 26.80 -16.36
N ILE C 374 -11.94 26.63 -16.61
CA ILE C 374 -11.39 25.41 -17.16
C ILE C 374 -10.18 24.97 -16.33
N ALA C 375 -10.17 23.70 -15.94
CA ALA C 375 -9.23 23.21 -14.92
C ALA C 375 -9.06 21.68 -15.02
N THR C 376 -7.82 21.21 -14.92
CA THR C 376 -7.52 19.79 -14.75
C THR C 376 -7.75 19.56 -13.25
N LEU C 377 -9.00 19.42 -12.84
CA LEU C 377 -9.26 19.53 -11.42
C LEU C 377 -9.12 18.22 -10.63
N THR C 378 -9.69 17.14 -11.13
CA THR C 378 -9.77 15.96 -10.29
C THR C 378 -9.50 14.70 -11.11
N GLY C 379 -8.75 13.77 -10.51
CA GLY C 379 -8.64 12.39 -11.04
C GLY C 379 -10.05 11.76 -11.10
N ALA C 380 -10.91 12.12 -10.15
CA ALA C 380 -12.31 11.64 -10.13
C ALA C 380 -13.03 11.82 -11.48
N CYS C 381 -12.77 12.94 -12.18
CA CYS C 381 -13.33 13.14 -13.53
C CYS C 381 -12.85 12.10 -14.53
N ILE C 382 -11.58 11.71 -14.41
CA ILE C 382 -10.98 10.61 -15.18
C ILE C 382 -11.73 9.30 -14.86
N VAL C 383 -11.92 9.05 -13.57
CA VAL C 383 -12.73 7.90 -13.16
C VAL C 383 -14.14 7.98 -13.76
N ALA C 384 -14.65 9.22 -13.86
CA ALA C 384 -16.05 9.45 -14.30
C ALA C 384 -16.28 9.28 -15.79
N LEU C 385 -15.43 9.93 -16.58
CA LEU C 385 -15.67 10.14 -17.99
C LEU C 385 -14.43 9.86 -18.83
N GLY C 386 -13.37 9.37 -18.18
CA GLY C 386 -12.17 8.97 -18.90
C GLY C 386 -11.52 10.04 -19.75
N SER C 387 -11.00 9.62 -20.90
CA SER C 387 -10.14 10.43 -21.77
C SER C 387 -10.89 11.17 -22.85
N HIS C 388 -12.14 10.78 -23.08
CA HIS C 388 -12.84 11.19 -24.32
C HIS C 388 -13.76 12.41 -24.17
N THR C 389 -14.26 12.62 -22.97
CA THR C 389 -15.33 13.59 -22.69
C THR C 389 -15.02 14.46 -21.47
N THR C 390 -15.12 15.78 -21.68
CA THR C 390 -14.83 16.75 -20.65
C THR C 390 -16.00 16.86 -19.67
N GLY C 391 -15.69 16.93 -18.37
CA GLY C 391 -16.75 17.13 -17.37
C GLY C 391 -17.22 18.56 -17.37
N LEU C 392 -18.50 18.77 -17.25
CA LEU C 392 -19.13 20.05 -17.26
C LEU C 392 -20.22 20.14 -16.24
N MET C 393 -20.15 21.18 -15.47
CA MET C 393 -21.14 21.59 -14.50
C MET C 393 -21.44 23.10 -14.69
N GLY C 394 -22.56 23.60 -14.17
CA GLY C 394 -22.78 25.04 -14.09
C GLY C 394 -24.03 25.40 -13.31
N ASN C 395 -24.27 26.71 -13.16
CA ASN C 395 -25.41 27.17 -12.39
C ASN C 395 -26.51 27.76 -13.30
N ASN C 396 -26.39 27.48 -14.61
CA ASN C 396 -27.33 27.98 -15.61
C ASN C 396 -27.40 27.01 -16.79
N ASP C 397 -28.58 26.48 -17.02
CA ASP C 397 -28.77 25.43 -18.01
C ASP C 397 -28.69 25.88 -19.47
N ASP C 398 -28.97 27.14 -19.75
CA ASP C 398 -28.72 27.71 -21.09
C ASP C 398 -27.21 27.76 -21.40
N LEU C 399 -26.39 28.18 -20.44
CA LEU C 399 -24.97 28.26 -20.68
C LEU C 399 -24.41 26.85 -20.91
N VAL C 400 -24.72 25.96 -19.98
CA VAL C 400 -24.24 24.60 -20.05
C VAL C 400 -24.67 23.97 -21.38
N GLY C 401 -25.95 24.12 -21.73
CA GLY C 401 -26.44 23.63 -23.00
C GLY C 401 -25.73 24.22 -24.21
N GLN C 402 -25.39 25.50 -24.13
CA GLN C 402 -24.60 26.12 -25.20
C GLN C 402 -23.18 25.51 -25.39
N LEU C 403 -22.50 25.26 -24.29
CA LEU C 403 -21.18 24.60 -24.34
C LEU C 403 -21.30 23.14 -24.83
N LEU C 404 -22.39 22.47 -24.47
CA LEU C 404 -22.57 21.06 -24.91
C LEU C 404 -22.77 21.05 -26.42
N ASP C 405 -23.60 21.98 -26.91
CA ASP C 405 -23.88 22.06 -28.35
C ASP C 405 -22.62 22.39 -29.13
N ALA C 406 -21.77 23.28 -28.58
CA ALA C 406 -20.51 23.69 -29.24
C ALA C 406 -19.55 22.53 -29.28
N GLY C 407 -19.48 21.82 -28.16
CA GLY C 407 -18.68 20.62 -28.05
C GLY C 407 -19.10 19.59 -29.09
N LYS C 408 -20.39 19.43 -29.30
CA LYS C 408 -20.87 18.50 -30.34
C LYS C 408 -20.44 18.92 -31.76
N ARG C 409 -20.63 20.19 -32.12
CA ARG C 409 -20.23 20.61 -33.47
C ARG C 409 -18.71 20.70 -33.70
N ALA C 410 -17.98 20.89 -32.62
CA ALA C 410 -16.53 21.04 -32.70
C ALA C 410 -15.80 19.69 -32.68
N ASP C 411 -16.55 18.60 -32.42
CA ASP C 411 -16.02 17.30 -32.03
C ASP C 411 -14.99 17.40 -30.92
N ASP C 412 -15.40 18.00 -29.81
CA ASP C 412 -14.58 18.11 -28.60
C ASP C 412 -15.60 18.12 -27.46
N ARG C 413 -16.12 16.93 -27.18
CA ARG C 413 -17.34 16.79 -26.43
C ARG C 413 -17.16 16.92 -24.94
N ALA C 414 -18.22 17.44 -24.32
CA ALA C 414 -18.38 17.50 -22.88
C ALA C 414 -19.64 16.73 -22.46
N TRP C 415 -19.83 16.58 -21.16
CA TRP C 415 -21.01 15.92 -20.67
C TRP C 415 -21.34 16.50 -19.31
N GLN C 416 -22.62 16.77 -19.08
CA GLN C 416 -23.04 17.42 -17.85
C GLN C 416 -23.07 16.49 -16.63
N LEU C 417 -22.63 17.03 -15.50
CA LEU C 417 -22.78 16.34 -14.23
C LEU C 417 -23.59 17.27 -13.35
N PRO C 418 -24.36 16.69 -12.43
CA PRO C 418 -25.32 17.44 -11.63
C PRO C 418 -24.69 18.18 -10.45
N LEU C 419 -25.11 19.41 -10.19
CA LEU C 419 -24.77 20.06 -8.92
C LEU C 419 -25.97 20.09 -7.95
N PHE C 420 -26.55 18.92 -7.64
CA PHE C 420 -27.58 18.78 -6.60
C PHE C 420 -27.10 19.29 -5.22
N ASP C 421 -28.01 19.91 -4.48
CA ASP C 421 -27.69 20.51 -3.16
C ASP C 421 -27.24 19.54 -2.05
N GLU C 422 -27.62 18.27 -2.17
CA GLU C 422 -27.25 17.23 -1.22
C GLU C 422 -25.74 17.06 -1.19
N TYR C 423 -25.07 17.31 -2.31
CA TYR C 423 -23.64 17.17 -2.41
C TYR C 423 -22.92 18.25 -1.60
N GLN C 424 -23.61 19.38 -1.38
CA GLN C 424 -23.04 20.56 -0.72
C GLN C 424 -22.60 20.30 0.74
N GLU C 425 -23.38 19.48 1.48
CA GLU C 425 -23.10 19.22 2.89
C GLU C 425 -21.77 18.48 3.12
N GLN C 426 -21.27 17.81 2.09
CA GLN C 426 -19.92 17.18 2.10
C GLN C 426 -18.77 18.19 2.32
N LEU C 427 -19.02 19.45 1.98
CA LEU C 427 -18.01 20.52 2.19
C LEU C 427 -18.08 21.21 3.55
N ASP C 428 -19.00 20.80 4.42
CA ASP C 428 -19.07 21.34 5.80
C ASP C 428 -17.74 21.21 6.58
N SER C 429 -17.48 22.19 7.42
CA SER C 429 -16.33 22.19 8.30
C SER C 429 -16.88 22.61 9.63
N PRO C 430 -16.39 21.99 10.73
CA PRO C 430 -16.90 22.54 11.99
C PRO C 430 -16.29 23.93 12.28
N PHE C 431 -15.18 24.33 11.65
CA PHE C 431 -14.55 25.62 11.96
C PHE C 431 -14.79 26.77 10.97
N ALA C 432 -14.45 26.54 9.72
CA ALA C 432 -14.56 27.52 8.65
C ALA C 432 -15.91 27.45 7.94
N ASP C 433 -16.20 28.36 7.01
CA ASP C 433 -17.46 28.24 6.23
C ASP C 433 -17.58 26.94 5.43
N MET C 434 -16.45 26.44 4.96
CA MET C 434 -16.43 25.22 4.18
C MET C 434 -15.04 24.64 4.26
N GLY C 435 -14.93 23.34 3.99
CA GLY C 435 -13.65 22.67 3.79
C GLY C 435 -13.45 22.67 2.29
N ASN C 436 -12.23 22.36 1.84
CA ASN C 436 -11.96 22.35 0.42
C ASN C 436 -12.08 20.97 -0.24
N ILE C 437 -12.32 19.90 0.53
CA ILE C 437 -12.60 18.59 -0.06
C ILE C 437 -13.84 17.93 0.56
N GLY C 438 -14.42 16.98 -0.17
CA GLY C 438 -15.68 16.36 0.24
C GLY C 438 -15.66 14.86 0.47
N GLY C 439 -14.47 14.27 0.40
CA GLY C 439 -14.31 12.82 0.68
C GLY C 439 -14.17 11.99 -0.59
N PRO C 440 -14.22 10.66 -0.46
CA PRO C 440 -14.05 9.78 -1.66
C PRO C 440 -15.24 9.73 -2.66
N LYS C 441 -16.44 10.15 -2.24
CA LYS C 441 -17.63 10.04 -3.08
C LYS C 441 -17.94 11.34 -3.85
N ALA C 442 -18.24 11.18 -5.15
CA ALA C 442 -18.69 12.28 -5.99
C ALA C 442 -17.67 13.41 -6.05
N GLY C 443 -16.38 13.07 -6.24
CA GLY C 443 -15.25 14.02 -6.23
C GLY C 443 -15.25 15.13 -7.27
N THR C 444 -15.62 14.80 -8.50
CA THR C 444 -15.75 15.80 -9.57
C THR C 444 -16.87 16.77 -9.23
N ILE C 445 -17.99 16.23 -8.76
CA ILE C 445 -19.15 17.03 -8.37
C ILE C 445 -18.87 17.96 -7.16
N THR C 446 -18.22 17.48 -6.11
CA THR C 446 -17.95 18.34 -4.95
C THR C 446 -16.98 19.48 -5.27
N ALA C 447 -15.99 19.23 -6.12
CA ALA C 447 -15.20 20.35 -6.63
C ALA C 447 -16.09 21.39 -7.32
N GLY C 448 -16.99 20.94 -8.21
CA GLY C 448 -17.98 21.86 -8.80
C GLY C 448 -18.81 22.61 -7.77
N CYS C 449 -19.32 21.89 -6.77
CA CYS C 449 -20.08 22.50 -5.69
C CYS C 449 -19.27 23.57 -4.96
N PHE C 450 -17.99 23.28 -4.73
CA PHE C 450 -17.14 24.19 -3.98
C PHE C 450 -17.07 25.50 -4.82
N LEU C 451 -16.82 25.38 -6.13
CA LEU C 451 -16.70 26.56 -6.98
C LEU C 451 -18.01 27.35 -7.10
N SER C 452 -19.14 26.65 -7.20
CA SER C 452 -20.42 27.33 -7.34
C SER C 452 -20.63 28.32 -6.23
N ARG C 453 -20.01 28.11 -5.07
CA ARG C 453 -20.24 29.04 -3.96
C ARG C 453 -19.65 30.42 -4.22
N PHE C 454 -18.79 30.53 -5.22
CA PHE C 454 -18.10 31.78 -5.56
C PHE C 454 -18.58 32.42 -6.87
N ALA C 455 -19.51 31.72 -7.53
CA ALA C 455 -20.01 32.13 -8.84
C ALA C 455 -21.48 32.52 -8.84
N LYS C 456 -22.01 32.95 -7.70
CA LYS C 456 -23.46 33.24 -7.63
C LYS C 456 -23.94 34.53 -8.36
N ALA C 457 -23.01 35.41 -8.70
CA ALA C 457 -23.36 36.71 -9.22
C ALA C 457 -23.56 36.71 -10.72
N TYR C 458 -23.22 35.62 -11.41
CA TYR C 458 -23.35 35.62 -12.88
C TYR C 458 -23.64 34.20 -13.37
N ASN C 459 -23.90 34.08 -14.67
CA ASN C 459 -24.06 32.77 -15.28
C ASN C 459 -22.68 32.13 -15.46
N TRP C 460 -22.52 30.92 -14.93
CA TRP C 460 -21.22 30.30 -14.80
C TRP C 460 -21.27 28.82 -15.11
N ALA C 461 -20.18 28.35 -15.69
CA ALA C 461 -20.01 26.95 -15.96
C ALA C 461 -18.55 26.62 -15.72
N HIS C 462 -18.31 25.31 -15.55
CA HIS C 462 -17.04 24.75 -15.08
C HIS C 462 -16.75 23.48 -15.81
N MET C 463 -15.57 23.44 -16.43
CA MET C 463 -15.12 22.36 -17.26
C MET C 463 -13.94 21.64 -16.63
N ASP C 464 -14.10 20.35 -16.29
CA ASP C 464 -13.02 19.61 -15.70
C ASP C 464 -12.35 18.85 -16.83
N ILE C 465 -11.12 19.25 -17.18
CA ILE C 465 -10.40 18.62 -18.31
C ILE C 465 -9.27 17.70 -17.89
N ALA C 466 -9.28 17.29 -16.63
CA ALA C 466 -8.24 16.41 -16.08
C ALA C 466 -8.02 15.23 -17.00
N GLY C 467 -9.05 14.82 -17.73
CA GLY C 467 -8.90 13.64 -18.60
C GLY C 467 -8.74 13.92 -20.07
N THR C 468 -9.07 15.12 -20.51
CA THR C 468 -9.09 15.40 -21.94
C THR C 468 -7.90 16.28 -22.37
N ALA C 469 -7.16 16.82 -21.40
CA ALA C 469 -6.11 17.82 -21.70
C ALA C 469 -4.74 17.29 -22.15
N TRP C 470 -4.44 16.03 -21.86
CA TRP C 470 -3.17 15.39 -22.21
C TRP C 470 -3.31 13.87 -22.34
N ILE C 471 -2.43 13.26 -23.10
CA ILE C 471 -2.33 11.80 -23.21
C ILE C 471 -1.13 11.35 -22.37
N SER C 472 -1.36 10.33 -21.54
CA SER C 472 -0.37 9.82 -20.56
C SER C 472 0.84 9.05 -21.12
N GLY C 473 0.64 8.21 -22.14
CA GLY C 473 1.76 7.39 -22.62
C GLY C 473 1.72 7.15 -24.11
N GLY C 474 2.64 6.31 -24.59
CA GLY C 474 2.70 5.94 -26.00
C GLY C 474 3.60 6.86 -26.80
N LYS C 475 3.56 6.72 -28.11
CA LYS C 475 4.25 7.67 -28.97
C LYS C 475 3.64 9.10 -28.80
N ASP C 476 2.31 9.15 -28.70
CA ASP C 476 1.60 10.43 -28.63
C ASP C 476 1.44 11.07 -27.23
N LYS C 477 2.12 10.60 -26.19
CA LYS C 477 2.12 11.28 -24.88
C LYS C 477 2.25 12.83 -25.03
N GLY C 478 1.34 13.59 -24.45
CA GLY C 478 1.48 15.04 -24.41
C GLY C 478 0.17 15.79 -24.41
N ALA C 479 0.26 17.10 -24.35
CA ALA C 479 -0.94 17.95 -24.40
C ALA C 479 -1.72 17.69 -25.68
N THR C 480 -3.04 17.65 -25.55
CA THR C 480 -3.95 17.46 -26.69
C THR C 480 -4.39 18.81 -27.30
N GLY C 481 -4.51 19.86 -26.48
CA GLY C 481 -5.03 21.13 -26.99
C GLY C 481 -6.51 21.37 -26.73
N ARG C 482 -7.19 20.36 -26.17
CA ARG C 482 -8.58 20.49 -25.71
C ARG C 482 -8.59 21.30 -24.40
N PRO C 483 -9.55 22.16 -24.21
CA PRO C 483 -10.74 22.22 -25.03
C PRO C 483 -10.81 23.48 -25.95
N VAL C 484 -9.72 23.80 -26.58
CA VAL C 484 -9.69 24.92 -27.49
C VAL C 484 -10.79 24.86 -28.58
N PRO C 485 -11.00 23.66 -29.20
CA PRO C 485 -12.09 23.55 -30.18
C PRO C 485 -13.44 23.91 -29.58
N LEU C 486 -13.80 23.32 -28.43
CA LEU C 486 -15.09 23.63 -27.80
C LEU C 486 -15.20 25.12 -27.49
N LEU C 487 -14.20 25.69 -26.82
CA LEU C 487 -14.34 27.07 -26.36
C LEU C 487 -14.43 28.05 -27.50
N THR C 488 -13.60 27.83 -28.53
CA THR C 488 -13.63 28.65 -29.72
C THR C 488 -14.95 28.44 -30.41
N GLN C 489 -15.44 27.21 -30.45
CA GLN C 489 -16.72 27.01 -31.15
C GLN C 489 -17.86 27.74 -30.42
N TYR C 490 -17.83 27.76 -29.09
CA TYR C 490 -18.83 28.51 -28.31
C TYR C 490 -18.78 30.01 -28.67
N LEU C 491 -17.57 30.53 -28.79
CA LEU C 491 -17.42 31.97 -29.07
C LEU C 491 -17.87 32.37 -30.50
N LEU C 492 -17.53 31.55 -31.51
CA LEU C 492 -18.12 31.66 -32.86
C LEU C 492 -19.65 31.68 -32.82
N ASP C 493 -20.23 30.81 -32.01
CA ASP C 493 -21.68 30.71 -31.90
C ASP C 493 -22.21 32.05 -31.38
N ARG C 494 -21.57 32.59 -30.33
CA ARG C 494 -22.00 33.88 -29.73
C ARG C 494 -21.76 35.07 -30.65
N ALA C 495 -20.73 34.99 -31.47
CA ALA C 495 -20.41 36.04 -32.43
C ALA C 495 -21.18 35.88 -33.72
N GLY C 496 -22.07 34.89 -33.79
CA GLY C 496 -22.82 34.56 -35.02
C GLY C 496 -22.01 34.36 -36.30
N ALA C 497 -20.84 33.71 -36.20
CA ALA C 497 -19.94 33.57 -37.35
C ALA C 497 -19.97 32.16 -38.01
N MET D 1 18.24 -34.46 30.41
CA MET D 1 19.19 -33.89 31.41
C MET D 1 18.72 -33.96 32.87
N GLU D 2 19.41 -34.79 33.65
CA GLU D 2 19.20 -34.94 35.08
C GLU D 2 19.76 -33.74 35.87
N LEU D 3 19.01 -33.31 36.88
CA LEU D 3 19.43 -32.23 37.76
C LEU D 3 19.28 -32.62 39.24
N VAL D 4 20.39 -32.65 39.98
CA VAL D 4 20.35 -33.04 41.42
C VAL D 4 21.05 -32.06 42.36
N VAL D 5 20.80 -32.25 43.65
CA VAL D 5 21.28 -31.35 44.70
C VAL D 5 22.07 -32.11 45.73
N LYS D 6 23.27 -31.66 46.03
CA LYS D 6 24.10 -32.32 47.02
C LYS D 6 24.69 -31.26 47.91
N SER D 7 25.08 -31.62 49.13
CA SER D 7 25.56 -30.67 50.14
C SER D 7 27.05 -30.72 50.44
N VAL D 8 27.84 -31.34 49.57
CA VAL D 8 29.28 -31.45 49.77
C VAL D 8 30.06 -30.18 49.39
N ALA D 9 31.28 -30.08 49.92
CA ALA D 9 32.21 -29.04 49.53
C ALA D 9 32.52 -29.11 48.04
N ALA D 10 32.67 -27.95 47.40
CA ALA D 10 32.90 -27.88 45.95
C ALA D 10 34.18 -28.61 45.51
N ALA D 11 35.27 -28.38 46.23
CA ALA D 11 36.56 -29.01 45.95
C ALA D 11 36.55 -30.54 45.96
N SER D 12 35.59 -31.12 46.68
CA SER D 12 35.55 -32.56 46.99
C SER D 12 35.00 -33.41 45.85
N VAL D 13 34.11 -32.82 45.06
CA VAL D 13 33.33 -33.65 44.17
C VAL D 13 33.99 -33.82 42.80
N LYS D 14 33.99 -35.06 42.34
CA LYS D 14 34.59 -35.46 41.07
C LYS D 14 33.62 -35.16 39.93
N THR D 15 34.11 -34.50 38.88
CA THR D 15 33.29 -33.96 37.80
C THR D 15 34.08 -33.55 36.56
N ALA D 16 33.44 -33.64 35.40
CA ALA D 16 34.01 -33.11 34.15
C ALA D 16 34.27 -31.59 34.18
N THR D 17 33.35 -30.85 34.80
CA THR D 17 33.43 -29.39 34.89
C THR D 17 32.81 -28.89 36.19
N LEU D 18 33.60 -28.13 36.95
CA LEU D 18 33.13 -27.43 38.13
C LEU D 18 32.97 -25.91 37.80
N VAL D 19 31.85 -25.31 38.19
CA VAL D 19 31.53 -23.92 37.86
C VAL D 19 31.38 -23.12 39.15
N ILE D 20 32.12 -22.00 39.22
CA ILE D 20 32.13 -21.10 40.37
C ILE D 20 32.07 -19.66 39.90
N PRO D 21 31.47 -18.76 40.72
CA PRO D 21 31.38 -17.36 40.33
C PRO D 21 32.60 -16.51 40.71
N VAL D 22 32.93 -15.51 39.89
CA VAL D 22 33.92 -14.51 40.25
C VAL D 22 33.31 -13.12 40.03
N GLY D 23 33.46 -12.26 41.05
CA GLY D 23 33.02 -10.88 40.99
C GLY D 23 34.06 -9.96 40.32
N GLU D 24 33.63 -8.75 40.01
CA GLU D 24 34.51 -7.72 39.49
C GLU D 24 35.70 -7.53 40.46
N ASN D 25 36.83 -7.06 39.94
CA ASN D 25 38.08 -6.92 40.75
C ASN D 25 38.56 -8.19 41.44
N ARG D 26 38.34 -9.34 40.79
CA ARG D 26 38.87 -10.62 41.23
C ARG D 26 38.38 -11.03 42.63
N LYS D 27 37.10 -10.74 42.94
CA LYS D 27 36.58 -11.01 44.29
C LYS D 27 35.90 -12.36 44.43
N LEU D 28 36.55 -13.22 45.23
CA LEU D 28 36.09 -14.55 45.49
C LEU D 28 35.29 -14.57 46.77
N GLY D 29 34.05 -15.04 46.68
CA GLY D 29 33.21 -15.28 47.85
C GLY D 29 33.66 -16.55 48.53
N ALA D 30 32.96 -16.93 49.60
CA ALA D 30 33.38 -18.04 50.49
C ALA D 30 33.57 -19.38 49.76
N VAL D 31 32.57 -19.80 49.00
CA VAL D 31 32.62 -21.05 48.23
C VAL D 31 33.78 -21.05 47.25
N ALA D 32 33.91 -19.94 46.51
CA ALA D 32 34.93 -19.82 45.47
C ALA D 32 36.35 -19.74 46.03
N LYS D 33 36.51 -19.07 47.18
CA LYS D 33 37.80 -19.02 47.91
C LYS D 33 38.28 -20.42 48.36
N ALA D 34 37.35 -21.20 48.93
CA ALA D 34 37.62 -22.60 49.28
C ALA D 34 38.15 -23.39 48.09
N VAL D 35 37.65 -23.10 46.87
CA VAL D 35 38.06 -23.86 45.70
C VAL D 35 39.45 -23.42 45.26
N ASP D 36 39.70 -22.12 45.37
CA ASP D 36 41.00 -21.55 45.13
C ASP D 36 42.08 -22.19 46.03
N LEU D 37 41.83 -22.24 47.33
CA LEU D 37 42.79 -22.78 48.29
C LEU D 37 43.12 -24.21 47.94
N ALA D 38 42.06 -25.00 47.82
CA ALA D 38 42.10 -26.39 47.41
C ALA D 38 42.80 -26.62 46.06
N SER D 39 42.92 -25.58 45.23
CA SER D 39 43.63 -25.68 43.93
C SER D 39 45.02 -25.06 44.05
N GLU D 40 45.43 -24.83 45.31
CA GLU D 40 46.76 -24.31 45.67
C GLU D 40 47.00 -22.93 45.10
N GLY D 41 45.93 -22.14 45.09
CA GLY D 41 45.97 -20.78 44.56
C GLY D 41 46.16 -20.67 43.04
N ALA D 42 45.90 -21.75 42.31
CA ALA D 42 46.02 -21.71 40.85
C ALA D 42 45.00 -20.76 40.20
N ILE D 43 43.83 -20.63 40.83
CA ILE D 43 42.72 -19.86 40.28
C ILE D 43 42.98 -18.37 40.46
N SER D 44 43.27 -17.94 41.69
CA SER D 44 43.66 -16.55 41.95
C SER D 44 44.92 -16.12 41.18
N ALA D 45 45.85 -17.06 40.97
CA ALA D 45 47.04 -16.81 40.11
C ALA D 45 46.66 -16.48 38.66
N VAL D 46 45.77 -17.25 38.05
CA VAL D 46 45.35 -16.92 36.69
C VAL D 46 44.50 -15.63 36.65
N LEU D 47 43.73 -15.37 37.71
CA LEU D 47 42.90 -14.16 37.72
C LEU D 47 43.75 -12.89 37.72
N LYS D 48 44.92 -12.96 38.35
CA LYS D 48 45.84 -11.81 38.40
C LYS D 48 46.20 -11.30 37.00
N ARG D 49 46.05 -12.14 35.98
CA ARG D 49 46.39 -11.75 34.60
C ARG D 49 45.35 -10.92 33.87
N GLY D 50 44.13 -10.86 34.40
CA GLY D 50 43.17 -9.85 33.95
C GLY D 50 42.25 -10.20 32.80
N ASP D 51 42.27 -11.46 32.37
CA ASP D 51 41.46 -11.95 31.25
C ASP D 51 39.95 -11.93 31.57
N LEU D 52 39.61 -12.09 32.85
CA LEU D 52 38.20 -12.08 33.28
C LEU D 52 37.88 -10.85 34.12
N ALA D 53 37.06 -9.95 33.57
CA ALA D 53 36.74 -8.70 34.27
C ALA D 53 35.75 -8.89 35.42
N GLY D 54 35.03 -10.02 35.40
CA GLY D 54 34.06 -10.37 36.44
C GLY D 54 32.67 -9.85 36.17
N LYS D 55 32.42 -9.38 34.95
CA LYS D 55 31.10 -8.89 34.59
C LYS D 55 30.11 -10.04 34.46
N PRO D 56 28.84 -9.81 34.84
CA PRO D 56 27.94 -10.96 34.88
C PRO D 56 27.91 -11.69 33.54
N GLY D 57 28.11 -13.01 33.58
CA GLY D 57 28.05 -13.86 32.40
C GLY D 57 29.35 -14.05 31.66
N GLN D 58 30.38 -13.29 32.04
CA GLN D 58 31.71 -13.47 31.47
C GLN D 58 32.30 -14.79 31.98
N THR D 59 33.07 -15.45 31.12
CA THR D 59 33.64 -16.73 31.50
C THR D 59 35.09 -16.84 31.07
N LEU D 60 35.81 -17.63 31.86
CA LEU D 60 37.20 -17.98 31.59
C LEU D 60 37.20 -19.48 31.93
N LEU D 61 37.73 -20.31 31.05
CA LEU D 61 37.67 -21.75 31.30
C LEU D 61 39.05 -22.30 31.60
N LEU D 62 39.19 -23.03 32.71
CA LEU D 62 40.50 -23.61 33.11
C LEU D 62 40.52 -25.13 32.94
N GLN D 63 41.69 -25.71 32.69
CA GLN D 63 41.82 -27.15 32.56
C GLN D 63 42.82 -27.76 33.57
N ASN D 64 42.71 -29.05 33.87
CA ASN D 64 42.63 -29.47 35.27
C ASN D 64 43.83 -29.08 36.15
N LEU D 65 43.49 -28.72 37.40
CA LEU D 65 44.31 -28.04 38.39
C LEU D 65 44.70 -29.02 39.49
N GLN D 66 45.98 -29.05 39.84
CA GLN D 66 46.44 -29.93 40.89
C GLN D 66 45.68 -29.66 42.19
N GLY D 67 45.38 -30.73 42.92
CA GLY D 67 44.67 -30.64 44.19
C GLY D 67 43.16 -30.52 44.03
N LEU D 68 42.70 -30.49 42.80
CA LEU D 68 41.26 -30.51 42.54
C LEU D 68 40.83 -31.85 41.98
N LYS D 69 39.54 -32.14 42.12
CA LYS D 69 38.96 -33.39 41.56
C LYS D 69 38.16 -33.13 40.29
N ALA D 70 38.21 -31.88 39.82
CA ALA D 70 37.51 -31.47 38.61
C ALA D 70 38.44 -31.43 37.39
N GLU D 71 38.02 -32.05 36.30
CA GLU D 71 38.82 -32.03 35.07
C GLU D 71 38.91 -30.63 34.45
N ARG D 72 37.87 -29.82 34.63
CA ARG D 72 37.83 -28.45 34.13
C ARG D 72 37.20 -27.55 35.19
N VAL D 73 37.65 -26.31 35.27
CA VAL D 73 36.98 -25.29 36.11
C VAL D 73 36.57 -24.10 35.28
N LEU D 74 35.31 -23.70 35.43
CA LEU D 74 34.73 -22.56 34.72
C LEU D 74 34.41 -21.41 35.67
N LEU D 75 35.08 -20.30 35.44
CA LEU D 75 34.85 -19.10 36.19
C LEU D 75 33.83 -18.29 35.45
N VAL D 76 32.74 -17.97 36.14
CA VAL D 76 31.72 -17.09 35.60
C VAL D 76 31.60 -15.82 36.43
N GLY D 77 31.48 -14.69 35.75
CA GLY D 77 31.34 -13.43 36.42
C GLY D 77 29.97 -13.22 37.04
N SER D 78 29.99 -12.68 38.26
CA SER D 78 28.78 -12.40 39.02
C SER D 78 28.58 -10.90 39.30
N GLY D 79 29.40 -10.03 38.67
CA GLY D 79 29.24 -8.57 38.78
C GLY D 79 29.73 -7.99 40.10
N LYS D 80 29.45 -6.71 40.38
CA LYS D 80 29.89 -6.08 41.64
C LYS D 80 29.29 -6.80 42.86
N ASP D 81 29.72 -6.42 44.05
CA ASP D 81 29.30 -7.09 45.28
C ASP D 81 27.83 -6.80 45.63
N GLU D 82 26.94 -7.12 44.68
CA GLU D 82 25.54 -6.70 44.72
C GLU D 82 24.61 -7.82 44.31
N ALA D 83 23.36 -7.72 44.73
CA ALA D 83 22.33 -8.65 44.31
C ALA D 83 22.14 -8.51 42.80
N LEU D 84 22.02 -9.62 42.08
CA LEU D 84 21.70 -9.56 40.65
C LEU D 84 20.22 -9.46 40.48
N GLY D 85 19.79 -8.84 39.37
CA GLY D 85 18.38 -8.81 38.99
C GLY D 85 18.02 -10.14 38.34
N ASP D 86 16.73 -10.44 38.26
CA ASP D 86 16.24 -11.65 37.61
C ASP D 86 16.93 -11.87 36.30
N ARG D 87 16.83 -10.88 35.40
CA ARG D 87 17.27 -10.99 34.01
C ARG D 87 18.76 -11.24 33.94
N THR D 88 19.51 -10.52 34.75
CA THR D 88 20.97 -10.67 34.79
C THR D 88 21.40 -12.09 35.25
N TRP D 89 20.66 -12.62 36.23
CA TRP D 89 20.85 -13.94 36.83
C TRP D 89 20.65 -14.99 35.75
N ARG D 90 19.47 -14.98 35.16
CA ARG D 90 19.14 -15.91 34.07
C ARG D 90 20.16 -15.90 32.91
N LYS D 91 20.68 -14.73 32.53
CA LYS D 91 21.72 -14.59 31.49
C LYS D 91 23.08 -15.18 31.87
N LEU D 92 23.43 -15.07 33.16
CA LEU D 92 24.60 -15.69 33.75
C LEU D 92 24.52 -17.23 33.60
N VAL D 93 23.38 -17.79 33.97
CA VAL D 93 23.10 -19.24 33.85
C VAL D 93 23.15 -19.77 32.41
N ALA D 94 22.55 -19.05 31.47
CA ALA D 94 22.50 -19.45 30.06
C ALA D 94 23.87 -19.35 29.44
N SER D 95 24.64 -18.37 29.88
CA SER D 95 26.00 -18.22 29.41
C SER D 95 26.84 -19.42 29.90
N VAL D 96 26.66 -19.80 31.16
CA VAL D 96 27.28 -21.03 31.68
C VAL D 96 26.84 -22.22 30.83
N ALA D 97 25.52 -22.40 30.76
CA ALA D 97 24.96 -23.54 30.03
C ALA D 97 25.54 -23.58 28.60
N GLY D 98 25.77 -22.40 28.04
CA GLY D 98 26.31 -22.25 26.69
C GLY D 98 27.73 -22.74 26.53
N VAL D 99 28.58 -22.51 27.53
CA VAL D 99 29.93 -23.04 27.44
C VAL D 99 29.89 -24.57 27.64
N LEU D 100 29.07 -25.02 28.58
CA LEU D 100 28.96 -26.46 28.87
C LEU D 100 28.46 -27.27 27.68
N LYS D 101 27.52 -26.71 26.90
CA LYS D 101 26.94 -27.41 25.74
C LYS D 101 28.00 -27.74 24.71
N GLY D 102 29.07 -26.94 24.67
CA GLY D 102 30.14 -27.14 23.69
C GLY D 102 31.32 -27.92 24.24
N LEU D 103 31.14 -28.51 25.41
CA LEU D 103 32.17 -29.32 26.04
C LEU D 103 31.84 -30.80 25.92
N ASN D 104 32.88 -31.62 25.92
CA ASN D 104 32.74 -33.06 25.91
C ASN D 104 32.63 -33.58 27.35
N GLY D 105 31.80 -32.93 28.15
CA GLY D 105 31.70 -33.24 29.56
C GLY D 105 30.39 -33.94 29.77
N ALA D 106 30.42 -35.06 30.47
CA ALA D 106 29.22 -35.85 30.70
C ALA D 106 28.41 -35.25 31.83
N ASP D 107 29.05 -34.44 32.66
CA ASP D 107 28.43 -33.90 33.87
C ASP D 107 28.99 -32.51 34.22
N ALA D 108 28.29 -31.75 35.05
CA ALA D 108 28.83 -30.49 35.54
C ALA D 108 28.30 -30.23 36.94
N VAL D 109 29.08 -29.45 37.70
CA VAL D 109 28.71 -29.06 39.05
C VAL D 109 28.69 -27.53 39.17
N LEU D 110 27.56 -26.99 39.63
CA LEU D 110 27.37 -25.56 39.76
C LEU D 110 27.47 -25.21 41.23
N ALA D 111 28.49 -24.47 41.59
CA ALA D 111 28.72 -24.12 42.97
C ALA D 111 28.58 -22.61 43.02
N LEU D 112 27.33 -22.15 43.05
CA LEU D 112 27.02 -20.72 42.85
C LEU D 112 26.26 -20.18 44.03
N ASP D 113 26.37 -20.89 45.15
CA ASP D 113 25.70 -20.50 46.38
C ASP D 113 25.95 -19.04 46.81
N ASP D 114 27.14 -18.50 46.56
CA ASP D 114 27.43 -17.10 46.94
C ASP D 114 26.73 -15.98 46.13
N VAL D 115 26.16 -16.29 44.97
CA VAL D 115 25.47 -15.24 44.20
C VAL D 115 24.13 -14.96 44.85
N ALA D 116 23.83 -13.69 45.09
CA ALA D 116 22.53 -13.33 45.59
C ALA D 116 21.67 -12.72 44.49
N VAL D 117 20.41 -13.10 44.47
CA VAL D 117 19.48 -12.62 43.47
C VAL D 117 18.51 -11.70 44.19
N ASN D 118 18.17 -10.59 43.54
CA ASN D 118 17.35 -9.53 44.13
C ASN D 118 15.91 -9.91 44.42
N ASN D 119 15.46 -9.68 45.66
CA ASN D 119 14.05 -9.94 46.06
C ASN D 119 13.67 -11.44 46.00
N ARG D 120 14.58 -12.35 45.68
CA ARG D 120 14.57 -13.80 45.60
C ARG D 120 15.20 -14.38 46.86
N ASP D 121 14.59 -15.33 47.63
CA ASP D 121 15.23 -16.06 48.73
C ASP D 121 16.34 -16.93 48.13
N ALA D 122 17.36 -17.23 48.93
CA ALA D 122 18.59 -17.91 48.48
C ALA D 122 18.47 -19.40 48.08
N HIS D 123 17.36 -20.06 48.43
CA HIS D 123 17.25 -21.48 48.12
C HIS D 123 16.17 -21.83 47.08
N TYR D 124 14.93 -21.45 47.35
CA TYR D 124 13.82 -21.62 46.42
C TYR D 124 13.86 -20.68 45.19
N GLY D 125 13.62 -19.38 45.39
CA GLY D 125 13.53 -18.38 44.30
C GLY D 125 14.72 -18.35 43.36
N LYS D 126 15.90 -18.18 43.94
CA LYS D 126 17.17 -18.22 43.20
C LYS D 126 17.20 -19.41 42.21
N TYR D 127 16.97 -20.62 42.73
CA TYR D 127 17.17 -21.82 41.95
C TYR D 127 16.01 -22.18 41.06
N ARG D 128 14.79 -21.75 41.43
CA ARG D 128 13.65 -21.89 40.52
C ARG D 128 14.05 -21.34 39.18
N LEU D 129 14.72 -20.17 39.21
CA LEU D 129 15.06 -19.47 37.98
C LEU D 129 16.24 -20.13 37.28
N LEU D 130 17.26 -20.49 38.03
CA LEU D 130 18.41 -21.19 37.47
C LEU D 130 18.02 -22.52 36.84
N ALA D 131 17.24 -23.32 37.57
CA ALA D 131 16.86 -24.65 37.08
C ALA D 131 15.99 -24.56 35.82
N GLU D 132 15.14 -23.54 35.74
CA GLU D 132 14.21 -23.40 34.63
C GLU D 132 14.94 -22.93 33.38
N THR D 133 15.84 -21.96 33.54
CA THR D 133 16.65 -21.45 32.43
C THR D 133 17.59 -22.51 31.85
N LEU D 134 18.09 -23.38 32.72
CA LEU D 134 19.03 -24.45 32.36
C LEU D 134 18.37 -25.62 31.64
N LEU D 135 17.28 -26.13 32.19
CA LEU D 135 16.52 -27.19 31.55
C LEU D 135 15.80 -26.70 30.26
N ASP D 136 15.17 -25.52 30.28
CA ASP D 136 14.59 -24.94 29.07
C ASP D 136 15.66 -24.63 27.99
N GLY D 137 16.89 -24.31 28.39
CA GLY D 137 17.90 -24.01 27.39
C GLY D 137 18.51 -25.23 26.73
N GLU D 138 18.09 -26.44 27.15
CA GLU D 138 18.49 -27.66 26.44
C GLU D 138 17.54 -27.99 25.30
N TYR D 139 16.41 -27.28 25.24
CA TYR D 139 15.41 -27.53 24.20
C TYR D 139 16.01 -27.50 22.79
N VAL D 140 15.71 -28.57 22.05
CA VAL D 140 16.10 -28.78 20.65
C VAL D 140 14.86 -29.23 19.84
N PHE D 141 14.65 -28.64 18.66
CA PHE D 141 13.58 -29.06 17.74
C PHE D 141 14.19 -29.41 16.37
N ASP D 142 14.85 -30.55 16.22
CA ASP D 142 15.70 -30.88 15.05
C ASP D 142 15.09 -31.95 14.16
N ARG D 143 13.83 -32.19 14.48
CA ARG D 143 13.03 -33.28 13.98
C ARG D 143 12.75 -33.29 12.48
N PHE D 144 12.75 -32.14 11.88
CA PHE D 144 12.65 -32.05 10.48
C PHE D 144 13.98 -31.78 9.82
N LYS D 145 15.08 -31.78 10.54
CA LYS D 145 16.40 -31.75 9.89
C LYS D 145 16.71 -33.18 9.44
N SER D 146 17.14 -33.34 8.18
CA SER D 146 17.39 -34.69 7.68
C SER D 146 18.82 -35.07 8.00
N GLN D 147 19.63 -34.08 8.36
CA GLN D 147 20.92 -34.33 8.97
C GLN D 147 20.66 -34.50 10.47
N LYS D 148 20.70 -35.75 10.95
CA LYS D 148 20.57 -35.94 12.40
C LYS D 148 21.74 -35.29 13.12
N VAL D 149 21.38 -34.40 14.06
CA VAL D 149 22.33 -33.47 14.69
C VAL D 149 23.24 -34.24 15.67
N GLU D 150 24.41 -33.68 15.94
CA GLU D 150 25.39 -34.32 16.83
C GLU D 150 24.88 -34.36 18.27
N PRO D 151 24.69 -35.59 18.80
CA PRO D 151 24.14 -35.78 20.14
C PRO D 151 25.13 -35.25 21.19
N ARG D 152 24.64 -34.47 22.16
CA ARG D 152 25.51 -33.83 23.14
C ARG D 152 26.15 -34.74 24.20
N ALA D 153 27.09 -34.15 24.96
CA ALA D 153 27.81 -34.87 25.97
C ALA D 153 27.15 -34.72 27.34
N LEU D 154 26.70 -33.51 27.66
CA LEU D 154 26.19 -33.19 28.99
C LEU D 154 24.86 -33.90 29.30
N LYS D 155 24.80 -34.57 30.45
CA LYS D 155 23.66 -35.41 30.79
C LYS D 155 23.26 -35.19 32.23
N LYS D 156 24.22 -34.75 33.03
CA LYS D 156 24.02 -34.53 34.46
C LYS D 156 24.57 -33.16 34.91
N VAL D 157 23.75 -32.40 35.63
CA VAL D 157 24.24 -31.21 36.35
C VAL D 157 23.85 -31.35 37.81
N THR D 158 24.86 -31.20 38.67
CA THR D 158 24.69 -31.21 40.11
C THR D 158 24.70 -29.75 40.63
N LEU D 159 23.70 -29.40 41.43
CA LEU D 159 23.74 -28.16 42.22
C LEU D 159 24.19 -28.37 43.68
N LEU D 160 25.21 -27.61 44.11
CA LEU D 160 25.66 -27.54 45.52
C LEU D 160 25.07 -26.39 46.35
N ALA D 161 24.36 -26.77 47.43
CA ALA D 161 23.92 -25.85 48.48
C ALA D 161 24.43 -26.30 49.86
N ASP D 162 24.35 -25.40 50.84
CA ASP D 162 24.63 -25.74 52.24
C ASP D 162 23.59 -26.78 52.71
N LYS D 163 23.85 -27.46 53.83
CA LYS D 163 22.89 -28.45 54.32
C LYS D 163 21.51 -27.85 54.62
N ALA D 164 21.49 -26.78 55.42
CA ALA D 164 20.23 -26.16 55.84
C ALA D 164 19.20 -25.90 54.72
N GLY D 165 19.65 -25.38 53.57
CA GLY D 165 18.75 -25.07 52.44
C GLY D 165 18.54 -26.17 51.40
N GLN D 166 19.20 -27.30 51.57
CA GLN D 166 19.12 -28.37 50.58
C GLN D 166 17.67 -28.72 50.22
N ALA D 167 16.81 -28.93 51.22
CA ALA D 167 15.41 -29.33 50.93
C ALA D 167 14.69 -28.30 50.05
N GLU D 168 14.87 -27.03 50.38
CA GLU D 168 14.31 -25.94 49.61
C GLU D 168 14.83 -25.85 48.17
N VAL D 169 16.11 -26.18 47.97
CA VAL D 169 16.66 -26.20 46.62
C VAL D 169 16.02 -27.34 45.80
N GLU D 170 15.88 -28.50 46.42
CA GLU D 170 15.20 -29.64 45.78
C GLU D 170 13.73 -29.36 45.42
N ARG D 171 13.01 -28.68 46.30
CA ARG D 171 11.69 -28.21 45.97
C ARG D 171 11.73 -27.31 44.70
N ALA D 172 12.65 -26.35 44.63
CA ALA D 172 12.81 -25.54 43.40
C ALA D 172 13.16 -26.37 42.16
N VAL D 173 14.06 -27.35 42.31
CA VAL D 173 14.40 -28.27 41.21
C VAL D 173 13.17 -29.07 40.74
N LYS D 174 12.40 -29.56 41.70
CA LYS D 174 11.22 -30.37 41.36
C LYS D 174 10.25 -29.52 40.52
N HIS D 175 9.96 -28.31 41.01
CA HIS D 175 9.04 -27.39 40.33
C HIS D 175 9.53 -26.92 38.95
N ALA D 176 10.78 -26.50 38.87
CA ALA D 176 11.35 -26.09 37.61
C ALA D 176 11.39 -27.24 36.60
N SER D 177 11.59 -28.48 37.07
CA SER D 177 11.57 -29.64 36.18
C SER D 177 10.21 -29.84 35.54
N ALA D 178 9.19 -29.70 36.38
CA ALA D 178 7.81 -29.77 35.98
C ALA D 178 7.55 -28.70 34.94
N ILE D 179 7.87 -27.45 35.25
CA ILE D 179 7.60 -26.34 34.32
C ILE D 179 8.39 -26.49 33.02
N ALA D 180 9.69 -26.79 33.15
CA ALA D 180 10.56 -27.05 32.00
C ALA D 180 10.05 -28.15 31.07
N THR D 181 9.58 -29.25 31.64
CA THR D 181 8.97 -30.31 30.85
C THR D 181 7.64 -29.87 30.18
N GLY D 182 6.75 -29.19 30.91
CA GLY D 182 5.58 -28.54 30.30
C GLY D 182 5.90 -27.55 29.16
N MET D 183 6.98 -26.78 29.27
CA MET D 183 7.36 -25.82 28.21
C MET D 183 7.85 -26.53 26.93
N ALA D 184 8.60 -27.63 27.07
CA ALA D 184 9.02 -28.44 25.90
C ALA D 184 7.85 -29.02 25.08
N PHE D 185 6.80 -29.46 25.76
CA PHE D 185 5.63 -30.01 25.10
C PHE D 185 4.95 -28.85 24.35
N THR D 186 4.73 -27.77 25.07
CA THR D 186 4.21 -26.53 24.48
C THR D 186 4.98 -26.08 23.20
N ARG D 187 6.31 -25.98 23.32
CA ARG D 187 7.18 -25.57 22.22
C ARG D 187 7.16 -26.55 21.03
N ASP D 188 7.15 -27.85 21.32
CA ASP D 188 7.02 -28.88 20.30
C ASP D 188 5.72 -28.69 19.50
N LEU D 189 4.61 -28.58 20.22
CA LEU D 189 3.32 -28.35 19.59
C LEU D 189 3.29 -27.05 18.76
N GLY D 190 3.91 -25.99 19.27
CA GLY D 190 3.88 -24.70 18.62
C GLY D 190 4.71 -24.67 17.36
N ASN D 191 5.95 -25.14 17.47
CA ASN D 191 6.85 -25.32 16.33
C ASN D 191 6.41 -26.31 15.21
N LEU D 192 5.63 -27.32 15.58
CA LEU D 192 5.15 -28.32 14.61
C LEU D 192 4.40 -27.59 13.48
N PRO D 193 4.73 -27.91 12.21
CA PRO D 193 4.11 -27.23 11.09
C PRO D 193 2.63 -27.62 10.94
N PRO D 194 1.82 -26.66 10.45
CA PRO D 194 0.36 -26.83 10.42
C PRO D 194 -0.18 -27.95 9.49
N ASN D 195 0.65 -28.44 8.55
CA ASN D 195 0.28 -29.62 7.74
C ASN D 195 0.24 -30.91 8.57
N LEU D 196 1.08 -31.01 9.62
CA LEU D 196 1.04 -32.11 10.59
C LEU D 196 0.24 -31.75 11.86
N CYS D 197 0.41 -30.53 12.36
CA CYS D 197 -0.25 -30.10 13.59
C CYS D 197 -1.58 -29.41 13.32
N HIS D 198 -2.61 -30.24 13.10
CA HIS D 198 -3.98 -29.77 12.91
C HIS D 198 -4.83 -30.20 14.13
N PRO D 199 -6.13 -29.78 14.20
CA PRO D 199 -6.96 -30.11 15.37
C PRO D 199 -7.04 -31.62 15.68
N SER D 200 -7.27 -32.44 14.65
CA SER D 200 -7.32 -33.91 14.82
C SER D 200 -6.01 -34.42 15.41
N PHE D 201 -4.88 -33.93 14.90
CA PHE D 201 -3.59 -34.27 15.48
C PHE D 201 -3.56 -33.89 16.97
N LEU D 202 -4.05 -32.70 17.29
CA LEU D 202 -4.12 -32.30 18.70
C LEU D 202 -5.06 -33.22 19.51
N ALA D 203 -6.15 -33.69 18.88
CA ALA D 203 -7.09 -34.60 19.55
C ALA D 203 -6.41 -35.89 19.94
N GLU D 204 -5.63 -36.42 19.00
CA GLU D 204 -4.88 -37.66 19.19
C GLU D 204 -3.87 -37.52 20.33
N GLN D 205 -3.21 -36.35 20.42
CA GLN D 205 -2.24 -36.06 21.49
C GLN D 205 -2.89 -36.05 22.88
N ALA D 206 -4.09 -35.49 22.97
CA ALA D 206 -4.83 -35.47 24.24
C ALA D 206 -5.25 -36.87 24.66
N LYS D 207 -5.80 -37.63 23.72
CA LYS D 207 -6.14 -39.03 23.99
C LYS D 207 -4.93 -39.82 24.52
N GLU D 208 -3.76 -39.66 23.89
CA GLU D 208 -2.57 -40.42 24.28
C GLU D 208 -2.13 -40.01 25.65
N LEU D 209 -2.15 -38.70 25.91
CA LEU D 209 -1.92 -38.19 27.26
C LEU D 209 -2.90 -38.83 28.28
N GLY D 210 -4.17 -38.99 27.89
CA GLY D 210 -5.18 -39.56 28.78
C GLY D 210 -4.92 -41.03 29.08
N LYS D 211 -4.22 -41.70 28.18
CA LYS D 211 -3.92 -43.12 28.30
C LYS D 211 -2.64 -43.39 29.13
N ALA D 212 -2.02 -42.29 29.56
CA ALA D 212 -0.78 -42.34 30.28
C ALA D 212 -0.90 -41.95 31.75
N HIS D 213 -2.02 -41.36 32.17
CA HIS D 213 -2.18 -40.88 33.56
C HIS D 213 -3.50 -41.28 34.17
N LYS D 214 -3.46 -41.78 35.39
CA LYS D 214 -4.68 -42.28 35.98
C LYS D 214 -5.74 -41.32 36.33
N ALA D 215 -5.38 -40.10 36.70
CA ALA D 215 -6.34 -39.11 37.17
C ALA D 215 -6.93 -38.19 36.04
N LEU D 216 -6.60 -38.52 34.79
CA LEU D 216 -6.97 -37.70 33.63
C LEU D 216 -7.83 -38.46 32.62
N LYS D 217 -9.05 -37.99 32.42
CA LYS D 217 -9.88 -38.48 31.32
C LYS D 217 -10.06 -37.39 30.24
N VAL D 218 -10.01 -37.84 28.99
CA VAL D 218 -10.11 -36.99 27.83
C VAL D 218 -11.33 -37.38 26.98
N GLU D 219 -11.99 -36.34 26.47
CA GLU D 219 -13.21 -36.41 25.67
C GLU D 219 -13.04 -35.45 24.49
N VAL D 220 -13.19 -35.96 23.27
CA VAL D 220 -13.00 -35.17 22.05
C VAL D 220 -14.36 -34.91 21.36
N LEU D 221 -14.74 -33.65 21.17
CA LEU D 221 -16.01 -33.36 20.50
C LEU D 221 -15.74 -32.94 19.08
N ASP D 222 -16.34 -33.62 18.12
CA ASP D 222 -16.04 -33.35 16.70
C ASP D 222 -16.91 -32.23 16.10
N GLU D 223 -16.79 -32.02 14.78
CA GLU D 223 -17.50 -30.96 14.07
C GLU D 223 -19.02 -31.04 14.29
N LYS D 224 -19.59 -32.25 14.20
CA LYS D 224 -21.04 -32.44 14.33
C LYS D 224 -21.54 -32.12 15.74
N LYS D 225 -20.85 -32.64 16.74
CA LYS D 225 -21.16 -32.33 18.13
C LYS D 225 -20.98 -30.84 18.48
N ILE D 226 -19.94 -30.20 17.95
CA ILE D 226 -19.82 -28.74 18.10
C ILE D 226 -21.09 -28.03 17.61
N LYS D 227 -21.55 -28.40 16.42
CA LYS D 227 -22.73 -27.80 15.80
C LYS D 227 -23.99 -28.09 16.63
N ASP D 228 -24.24 -29.37 16.90
CA ASP D 228 -25.37 -29.80 17.71
C ASP D 228 -25.50 -29.08 19.05
N LEU D 229 -24.37 -28.73 19.68
CA LEU D 229 -24.45 -28.01 20.94
C LEU D 229 -24.93 -26.57 20.74
N GLY D 230 -24.97 -26.12 19.48
CA GLY D 230 -25.47 -24.80 19.19
C GLY D 230 -24.32 -23.79 19.19
N MET D 231 -23.09 -24.28 19.02
CA MET D 231 -21.89 -23.42 18.99
C MET D 231 -21.68 -22.77 17.61
N GLY D 232 -22.53 -21.80 17.27
CA GLY D 232 -22.56 -21.25 15.90
C GLY D 232 -21.28 -20.54 15.48
N ALA D 233 -20.64 -19.90 16.45
CA ALA D 233 -19.42 -19.10 16.28
C ALA D 233 -18.19 -20.01 16.10
N PHE D 234 -18.05 -20.98 17.01
CA PHE D 234 -17.02 -22.01 16.90
C PHE D 234 -17.11 -22.69 15.50
N TYR D 235 -18.33 -23.10 15.13
CA TYR D 235 -18.53 -23.82 13.88
C TYR D 235 -18.18 -22.93 12.69
N ALA D 236 -18.60 -21.66 12.73
CA ALA D 236 -18.38 -20.78 11.58
C ALA D 236 -16.90 -20.69 11.28
N VAL D 237 -16.09 -20.68 12.31
CA VAL D 237 -14.67 -20.50 12.11
C VAL D 237 -14.10 -21.67 11.35
N GLY D 238 -14.46 -22.88 11.76
CA GLY D 238 -13.79 -24.08 11.28
C GLY D 238 -14.31 -24.59 9.95
N GLN D 239 -15.51 -24.17 9.58
CA GLN D 239 -16.22 -24.79 8.44
C GLN D 239 -15.54 -24.65 7.10
N GLY D 240 -14.70 -23.62 6.93
CA GLY D 240 -14.06 -23.38 5.64
C GLY D 240 -12.93 -24.31 5.25
N SER D 241 -12.45 -25.08 6.24
CA SER D 241 -11.27 -25.94 6.11
C SER D 241 -11.61 -27.40 5.74
N ASP D 242 -10.70 -28.07 5.03
CA ASP D 242 -10.77 -29.54 4.85
C ASP D 242 -10.47 -30.31 6.16
N GLN D 243 -9.79 -29.67 7.11
CA GLN D 243 -9.53 -30.23 8.44
C GLN D 243 -10.59 -29.75 9.41
N PRO D 244 -11.39 -30.67 9.98
CA PRO D 244 -12.49 -30.10 10.72
C PRO D 244 -12.06 -29.74 12.14
N PRO D 245 -12.91 -28.98 12.85
CA PRO D 245 -12.61 -28.52 14.20
C PRO D 245 -12.73 -29.62 15.29
N ARG D 246 -12.07 -29.38 16.42
CA ARG D 246 -12.18 -30.26 17.62
C ARG D 246 -12.29 -29.41 18.88
N LEU D 247 -13.18 -29.79 19.78
CA LEU D 247 -13.14 -29.22 21.13
C LEU D 247 -12.67 -30.34 22.07
N ILE D 248 -11.44 -30.19 22.57
CA ILE D 248 -10.82 -31.23 23.37
C ILE D 248 -10.97 -30.89 24.87
N VAL D 249 -11.54 -31.83 25.64
CA VAL D 249 -11.70 -31.69 27.10
C VAL D 249 -10.73 -32.62 27.85
N LEU D 250 -9.77 -32.00 28.55
CA LEU D 250 -8.82 -32.75 29.38
C LEU D 250 -9.12 -32.49 30.85
N ASN D 251 -9.76 -33.47 31.47
CA ASN D 251 -10.20 -33.38 32.87
C ASN D 251 -9.29 -34.15 33.85
N TYR D 252 -8.47 -33.41 34.59
CA TYR D 252 -7.62 -33.97 35.64
C TYR D 252 -8.26 -33.75 37.00
N GLN D 253 -8.56 -34.86 37.69
CA GLN D 253 -9.12 -34.85 39.04
C GLN D 253 -8.01 -35.19 40.03
N GLY D 254 -7.40 -34.16 40.61
CA GLY D 254 -6.34 -34.34 41.59
C GLY D 254 -6.64 -33.88 43.01
N GLY D 255 -7.76 -33.18 43.20
CA GLY D 255 -8.15 -32.74 44.53
C GLY D 255 -9.38 -33.51 44.96
N LYS D 256 -10.06 -33.01 46.00
CA LYS D 256 -11.25 -33.66 46.54
C LYS D 256 -12.32 -33.61 45.48
N LYS D 257 -13.33 -34.46 45.61
CA LYS D 257 -14.39 -34.45 44.62
C LYS D 257 -15.27 -33.19 44.67
N ALA D 258 -15.46 -32.62 45.88
CA ALA D 258 -16.29 -31.42 46.04
C ALA D 258 -15.57 -30.09 45.74
N ASP D 259 -14.26 -30.14 45.44
CA ASP D 259 -13.48 -28.94 45.09
C ASP D 259 -13.93 -28.42 43.73
N LYS D 260 -14.36 -27.16 43.69
CA LYS D 260 -14.71 -26.51 42.43
C LYS D 260 -13.44 -26.43 41.62
N PRO D 261 -13.51 -26.79 40.33
CA PRO D 261 -12.30 -26.82 39.53
C PRO D 261 -11.79 -25.43 39.06
N PHE D 262 -10.58 -25.44 38.51
CA PHE D 262 -10.00 -24.36 37.73
C PHE D 262 -10.07 -24.83 36.30
N VAL D 263 -10.48 -23.90 35.42
CA VAL D 263 -10.64 -24.17 33.99
C VAL D 263 -9.69 -23.33 33.16
N LEU D 264 -8.94 -24.01 32.30
CA LEU D 264 -8.06 -23.35 31.35
C LEU D 264 -8.65 -23.53 29.95
N VAL D 265 -8.84 -22.40 29.28
CA VAL D 265 -9.40 -22.38 27.94
C VAL D 265 -8.34 -21.85 27.01
N GLY D 266 -7.96 -22.65 26.02
CA GLY D 266 -6.88 -22.23 25.13
C GLY D 266 -7.31 -22.15 23.68
N LYS D 267 -6.96 -21.05 23.03
CA LYS D 267 -7.25 -20.87 21.63
C LYS D 267 -6.36 -21.83 20.85
N GLY D 268 -6.97 -22.76 20.11
CA GLY D 268 -6.20 -23.64 19.24
C GLY D 268 -6.42 -23.48 17.74
N ILE D 269 -6.28 -22.26 17.22
CA ILE D 269 -6.30 -22.06 15.77
C ILE D 269 -4.97 -22.57 15.22
N THR D 270 -5.03 -23.75 14.60
CA THR D 270 -3.82 -24.49 14.21
C THR D 270 -3.15 -23.85 12.99
N PHE D 271 -3.95 -23.20 12.16
CA PHE D 271 -3.42 -22.20 11.26
C PHE D 271 -4.42 -21.10 10.97
N ASP D 272 -3.90 -19.90 10.84
CA ASP D 272 -4.79 -18.78 10.63
C ASP D 272 -4.38 -18.07 9.35
N THR D 273 -5.19 -18.28 8.30
CA THR D 273 -4.96 -17.56 7.05
C THR D 273 -5.66 -16.19 7.11
N GLY D 274 -6.44 -15.92 8.16
CA GLY D 274 -7.40 -14.81 8.11
C GLY D 274 -8.75 -15.27 7.55
N GLY D 275 -8.78 -16.36 6.81
CA GLY D 275 -10.02 -16.78 6.16
C GLY D 275 -10.27 -15.94 4.92
N ILE D 276 -11.53 -15.58 4.69
CA ILE D 276 -11.93 -14.79 3.54
C ILE D 276 -11.32 -13.35 3.65
N SER D 277 -11.23 -12.85 4.88
CA SER D 277 -10.50 -11.62 5.23
C SER D 277 -9.05 -12.03 5.32
N LEU D 278 -8.51 -12.43 4.19
CA LEU D 278 -7.23 -13.07 4.10
C LEU D 278 -6.09 -12.20 4.58
N LYS D 279 -5.18 -12.76 5.37
CA LYS D 279 -3.97 -12.04 5.78
C LYS D 279 -3.02 -11.74 4.62
N PRO D 280 -2.17 -10.71 4.77
CA PRO D 280 -1.10 -10.56 3.76
C PRO D 280 -0.11 -11.74 3.77
N GLY D 281 0.62 -11.96 2.68
CA GLY D 281 1.64 -13.03 2.63
C GLY D 281 2.82 -12.97 3.60
N ALA D 282 3.38 -11.77 3.81
CA ALA D 282 4.63 -11.62 4.57
C ALA D 282 4.50 -12.10 6.03
N GLY D 283 5.42 -12.96 6.46
CA GLY D 283 5.37 -13.50 7.79
C GLY D 283 4.13 -14.34 8.12
N MET D 284 3.38 -14.78 7.12
CA MET D 284 2.19 -15.58 7.46
C MET D 284 2.55 -16.97 8.05
N ASP D 285 3.77 -17.46 7.81
CA ASP D 285 4.22 -18.74 8.39
C ASP D 285 4.12 -18.78 9.93
N GLU D 286 4.23 -17.62 10.58
CA GLU D 286 4.14 -17.56 12.03
C GLU D 286 2.76 -17.76 12.60
N MET D 287 1.78 -17.92 11.72
CA MET D 287 0.40 -18.13 12.12
C MET D 287 0.12 -19.59 12.57
N LYS D 288 1.13 -20.46 12.39
CA LYS D 288 1.13 -21.81 13.01
C LYS D 288 1.22 -21.72 14.53
N TYR D 289 1.69 -20.58 15.04
CA TYR D 289 1.75 -20.29 16.49
C TYR D 289 0.42 -19.74 17.03
N ASP D 290 -0.62 -19.69 16.21
CA ASP D 290 -1.95 -19.24 16.68
C ASP D 290 -2.68 -20.31 17.51
N MET D 291 -2.04 -21.44 17.69
CA MET D 291 -2.56 -22.44 18.61
C MET D 291 -1.71 -22.53 19.88
N CYS D 292 -0.89 -21.51 20.11
CA CYS D 292 -0.01 -21.50 21.26
C CYS D 292 -0.77 -21.35 22.56
N GLY D 293 -2.01 -20.86 22.50
CA GLY D 293 -2.87 -20.77 23.70
C GLY D 293 -3.26 -22.16 24.17
N ALA D 294 -3.63 -22.99 23.20
CA ALA D 294 -3.96 -24.40 23.44
C ALA D 294 -2.67 -25.11 23.84
N ALA D 295 -1.54 -24.78 23.19
CA ALA D 295 -0.24 -25.41 23.55
C ALA D 295 0.19 -25.11 24.99
N SER D 296 0.00 -23.87 25.43
CA SER D 296 0.31 -23.57 26.84
C SER D 296 -0.61 -24.30 27.84
N VAL D 297 -1.80 -24.71 27.40
CA VAL D 297 -2.68 -25.49 28.28
C VAL D 297 -2.13 -26.92 28.42
N PHE D 298 -1.81 -27.55 27.29
CA PHE D 298 -1.18 -28.87 27.30
C PHE D 298 0.03 -28.90 28.23
N GLY D 299 0.86 -27.86 28.12
CA GLY D 299 2.09 -27.81 28.89
C GLY D 299 1.83 -27.60 30.35
N THR D 300 0.82 -26.82 30.69
CA THR D 300 0.56 -26.54 32.09
C THR D 300 0.02 -27.81 32.76
N LEU D 301 -0.84 -28.51 32.04
CA LEU D 301 -1.37 -29.80 32.46
C LEU D 301 -0.23 -30.83 32.62
N ARG D 302 0.64 -30.92 31.67
CA ARG D 302 1.74 -31.83 31.75
C ARG D 302 2.63 -31.59 33.00
N ALA D 303 2.83 -30.34 33.38
CA ALA D 303 3.58 -30.01 34.58
C ALA D 303 2.82 -30.33 35.86
N VAL D 304 1.53 -30.02 35.91
CA VAL D 304 0.73 -30.39 37.07
C VAL D 304 0.62 -31.93 37.17
N LEU D 305 0.45 -32.61 36.03
CA LEU D 305 0.44 -34.07 36.02
C LEU D 305 1.73 -34.57 36.67
N GLU D 306 2.87 -34.00 36.27
CA GLU D 306 4.18 -34.34 36.86
C GLU D 306 4.29 -34.08 38.37
N LEU D 307 3.70 -32.99 38.82
CA LEU D 307 3.72 -32.58 40.22
C LEU D 307 2.62 -33.25 41.02
N GLN D 308 1.71 -33.92 40.33
CA GLN D 308 0.57 -34.57 40.99
C GLN D 308 -0.17 -33.60 41.93
N LEU D 309 -0.23 -32.33 41.54
CA LEU D 309 -0.79 -31.26 42.37
C LEU D 309 -2.21 -31.58 42.79
N PRO D 310 -2.60 -31.19 44.03
CA PRO D 310 -3.91 -31.58 44.57
C PRO D 310 -5.07 -30.67 44.19
N VAL D 311 -5.34 -30.53 42.90
CA VAL D 311 -6.43 -29.67 42.45
C VAL D 311 -7.21 -30.39 41.35
N ASN D 312 -8.45 -29.96 41.15
CA ASN D 312 -9.25 -30.29 39.99
C ASN D 312 -9.03 -29.27 38.86
N LEU D 313 -8.61 -29.76 37.70
CA LEU D 313 -8.27 -28.86 36.62
C LEU D 313 -8.90 -29.33 35.31
N VAL D 314 -9.70 -28.48 34.70
CA VAL D 314 -10.36 -28.88 33.47
C VAL D 314 -9.78 -28.02 32.37
N CYS D 315 -9.22 -28.69 31.37
CA CYS D 315 -8.68 -28.02 30.20
C CYS D 315 -9.65 -28.17 29.04
N LEU D 316 -9.89 -27.04 28.37
CA LEU D 316 -10.74 -26.98 27.18
C LEU D 316 -9.99 -26.33 26.02
N LEU D 317 -9.75 -27.12 24.98
CA LEU D 317 -9.01 -26.64 23.84
C LEU D 317 -9.96 -26.44 22.65
N ALA D 318 -10.17 -25.17 22.30
CA ALA D 318 -10.95 -24.79 21.14
C ALA D 318 -10.06 -24.80 19.87
N CYS D 319 -10.15 -25.88 19.08
CA CYS D 319 -9.24 -26.09 17.94
C CYS D 319 -9.96 -26.03 16.58
N ALA D 320 -9.43 -25.21 15.66
CA ALA D 320 -9.94 -25.14 14.27
C ALA D 320 -8.85 -24.64 13.34
N GLU D 321 -9.04 -24.85 12.03
CA GLU D 321 -8.16 -24.28 11.04
C GLU D 321 -8.94 -23.21 10.25
N ASN D 322 -8.41 -21.98 10.24
CA ASN D 322 -9.03 -20.85 9.53
C ASN D 322 -8.53 -20.73 8.08
N MET D 323 -9.33 -21.21 7.14
CA MET D 323 -8.96 -21.31 5.76
C MET D 323 -9.99 -20.59 4.87
N PRO D 324 -9.58 -20.09 3.69
CA PRO D 324 -10.58 -19.64 2.74
C PRO D 324 -10.95 -20.79 1.78
N SER D 325 -12.15 -20.75 1.21
CA SER D 325 -12.67 -21.82 0.35
C SER D 325 -14.10 -21.48 -0.06
N GLY D 326 -14.66 -22.31 -0.93
CA GLY D 326 -16.01 -22.12 -1.39
C GLY D 326 -17.12 -22.22 -0.36
N GLY D 327 -16.81 -22.72 0.85
CA GLY D 327 -17.80 -22.77 1.91
C GLY D 327 -17.37 -22.11 3.21
N ALA D 328 -16.35 -21.29 3.14
CA ALA D 328 -15.95 -20.54 4.31
C ALA D 328 -16.93 -19.48 4.68
N THR D 329 -16.93 -19.12 5.94
CA THR D 329 -17.61 -17.97 6.45
C THR D 329 -17.25 -16.62 5.79
N ARG D 330 -18.29 -15.86 5.53
CA ARG D 330 -18.16 -14.55 4.98
C ARG D 330 -18.26 -13.44 6.02
N PRO D 331 -17.51 -12.39 5.75
CA PRO D 331 -17.73 -11.17 6.47
C PRO D 331 -19.15 -10.68 6.33
N GLY D 332 -19.77 -10.43 7.45
CA GLY D 332 -21.20 -10.17 7.34
C GLY D 332 -22.10 -11.31 7.73
N ASP D 333 -21.60 -12.56 7.74
CA ASP D 333 -22.37 -13.66 8.32
C ASP D 333 -22.82 -13.34 9.74
N ILE D 334 -24.06 -13.68 10.09
CA ILE D 334 -24.54 -13.61 11.48
C ILE D 334 -24.80 -15.03 12.00
N VAL D 335 -24.24 -15.39 13.16
CA VAL D 335 -24.37 -16.73 13.72
C VAL D 335 -24.96 -16.69 15.12
N THR D 336 -25.44 -17.84 15.59
CA THR D 336 -25.95 -17.94 16.95
C THR D 336 -24.98 -18.71 17.81
N THR D 337 -24.50 -18.02 18.83
CA THR D 337 -23.59 -18.57 19.83
C THR D 337 -24.29 -19.57 20.77
N MET D 338 -23.49 -20.42 21.42
CA MET D 338 -24.06 -21.40 22.31
C MET D 338 -24.88 -20.70 23.35
N SER D 339 -24.41 -19.53 23.80
CA SER D 339 -25.11 -18.74 24.84
C SER D 339 -26.44 -18.18 24.39
N GLY D 340 -26.71 -18.23 23.08
CA GLY D 340 -27.90 -17.61 22.56
C GLY D 340 -27.74 -16.17 22.11
N GLN D 341 -26.58 -15.55 22.35
CA GLN D 341 -26.32 -14.21 21.79
C GLN D 341 -25.95 -14.37 20.29
N THR D 342 -26.37 -13.43 19.47
CA THR D 342 -26.03 -13.45 18.03
C THR D 342 -24.84 -12.52 17.79
N VAL D 343 -24.02 -12.91 16.82
CA VAL D 343 -22.77 -12.21 16.53
C VAL D 343 -22.63 -12.10 15.01
N GLU D 344 -22.44 -10.85 14.54
CA GLU D 344 -22.15 -10.54 13.16
C GLU D 344 -20.64 -10.64 12.99
N ILE D 345 -20.21 -11.50 12.08
CA ILE D 345 -18.76 -11.71 11.85
C ILE D 345 -18.25 -10.74 10.75
N LEU D 346 -17.80 -9.56 11.16
CA LEU D 346 -17.51 -8.48 10.21
C LEU D 346 -16.12 -8.71 9.64
N ASN D 347 -15.27 -9.36 10.44
CA ASN D 347 -13.95 -9.78 10.01
C ASN D 347 -13.71 -11.23 10.37
N THR D 348 -13.41 -12.06 9.38
CA THR D 348 -13.19 -13.49 9.65
C THR D 348 -11.81 -13.76 10.24
N ASP D 349 -10.96 -12.73 10.34
CA ASP D 349 -9.61 -12.88 10.95
C ASP D 349 -9.68 -12.50 12.47
N ALA D 350 -10.86 -12.13 12.95
CA ALA D 350 -11.09 -12.01 14.41
C ALA D 350 -11.84 -13.25 14.83
N GLU D 351 -11.21 -14.42 14.64
CA GLU D 351 -11.86 -15.71 14.76
C GLU D 351 -11.51 -16.37 16.08
N GLY D 352 -10.38 -15.99 16.66
CA GLY D 352 -10.02 -16.56 17.95
C GLY D 352 -11.11 -16.37 19.00
N ARG D 353 -11.60 -15.15 19.09
CA ARG D 353 -12.67 -14.83 20.02
C ARG D 353 -13.96 -15.60 19.72
N LEU D 354 -14.13 -16.11 18.50
CA LEU D 354 -15.37 -16.78 18.12
C LEU D 354 -15.39 -18.20 18.66
N VAL D 355 -14.27 -18.91 18.47
CA VAL D 355 -14.13 -20.26 19.03
C VAL D 355 -14.07 -20.19 20.55
N LEU D 356 -13.40 -19.14 21.06
CA LEU D 356 -13.28 -18.96 22.50
C LEU D 356 -14.63 -18.71 23.17
N CYS D 357 -15.53 -17.97 22.49
CA CYS D 357 -16.77 -17.53 23.14
C CYS D 357 -17.76 -18.66 23.41
N ASP D 358 -17.83 -19.63 22.49
CA ASP D 358 -18.70 -20.77 22.70
C ASP D 358 -18.13 -21.72 23.74
N THR D 359 -16.80 -21.77 23.82
CA THR D 359 -16.08 -22.63 24.74
C THR D 359 -16.22 -22.15 26.20
N LEU D 360 -16.28 -20.83 26.36
CA LEU D 360 -16.53 -20.17 27.63
C LEU D 360 -17.94 -20.46 28.11
N THR D 361 -18.92 -20.43 27.21
CA THR D 361 -20.28 -20.86 27.56
C THR D 361 -20.28 -22.33 27.99
N TYR D 362 -19.57 -23.17 27.23
CA TYR D 362 -19.40 -24.61 27.55
C TYR D 362 -18.78 -24.87 28.94
N ALA D 363 -17.92 -23.96 29.41
CA ALA D 363 -17.20 -24.16 30.65
C ALA D 363 -18.08 -24.02 31.87
N GLU D 364 -19.29 -23.49 31.67
CA GLU D 364 -20.24 -23.29 32.76
C GLU D 364 -20.65 -24.59 33.45
N ARG D 365 -20.79 -25.69 32.69
CA ARG D 365 -21.19 -26.99 33.24
C ARG D 365 -20.25 -27.54 34.33
N PHE D 366 -19.07 -26.93 34.48
CA PHE D 366 -18.08 -27.40 35.42
C PHE D 366 -18.15 -26.71 36.76
N LYS D 367 -18.98 -25.67 36.84
CA LYS D 367 -19.10 -24.81 38.05
C LYS D 367 -17.72 -24.40 38.64
N PRO D 368 -16.91 -23.68 37.85
CA PRO D 368 -15.50 -23.42 38.24
C PRO D 368 -15.37 -22.34 39.29
N GLN D 369 -14.26 -22.37 40.05
CA GLN D 369 -13.93 -21.25 40.90
C GLN D 369 -13.18 -20.14 40.14
N ALA D 370 -12.54 -20.53 39.03
CA ALA D 370 -11.83 -19.62 38.12
C ALA D 370 -11.77 -20.22 36.71
N VAL D 371 -11.94 -19.35 35.73
CA VAL D 371 -11.76 -19.68 34.33
C VAL D 371 -10.76 -18.69 33.70
N ILE D 372 -9.65 -19.22 33.18
CA ILE D 372 -8.68 -18.33 32.53
C ILE D 372 -8.65 -18.73 31.08
N ASP D 373 -8.85 -17.78 30.17
CA ASP D 373 -8.59 -18.11 28.78
C ASP D 373 -7.23 -17.56 28.34
N ILE D 374 -6.53 -18.32 27.48
CA ILE D 374 -5.20 -18.00 27.00
C ILE D 374 -5.21 -18.03 25.45
N ALA D 375 -4.87 -16.91 24.82
CA ALA D 375 -5.00 -16.72 23.34
C ALA D 375 -3.94 -15.81 22.73
N THR D 376 -3.52 -16.14 21.52
CA THR D 376 -2.70 -15.28 20.68
C THR D 376 -3.74 -14.45 19.92
N LEU D 377 -4.35 -13.50 20.63
CA LEU D 377 -5.58 -12.95 20.15
C LEU D 377 -5.37 -11.78 19.20
N THR D 378 -4.54 -10.83 19.57
CA THR D 378 -4.53 -9.56 18.79
C THR D 378 -3.16 -9.02 18.39
N GLY D 379 -3.06 -8.52 17.16
CA GLY D 379 -1.90 -7.74 16.74
C GLY D 379 -1.74 -6.53 17.66
N ALA D 380 -2.88 -6.02 18.12
CA ALA D 380 -2.85 -4.80 18.94
C ALA D 380 -2.08 -4.98 20.26
N CYS D 381 -2.06 -6.22 20.79
CA CYS D 381 -1.34 -6.51 22.03
C CYS D 381 0.18 -6.37 21.89
N ILE D 382 0.68 -6.75 20.71
CA ILE D 382 2.10 -6.61 20.39
C ILE D 382 2.45 -5.11 20.42
N VAL D 383 1.66 -4.27 19.75
CA VAL D 383 1.78 -2.79 19.81
C VAL D 383 1.70 -2.25 21.25
N ALA D 384 0.81 -2.84 22.03
CA ALA D 384 0.55 -2.37 23.37
C ALA D 384 1.65 -2.78 24.33
N LEU D 385 2.02 -4.06 24.32
CA LEU D 385 2.88 -4.55 25.37
C LEU D 385 4.05 -5.29 24.85
N GLY D 386 4.24 -5.28 23.53
CA GLY D 386 5.41 -5.91 22.93
C GLY D 386 5.58 -7.39 23.20
N SER D 387 6.86 -7.77 23.30
CA SER D 387 7.33 -9.15 23.38
C SER D 387 7.50 -9.71 24.77
N HIS D 388 7.53 -8.85 25.78
CA HIS D 388 8.03 -9.26 27.10
C HIS D 388 6.96 -9.52 28.10
N THR D 389 5.78 -8.91 27.89
CA THR D 389 4.74 -8.89 28.93
C THR D 389 3.41 -9.29 28.37
N THR D 390 2.79 -10.28 29.02
CA THR D 390 1.49 -10.79 28.64
C THR D 390 0.35 -9.80 28.95
N GLY D 391 -0.55 -9.62 28.00
CA GLY D 391 -1.76 -8.86 28.24
C GLY D 391 -2.74 -9.59 29.13
N LEU D 392 -3.25 -8.91 30.16
CA LEU D 392 -4.17 -9.55 31.06
C LEU D 392 -5.36 -8.65 31.38
N MET D 393 -6.55 -9.24 31.23
CA MET D 393 -7.80 -8.62 31.56
C MET D 393 -8.70 -9.67 32.26
N GLY D 394 -9.68 -9.19 33.02
CA GLY D 394 -10.62 -10.09 33.70
C GLY D 394 -11.81 -9.39 34.33
N ASN D 395 -12.80 -10.17 34.79
CA ASN D 395 -14.02 -9.63 35.43
C ASN D 395 -13.94 -9.73 36.94
N ASN D 396 -12.77 -10.17 37.42
CA ASN D 396 -12.53 -10.30 38.85
C ASN D 396 -11.14 -9.85 39.22
N ASP D 397 -11.08 -8.80 40.01
CA ASP D 397 -9.81 -8.19 40.40
C ASP D 397 -8.87 -9.11 41.19
N ASP D 398 -9.39 -9.81 42.18
CA ASP D 398 -8.56 -10.70 42.99
C ASP D 398 -7.94 -11.78 42.13
N LEU D 399 -8.76 -12.38 41.24
CA LEU D 399 -8.24 -13.33 40.28
C LEU D 399 -7.15 -12.68 39.41
N VAL D 400 -7.34 -11.49 38.84
CA VAL D 400 -6.25 -10.89 38.02
C VAL D 400 -5.07 -10.57 38.93
N GLY D 401 -5.36 -10.04 40.10
CA GLY D 401 -4.32 -9.83 41.12
C GLY D 401 -3.50 -11.09 41.37
N GLN D 402 -4.17 -12.24 41.49
CA GLN D 402 -3.47 -13.51 41.71
C GLN D 402 -2.59 -13.93 40.56
N LEU D 403 -3.09 -13.73 39.34
CA LEU D 403 -2.35 -14.09 38.14
C LEU D 403 -1.15 -13.15 37.93
N LEU D 404 -1.36 -11.86 38.18
CA LEU D 404 -0.29 -10.87 38.18
C LEU D 404 0.79 -11.30 39.16
N ASP D 405 0.40 -11.62 40.40
CA ASP D 405 1.40 -11.97 41.40
C ASP D 405 2.17 -13.25 41.09
N ALA D 406 1.49 -14.21 40.47
CA ALA D 406 2.12 -15.42 39.98
C ALA D 406 3.19 -15.14 38.91
N GLY D 407 2.89 -14.22 37.99
CA GLY D 407 3.83 -13.86 36.94
C GLY D 407 5.11 -13.24 37.49
N LYS D 408 4.96 -12.37 38.48
CA LYS D 408 6.10 -11.72 39.12
C LYS D 408 7.00 -12.79 39.78
N ARG D 409 6.40 -13.76 40.47
CA ARG D 409 7.20 -14.84 41.07
C ARG D 409 7.82 -15.84 40.09
N ALA D 410 7.10 -16.21 39.05
CA ALA D 410 7.64 -17.10 38.00
C ALA D 410 8.68 -16.46 37.09
N ASP D 411 8.85 -15.14 37.22
CA ASP D 411 9.49 -14.33 36.16
C ASP D 411 8.92 -14.54 34.74
N ASP D 412 7.60 -14.47 34.63
CA ASP D 412 6.86 -14.61 33.39
C ASP D 412 5.68 -13.64 33.52
N ARG D 413 5.96 -12.35 33.34
CA ARG D 413 5.03 -11.32 33.78
C ARG D 413 3.85 -10.98 32.88
N ALA D 414 2.74 -10.61 33.51
CA ALA D 414 1.60 -10.08 32.80
C ALA D 414 1.47 -8.60 33.16
N TRP D 415 0.52 -7.93 32.53
CA TRP D 415 0.18 -6.56 32.88
C TRP D 415 -1.28 -6.36 32.56
N GLN D 416 -2.02 -5.75 33.50
CA GLN D 416 -3.46 -5.59 33.36
C GLN D 416 -3.85 -4.46 32.42
N LEU D 417 -4.84 -4.74 31.57
CA LEU D 417 -5.51 -3.71 30.78
C LEU D 417 -6.94 -3.59 31.25
N PRO D 418 -7.52 -2.38 31.16
CA PRO D 418 -8.86 -2.11 31.69
C PRO D 418 -9.97 -2.58 30.73
N LEU D 419 -11.13 -2.99 31.30
CA LEU D 419 -12.34 -3.32 30.53
C LEU D 419 -13.45 -2.31 30.84
N PHE D 420 -13.18 -1.03 30.63
CA PHE D 420 -14.18 0.00 30.90
C PHE D 420 -15.40 -0.13 29.98
N ASP D 421 -16.56 0.31 30.46
CA ASP D 421 -17.81 0.21 29.69
C ASP D 421 -17.84 1.03 28.39
N GLU D 422 -17.22 2.20 28.41
CA GLU D 422 -17.06 3.03 27.22
C GLU D 422 -16.55 2.23 26.02
N TYR D 423 -15.84 1.13 26.28
CA TYR D 423 -15.28 0.31 25.21
C TYR D 423 -16.33 -0.62 24.58
N GLN D 424 -17.43 -0.86 25.29
CA GLN D 424 -18.46 -1.84 24.87
C GLN D 424 -19.20 -1.46 23.57
N GLU D 425 -19.54 -0.17 23.46
CA GLU D 425 -20.25 0.38 22.30
C GLU D 425 -19.54 0.13 20.95
N GLN D 426 -18.21 -0.03 20.98
CA GLN D 426 -17.42 -0.32 19.77
C GLN D 426 -17.80 -1.66 19.12
N LEU D 427 -18.42 -2.55 19.90
CA LEU D 427 -18.84 -3.86 19.39
C LEU D 427 -20.31 -3.84 18.88
N ASP D 428 -20.94 -2.68 18.96
CA ASP D 428 -22.31 -2.56 18.50
C ASP D 428 -22.48 -2.88 17.01
N SER D 429 -23.57 -3.59 16.73
CA SER D 429 -23.96 -3.98 15.38
C SER D 429 -25.38 -3.47 15.15
N PRO D 430 -25.64 -2.96 13.93
CA PRO D 430 -26.96 -2.60 13.51
C PRO D 430 -27.94 -3.76 13.56
N PHE D 431 -27.48 -4.99 13.36
CA PHE D 431 -28.38 -6.16 13.17
C PHE D 431 -28.30 -7.27 14.25
N ALA D 432 -27.10 -7.60 14.73
CA ALA D 432 -26.95 -8.67 15.72
C ALA D 432 -26.68 -8.10 17.13
N ASP D 433 -26.67 -8.96 18.15
CA ASP D 433 -26.38 -8.49 19.51
C ASP D 433 -25.02 -7.76 19.62
N MET D 434 -24.04 -8.21 18.83
CA MET D 434 -22.71 -7.57 18.80
C MET D 434 -21.97 -7.92 17.51
N GLY D 435 -21.04 -7.07 17.12
CA GLY D 435 -20.11 -7.40 16.05
C GLY D 435 -18.89 -8.06 16.68
N ASN D 436 -18.09 -8.77 15.87
CA ASN D 436 -16.86 -9.35 16.40
C ASN D 436 -15.63 -8.45 16.37
N ILE D 437 -15.74 -7.21 15.89
CA ILE D 437 -14.63 -6.26 15.96
C ILE D 437 -15.07 -4.88 16.40
N GLY D 438 -14.13 -4.14 17.04
CA GLY D 438 -14.38 -2.79 17.50
C GLY D 438 -13.67 -1.65 16.78
N GLY D 439 -13.01 -1.96 15.65
CA GLY D 439 -12.24 -0.97 14.88
C GLY D 439 -10.77 -0.86 15.32
N PRO D 440 -10.05 0.13 14.78
CA PRO D 440 -8.59 0.17 14.97
C PRO D 440 -8.12 0.67 16.36
N LYS D 441 -9.01 1.19 17.19
CA LYS D 441 -8.59 1.67 18.51
C LYS D 441 -8.89 0.69 19.66
N ALA D 442 -7.90 0.52 20.54
CA ALA D 442 -8.03 -0.33 21.72
C ALA D 442 -8.35 -1.79 21.34
N GLY D 443 -7.56 -2.37 20.43
CA GLY D 443 -7.85 -3.72 19.90
C GLY D 443 -7.74 -4.88 20.90
N THR D 444 -6.70 -4.86 21.74
CA THR D 444 -6.56 -5.82 22.83
C THR D 444 -7.80 -5.73 23.77
N ILE D 445 -8.14 -4.51 24.21
CA ILE D 445 -9.28 -4.27 25.10
C ILE D 445 -10.67 -4.70 24.54
N THR D 446 -10.97 -4.37 23.28
CA THR D 446 -12.28 -4.69 22.74
C THR D 446 -12.47 -6.21 22.52
N ALA D 447 -11.40 -6.92 22.19
CA ALA D 447 -11.36 -8.37 22.22
C ALA D 447 -11.70 -8.93 23.61
N GLY D 448 -11.04 -8.39 24.64
CA GLY D 448 -11.35 -8.67 26.05
C GLY D 448 -12.82 -8.40 26.35
N CYS D 449 -13.33 -7.26 25.86
CA CYS D 449 -14.74 -6.86 26.04
C CYS D 449 -15.71 -7.83 25.37
N PHE D 450 -15.39 -8.22 24.15
CA PHE D 450 -16.14 -9.24 23.43
C PHE D 450 -16.27 -10.52 24.29
N LEU D 451 -15.14 -11.03 24.76
CA LEU D 451 -15.16 -12.28 25.55
C LEU D 451 -15.92 -12.14 26.87
N SER D 452 -15.71 -11.04 27.57
CA SER D 452 -16.37 -10.85 28.88
C SER D 452 -17.88 -11.02 28.80
N ARG D 453 -18.48 -10.82 27.63
CA ARG D 453 -19.92 -10.95 27.49
C ARG D 453 -20.38 -12.40 27.61
N PHE D 454 -19.43 -13.32 27.70
CA PHE D 454 -19.74 -14.75 27.72
C PHE D 454 -19.26 -15.41 29.00
N ALA D 455 -18.56 -14.64 29.82
CA ALA D 455 -17.91 -15.11 31.02
C ALA D 455 -18.61 -14.61 32.30
N LYS D 456 -19.89 -14.24 32.20
CA LYS D 456 -20.61 -13.69 33.35
C LYS D 456 -21.00 -14.68 34.46
N ALA D 457 -20.96 -16.00 34.20
CA ALA D 457 -21.30 -17.01 35.24
C ALA D 457 -20.20 -17.30 36.28
N TYR D 458 -19.00 -16.73 36.11
CA TYR D 458 -17.92 -17.13 36.98
C TYR D 458 -16.81 -16.11 36.99
N ASN D 459 -15.85 -16.30 37.89
CA ASN D 459 -14.65 -15.47 37.92
C ASN D 459 -13.73 -15.80 36.73
N TRP D 460 -13.36 -14.78 35.97
CA TRP D 460 -12.69 -15.00 34.68
C TRP D 460 -11.57 -13.99 34.38
N ALA D 461 -10.46 -14.51 33.89
CA ALA D 461 -9.36 -13.69 33.41
C ALA D 461 -9.05 -14.18 32.01
N HIS D 462 -8.44 -13.29 31.23
CA HIS D 462 -8.12 -13.51 29.80
C HIS D 462 -6.71 -13.02 29.53
N MET D 463 -5.93 -13.86 28.87
CA MET D 463 -4.51 -13.63 28.66
C MET D 463 -4.22 -13.59 27.17
N ASP D 464 -3.78 -12.43 26.70
CA ASP D 464 -3.39 -12.23 25.34
C ASP D 464 -1.87 -12.40 25.24
N ILE D 465 -1.45 -13.54 24.72
CA ILE D 465 -0.06 -13.92 24.59
C ILE D 465 0.44 -13.80 23.14
N ALA D 466 -0.28 -13.06 22.30
CA ALA D 466 0.16 -12.77 20.94
C ALA D 466 1.63 -12.31 20.83
N GLY D 467 2.09 -11.53 21.82
CA GLY D 467 3.48 -11.06 21.88
C GLY D 467 4.48 -11.97 22.60
N THR D 468 4.01 -12.81 23.52
CA THR D 468 4.90 -13.54 24.47
C THR D 468 5.09 -15.03 24.10
N ALA D 469 4.26 -15.55 23.19
CA ALA D 469 4.27 -16.99 22.86
C ALA D 469 5.29 -17.45 21.85
N TRP D 470 5.80 -16.57 21.00
CA TRP D 470 6.90 -16.97 20.13
C TRP D 470 7.86 -15.83 19.85
N ILE D 471 8.99 -16.13 19.23
CA ILE D 471 9.92 -15.15 18.74
C ILE D 471 9.97 -15.22 17.22
N SER D 472 9.81 -14.05 16.57
CA SER D 472 9.58 -13.98 15.12
C SER D 472 10.78 -14.31 14.27
N GLY D 473 11.98 -13.97 14.75
CA GLY D 473 13.18 -14.16 13.94
C GLY D 473 14.47 -14.40 14.69
N GLY D 474 15.57 -14.26 13.95
CA GLY D 474 16.90 -14.56 14.47
C GLY D 474 17.17 -16.05 14.71
N LYS D 475 18.11 -16.30 15.62
CA LYS D 475 18.54 -17.66 15.94
C LYS D 475 17.37 -18.36 16.62
N ASP D 476 16.84 -17.70 17.65
CA ASP D 476 15.87 -18.32 18.54
C ASP D 476 14.43 -18.14 18.07
N LYS D 477 14.21 -18.08 16.75
CA LYS D 477 12.84 -18.08 16.22
C LYS D 477 12.10 -19.36 16.64
N GLY D 478 10.97 -19.17 17.32
CA GLY D 478 10.11 -20.26 17.71
C GLY D 478 9.24 -19.95 18.91
N ALA D 479 8.46 -20.96 19.32
CA ALA D 479 7.65 -20.92 20.54
C ALA D 479 8.56 -20.78 21.76
N THR D 480 8.07 -20.15 22.81
CA THR D 480 8.85 -19.89 23.99
C THR D 480 8.33 -20.74 25.15
N GLY D 481 7.07 -21.17 25.07
CA GLY D 481 6.51 -21.93 26.17
C GLY D 481 5.79 -21.04 27.18
N ARG D 482 5.85 -19.71 26.98
CA ARG D 482 5.10 -18.80 27.83
C ARG D 482 3.66 -18.82 27.39
N PRO D 483 2.71 -18.88 28.30
CA PRO D 483 2.90 -18.59 29.71
C PRO D 483 2.80 -19.82 30.68
N VAL D 484 3.37 -20.95 30.34
CA VAL D 484 3.34 -22.11 31.22
C VAL D 484 3.87 -21.78 32.63
N PRO D 485 4.99 -21.01 32.74
CA PRO D 485 5.51 -20.67 34.07
C PRO D 485 4.51 -19.92 34.93
N LEU D 486 3.79 -18.98 34.31
CA LEU D 486 2.84 -18.19 35.08
C LEU D 486 1.70 -19.10 35.52
N LEU D 487 1.03 -19.75 34.57
CA LEU D 487 -0.16 -20.55 34.95
C LEU D 487 0.20 -21.64 35.96
N THR D 488 1.36 -22.28 35.76
CA THR D 488 1.79 -23.32 36.67
C THR D 488 2.04 -22.73 38.04
N GLN D 489 2.71 -21.57 38.09
CA GLN D 489 2.90 -20.84 39.35
C GLN D 489 1.56 -20.54 40.01
N TYR D 490 0.59 -20.11 39.21
CA TYR D 490 -0.72 -19.78 39.80
C TYR D 490 -1.41 -21.00 40.42
N LEU D 491 -1.20 -22.16 39.81
CA LEU D 491 -1.79 -23.38 40.27
C LEU D 491 -1.04 -23.90 41.49
N LEU D 492 0.28 -23.76 41.47
CA LEU D 492 1.10 -24.01 42.65
C LEU D 492 0.65 -23.18 43.85
N ASP D 493 0.39 -21.89 43.64
CA ASP D 493 -0.13 -21.03 44.70
C ASP D 493 -1.44 -21.62 45.21
N ARG D 494 -2.32 -22.00 44.28
CA ARG D 494 -3.66 -22.47 44.65
C ARG D 494 -3.57 -23.77 45.42
N ALA D 495 -2.61 -24.61 45.05
CA ALA D 495 -2.39 -25.90 45.70
C ALA D 495 -1.65 -25.78 47.06
N GLY D 496 -1.19 -24.58 47.39
CA GLY D 496 -0.37 -24.35 48.59
C GLY D 496 0.96 -25.08 48.59
N ALA D 497 1.51 -25.35 47.40
CA ALA D 497 2.71 -26.19 47.29
C ALA D 497 3.99 -25.37 47.39
N MET E 1 -21.84 31.66 30.97
CA MET E 1 -22.81 31.24 31.95
C MET E 1 -22.29 31.30 33.37
N GLU E 2 -23.10 31.94 34.19
CA GLU E 2 -22.81 32.18 35.58
C GLU E 2 -23.50 31.15 36.39
N LEU E 3 -22.83 30.62 37.36
CA LEU E 3 -23.33 29.47 38.10
C LEU E 3 -23.39 29.80 39.59
N VAL E 4 -24.58 29.68 40.20
CA VAL E 4 -24.74 29.89 41.65
C VAL E 4 -25.52 28.76 42.32
N VAL E 5 -25.36 28.67 43.65
CA VAL E 5 -25.97 27.64 44.47
C VAL E 5 -26.97 28.27 45.43
N LYS E 6 -28.17 27.74 45.53
CA LYS E 6 -29.12 28.22 46.54
C LYS E 6 -29.75 27.02 47.23
N SER E 7 -30.31 27.28 48.41
CA SER E 7 -30.90 26.24 49.22
C SER E 7 -32.41 26.41 49.49
N VAL E 8 -33.08 27.21 48.65
CA VAL E 8 -34.53 27.38 48.75
C VAL E 8 -35.30 26.24 48.07
N ALA E 9 -36.62 26.21 48.27
CA ALA E 9 -37.47 25.15 47.74
C ALA E 9 -37.63 25.26 46.21
N ALA E 10 -37.47 24.12 45.52
CA ALA E 10 -37.71 24.03 44.06
C ALA E 10 -39.06 24.61 43.64
N ALA E 11 -40.11 24.27 44.39
CA ALA E 11 -41.46 24.72 44.09
C ALA E 11 -41.58 26.25 44.09
N SER E 12 -40.61 26.92 44.72
CA SER E 12 -40.76 28.33 45.09
C SER E 12 -40.10 29.31 44.13
N VAL E 13 -38.98 28.94 43.51
CA VAL E 13 -38.16 29.91 42.76
C VAL E 13 -38.73 30.46 41.47
N LYS E 14 -38.56 31.75 41.28
CA LYS E 14 -38.88 32.37 40.00
C LYS E 14 -37.75 32.16 38.97
N THR E 15 -38.11 31.51 37.85
CA THR E 15 -37.16 31.08 36.83
C THR E 15 -37.85 30.73 35.50
N ALA E 16 -37.10 30.83 34.40
CA ALA E 16 -37.62 30.47 33.10
C ALA E 16 -37.83 28.96 32.99
N THR E 17 -36.90 28.18 33.55
CA THR E 17 -37.00 26.73 33.48
C THR E 17 -36.57 26.05 34.77
N LEU E 18 -37.40 25.15 35.25
CA LEU E 18 -37.09 24.39 36.44
C LEU E 18 -36.88 22.94 35.99
N VAL E 19 -35.77 22.34 36.39
CA VAL E 19 -35.42 21.00 35.89
C VAL E 19 -35.46 20.00 37.03
N ILE E 20 -36.22 18.92 36.88
CA ILE E 20 -36.30 17.93 37.95
C ILE E 20 -36.11 16.54 37.36
N PRO E 21 -35.62 15.59 38.15
CA PRO E 21 -35.40 14.28 37.55
C PRO E 21 -36.59 13.37 37.76
N VAL E 22 -36.73 12.41 36.86
CA VAL E 22 -37.79 11.42 36.95
C VAL E 22 -37.25 10.05 36.62
N GLY E 23 -37.40 9.08 37.54
CA GLY E 23 -37.00 7.68 37.32
C GLY E 23 -37.90 6.83 36.43
N GLU E 24 -37.44 5.61 36.13
CA GLU E 24 -38.17 4.66 35.27
C GLU E 24 -39.51 4.14 35.78
N ASN E 25 -39.68 4.10 37.10
CA ASN E 25 -40.88 3.56 37.76
C ASN E 25 -42.06 4.43 37.35
N ARG E 26 -41.67 5.52 36.72
CA ARG E 26 -42.22 6.87 36.77
C ARG E 26 -42.15 7.41 38.23
N LYS E 27 -41.07 6.97 38.89
CA LYS E 27 -40.68 7.34 40.25
C LYS E 27 -40.34 8.81 40.41
N LEU E 28 -40.58 9.32 41.62
CA LEU E 28 -40.18 10.64 42.01
C LEU E 28 -39.45 10.58 43.35
N GLY E 29 -38.28 11.20 43.42
CA GLY E 29 -37.60 11.47 44.67
C GLY E 29 -38.24 12.65 45.40
N ALA E 30 -37.68 13.00 46.54
CA ALA E 30 -38.26 14.05 47.40
C ALA E 30 -38.54 15.34 46.63
N VAL E 31 -37.57 15.82 45.87
CA VAL E 31 -37.70 17.14 45.24
C VAL E 31 -38.81 17.19 44.18
N ALA E 32 -38.82 16.18 43.32
CA ALA E 32 -39.76 16.04 42.22
C ALA E 32 -41.15 15.80 42.79
N LYS E 33 -41.18 15.14 43.95
CA LYS E 33 -42.42 14.81 44.61
C LYS E 33 -43.04 16.06 45.24
N ALA E 34 -42.20 16.91 45.83
CA ALA E 34 -42.61 18.21 46.37
C ALA E 34 -43.16 19.11 45.26
N VAL E 35 -42.45 19.14 44.13
CA VAL E 35 -42.86 19.87 42.94
C VAL E 35 -44.23 19.40 42.40
N ASP E 36 -44.41 18.08 42.37
CA ASP E 36 -45.68 17.47 41.96
C ASP E 36 -46.84 17.90 42.88
N LEU E 37 -46.66 17.75 44.21
CA LEU E 37 -47.64 18.23 45.21
C LEU E 37 -47.95 19.70 45.08
N ALA E 38 -46.94 20.54 44.93
CA ALA E 38 -47.18 21.97 44.72
C ALA E 38 -47.98 22.24 43.45
N SER E 39 -48.07 21.25 42.56
CA SER E 39 -48.89 21.40 41.36
C SER E 39 -50.13 20.48 41.40
N GLU E 40 -50.51 20.09 42.61
CA GLU E 40 -51.57 19.09 42.86
C GLU E 40 -51.57 17.94 41.85
N GLY E 41 -50.42 17.30 41.72
CA GLY E 41 -50.34 16.09 40.92
C GLY E 41 -50.39 16.26 39.42
N ALA E 42 -50.33 17.51 38.93
CA ALA E 42 -50.25 17.79 37.48
C ALA E 42 -49.09 17.07 36.77
N ILE E 43 -47.95 16.99 37.45
CA ILE E 43 -46.79 16.28 36.93
C ILE E 43 -47.02 14.78 36.87
N SER E 44 -47.58 14.21 37.95
CA SER E 44 -47.90 12.77 37.94
C SER E 44 -48.90 12.43 36.84
N ALA E 45 -49.74 13.42 36.53
CA ALA E 45 -50.84 13.26 35.61
C ALA E 45 -50.29 13.12 34.21
N VAL E 46 -49.26 13.89 33.90
CA VAL E 46 -48.70 13.78 32.56
C VAL E 46 -47.90 12.48 32.46
N LEU E 47 -47.08 12.19 33.45
CA LEU E 47 -46.36 10.93 33.48
C LEU E 47 -47.24 9.69 33.27
N LYS E 48 -48.45 9.70 33.85
CA LYS E 48 -49.43 8.62 33.68
C LYS E 48 -49.75 8.28 32.20
N ARG E 49 -49.85 9.31 31.37
CA ARG E 49 -50.01 9.13 29.91
C ARG E 49 -48.81 8.41 29.25
N GLY E 50 -47.66 8.42 29.91
CA GLY E 50 -46.60 7.53 29.54
C GLY E 50 -45.70 7.89 28.38
N ASP E 51 -45.62 9.17 27.99
CA ASP E 51 -44.67 9.57 26.93
C ASP E 51 -43.21 9.47 27.40
N LEU E 52 -42.94 9.67 28.69
CA LEU E 52 -41.56 9.66 29.22
C LEU E 52 -41.25 8.43 30.05
N ALA E 53 -40.40 7.55 29.51
CA ALA E 53 -40.08 6.30 30.19
C ALA E 53 -39.02 6.48 31.28
N GLY E 54 -38.41 7.66 31.34
CA GLY E 54 -37.37 7.96 32.34
C GLY E 54 -36.03 7.23 32.21
N LYS E 55 -35.70 6.74 31.01
CA LYS E 55 -34.33 6.29 30.75
C LYS E 55 -33.40 7.49 30.85
N PRO E 56 -32.15 7.27 31.31
CA PRO E 56 -31.20 8.40 31.56
C PRO E 56 -31.12 9.38 30.40
N GLY E 57 -31.47 10.63 30.68
CA GLY E 57 -31.42 11.69 29.68
C GLY E 57 -32.59 11.89 28.73
N GLN E 58 -33.61 11.03 28.75
CA GLN E 58 -34.84 11.30 27.99
C GLN E 58 -35.48 12.53 28.62
N THR E 59 -36.20 13.34 27.83
CA THR E 59 -36.83 14.56 28.35
C THR E 59 -38.29 14.75 27.96
N LEU E 60 -39.05 15.34 28.87
CA LEU E 60 -40.40 15.83 28.63
C LEU E 60 -40.48 17.29 29.09
N LEU E 61 -40.79 18.22 28.20
CA LEU E 61 -40.89 19.64 28.59
C LEU E 61 -42.32 20.14 28.78
N LEU E 62 -42.59 20.81 29.84
CA LEU E 62 -43.91 21.32 30.07
C LEU E 62 -43.83 22.81 30.23
N GLN E 63 -44.92 23.52 29.96
CA GLN E 63 -44.99 24.94 30.21
C GLN E 63 -45.54 25.31 31.61
N ASN E 64 -46.25 26.44 31.72
CA ASN E 64 -46.92 26.89 32.96
C ASN E 64 -47.81 25.87 33.62
N LEU E 65 -47.47 25.44 34.81
CA LEU E 65 -48.40 24.68 35.59
C LEU E 65 -48.74 25.51 36.80
N GLN E 66 -50.00 25.49 37.21
CA GLN E 66 -50.48 26.22 38.37
C GLN E 66 -49.86 25.64 39.64
N GLY E 67 -49.52 26.55 40.54
CA GLY E 67 -48.90 26.20 41.82
C GLY E 67 -47.45 26.60 41.75
N LEU E 68 -46.86 26.54 40.55
CA LEU E 68 -45.42 26.77 40.36
C LEU E 68 -45.13 28.18 39.83
N LYS E 69 -43.98 28.73 40.22
CA LYS E 69 -43.52 30.03 39.76
C LYS E 69 -42.54 29.87 38.58
N ALA E 70 -42.37 28.63 38.13
CA ALA E 70 -41.50 28.33 36.99
C ALA E 70 -42.29 28.38 35.69
N GLU E 71 -41.79 29.14 34.73
CA GLU E 71 -42.46 29.25 33.44
C GLU E 71 -42.48 27.94 32.70
N ARG E 72 -41.38 27.19 32.79
CA ARG E 72 -41.28 25.87 32.16
C ARG E 72 -40.84 24.83 33.21
N VAL E 73 -41.38 23.62 33.12
CA VAL E 73 -40.82 22.54 33.89
C VAL E 73 -40.26 21.48 32.96
N LEU E 74 -38.95 21.25 33.07
CA LEU E 74 -38.27 20.21 32.30
C LEU E 74 -38.09 18.94 33.13
N LEU E 75 -38.68 17.85 32.64
CA LEU E 75 -38.55 16.56 33.29
C LEU E 75 -37.44 15.82 32.62
N VAL E 76 -36.45 15.35 33.38
CA VAL E 76 -35.39 14.54 32.80
C VAL E 76 -35.29 13.12 33.42
N GLY E 77 -35.20 12.09 32.56
CA GLY E 77 -35.00 10.71 33.02
C GLY E 77 -33.71 10.46 33.79
N SER E 78 -33.82 9.71 34.89
CA SER E 78 -32.67 9.23 35.66
C SER E 78 -32.46 7.70 35.62
N GLY E 79 -33.33 6.97 34.95
CA GLY E 79 -33.11 5.56 34.71
C GLY E 79 -33.57 4.58 35.79
N LYS E 80 -32.96 3.39 35.75
CA LYS E 80 -33.24 2.24 36.63
C LYS E 80 -32.79 2.55 38.06
N ASP E 81 -33.58 2.21 39.06
CA ASP E 81 -33.46 2.97 40.29
C ASP E 81 -32.17 2.44 40.93
N GLU E 82 -31.13 3.23 40.72
CA GLU E 82 -29.77 2.95 41.15
C GLU E 82 -29.07 4.26 41.46
N ALA E 83 -27.81 4.15 41.85
CA ALA E 83 -26.86 5.23 41.65
C ALA E 83 -26.34 5.17 40.19
N LEU E 84 -26.16 6.31 39.55
CA LEU E 84 -25.73 6.31 38.17
C LEU E 84 -24.21 6.25 38.13
N GLY E 85 -23.66 5.59 37.13
CA GLY E 85 -22.24 5.77 36.82
C GLY E 85 -21.92 7.21 36.43
N ASP E 86 -20.64 7.56 36.34
CA ASP E 86 -20.23 8.86 35.89
C ASP E 86 -20.73 9.20 34.48
N ARG E 87 -20.42 8.34 33.51
CA ARG E 87 -20.84 8.54 32.11
C ARG E 87 -22.34 8.88 31.97
N THR E 88 -23.18 8.02 32.53
CA THR E 88 -24.62 8.23 32.56
C THR E 88 -25.05 9.57 33.17
N TRP E 89 -24.52 9.88 34.38
CA TRP E 89 -24.75 11.15 35.03
C TRP E 89 -24.36 12.29 34.11
N ARG E 90 -23.17 12.24 33.54
CA ARG E 90 -22.79 13.27 32.58
C ARG E 90 -23.71 13.40 31.34
N LYS E 91 -24.17 12.26 30.79
CA LYS E 91 -25.12 12.31 29.67
C LYS E 91 -26.48 12.89 30.05
N LEU E 92 -26.93 12.61 31.27
CA LEU E 92 -28.12 13.27 31.82
C LEU E 92 -27.93 14.79 31.79
N VAL E 93 -26.83 15.26 32.38
CA VAL E 93 -26.55 16.69 32.43
C VAL E 93 -26.47 17.35 31.04
N ALA E 94 -25.74 16.73 30.12
CA ALA E 94 -25.67 17.16 28.73
C ALA E 94 -27.03 17.22 28.04
N SER E 95 -27.90 16.24 28.26
CA SER E 95 -29.26 16.30 27.66
C SER E 95 -30.03 17.50 28.15
N VAL E 96 -30.01 17.72 29.46
CA VAL E 96 -30.60 18.93 30.03
C VAL E 96 -30.09 20.21 29.36
N ALA E 97 -28.77 20.40 29.39
CA ALA E 97 -28.07 21.52 28.77
C ALA E 97 -28.43 21.67 27.27
N GLY E 98 -28.52 20.55 26.56
CA GLY E 98 -28.98 20.55 25.18
C GLY E 98 -30.35 21.24 25.03
N VAL E 99 -31.36 20.71 25.74
CA VAL E 99 -32.70 21.32 25.74
C VAL E 99 -32.65 22.82 26.13
N LEU E 100 -32.00 23.11 27.25
CA LEU E 100 -31.87 24.48 27.77
C LEU E 100 -31.33 25.50 26.73
N LYS E 101 -30.29 25.12 26.02
CA LYS E 101 -29.68 26.02 25.05
C LYS E 101 -30.63 26.37 23.87
N GLY E 102 -31.51 25.42 23.53
CA GLY E 102 -32.53 25.62 22.50
C GLY E 102 -33.80 26.35 22.93
N LEU E 103 -33.85 26.84 24.17
CA LEU E 103 -34.98 27.64 24.68
C LEU E 103 -34.64 29.13 24.77
N ASN E 104 -35.66 29.98 24.86
CA ASN E 104 -35.44 31.40 24.98
C ASN E 104 -35.55 31.91 26.44
N GLY E 105 -35.04 31.10 27.37
CA GLY E 105 -35.00 31.46 28.79
C GLY E 105 -33.60 31.86 29.22
N ALA E 106 -33.53 33.03 29.86
CA ALA E 106 -32.26 33.69 30.20
C ALA E 106 -31.54 32.99 31.35
N ASP E 107 -32.12 31.87 31.78
CA ASP E 107 -32.08 31.46 33.16
C ASP E 107 -32.67 30.06 33.31
N ALA E 108 -32.12 29.28 34.23
CA ALA E 108 -32.75 28.03 34.63
C ALA E 108 -32.31 27.65 36.02
N VAL E 109 -33.13 26.81 36.66
CA VAL E 109 -32.80 26.27 37.96
C VAL E 109 -32.81 24.75 37.85
N LEU E 110 -31.79 24.13 38.42
CA LEU E 110 -31.68 22.69 38.43
C LEU E 110 -32.02 22.16 39.82
N ALA E 111 -33.02 21.30 39.89
CA ALA E 111 -33.44 20.77 41.17
C ALA E 111 -33.15 19.26 41.19
N LEU E 112 -31.87 18.94 41.16
CA LEU E 112 -31.46 17.56 40.89
C LEU E 112 -30.95 16.81 42.10
N ASP E 113 -31.15 17.36 43.30
CA ASP E 113 -30.59 16.77 44.52
C ASP E 113 -30.88 15.26 44.72
N ASP E 114 -32.00 14.78 44.17
CA ASP E 114 -32.47 13.39 44.36
C ASP E 114 -31.59 12.36 43.68
N VAL E 115 -30.82 12.79 42.68
CA VAL E 115 -30.06 11.84 41.90
C VAL E 115 -28.82 11.41 42.68
N ALA E 116 -28.61 10.10 42.77
CA ALA E 116 -27.37 9.55 43.32
C ALA E 116 -26.40 9.14 42.21
N VAL E 117 -25.13 9.50 42.39
CA VAL E 117 -24.06 9.07 41.50
C VAL E 117 -23.16 8.10 42.25
N ASN E 118 -22.87 6.95 41.63
CA ASN E 118 -22.19 5.84 42.30
C ASN E 118 -20.82 6.24 42.87
N ASN E 119 -20.61 5.96 44.15
CA ASN E 119 -19.31 6.16 44.81
C ASN E 119 -18.81 7.64 44.84
N ARG E 120 -19.74 8.58 44.70
CA ARG E 120 -19.45 10.00 44.89
C ARG E 120 -20.41 10.62 45.91
N ASP E 121 -19.87 11.39 46.85
CA ASP E 121 -20.74 12.12 47.81
C ASP E 121 -21.69 13.11 47.08
N ALA E 122 -22.86 13.35 47.69
CA ALA E 122 -23.96 14.13 47.09
C ALA E 122 -23.68 15.63 46.89
N HIS E 123 -22.56 16.13 47.40
CA HIS E 123 -22.36 17.57 47.34
C HIS E 123 -21.11 18.03 46.56
N TYR E 124 -19.94 17.48 46.87
CA TYR E 124 -18.72 17.88 46.14
C TYR E 124 -18.59 17.13 44.81
N GLY E 125 -18.34 15.82 44.86
CA GLY E 125 -18.06 14.99 43.69
C GLY E 125 -19.21 15.00 42.68
N LYS E 126 -20.44 14.76 43.16
CA LYS E 126 -21.60 14.76 42.32
C LYS E 126 -21.65 16.05 41.53
N TYR E 127 -21.41 17.18 42.19
CA TYR E 127 -21.50 18.46 41.51
C TYR E 127 -20.25 18.90 40.73
N ARG E 128 -19.12 18.29 41.07
CA ARG E 128 -17.88 18.57 40.34
C ARG E 128 -18.15 18.18 38.89
N LEU E 129 -18.73 16.99 38.70
CA LEU E 129 -19.05 16.45 37.38
C LEU E 129 -20.15 17.17 36.68
N LEU E 130 -21.25 17.43 37.39
CA LEU E 130 -22.36 18.16 36.80
C LEU E 130 -21.88 19.54 36.31
N ALA E 131 -21.26 20.29 37.22
CA ALA E 131 -20.86 21.67 36.94
C ALA E 131 -19.85 21.72 35.78
N GLU E 132 -18.94 20.75 35.74
CA GLU E 132 -17.98 20.68 34.65
C GLU E 132 -18.66 20.39 33.29
N THR E 133 -19.59 19.42 33.26
CA THR E 133 -20.19 19.05 32.00
C THR E 133 -21.01 20.18 31.42
N LEU E 134 -21.67 20.92 32.30
CA LEU E 134 -22.59 21.98 31.92
C LEU E 134 -21.86 23.20 31.41
N LEU E 135 -20.83 23.59 32.13
CA LEU E 135 -19.98 24.70 31.71
C LEU E 135 -19.12 24.35 30.49
N ASP E 136 -18.46 23.18 30.50
CA ASP E 136 -17.69 22.74 29.30
C ASP E 136 -18.62 22.56 28.07
N GLY E 137 -19.82 22.03 28.29
CA GLY E 137 -20.85 22.07 27.23
C GLY E 137 -21.23 23.43 26.60
N GLU E 138 -20.88 24.54 27.24
CA GLU E 138 -21.15 25.90 26.71
C GLU E 138 -20.25 26.33 25.57
N TYR E 139 -19.19 25.55 25.34
CA TYR E 139 -18.08 25.92 24.48
C TYR E 139 -18.49 26.09 23.01
N VAL E 140 -18.01 27.18 22.40
CA VAL E 140 -18.31 27.51 21.01
C VAL E 140 -17.04 28.05 20.36
N PHE E 141 -16.56 27.41 19.31
CA PHE E 141 -15.42 27.93 18.56
C PHE E 141 -15.92 28.39 17.19
N ASP E 142 -16.44 29.61 17.10
CA ASP E 142 -17.11 30.01 15.86
C ASP E 142 -16.39 31.17 15.25
N ARG E 143 -15.20 31.41 15.75
CA ARG E 143 -14.38 32.51 15.33
C ARG E 143 -14.13 32.56 13.80
N PHE E 144 -14.14 31.42 13.11
CA PHE E 144 -13.88 31.46 11.66
C PHE E 144 -15.15 31.35 10.80
N LYS E 145 -16.28 31.49 11.42
CA LYS E 145 -17.54 31.47 10.70
C LYS E 145 -17.92 32.88 10.33
N SER E 146 -18.41 33.07 9.11
CA SER E 146 -19.01 34.34 8.68
C SER E 146 -20.33 34.54 9.39
N GLN E 147 -21.18 33.52 9.35
CA GLN E 147 -22.44 33.51 10.10
C GLN E 147 -22.14 33.02 11.51
N LYS E 148 -21.68 33.93 12.39
CA LYS E 148 -21.41 33.60 13.80
C LYS E 148 -22.73 33.22 14.47
N VAL E 149 -22.66 32.33 15.45
CA VAL E 149 -23.85 32.01 16.28
C VAL E 149 -24.36 33.29 17.02
N GLU E 150 -25.67 33.57 16.97
CA GLU E 150 -26.21 34.73 17.73
C GLU E 150 -26.57 34.22 19.14
N PRO E 151 -26.04 34.89 20.19
CA PRO E 151 -25.90 34.27 21.51
C PRO E 151 -27.17 33.60 22.03
N ARG E 152 -26.99 32.52 22.77
CA ARG E 152 -28.13 31.86 23.39
C ARG E 152 -28.67 32.73 24.52
N ALA E 153 -29.96 32.58 24.79
CA ALA E 153 -30.62 33.31 25.87
C ALA E 153 -30.06 32.96 27.25
N LEU E 154 -29.68 31.70 27.45
CA LEU E 154 -29.27 31.18 28.75
C LEU E 154 -27.94 31.77 29.25
N LYS E 155 -27.99 32.51 30.35
CA LYS E 155 -26.79 33.18 30.83
C LYS E 155 -26.49 32.93 32.30
N LYS E 156 -27.42 32.27 32.99
CA LYS E 156 -27.22 31.90 34.39
C LYS E 156 -27.92 30.60 34.77
N VAL E 157 -27.27 29.80 35.61
CA VAL E 157 -27.90 28.60 36.17
C VAL E 157 -27.72 28.51 37.69
N THR E 158 -28.82 28.26 38.38
CA THR E 158 -28.88 28.05 39.82
C THR E 158 -29.04 26.56 40.12
N LEU E 159 -28.19 26.04 41.00
CA LEU E 159 -28.29 24.66 41.47
C LEU E 159 -28.94 24.67 42.85
N LEU E 160 -29.90 23.78 43.09
CA LEU E 160 -30.47 23.67 44.42
C LEU E 160 -29.96 22.48 45.23
N ALA E 161 -29.48 22.80 46.42
CA ALA E 161 -29.14 21.82 47.47
C ALA E 161 -29.77 22.27 48.79
N ASP E 162 -29.78 21.40 49.80
CA ASP E 162 -30.24 21.80 51.13
C ASP E 162 -29.21 22.69 51.80
N LYS E 163 -29.66 23.42 52.83
CA LYS E 163 -28.82 24.32 53.64
C LYS E 163 -27.47 23.69 53.99
N ALA E 164 -27.49 22.45 54.51
CA ALA E 164 -26.28 21.81 55.02
C ALA E 164 -25.18 21.53 53.95
N GLY E 165 -25.55 21.01 52.80
CA GLY E 165 -24.58 20.77 51.72
C GLY E 165 -24.18 21.97 50.87
N GLN E 166 -24.70 23.14 51.20
CA GLN E 166 -24.46 24.33 50.38
C GLN E 166 -22.98 24.74 50.24
N ALA E 167 -22.23 24.80 51.33
CA ALA E 167 -20.81 25.12 51.21
C ALA E 167 -20.07 24.11 50.30
N GLU E 168 -20.48 22.84 50.34
CA GLU E 168 -19.78 21.82 49.60
C GLU E 168 -20.08 21.79 48.09
N VAL E 169 -21.37 21.92 47.73
CA VAL E 169 -21.80 22.19 46.35
C VAL E 169 -21.10 23.45 45.78
N GLU E 170 -20.89 24.44 46.64
CA GLU E 170 -20.22 25.68 46.25
C GLU E 170 -18.72 25.58 45.93
N ARG E 171 -18.00 24.78 46.73
CA ARG E 171 -16.60 24.47 46.47
C ARG E 171 -16.50 23.67 45.15
N ALA E 172 -17.45 22.77 44.91
CA ALA E 172 -17.54 22.02 43.62
C ALA E 172 -17.71 22.93 42.39
N VAL E 173 -18.59 23.94 42.49
CA VAL E 173 -18.75 24.92 41.40
C VAL E 173 -17.46 25.75 41.19
N LYS E 174 -16.84 26.15 42.30
CA LYS E 174 -15.61 26.93 42.29
C LYS E 174 -14.51 26.22 41.49
N HIS E 175 -14.17 25.01 41.90
CA HIS E 175 -13.19 24.19 41.23
C HIS E 175 -13.59 23.82 39.78
N ALA E 176 -14.85 23.41 39.61
CA ALA E 176 -15.39 23.07 38.32
C ALA E 176 -15.32 24.24 37.35
N SER E 177 -15.59 25.46 37.82
CA SER E 177 -15.50 26.64 36.94
C SER E 177 -14.10 26.98 36.52
N ALA E 178 -13.16 26.79 37.45
CA ALA E 178 -11.73 26.95 37.15
C ALA E 178 -11.33 25.97 36.05
N ILE E 179 -11.70 24.71 36.23
CA ILE E 179 -11.34 23.66 35.29
C ILE E 179 -11.96 23.90 33.93
N ALA E 180 -13.27 24.20 33.93
CA ALA E 180 -14.01 24.48 32.68
C ALA E 180 -13.46 25.70 31.96
N THR E 181 -13.04 26.70 32.74
CA THR E 181 -12.35 27.85 32.17
C THR E 181 -10.97 27.45 31.61
N GLY E 182 -10.21 26.63 32.32
CA GLY E 182 -8.93 26.16 31.75
C GLY E 182 -9.10 25.36 30.46
N MET E 183 -10.12 24.52 30.41
CA MET E 183 -10.40 23.67 29.25
C MET E 183 -10.75 24.47 27.98
N ALA E 184 -11.52 25.56 28.15
CA ALA E 184 -11.95 26.40 27.03
C ALA E 184 -10.76 26.99 26.35
N PHE E 185 -9.80 27.44 27.16
CA PHE E 185 -8.51 27.99 26.72
C PHE E 185 -7.68 26.95 25.96
N THR E 186 -7.60 25.74 26.52
CA THR E 186 -6.88 24.62 25.94
C THR E 186 -7.53 24.25 24.62
N ARG E 187 -8.87 24.18 24.63
CA ARG E 187 -9.58 23.88 23.43
C ARG E 187 -9.41 24.97 22.37
N ASP E 188 -9.44 26.25 22.75
CA ASP E 188 -9.16 27.30 21.74
C ASP E 188 -7.78 27.10 21.10
N LEU E 189 -6.74 26.88 21.91
CA LEU E 189 -5.38 26.75 21.37
C LEU E 189 -5.33 25.53 20.46
N GLY E 190 -5.93 24.40 20.90
CA GLY E 190 -6.04 23.20 20.09
C GLY E 190 -6.72 23.38 18.72
N ASN E 191 -7.90 23.98 18.74
CA ASN E 191 -8.72 24.22 17.55
C ASN E 191 -8.15 25.26 16.58
N LEU E 192 -7.37 26.21 17.05
CA LEU E 192 -6.75 27.17 16.20
C LEU E 192 -5.95 26.57 15.06
N PRO E 193 -6.13 27.11 13.89
CA PRO E 193 -5.47 26.49 12.74
C PRO E 193 -3.94 26.72 12.73
N PRO E 194 -3.17 25.79 12.13
CA PRO E 194 -1.70 25.96 12.28
C PRO E 194 -1.04 27.14 11.53
N ASN E 195 -1.72 27.79 10.59
CA ASN E 195 -1.19 29.06 10.04
C ASN E 195 -1.29 30.27 11.02
N LEU E 196 -2.18 30.17 12.02
CA LEU E 196 -2.31 31.18 13.09
C LEU E 196 -1.66 30.75 14.41
N CYS E 197 -1.86 29.49 14.80
CA CYS E 197 -1.25 28.94 16.01
C CYS E 197 0.10 28.26 15.72
N HIS E 198 1.17 29.06 15.81
CA HIS E 198 2.55 28.60 15.69
C HIS E 198 3.30 28.88 17.01
N PRO E 199 4.59 28.47 17.12
CA PRO E 199 5.33 28.69 18.39
C PRO E 199 5.41 30.15 18.87
N SER E 200 5.72 31.09 17.98
CA SER E 200 5.68 32.55 18.32
C SER E 200 4.34 33.02 18.85
N PHE E 201 3.24 32.62 18.19
CA PHE E 201 1.92 32.86 18.71
C PHE E 201 1.73 32.38 20.15
N LEU E 202 2.21 31.19 20.47
CA LEU E 202 2.01 30.64 21.82
C LEU E 202 2.88 31.38 22.81
N ALA E 203 4.04 31.86 22.32
CA ALA E 203 4.92 32.72 23.10
C ALA E 203 4.16 33.97 23.48
N GLU E 204 3.56 34.62 22.48
CA GLU E 204 2.74 35.85 22.73
C GLU E 204 1.62 35.55 23.71
N GLN E 205 0.91 34.43 23.49
CA GLN E 205 -0.15 34.04 24.42
C GLN E 205 0.38 34.03 25.84
N ALA E 206 1.55 33.41 26.03
CA ALA E 206 2.13 33.24 27.34
C ALA E 206 2.59 34.57 27.94
N LYS E 207 3.09 35.50 27.14
CA LYS E 207 3.49 36.83 27.66
C LYS E 207 2.31 37.63 28.19
N GLU E 208 1.23 37.66 27.44
CA GLU E 208 0.01 38.32 27.85
C GLU E 208 -0.40 37.78 29.18
N LEU E 209 -0.34 36.43 29.31
CA LEU E 209 -0.77 35.77 30.52
C LEU E 209 0.15 36.16 31.68
N GLY E 210 1.44 36.30 31.38
CA GLY E 210 2.40 36.84 32.33
C GLY E 210 2.02 38.24 32.80
N LYS E 211 1.70 39.12 31.86
CA LYS E 211 1.34 40.51 32.19
C LYS E 211 0.10 40.63 33.08
N ALA E 212 -0.86 39.73 32.86
CA ALA E 212 -2.19 39.77 33.50
C ALA E 212 -2.23 39.15 34.90
N HIS E 213 -1.19 38.42 35.26
CA HIS E 213 -1.19 37.78 36.58
C HIS E 213 0.05 38.15 37.35
N LYS E 214 -0.20 38.53 38.58
CA LYS E 214 0.81 39.16 39.41
C LYS E 214 1.87 38.13 39.79
N ALA E 215 1.38 36.94 40.17
CA ALA E 215 2.19 35.86 40.72
C ALA E 215 2.92 35.01 39.65
N LEU E 216 2.76 35.39 38.38
CA LEU E 216 3.32 34.65 37.23
C LEU E 216 4.34 35.47 36.46
N LYS E 217 5.52 34.90 36.25
CA LYS E 217 6.54 35.51 35.40
C LYS E 217 6.84 34.56 34.22
N VAL E 218 6.98 35.13 33.03
CA VAL E 218 7.10 34.35 31.81
C VAL E 218 8.41 34.70 31.12
N GLU E 219 9.13 33.67 30.73
CA GLU E 219 10.35 33.82 29.97
C GLU E 219 10.18 33.03 28.65
N VAL E 220 10.55 33.66 27.54
CA VAL E 220 10.52 32.98 26.24
C VAL E 220 11.94 32.82 25.70
N LEU E 221 12.37 31.58 25.54
CA LEU E 221 13.69 31.28 24.95
C LEU E 221 13.48 30.97 23.49
N ASP E 222 14.19 31.69 22.65
CA ASP E 222 14.01 31.52 21.22
C ASP E 222 14.96 30.44 20.69
N GLU E 223 14.97 30.30 19.38
CA GLU E 223 15.68 29.24 18.70
C GLU E 223 17.19 29.36 18.92
N LYS E 224 17.71 30.57 18.85
CA LYS E 224 19.13 30.77 19.07
C LYS E 224 19.56 30.33 20.50
N LYS E 225 18.76 30.73 21.47
CA LYS E 225 18.99 30.37 22.87
C LYS E 225 18.85 28.84 23.10
N ILE E 226 17.79 28.26 22.52
CA ILE E 226 17.65 26.79 22.50
C ILE E 226 18.95 26.17 21.95
N LYS E 227 19.41 26.65 20.81
CA LYS E 227 20.65 26.12 20.23
C LYS E 227 21.80 26.28 21.22
N ASP E 228 21.94 27.47 21.82
CA ASP E 228 23.05 27.76 22.76
C ASP E 228 23.10 26.98 24.07
N LEU E 229 21.95 26.65 24.63
CA LEU E 229 21.92 25.75 25.77
C LEU E 229 22.27 24.30 25.35
N GLY E 230 22.58 24.09 24.08
CA GLY E 230 22.97 22.78 23.59
C GLY E 230 21.79 21.82 23.46
N MET E 231 20.58 22.32 23.30
CA MET E 231 19.43 21.42 23.10
C MET E 231 19.40 20.90 21.63
N GLY E 232 20.26 19.93 21.30
CA GLY E 232 20.40 19.41 19.92
C GLY E 232 19.15 18.70 19.36
N ALA E 233 18.42 18.01 20.23
CA ALA E 233 17.20 17.32 19.77
C ALA E 233 16.05 18.30 19.44
N PHE E 234 15.77 19.20 20.37
CA PHE E 234 14.76 20.24 20.24
C PHE E 234 15.00 21.08 18.96
N TYR E 235 16.23 21.58 18.84
CA TYR E 235 16.59 22.41 17.66
C TYR E 235 16.42 21.61 16.36
N ALA E 236 16.93 20.36 16.34
CA ALA E 236 16.84 19.53 15.11
C ALA E 236 15.38 19.46 14.70
N VAL E 237 14.48 19.34 15.66
CA VAL E 237 13.03 19.26 15.32
C VAL E 237 12.48 20.51 14.66
N GLY E 238 12.77 21.69 15.19
CA GLY E 238 12.19 22.91 14.62
C GLY E 238 12.92 23.51 13.45
N GLN E 239 14.11 23.03 13.12
CA GLN E 239 14.94 23.76 12.14
C GLN E 239 14.39 23.79 10.70
N GLY E 240 13.60 22.80 10.29
CA GLY E 240 13.13 22.84 8.91
C GLY E 240 12.00 23.83 8.64
N SER E 241 11.45 24.44 9.67
CA SER E 241 10.33 25.32 9.44
C SER E 241 10.78 26.76 9.30
N ASP E 242 9.93 27.58 8.66
CA ASP E 242 10.10 29.05 8.62
C ASP E 242 9.69 29.63 9.95
N GLN E 243 8.86 28.89 10.69
CA GLN E 243 8.40 29.33 12.01
C GLN E 243 9.35 28.76 13.05
N PRO E 244 10.17 29.61 13.71
CA PRO E 244 11.16 29.02 14.60
C PRO E 244 10.59 28.45 15.86
N PRO E 245 11.30 27.50 16.50
CA PRO E 245 10.88 26.88 17.77
C PRO E 245 10.92 27.82 18.95
N ARG E 246 10.14 27.55 19.99
CA ARG E 246 10.21 28.35 21.23
C ARG E 246 10.19 27.47 22.43
N LEU E 247 10.97 27.81 23.45
CA LEU E 247 10.79 27.22 24.77
C LEU E 247 10.24 28.23 25.77
N ILE E 248 9.02 27.97 26.23
CA ILE E 248 8.28 28.94 27.00
C ILE E 248 8.29 28.49 28.48
N VAL E 249 8.62 29.43 29.38
CA VAL E 249 8.69 29.14 30.83
C VAL E 249 7.66 29.99 31.55
N LEU E 250 6.71 29.36 32.23
CA LEU E 250 5.69 30.13 32.98
C LEU E 250 5.83 29.68 34.41
N ASN E 251 6.37 30.58 35.21
CA ASN E 251 6.72 30.29 36.60
C ASN E 251 5.69 30.96 37.51
N TYR E 252 4.85 30.14 38.14
CA TYR E 252 3.89 30.59 39.12
C TYR E 252 4.36 30.31 40.54
N GLN E 253 4.66 31.38 41.29
CA GLN E 253 5.05 31.23 42.70
C GLN E 253 3.84 31.44 43.60
N GLY E 254 3.17 30.34 43.96
CA GLY E 254 2.01 30.37 44.87
C GLY E 254 2.24 29.73 46.24
N GLY E 255 3.28 28.92 46.38
CA GLY E 255 3.61 28.32 47.66
C GLY E 255 4.58 29.21 48.40
N LYS E 256 5.16 28.69 49.50
CA LYS E 256 6.24 29.41 50.21
C LYS E 256 7.44 29.56 49.28
N LYS E 257 8.46 30.25 49.79
CA LYS E 257 9.68 30.54 49.05
C LYS E 257 10.46 29.27 48.61
N ALA E 258 10.64 28.35 49.57
CA ALA E 258 11.34 27.09 49.33
C ALA E 258 10.35 25.93 49.49
N ASP E 259 9.30 25.99 48.70
CA ASP E 259 8.41 24.84 48.48
C ASP E 259 8.97 24.25 47.19
N LYS E 260 9.24 22.95 47.15
CA LYS E 260 9.71 22.36 45.88
C LYS E 260 8.60 22.38 44.81
N PRO E 261 8.92 22.93 43.62
CA PRO E 261 7.88 23.12 42.60
C PRO E 261 7.40 21.86 41.88
N PHE E 262 6.19 21.97 41.33
CA PHE E 262 5.66 21.00 40.41
C PHE E 262 6.00 21.52 39.02
N VAL E 263 6.47 20.61 38.18
CA VAL E 263 6.79 20.96 36.81
C VAL E 263 5.92 20.20 35.80
N LEU E 264 5.20 20.95 34.97
CA LEU E 264 4.44 20.37 33.85
C LEU E 264 5.13 20.71 32.55
N VAL E 265 5.36 19.66 31.75
CA VAL E 265 6.06 19.82 30.49
C VAL E 265 5.14 19.47 29.35
N GLY E 266 4.90 20.41 28.45
CA GLY E 266 3.95 20.18 27.36
C GLY E 266 4.58 20.08 25.98
N LYS E 267 4.15 19.07 25.23
CA LYS E 267 4.54 18.98 23.85
C LYS E 267 3.74 19.99 23.00
N GLY E 268 4.46 20.90 22.40
CA GLY E 268 3.81 21.95 21.66
C GLY E 268 4.21 21.95 20.22
N ILE E 269 3.98 20.83 19.54
CA ILE E 269 4.19 20.77 18.11
C ILE E 269 2.95 21.27 17.38
N THR E 270 3.08 22.47 16.82
CA THR E 270 1.89 23.22 16.46
C THR E 270 1.38 22.72 15.12
N PHE E 271 2.30 22.15 14.35
CA PHE E 271 1.90 21.27 13.27
C PHE E 271 2.90 20.16 13.06
N ASP E 272 2.39 18.96 12.80
CA ASP E 272 3.27 17.82 12.56
C ASP E 272 3.06 17.24 11.15
N THR E 273 3.89 17.65 10.20
CA THR E 273 3.83 16.96 8.88
C THR E 273 4.50 15.59 8.92
N GLY E 274 5.22 15.33 9.99
CA GLY E 274 6.15 14.20 10.01
C GLY E 274 7.56 14.59 9.56
N GLY E 275 7.68 15.71 8.85
CA GLY E 275 8.98 16.15 8.37
C GLY E 275 9.41 15.35 7.16
N ILE E 276 10.71 15.04 7.05
CA ILE E 276 11.21 14.25 5.93
C ILE E 276 10.56 12.82 5.88
N SER E 277 10.39 12.17 7.03
CA SER E 277 9.51 10.99 7.15
C SER E 277 8.06 11.49 7.08
N LEU E 278 7.68 11.96 5.89
CA LEU E 278 6.42 12.66 5.67
C LEU E 278 5.24 11.75 6.04
N LYS E 279 4.22 12.29 6.73
CA LYS E 279 2.96 11.54 6.94
C LYS E 279 2.14 11.49 5.64
N PRO E 280 1.26 10.46 5.50
CA PRO E 280 0.30 10.44 4.38
C PRO E 280 -0.70 11.61 4.50
N GLY E 281 -1.34 11.98 3.40
CA GLY E 281 -2.26 13.12 3.37
C GLY E 281 -3.53 13.02 4.20
N ALA E 282 -4.14 11.83 4.25
CA ALA E 282 -5.49 11.67 4.83
C ALA E 282 -5.49 11.95 6.33
N GLY E 283 -6.45 12.75 6.79
CA GLY E 283 -6.51 13.08 8.20
C GLY E 283 -5.36 13.97 8.72
N MET E 284 -4.48 14.44 7.85
CA MET E 284 -3.35 15.20 8.36
C MET E 284 -3.76 16.51 9.05
N ASP E 285 -4.93 17.05 8.72
CA ASP E 285 -5.39 18.34 9.31
C ASP E 285 -5.44 18.28 10.83
N GLU E 286 -5.68 17.08 11.33
CA GLU E 286 -5.68 16.79 12.77
C GLU E 286 -4.37 16.91 13.49
N MET E 287 -3.27 17.03 12.77
CA MET E 287 -1.97 17.26 13.38
C MET E 287 -1.81 18.69 13.94
N LYS E 288 -2.81 19.56 13.73
CA LYS E 288 -2.85 20.84 14.44
C LYS E 288 -3.07 20.57 15.91
N TYR E 289 -3.49 19.33 16.23
CA TYR E 289 -3.73 18.89 17.63
C TYR E 289 -2.48 18.34 18.37
N ASP E 290 -1.34 18.38 17.70
CA ASP E 290 -0.10 17.82 18.24
C ASP E 290 0.59 18.77 19.26
N MET E 291 -0.04 19.93 19.50
CA MET E 291 0.38 20.85 20.54
C MET E 291 -0.60 20.81 21.72
N CYS E 292 -1.46 19.77 21.77
CA CYS E 292 -2.44 19.66 22.85
C CYS E 292 -1.83 19.38 24.21
N GLY E 293 -0.60 18.83 24.23
CA GLY E 293 0.18 18.73 25.47
C GLY E 293 0.42 20.10 26.08
N ALA E 294 1.07 20.96 25.30
CA ALA E 294 1.32 22.33 25.74
C ALA E 294 0.01 23.05 26.08
N ALA E 295 -1.05 22.82 25.28
CA ALA E 295 -2.34 23.49 25.46
C ALA E 295 -2.99 23.12 26.77
N SER E 296 -2.85 21.84 27.14
CA SER E 296 -3.35 21.35 28.41
C SER E 296 -2.57 21.88 29.63
N VAL E 297 -1.31 22.27 29.45
CA VAL E 297 -0.53 22.90 30.52
C VAL E 297 -1.03 24.33 30.74
N PHE E 298 -1.12 25.12 29.67
CA PHE E 298 -1.78 26.45 29.70
C PHE E 298 -3.12 26.44 30.46
N GLY E 299 -4.02 25.55 30.02
CA GLY E 299 -5.28 25.35 30.66
C GLY E 299 -5.22 25.01 32.13
N THR E 300 -4.35 24.10 32.53
CA THR E 300 -4.21 23.77 33.96
C THR E 300 -3.68 24.98 34.74
N LEU E 301 -2.79 25.73 34.10
CA LEU E 301 -2.17 26.94 34.69
C LEU E 301 -3.25 27.98 34.89
N ARG E 302 -4.02 28.25 33.83
CA ARG E 302 -5.17 29.14 33.96
C ARG E 302 -6.07 28.73 35.12
N ALA E 303 -6.38 27.44 35.23
CA ALA E 303 -7.25 26.95 36.31
C ALA E 303 -6.66 27.22 37.69
N VAL E 304 -5.33 27.13 37.79
CA VAL E 304 -4.59 27.31 39.03
C VAL E 304 -4.57 28.78 39.45
N LEU E 305 -4.36 29.65 38.45
CA LEU E 305 -4.38 31.06 38.68
C LEU E 305 -5.75 31.48 39.21
N GLU E 306 -6.81 31.05 38.50
CA GLU E 306 -8.16 31.38 38.91
C GLU E 306 -8.39 30.96 40.37
N LEU E 307 -7.77 29.85 40.76
CA LEU E 307 -7.95 29.24 42.08
C LEU E 307 -6.96 29.74 43.11
N GLN E 308 -5.98 30.52 42.68
CA GLN E 308 -4.95 30.99 43.60
C GLN E 308 -4.43 29.81 44.47
N LEU E 309 -4.22 28.64 43.87
CA LEU E 309 -3.68 27.47 44.61
C LEU E 309 -2.29 27.79 45.20
N PRO E 310 -2.04 27.35 46.44
CA PRO E 310 -0.76 27.65 47.11
C PRO E 310 0.34 26.61 46.84
N VAL E 311 0.90 26.65 45.61
CA VAL E 311 1.91 25.70 45.19
C VAL E 311 2.80 26.44 44.23
N ASN E 312 4.05 26.01 44.10
CA ASN E 312 4.89 26.58 43.05
C ASN E 312 4.74 25.67 41.88
N LEU E 313 4.40 26.22 40.73
CA LEU E 313 4.17 25.40 39.54
C LEU E 313 4.96 26.00 38.39
N VAL E 314 5.89 25.23 37.86
CA VAL E 314 6.63 25.66 36.71
C VAL E 314 6.16 24.90 35.46
N CYS E 315 5.72 25.66 34.46
CA CYS E 315 5.26 25.14 33.20
C CYS E 315 6.30 25.38 32.10
N LEU E 316 6.68 24.31 31.40
CA LEU E 316 7.64 24.39 30.33
C LEU E 316 6.98 23.86 29.08
N LEU E 317 6.90 24.73 28.09
CA LEU E 317 6.19 24.40 26.86
C LEU E 317 7.19 24.25 25.69
N ALA E 318 7.28 23.04 25.15
CA ALA E 318 8.31 22.75 24.17
C ALA E 318 7.69 22.96 22.78
N CYS E 319 7.91 24.10 22.14
CA CYS E 319 7.14 24.38 20.93
C CYS E 319 7.96 24.41 19.64
N ALA E 320 7.53 23.65 18.63
CA ALA E 320 8.15 23.69 17.30
C ALA E 320 7.11 23.36 16.27
N GLU E 321 7.41 23.64 14.99
CA GLU E 321 6.61 23.25 13.84
C GLU E 321 7.47 22.28 13.02
N ASN E 322 6.95 21.06 12.75
CA ASN E 322 7.67 19.96 12.06
C ASN E 322 7.45 19.98 10.54
N MET E 323 8.31 20.67 9.84
CA MET E 323 8.15 20.89 8.40
C MET E 323 9.19 20.17 7.51
N PRO E 324 8.78 19.71 6.32
CA PRO E 324 9.79 19.27 5.36
C PRO E 324 10.40 20.49 4.64
N SER E 325 11.71 20.47 4.34
CA SER E 325 12.34 21.56 3.56
C SER E 325 13.80 21.25 3.24
N GLY E 326 14.49 22.22 2.64
CA GLY E 326 15.89 22.06 2.26
C GLY E 326 16.84 22.08 3.45
N GLY E 327 16.39 22.53 4.61
CA GLY E 327 17.25 22.50 5.79
C GLY E 327 16.71 21.66 6.93
N ALA E 328 15.66 20.87 6.67
CA ALA E 328 15.09 20.04 7.71
C ALA E 328 16.02 18.87 8.11
N THR E 329 15.86 18.39 9.32
CA THR E 329 16.53 17.17 9.79
C THR E 329 16.22 15.95 8.93
N ARG E 330 17.28 15.26 8.54
CA ARG E 330 17.29 13.92 7.97
C ARG E 330 17.11 12.73 8.92
N PRO E 331 16.41 11.73 8.46
CA PRO E 331 16.54 10.41 9.10
C PRO E 331 18.01 10.01 9.12
N GLY E 332 18.50 9.48 10.23
CA GLY E 332 19.91 9.17 10.33
C GLY E 332 20.83 10.27 10.88
N ASP E 333 20.29 11.48 11.12
CA ASP E 333 21.07 12.56 11.73
C ASP E 333 21.38 12.17 13.17
N ILE E 334 22.58 12.49 13.65
CA ILE E 334 22.95 12.30 15.06
C ILE E 334 23.17 13.66 15.71
N VAL E 335 22.44 13.89 16.80
CA VAL E 335 22.42 15.16 17.51
C VAL E 335 22.88 14.92 18.96
N THR E 336 23.38 15.96 19.62
CA THR E 336 23.78 15.91 21.01
C THR E 336 22.73 16.60 21.86
N THR E 337 22.10 15.87 22.75
CA THR E 337 21.03 16.46 23.58
C THR E 337 21.64 17.30 24.71
N MET E 338 20.83 18.15 25.33
CA MET E 338 21.29 18.98 26.44
C MET E 338 21.91 18.14 27.56
N SER E 339 21.44 16.89 27.74
CA SER E 339 21.98 16.01 28.81
C SER E 339 23.36 15.50 28.48
N GLY E 340 23.77 15.62 27.22
CA GLY E 340 25.03 15.05 26.79
C GLY E 340 24.87 13.71 26.08
N GLN E 341 23.79 13.00 26.35
CA GLN E 341 23.50 11.76 25.59
C GLN E 341 23.29 12.08 24.10
N THR E 342 23.69 11.19 23.19
CA THR E 342 23.47 11.45 21.76
C THR E 342 22.32 10.60 21.27
N VAL E 343 21.58 11.15 20.31
CA VAL E 343 20.41 10.47 19.76
C VAL E 343 20.51 10.40 18.25
N GLU E 344 20.36 9.20 17.72
CA GLU E 344 20.22 9.02 16.28
C GLU E 344 18.76 9.19 15.93
N ILE E 345 18.48 10.15 15.07
CA ILE E 345 17.07 10.44 14.68
C ILE E 345 16.66 9.60 13.47
N LEU E 346 16.22 8.37 13.73
CA LEU E 346 15.94 7.39 12.69
C LEU E 346 14.63 7.71 11.98
N ASN E 347 13.71 8.38 12.67
CA ASN E 347 12.41 8.75 12.09
C ASN E 347 12.08 10.17 12.55
N THR E 348 11.85 11.09 11.60
CA THR E 348 11.68 12.52 11.94
C THR E 348 10.29 12.81 12.46
N ASP E 349 9.39 11.85 12.29
CA ASP E 349 8.02 11.89 12.76
C ASP E 349 7.93 11.38 14.19
N ALA E 350 9.04 10.99 14.82
CA ALA E 350 8.96 10.78 16.28
C ALA E 350 9.63 11.98 16.92
N GLU E 351 9.05 13.15 16.70
CA GLU E 351 9.71 14.42 17.01
C GLU E 351 9.35 14.91 18.39
N GLY E 352 8.20 14.48 18.89
CA GLY E 352 7.75 14.98 20.22
C GLY E 352 8.67 14.60 21.37
N ARG E 353 9.08 13.34 21.41
CA ARG E 353 10.08 12.90 22.38
C ARG E 353 11.42 13.65 22.25
N LEU E 354 11.69 14.24 21.09
CA LEU E 354 12.92 15.01 20.90
C LEU E 354 12.88 16.41 21.53
N VAL E 355 11.82 17.18 21.27
CA VAL E 355 11.61 18.42 21.99
C VAL E 355 11.43 18.15 23.49
N LEU E 356 10.84 17.02 23.86
CA LEU E 356 10.59 16.80 25.29
C LEU E 356 11.85 16.42 26.05
N CYS E 357 12.75 15.66 25.42
CA CYS E 357 13.91 15.18 26.19
C CYS E 357 14.83 16.31 26.62
N ASP E 358 15.00 17.32 25.76
CA ASP E 358 15.81 18.49 26.11
C ASP E 358 15.15 19.37 27.20
N THR E 359 13.83 19.49 27.13
CA THR E 359 13.03 20.20 28.13
C THR E 359 13.04 19.50 29.51
N LEU E 360 13.04 18.17 29.51
CA LEU E 360 13.15 17.39 30.75
C LEU E 360 14.51 17.66 31.40
N THR E 361 15.55 17.73 30.60
CA THR E 361 16.85 18.11 31.14
C THR E 361 16.79 19.55 31.69
N TYR E 362 16.08 20.40 30.98
CA TYR E 362 16.02 21.80 31.36
C TYR E 362 15.30 21.93 32.71
N ALA E 363 14.39 20.99 32.99
CA ALA E 363 13.59 21.02 34.24
C ALA E 363 14.42 20.74 35.50
N GLU E 364 15.59 20.12 35.35
CA GLU E 364 16.42 19.85 36.52
C GLU E 364 16.70 21.11 37.38
N ARG E 365 16.87 22.26 36.75
CA ARG E 365 17.32 23.50 37.49
C ARG E 365 16.31 23.97 38.53
N PHE E 366 15.05 23.60 38.37
CA PHE E 366 14.02 24.06 39.30
C PHE E 366 13.91 23.16 40.56
N LYS E 367 14.73 22.11 40.63
CA LYS E 367 14.75 21.28 41.81
C LYS E 367 13.34 20.70 42.17
N PRO E 368 12.64 20.10 41.19
CA PRO E 368 11.20 19.82 41.35
C PRO E 368 10.87 18.60 42.23
N GLN E 369 9.69 18.58 42.83
CA GLN E 369 9.29 17.38 43.58
C GLN E 369 8.55 16.36 42.71
N ALA E 370 8.09 16.82 41.55
CA ALA E 370 7.41 16.04 40.53
C ALA E 370 7.52 16.81 39.22
N VAL E 371 7.87 16.09 38.15
CA VAL E 371 7.83 16.58 36.79
C VAL E 371 6.89 15.66 36.01
N ILE E 372 5.93 16.26 35.30
CA ILE E 372 4.96 15.49 34.56
C ILE E 372 4.98 16.01 33.14
N ASP E 373 5.30 15.15 32.18
CA ASP E 373 5.25 15.56 30.76
C ASP E 373 3.95 15.09 30.13
N ILE E 374 3.37 15.95 29.28
CA ILE E 374 2.09 15.62 28.66
C ILE E 374 2.24 15.78 27.18
N ALA E 375 1.81 14.78 26.41
CA ALA E 375 2.13 14.80 24.97
C ALA E 375 1.21 13.94 24.13
N THR E 376 0.78 14.45 22.97
CA THR E 376 0.04 13.62 22.02
C THR E 376 1.10 12.79 21.26
N LEU E 377 1.54 11.70 21.88
CA LEU E 377 2.84 11.16 21.51
C LEU E 377 2.81 10.06 20.46
N THR E 378 1.91 9.09 20.56
CA THR E 378 1.99 7.89 19.70
C THR E 378 0.63 7.37 19.27
N GLY E 379 0.46 7.04 17.97
CA GLY E 379 -0.74 6.32 17.46
C GLY E 379 -0.92 4.97 18.15
N ALA E 380 0.22 4.38 18.54
CA ALA E 380 0.27 3.19 19.41
C ALA E 380 -0.56 3.28 20.71
N CYS E 381 -0.61 4.47 21.33
CA CYS E 381 -1.38 4.62 22.57
C CYS E 381 -2.87 4.48 22.28
N ILE E 382 -3.31 5.06 21.16
CA ILE E 382 -4.65 4.89 20.61
C ILE E 382 -4.94 3.39 20.36
N VAL E 383 -3.96 2.67 19.82
CA VAL E 383 -4.11 1.21 19.67
C VAL E 383 -4.26 0.49 21.02
N ALA E 384 -3.49 0.97 22.00
CA ALA E 384 -3.48 0.40 23.34
C ALA E 384 -4.75 0.74 24.15
N LEU E 385 -5.19 1.99 24.16
CA LEU E 385 -6.18 2.41 25.11
C LEU E 385 -7.33 3.18 24.47
N GLY E 386 -7.24 3.39 23.16
CA GLY E 386 -8.31 4.11 22.46
C GLY E 386 -8.54 5.56 22.89
N SER E 387 -9.78 5.96 22.94
CA SER E 387 -10.08 7.35 23.06
C SER E 387 -10.51 7.68 24.48
N HIS E 388 -10.55 6.70 25.36
CA HIS E 388 -11.18 6.94 26.65
C HIS E 388 -10.19 7.11 27.79
N THR E 389 -9.04 6.46 27.64
CA THR E 389 -8.10 6.38 28.71
C THR E 389 -6.74 6.89 28.24
N THR E 390 -6.20 7.84 29.01
CA THR E 390 -4.86 8.35 28.84
C THR E 390 -3.82 7.34 29.31
N GLY E 391 -2.75 7.15 28.53
CA GLY E 391 -1.65 6.28 28.95
C GLY E 391 -0.70 6.99 29.91
N LEU E 392 -0.26 6.29 30.91
CA LEU E 392 0.57 6.84 31.92
C LEU E 392 1.69 5.90 32.25
N MET E 393 2.87 6.44 32.27
CA MET E 393 4.09 5.80 32.65
C MET E 393 4.87 6.70 33.65
N GLY E 394 5.73 6.15 34.49
CA GLY E 394 6.71 6.96 35.25
C GLY E 394 7.82 6.21 35.97
N ASN E 395 8.78 6.97 36.50
CA ASN E 395 9.85 6.39 37.31
C ASN E 395 9.55 6.28 38.82
N ASN E 396 8.34 6.68 39.22
CA ASN E 396 7.99 6.68 40.65
C ASN E 396 6.56 6.22 40.89
N ASP E 397 6.44 5.12 41.62
CA ASP E 397 5.15 4.48 41.89
C ASP E 397 4.13 5.38 42.60
N ASP E 398 4.58 6.19 43.57
CA ASP E 398 3.65 7.00 44.35
C ASP E 398 3.10 8.14 43.51
N LEU E 399 3.95 8.75 42.69
CA LEU E 399 3.54 9.83 41.81
C LEU E 399 2.56 9.29 40.79
N VAL E 400 2.91 8.17 40.17
CA VAL E 400 2.00 7.49 39.25
C VAL E 400 0.64 7.21 39.92
N GLY E 401 0.63 6.65 41.12
CA GLY E 401 -0.63 6.38 41.85
C GLY E 401 -1.45 7.64 42.14
N GLN E 402 -0.75 8.70 42.56
CA GLN E 402 -1.34 10.03 42.74
C GLN E 402 -2.02 10.57 41.50
N LEU E 403 -1.40 10.40 40.35
CA LEU E 403 -2.00 10.80 39.07
C LEU E 403 -3.21 9.91 38.65
N LEU E 404 -3.09 8.59 38.83
CA LEU E 404 -4.18 7.63 38.64
C LEU E 404 -5.39 7.99 39.50
N ASP E 405 -5.11 8.30 40.77
CA ASP E 405 -6.14 8.62 41.75
C ASP E 405 -6.84 9.93 41.37
N ALA E 406 -6.05 10.93 41.01
CA ALA E 406 -6.60 12.17 40.51
C ALA E 406 -7.53 11.95 39.28
N GLY E 407 -7.15 11.06 38.39
CA GLY E 407 -7.97 10.77 37.19
C GLY E 407 -9.32 10.15 37.52
N LYS E 408 -9.31 9.25 38.49
CA LYS E 408 -10.50 8.58 38.89
C LYS E 408 -11.49 9.56 39.51
N ARG E 409 -11.02 10.49 40.32
CA ARG E 409 -11.91 11.44 40.98
C ARG E 409 -12.35 12.56 40.04
N ALA E 410 -11.51 12.90 39.05
CA ALA E 410 -11.83 13.95 38.06
C ALA E 410 -12.72 13.47 36.91
N ASP E 411 -13.08 12.18 36.94
CA ASP E 411 -13.60 11.48 35.77
C ASP E 411 -12.87 11.79 34.47
N ASP E 412 -11.55 11.63 34.51
CA ASP E 412 -10.64 11.86 33.41
C ASP E 412 -9.52 10.85 33.51
N ARG E 413 -9.84 9.55 33.30
CA ARG E 413 -8.93 8.47 33.71
C ARG E 413 -7.65 8.30 32.91
N ALA E 414 -6.59 7.90 33.60
CA ALA E 414 -5.39 7.39 32.95
C ALA E 414 -5.27 5.91 33.27
N TRP E 415 -4.26 5.23 32.74
CA TRP E 415 -4.04 3.84 33.06
C TRP E 415 -2.56 3.56 32.87
N GLN E 416 -1.92 2.90 33.85
CA GLN E 416 -0.46 2.75 33.79
C GLN E 416 -0.03 1.69 32.78
N LEU E 417 1.04 1.98 32.09
CA LEU E 417 1.76 1.03 31.29
C LEU E 417 3.19 0.88 31.88
N PRO E 418 3.79 -0.31 31.76
CA PRO E 418 5.07 -0.55 32.45
C PRO E 418 6.26 0.03 31.70
N LEU E 419 7.30 0.46 32.44
CA LEU E 419 8.60 0.78 31.86
C LEU E 419 9.67 -0.24 32.21
N PHE E 420 9.38 -1.53 32.02
CA PHE E 420 10.38 -2.59 32.17
C PHE E 420 11.64 -2.42 31.29
N ASP E 421 12.76 -2.85 31.87
CA ASP E 421 14.10 -2.72 31.29
C ASP E 421 14.36 -3.42 29.98
N GLU E 422 13.66 -4.52 29.72
CA GLU E 422 13.78 -5.27 28.47
C GLU E 422 13.32 -4.44 27.26
N TYR E 423 12.38 -3.52 27.48
CA TYR E 423 12.01 -2.58 26.41
C TYR E 423 13.17 -1.65 26.03
N GLN E 424 14.02 -1.30 27.02
CA GLN E 424 15.10 -0.29 26.82
C GLN E 424 15.89 -0.54 25.55
N GLU E 425 16.30 -1.79 25.35
CA GLU E 425 17.21 -2.19 24.26
C GLU E 425 16.63 -2.07 22.84
N GLN E 426 15.31 -1.87 22.73
CA GLN E 426 14.71 -1.50 21.43
C GLN E 426 15.17 -0.11 20.91
N LEU E 427 15.85 0.65 21.75
CA LEU E 427 16.37 1.94 21.36
C LEU E 427 17.85 1.91 21.05
N ASP E 428 18.52 0.77 21.23
CA ASP E 428 19.94 0.72 20.95
C ASP E 428 20.25 1.15 19.51
N SER E 429 21.39 1.84 19.38
CA SER E 429 21.94 2.33 18.13
C SER E 429 23.38 1.83 18.03
N PRO E 430 23.81 1.39 16.82
CA PRO E 430 25.24 1.04 16.77
C PRO E 430 26.16 2.29 16.81
N PHE E 431 25.56 3.48 16.61
CA PHE E 431 26.29 4.73 16.40
C PHE E 431 26.20 5.73 17.56
N ALA E 432 24.96 6.02 18.00
CA ALA E 432 24.70 6.96 19.09
C ALA E 432 24.39 6.24 20.41
N ASP E 433 24.19 6.98 21.49
CA ASP E 433 23.75 6.34 22.73
C ASP E 433 22.37 5.69 22.58
N MET E 434 21.48 6.29 21.79
CA MET E 434 20.17 5.68 21.53
C MET E 434 19.58 6.16 20.23
N GLY E 435 18.62 5.41 19.71
CA GLY E 435 17.81 5.86 18.57
C GLY E 435 16.52 6.46 19.15
N ASN E 436 15.76 7.17 18.32
CA ASN E 436 14.51 7.74 18.80
C ASN E 436 13.28 6.85 18.55
N ILE E 437 13.44 5.68 17.93
CA ILE E 437 12.30 4.76 17.71
C ILE E 437 12.73 3.32 18.03
N GLY E 438 11.79 2.44 18.39
CA GLY E 438 12.10 1.05 18.75
C GLY E 438 11.45 -0.07 17.94
N GLY E 439 10.91 0.27 16.77
CA GLY E 439 10.11 -0.66 15.97
C GLY E 439 8.61 -0.66 16.28
N PRO E 440 7.86 -1.56 15.62
CA PRO E 440 6.39 -1.50 15.77
C PRO E 440 5.81 -2.16 17.07
N LYS E 441 6.66 -2.74 17.93
CA LYS E 441 6.21 -3.45 19.12
C LYS E 441 6.34 -2.56 20.37
N ALA E 442 5.22 -2.30 21.04
CA ALA E 442 5.28 -1.57 22.32
C ALA E 442 5.74 -0.10 22.16
N GLY E 443 5.30 0.54 21.06
CA GLY E 443 5.57 1.93 20.72
C GLY E 443 5.28 2.96 21.80
N THR E 444 4.12 2.89 22.46
CA THR E 444 3.79 3.81 23.55
C THR E 444 4.81 3.73 24.69
N ILE E 445 5.23 2.48 24.95
CA ILE E 445 6.12 2.13 26.06
C ILE E 445 7.56 2.53 25.76
N THR E 446 8.05 2.21 24.55
CA THR E 446 9.39 2.60 24.11
C THR E 446 9.59 4.11 24.06
N ALA E 447 8.55 4.84 23.70
CA ALA E 447 8.59 6.29 23.76
C ALA E 447 8.77 6.74 25.20
N GLY E 448 8.01 6.14 26.13
CA GLY E 448 8.24 6.35 27.58
C GLY E 448 9.66 5.98 28.04
N CYS E 449 10.21 4.85 27.55
CA CYS E 449 11.57 4.47 27.91
C CYS E 449 12.54 5.49 27.38
N PHE E 450 12.34 5.91 26.14
CA PHE E 450 13.18 6.97 25.59
C PHE E 450 13.20 8.15 26.56
N LEU E 451 12.01 8.54 27.02
CA LEU E 451 11.88 9.73 27.89
C LEU E 451 12.43 9.56 29.30
N SER E 452 12.36 8.36 29.88
CA SER E 452 12.80 8.10 31.25
C SER E 452 14.28 8.31 31.38
N ARG E 453 14.98 8.19 30.25
CA ARG E 453 16.45 8.32 30.24
C ARG E 453 16.88 9.74 30.48
N PHE E 454 15.93 10.70 30.42
CA PHE E 454 16.23 12.11 30.67
C PHE E 454 15.57 12.65 31.95
N ALA E 455 14.91 11.77 32.68
CA ALA E 455 14.25 12.13 33.91
C ALA E 455 14.82 11.45 35.17
N LYS E 456 16.05 10.94 35.12
CA LYS E 456 16.61 10.17 36.25
C LYS E 456 16.87 11.00 37.48
N ALA E 457 16.91 12.32 37.29
CA ALA E 457 17.19 13.27 38.37
C ALA E 457 16.02 13.54 39.31
N TYR E 458 14.79 13.21 38.92
CA TYR E 458 13.64 13.56 39.76
C TYR E 458 12.48 12.55 39.65
N ASN E 459 11.43 12.77 40.47
CA ASN E 459 10.18 12.01 40.39
C ASN E 459 9.46 12.41 39.13
N TRP E 460 9.16 11.45 38.26
CA TRP E 460 8.66 11.81 36.92
C TRP E 460 7.62 10.85 36.41
N ALA E 461 6.65 11.42 35.69
CA ALA E 461 5.61 10.68 35.05
C ALA E 461 5.33 11.27 33.65
N HIS E 462 4.73 10.46 32.81
CA HIS E 462 4.51 10.79 31.41
C HIS E 462 3.11 10.36 31.01
N MET E 463 2.38 11.28 30.40
CA MET E 463 1.04 11.05 29.93
C MET E 463 1.00 11.15 28.44
N ASP E 464 0.55 10.08 27.77
CA ASP E 464 0.41 10.02 26.31
C ASP E 464 -1.06 10.25 26.07
N ILE E 465 -1.39 11.41 25.52
CA ILE E 465 -2.79 11.78 25.32
C ILE E 465 -3.19 11.78 23.84
N ALA E 466 -2.44 11.05 23.02
CA ALA E 466 -2.73 10.98 21.59
C ALA E 466 -4.18 10.58 21.35
N GLY E 467 -4.76 9.84 22.30
CA GLY E 467 -6.08 9.28 22.07
C GLY E 467 -7.21 9.98 22.80
N THR E 468 -6.87 10.90 23.71
CA THR E 468 -7.85 11.54 24.60
C THR E 468 -7.95 13.05 24.40
N ALA E 469 -7.03 13.61 23.63
CA ALA E 469 -6.91 15.06 23.51
C ALA E 469 -7.80 15.69 22.43
N TRP E 470 -8.28 14.88 21.49
CA TRP E 470 -9.19 15.40 20.47
C TRP E 470 -10.16 14.38 19.89
N ILE E 471 -11.17 14.88 19.20
CA ILE E 471 -12.11 13.98 18.54
C ILE E 471 -11.93 14.11 17.01
N SER E 472 -11.82 12.98 16.30
CA SER E 472 -11.47 12.97 14.86
C SER E 472 -12.55 13.38 13.88
N GLY E 473 -13.81 13.09 14.21
CA GLY E 473 -14.89 13.27 13.23
C GLY E 473 -16.26 13.43 13.83
N GLY E 474 -17.22 13.76 12.98
CA GLY E 474 -18.56 14.08 13.44
C GLY E 474 -18.64 15.56 13.74
N LYS E 475 -19.81 16.01 14.16
CA LYS E 475 -19.95 17.41 14.57
C LYS E 475 -19.27 17.67 15.94
N ASP E 476 -18.70 16.60 16.52
CA ASP E 476 -17.96 16.66 17.79
C ASP E 476 -16.45 16.90 17.60
N LYS E 477 -15.99 16.77 16.36
CA LYS E 477 -14.60 17.01 15.98
C LYS E 477 -13.94 18.22 16.65
N GLY E 478 -12.88 17.98 17.39
CA GLY E 478 -12.13 19.07 17.99
C GLY E 478 -11.46 18.71 19.30
N ALA E 479 -10.74 19.67 19.86
CA ALA E 479 -10.09 19.45 21.17
C ALA E 479 -11.09 19.14 22.29
N THR E 480 -10.69 18.31 23.25
CA THR E 480 -11.58 17.96 24.36
C THR E 480 -11.21 18.70 25.63
N GLY E 481 -9.96 19.12 25.76
CA GLY E 481 -9.52 19.80 26.94
C GLY E 481 -8.95 18.84 27.96
N ARG E 482 -8.98 17.55 27.64
CA ARG E 482 -8.29 16.55 28.44
C ARG E 482 -6.79 16.68 28.13
N PRO E 483 -5.96 16.70 29.15
CA PRO E 483 -6.30 16.23 30.47
C PRO E 483 -6.37 17.34 31.58
N VAL E 484 -6.91 18.49 31.30
CA VAL E 484 -6.96 19.58 32.28
C VAL E 484 -7.61 19.14 33.64
N PRO E 485 -8.73 18.36 33.60
CA PRO E 485 -9.30 17.95 34.89
C PRO E 485 -8.36 17.08 35.74
N LEU E 486 -7.75 16.06 35.15
CA LEU E 486 -6.82 15.25 35.94
C LEU E 486 -5.66 16.09 36.49
N LEU E 487 -5.02 16.89 35.66
CA LEU E 487 -3.85 17.70 36.10
C LEU E 487 -4.23 18.63 37.22
N THR E 488 -5.38 19.29 37.03
CA THR E 488 -5.88 20.24 37.98
C THR E 488 -6.21 19.51 39.27
N GLN E 489 -6.92 18.39 39.17
CA GLN E 489 -7.32 17.67 40.38
C GLN E 489 -6.11 17.20 41.23
N TYR E 490 -5.05 16.81 40.52
CA TYR E 490 -3.80 16.41 41.13
C TYR E 490 -3.20 17.57 41.93
N LEU E 491 -3.20 18.75 41.31
CA LEU E 491 -2.63 19.93 41.93
C LEU E 491 -3.44 20.39 43.16
N LEU E 492 -4.76 20.34 43.02
CA LEU E 492 -5.69 20.51 44.17
C LEU E 492 -5.41 19.53 45.30
N ASP E 493 -5.17 18.25 44.97
CA ASP E 493 -4.82 17.24 45.97
C ASP E 493 -3.52 17.66 46.65
N ARG E 494 -2.55 18.12 45.85
CA ARG E 494 -1.26 18.58 46.38
C ARG E 494 -1.42 19.84 47.27
N ALA E 495 -2.32 20.74 46.90
CA ALA E 495 -2.62 21.90 47.72
C ALA E 495 -3.50 21.46 48.90
N GLY E 496 -4.07 20.26 48.81
CA GLY E 496 -5.04 19.80 49.81
C GLY E 496 -6.27 20.72 49.84
N ALA E 497 -6.71 21.17 48.67
CA ALA E 497 -7.81 22.14 48.61
C ALA E 497 -9.14 21.45 48.30
N MET F 1 2.40 -21.21 -43.89
CA MET F 1 3.34 -20.72 -44.93
C MET F 1 4.53 -21.64 -45.07
N GLU F 2 4.93 -21.86 -46.32
CA GLU F 2 5.88 -22.87 -46.74
C GLU F 2 7.01 -22.16 -47.51
N LEU F 3 8.23 -22.33 -47.05
CA LEU F 3 9.38 -21.74 -47.70
C LEU F 3 10.07 -22.74 -48.60
N VAL F 4 10.56 -22.29 -49.76
CA VAL F 4 11.47 -23.08 -50.58
C VAL F 4 12.62 -22.20 -51.07
N VAL F 5 13.71 -22.84 -51.46
CA VAL F 5 14.91 -22.14 -51.96
C VAL F 5 15.12 -22.52 -53.43
N LYS F 6 15.47 -21.53 -54.26
CA LYS F 6 15.88 -21.71 -55.66
C LYS F 6 17.12 -20.86 -55.92
N SER F 7 17.74 -21.04 -57.09
CA SER F 7 18.93 -20.23 -57.48
C SER F 7 18.86 -19.67 -58.91
N VAL F 8 17.65 -19.42 -59.36
CA VAL F 8 17.43 -18.81 -60.68
C VAL F 8 17.53 -17.29 -60.56
N ALA F 9 17.64 -16.61 -61.69
CA ALA F 9 17.72 -15.16 -61.69
C ALA F 9 16.34 -14.63 -61.27
N ALA F 10 16.36 -13.58 -60.42
CA ALA F 10 15.15 -12.91 -59.90
C ALA F 10 14.16 -12.45 -60.97
N ALA F 11 14.65 -11.86 -62.07
CA ALA F 11 13.72 -11.49 -63.15
C ALA F 11 13.08 -12.69 -63.91
N SER F 12 13.51 -13.92 -63.62
CA SER F 12 13.00 -15.09 -64.36
C SER F 12 11.75 -15.72 -63.77
N VAL F 13 11.51 -15.53 -62.48
CA VAL F 13 10.45 -16.28 -61.78
C VAL F 13 9.12 -15.56 -61.93
N LYS F 14 8.08 -16.33 -62.22
CA LYS F 14 6.73 -15.80 -62.24
C LYS F 14 6.23 -15.84 -60.80
N THR F 15 5.73 -14.71 -60.31
CA THR F 15 5.41 -14.53 -58.90
C THR F 15 4.42 -13.40 -58.68
N ALA F 16 3.73 -13.43 -57.56
CA ALA F 16 2.84 -12.33 -57.21
C ALA F 16 3.60 -11.04 -56.81
N THR F 17 4.73 -11.20 -56.10
CA THR F 17 5.52 -10.07 -55.59
C THR F 17 6.97 -10.46 -55.53
N LEU F 18 7.82 -9.62 -56.11
CA LEU F 18 9.25 -9.83 -56.06
C LEU F 18 9.83 -8.81 -55.11
N VAL F 19 10.66 -9.28 -54.17
CA VAL F 19 11.22 -8.40 -53.17
C VAL F 19 12.70 -8.16 -53.34
N ILE F 20 13.07 -6.92 -53.59
CA ILE F 20 14.48 -6.56 -53.78
C ILE F 20 14.93 -5.40 -52.87
N PRO F 21 16.23 -5.38 -52.47
CA PRO F 21 16.75 -4.32 -51.60
C PRO F 21 17.31 -3.13 -52.37
N VAL F 22 17.19 -1.96 -51.75
CA VAL F 22 17.70 -0.71 -52.33
C VAL F 22 18.47 0.03 -51.23
N GLY F 23 19.70 0.45 -51.51
CA GLY F 23 20.51 1.20 -50.51
C GLY F 23 20.15 2.68 -50.42
N GLU F 24 20.82 3.41 -49.53
CA GLU F 24 20.66 4.87 -49.45
C GLU F 24 21.22 5.49 -50.71
N ASN F 25 20.64 6.63 -51.11
CA ASN F 25 20.92 7.27 -52.41
C ASN F 25 20.68 6.32 -53.59
N ARG F 26 19.54 5.63 -53.58
CA ARG F 26 19.11 4.74 -54.69
C ARG F 26 20.18 3.70 -55.17
N LYS F 27 21.05 3.26 -54.25
CA LYS F 27 22.16 2.35 -54.52
C LYS F 27 21.67 0.92 -54.87
N LEU F 28 21.71 0.56 -56.14
CA LEU F 28 21.29 -0.78 -56.53
C LEU F 28 22.45 -1.79 -56.57
N GLY F 29 22.38 -2.79 -55.69
CA GLY F 29 23.28 -3.94 -55.75
C GLY F 29 23.06 -4.77 -57.00
N ALA F 30 23.94 -5.74 -57.24
CA ALA F 30 23.95 -6.52 -58.48
C ALA F 30 22.58 -7.16 -58.81
N VAL F 31 21.93 -7.75 -57.81
CA VAL F 31 20.63 -8.39 -57.99
C VAL F 31 19.53 -7.37 -58.36
N ALA F 32 19.46 -6.27 -57.61
CA ALA F 32 18.46 -5.25 -57.88
C ALA F 32 18.64 -4.67 -59.29
N LYS F 33 19.89 -4.35 -59.64
CA LYS F 33 20.25 -3.83 -60.97
C LYS F 33 19.80 -4.72 -62.13
N ALA F 34 20.05 -6.02 -62.02
CA ALA F 34 19.58 -6.96 -63.07
C ALA F 34 18.05 -6.87 -63.29
N VAL F 35 17.30 -6.72 -62.21
CA VAL F 35 15.84 -6.61 -62.25
C VAL F 35 15.41 -5.26 -62.85
N ASP F 36 16.06 -4.19 -62.41
CA ASP F 36 15.86 -2.85 -63.01
C ASP F 36 16.10 -2.87 -64.53
N LEU F 37 17.13 -3.59 -64.95
CA LEU F 37 17.41 -3.70 -66.38
C LEU F 37 16.29 -4.44 -67.08
N ALA F 38 15.88 -5.58 -66.52
CA ALA F 38 14.77 -6.33 -67.13
C ALA F 38 13.50 -5.49 -67.20
N SER F 39 13.33 -4.54 -66.27
CA SER F 39 12.21 -3.60 -66.35
C SER F 39 12.49 -2.40 -67.25
N GLU F 40 13.60 -2.43 -67.99
CA GLU F 40 14.01 -1.30 -68.84
C GLU F 40 14.20 0.01 -68.05
N GLY F 41 14.83 -0.10 -66.89
CA GLY F 41 15.11 1.08 -66.04
C GLY F 41 13.90 1.69 -65.31
N ALA F 42 12.74 1.03 -65.36
CA ALA F 42 11.54 1.56 -64.74
C ALA F 42 11.71 1.79 -63.22
N ILE F 43 12.44 0.89 -62.56
CA ILE F 43 12.66 0.93 -61.11
C ILE F 43 13.58 2.09 -60.68
N SER F 44 14.70 2.26 -61.38
CA SER F 44 15.57 3.38 -60.98
C SER F 44 14.95 4.71 -61.41
N ALA F 45 14.18 4.70 -62.49
CA ALA F 45 13.37 5.87 -62.90
C ALA F 45 12.44 6.32 -61.75
N VAL F 46 11.73 5.36 -61.16
CA VAL F 46 10.88 5.61 -60.01
C VAL F 46 11.69 6.10 -58.81
N LEU F 47 12.75 5.36 -58.50
CA LEU F 47 13.60 5.69 -57.36
C LEU F 47 14.15 7.12 -57.40
N LYS F 48 14.21 7.71 -58.61
CA LYS F 48 14.72 9.06 -58.80
C LYS F 48 13.77 10.11 -58.20
N ARG F 49 12.46 9.84 -58.16
CA ARG F 49 11.52 10.84 -57.61
C ARG F 49 11.62 11.03 -56.10
N GLY F 50 12.20 10.04 -55.39
CA GLY F 50 12.69 10.23 -54.02
C GLY F 50 11.81 9.76 -52.88
N ASP F 51 10.79 8.93 -53.20
CA ASP F 51 9.87 8.41 -52.18
C ASP F 51 10.54 7.39 -51.25
N LEU F 52 11.62 6.73 -51.70
CA LEU F 52 12.34 5.74 -50.86
C LEU F 52 13.77 6.16 -50.53
N ALA F 53 14.02 6.63 -49.30
CA ALA F 53 15.35 7.06 -48.91
C ALA F 53 16.38 5.92 -48.70
N GLY F 54 15.90 4.70 -48.43
CA GLY F 54 16.83 3.56 -48.37
C GLY F 54 17.23 3.09 -46.98
N LYS F 55 16.74 3.76 -45.94
CA LYS F 55 16.93 3.34 -44.53
C LYS F 55 16.36 1.96 -44.28
N PRO F 56 17.01 1.17 -43.40
CA PRO F 56 16.65 -0.24 -43.20
C PRO F 56 15.13 -0.39 -42.93
N GLY F 57 14.42 -1.13 -43.77
CA GLY F 57 13.01 -1.44 -43.52
C GLY F 57 11.97 -0.52 -44.15
N GLN F 58 12.37 0.64 -44.64
CA GLN F 58 11.46 1.44 -45.47
C GLN F 58 11.07 0.65 -46.73
N THR F 59 9.84 0.85 -47.21
CA THR F 59 9.36 0.20 -48.41
C THR F 59 8.69 1.15 -49.40
N LEU F 60 8.70 0.71 -50.66
CA LEU F 60 7.96 1.31 -51.73
C LEU F 60 7.46 0.16 -52.60
N LEU F 61 6.17 0.09 -52.85
CA LEU F 61 5.63 -1.02 -53.61
C LEU F 61 5.30 -0.59 -55.02
N LEU F 62 5.79 -1.32 -56.01
CA LEU F 62 5.36 -1.04 -57.41
C LEU F 62 4.43 -2.13 -57.97
N GLN F 63 3.72 -1.76 -59.02
CA GLN F 63 2.73 -2.61 -59.66
C GLN F 63 2.94 -2.65 -61.18
N ASN F 64 2.60 -3.83 -61.70
CA ASN F 64 2.89 -4.31 -63.05
C ASN F 64 4.02 -3.60 -63.77
N LEU F 65 5.21 -4.15 -63.79
CA LEU F 65 6.28 -3.53 -64.58
C LEU F 65 6.57 -4.33 -65.85
N GLN F 66 6.36 -3.72 -67.03
CA GLN F 66 6.65 -4.38 -68.33
C GLN F 66 8.09 -4.86 -68.37
N GLY F 67 8.28 -6.08 -68.88
CA GLY F 67 9.61 -6.70 -68.88
C GLY F 67 9.81 -7.66 -67.72
N LEU F 68 8.94 -7.60 -66.70
CA LEU F 68 9.01 -8.53 -65.58
C LEU F 68 7.89 -9.56 -65.60
N LYS F 69 8.15 -10.70 -64.95
CA LYS F 69 7.18 -11.78 -64.74
C LYS F 69 6.58 -11.70 -63.34
N ALA F 70 6.85 -10.59 -62.67
CA ALA F 70 6.35 -10.33 -61.32
C ALA F 70 5.19 -9.33 -61.34
N GLU F 71 4.09 -9.66 -60.67
CA GLU F 71 2.93 -8.78 -60.68
C GLU F 71 3.22 -7.49 -59.93
N ARG F 72 4.15 -7.55 -58.98
CA ARG F 72 4.39 -6.45 -58.08
C ARG F 72 5.87 -6.53 -57.78
N VAL F 73 6.46 -5.38 -57.43
CA VAL F 73 7.82 -5.31 -56.93
C VAL F 73 7.89 -4.45 -55.66
N LEU F 74 8.34 -5.10 -54.57
CA LEU F 74 8.52 -4.43 -53.27
C LEU F 74 9.97 -4.06 -53.08
N LEU F 75 10.22 -2.75 -53.05
CA LEU F 75 11.54 -2.21 -52.79
C LEU F 75 11.69 -1.98 -51.27
N VAL F 76 12.73 -2.56 -50.68
CA VAL F 76 12.94 -2.39 -49.23
C VAL F 76 14.30 -1.73 -49.00
N GLY F 77 14.34 -0.66 -48.21
CA GLY F 77 15.62 -0.04 -47.88
C GLY F 77 16.54 -0.94 -47.08
N SER F 78 17.86 -0.85 -47.35
CA SER F 78 18.88 -1.67 -46.71
C SER F 78 20.04 -0.83 -46.13
N GLY F 79 19.82 0.48 -46.03
CA GLY F 79 20.75 1.38 -45.34
C GLY F 79 21.99 1.73 -46.16
N LYS F 80 23.01 2.25 -45.47
CA LYS F 80 24.36 2.51 -46.03
C LYS F 80 25.02 1.20 -46.50
N ASP F 81 26.22 1.28 -47.05
CA ASP F 81 26.93 0.05 -47.41
C ASP F 81 27.19 -0.93 -46.26
N GLU F 82 27.57 -0.41 -45.09
CA GLU F 82 27.99 -1.28 -43.99
C GLU F 82 26.90 -2.24 -43.49
N ALA F 83 27.36 -3.45 -43.13
CA ALA F 83 26.55 -4.63 -42.86
C ALA F 83 25.57 -4.37 -41.74
N LEU F 84 24.34 -4.79 -41.95
CA LEU F 84 23.30 -4.63 -40.95
C LEU F 84 23.60 -5.46 -39.72
N GLY F 85 23.02 -5.07 -38.59
CA GLY F 85 23.08 -5.85 -37.36
C GLY F 85 21.88 -6.77 -37.28
N ASP F 86 21.99 -7.78 -36.42
CA ASP F 86 20.90 -8.69 -36.14
C ASP F 86 19.55 -7.99 -36.02
N ARG F 87 19.43 -7.11 -35.03
CA ARG F 87 18.19 -6.43 -34.74
C ARG F 87 17.67 -5.72 -36.00
N THR F 88 18.58 -5.04 -36.70
CA THR F 88 18.23 -4.37 -37.95
C THR F 88 17.83 -5.32 -39.11
N TRP F 89 18.57 -6.39 -39.32
CA TRP F 89 18.21 -7.41 -40.29
C TRP F 89 16.78 -7.97 -40.05
N ARG F 90 16.47 -8.34 -38.81
CA ARG F 90 15.17 -8.89 -38.49
C ARG F 90 14.01 -7.88 -38.63
N LYS F 91 14.27 -6.62 -38.32
CA LYS F 91 13.24 -5.59 -38.43
C LYS F 91 12.97 -5.32 -39.91
N LEU F 92 14.00 -5.46 -40.72
CA LEU F 92 13.86 -5.31 -42.15
C LEU F 92 12.96 -6.42 -42.66
N VAL F 93 13.31 -7.65 -42.31
CA VAL F 93 12.52 -8.80 -42.69
C VAL F 93 11.07 -8.61 -42.20
N ALA F 94 10.89 -8.29 -40.92
CA ALA F 94 9.54 -8.08 -40.38
C ALA F 94 8.73 -7.05 -41.15
N SER F 95 9.36 -5.98 -41.69
CA SER F 95 8.56 -4.97 -42.45
C SER F 95 8.10 -5.47 -43.80
N VAL F 96 8.99 -6.18 -44.50
CA VAL F 96 8.68 -6.84 -45.76
C VAL F 96 7.45 -7.69 -45.58
N ALA F 97 7.52 -8.57 -44.59
CA ALA F 97 6.46 -9.53 -44.32
C ALA F 97 5.17 -8.79 -44.05
N GLY F 98 5.26 -7.76 -43.21
CA GLY F 98 4.14 -6.90 -42.90
C GLY F 98 3.40 -6.45 -44.15
N VAL F 99 4.14 -5.92 -45.13
CA VAL F 99 3.52 -5.53 -46.41
C VAL F 99 2.90 -6.76 -47.10
N LEU F 100 3.70 -7.81 -47.24
CA LEU F 100 3.27 -9.01 -48.00
C LEU F 100 2.01 -9.64 -47.42
N LYS F 101 1.88 -9.66 -46.09
CA LYS F 101 0.69 -10.22 -45.47
C LYS F 101 -0.62 -9.47 -45.80
N GLY F 102 -0.52 -8.17 -46.02
CA GLY F 102 -1.67 -7.37 -46.42
C GLY F 102 -2.06 -7.42 -47.88
N LEU F 103 -1.21 -8.01 -48.73
CA LEU F 103 -1.53 -8.08 -50.15
C LEU F 103 -2.32 -9.35 -50.46
N ASN F 104 -2.92 -9.39 -51.64
CA ASN F 104 -3.69 -10.54 -52.05
C ASN F 104 -2.91 -11.49 -53.01
N GLY F 105 -1.59 -11.56 -52.86
CA GLY F 105 -0.75 -12.45 -53.69
C GLY F 105 -0.53 -13.77 -52.98
N ALA F 106 -0.66 -14.87 -53.70
CA ALA F 106 -0.54 -16.22 -53.12
C ALA F 106 0.88 -16.53 -52.71
N ASP F 107 1.83 -15.85 -53.33
CA ASP F 107 3.26 -16.11 -53.12
C ASP F 107 4.11 -14.82 -53.19
N ALA F 108 5.38 -14.95 -52.88
CA ALA F 108 6.33 -13.84 -52.89
C ALA F 108 7.72 -14.43 -53.08
N VAL F 109 8.61 -13.69 -53.73
CA VAL F 109 10.01 -14.09 -53.91
C VAL F 109 10.93 -13.06 -53.26
N LEU F 110 11.82 -13.54 -52.41
CA LEU F 110 12.77 -12.67 -51.73
C LEU F 110 14.10 -12.89 -52.41
N ALA F 111 14.61 -11.84 -53.05
CA ALA F 111 15.92 -11.86 -53.71
C ALA F 111 16.76 -10.84 -52.98
N LEU F 112 17.23 -11.21 -51.80
CA LEU F 112 17.91 -10.26 -50.91
C LEU F 112 19.38 -10.60 -50.70
N ASP F 113 20.01 -11.16 -51.71
CA ASP F 113 21.36 -11.70 -51.52
C ASP F 113 22.43 -10.63 -51.24
N ASP F 114 22.17 -9.41 -51.69
CA ASP F 114 23.18 -8.39 -51.61
C ASP F 114 23.29 -7.70 -50.26
N VAL F 115 22.34 -7.98 -49.36
CA VAL F 115 22.36 -7.40 -48.03
C VAL F 115 23.37 -8.16 -47.15
N ALA F 116 24.35 -7.43 -46.61
CA ALA F 116 25.35 -8.03 -45.74
C ALA F 116 24.86 -8.02 -44.31
N VAL F 117 25.06 -9.13 -43.59
CA VAL F 117 24.75 -9.12 -42.17
C VAL F 117 26.01 -9.32 -41.32
N ASN F 118 26.27 -8.36 -40.44
CA ASN F 118 27.43 -8.34 -39.56
C ASN F 118 27.58 -9.62 -38.72
N ASN F 119 28.74 -10.25 -38.85
CA ASN F 119 29.09 -11.47 -38.09
C ASN F 119 28.32 -12.77 -38.44
N ARG F 120 27.47 -12.75 -39.48
CA ARG F 120 26.81 -13.94 -39.99
C ARG F 120 27.33 -14.22 -41.39
N ASP F 121 27.48 -15.49 -41.76
CA ASP F 121 27.88 -15.76 -43.14
C ASP F 121 26.64 -15.56 -44.05
N ALA F 122 26.87 -15.14 -45.30
CA ALA F 122 25.79 -14.77 -46.21
C ALA F 122 24.85 -15.92 -46.57
N HIS F 123 25.16 -17.14 -46.15
CA HIS F 123 24.37 -18.28 -46.60
C HIS F 123 23.61 -18.98 -45.50
N TYR F 124 24.24 -19.32 -44.39
CA TYR F 124 23.51 -20.03 -43.33
C TYR F 124 22.96 -19.13 -42.22
N GLY F 125 23.84 -18.40 -41.52
CA GLY F 125 23.43 -17.54 -40.42
C GLY F 125 22.44 -16.46 -40.82
N LYS F 126 22.72 -15.82 -41.97
CA LYS F 126 21.87 -14.79 -42.53
C LYS F 126 20.43 -15.28 -42.65
N TYR F 127 20.25 -16.49 -43.16
CA TYR F 127 18.89 -16.96 -43.51
C TYR F 127 18.20 -17.66 -42.37
N ARG F 128 18.99 -18.14 -41.41
CA ARG F 128 18.40 -18.59 -40.15
C ARG F 128 17.50 -17.50 -39.60
N LEU F 129 18.08 -16.30 -39.44
CA LEU F 129 17.39 -15.18 -38.86
C LEU F 129 16.22 -14.75 -39.71
N LEU F 130 16.47 -14.55 -41.00
CA LEU F 130 15.41 -14.21 -41.93
C LEU F 130 14.28 -15.24 -41.95
N ALA F 131 14.60 -16.53 -42.02
CA ALA F 131 13.53 -17.52 -42.19
C ALA F 131 12.72 -17.61 -40.92
N GLU F 132 13.39 -17.63 -39.78
CA GLU F 132 12.70 -17.73 -38.50
C GLU F 132 11.77 -16.53 -38.26
N THR F 133 12.24 -15.33 -38.60
CA THR F 133 11.47 -14.10 -38.39
C THR F 133 10.17 -14.13 -39.21
N LEU F 134 10.31 -14.56 -40.47
CA LEU F 134 9.20 -14.53 -41.44
C LEU F 134 8.10 -15.56 -41.12
N LEU F 135 8.51 -16.78 -40.77
CA LEU F 135 7.58 -17.84 -40.36
C LEU F 135 6.98 -17.59 -38.98
N ASP F 136 7.81 -17.14 -38.02
CA ASP F 136 7.29 -16.78 -36.68
C ASP F 136 6.31 -15.61 -36.74
N GLY F 137 6.55 -14.62 -37.61
CA GLY F 137 5.58 -13.56 -37.82
C GLY F 137 4.28 -13.97 -38.49
N GLU F 138 4.20 -15.20 -39.00
CA GLU F 138 2.93 -15.69 -39.54
C GLU F 138 1.90 -15.93 -38.43
N TYR F 139 2.41 -16.02 -37.19
CA TYR F 139 1.64 -16.52 -36.05
C TYR F 139 0.31 -15.80 -35.90
N VAL F 140 -0.74 -16.59 -35.70
CA VAL F 140 -2.10 -16.10 -35.41
C VAL F 140 -2.77 -16.98 -34.32
N PHE F 141 -3.25 -16.36 -33.24
CA PHE F 141 -4.01 -17.08 -32.25
C PHE F 141 -5.40 -16.50 -32.16
N ASP F 142 -6.29 -17.02 -33.00
CA ASP F 142 -7.59 -16.43 -33.08
C ASP F 142 -8.69 -17.44 -32.81
N ARG F 143 -8.32 -18.57 -32.22
CA ARG F 143 -9.31 -19.61 -32.03
C ARG F 143 -10.46 -19.18 -31.10
N PHE F 144 -10.31 -18.06 -30.38
CA PHE F 144 -11.39 -17.56 -29.51
C PHE F 144 -12.16 -16.32 -30.05
N LYS F 145 -11.88 -15.94 -31.28
CA LYS F 145 -12.68 -14.94 -31.94
C LYS F 145 -13.91 -15.62 -32.56
N SER F 146 -15.06 -14.98 -32.45
CA SER F 146 -16.30 -15.49 -33.06
C SER F 146 -16.27 -15.28 -34.55
N GLN F 147 -15.82 -14.10 -34.94
CA GLN F 147 -15.69 -13.76 -36.32
C GLN F 147 -14.22 -13.79 -36.66
N LYS F 148 -13.72 -14.99 -36.96
CA LYS F 148 -12.32 -15.21 -37.33
C LYS F 148 -12.01 -14.57 -38.70
N VAL F 149 -10.84 -13.93 -38.79
CA VAL F 149 -10.35 -13.38 -40.08
C VAL F 149 -10.31 -14.47 -41.20
N GLU F 150 -10.72 -14.10 -42.41
CA GLU F 150 -10.54 -14.98 -43.58
C GLU F 150 -9.02 -15.16 -43.80
N PRO F 151 -8.56 -16.41 -44.06
CA PRO F 151 -7.12 -16.70 -44.20
C PRO F 151 -6.36 -15.76 -45.16
N ARG F 152 -5.08 -15.55 -44.87
CA ARG F 152 -4.24 -14.69 -45.71
C ARG F 152 -3.97 -15.36 -47.03
N ALA F 153 -3.95 -14.57 -48.09
CA ALA F 153 -3.70 -15.11 -49.41
C ALA F 153 -2.25 -15.64 -49.48
N LEU F 154 -1.31 -14.99 -48.79
CA LEU F 154 0.12 -15.39 -48.82
C LEU F 154 0.38 -16.76 -48.18
N LYS F 155 0.80 -17.71 -48.99
CA LYS F 155 1.01 -19.09 -48.53
C LYS F 155 2.36 -19.68 -48.85
N LYS F 156 3.05 -19.17 -49.85
CA LYS F 156 4.35 -19.71 -50.25
C LYS F 156 5.35 -18.58 -50.41
N VAL F 157 6.59 -18.80 -49.98
CA VAL F 157 7.62 -17.82 -50.22
C VAL F 157 8.88 -18.52 -50.71
N THR F 158 9.41 -18.05 -51.85
CA THR F 158 10.73 -18.48 -52.35
C THR F 158 11.88 -17.54 -51.89
N LEU F 159 12.99 -18.10 -51.44
CA LEU F 159 14.18 -17.28 -51.27
C LEU F 159 15.16 -17.58 -52.41
N LEU F 160 15.65 -16.53 -53.10
CA LEU F 160 16.71 -16.71 -54.11
C LEU F 160 18.12 -16.56 -53.54
N ALA F 161 18.97 -17.53 -53.87
CA ALA F 161 20.40 -17.50 -53.54
C ALA F 161 21.17 -17.89 -54.80
N ASP F 162 22.47 -17.65 -54.83
CA ASP F 162 23.27 -18.18 -55.93
C ASP F 162 23.61 -19.65 -55.66
N LYS F 163 24.19 -20.27 -56.68
CA LYS F 163 24.28 -21.73 -56.75
C LYS F 163 25.30 -22.36 -55.81
N ALA F 164 26.33 -21.61 -55.41
CA ALA F 164 27.21 -22.06 -54.33
C ALA F 164 26.50 -21.99 -52.94
N GLY F 165 25.61 -21.02 -52.78
CA GLY F 165 24.96 -20.78 -51.49
C GLY F 165 23.78 -21.67 -51.21
N GLN F 166 23.22 -22.26 -52.26
CA GLN F 166 21.99 -23.04 -52.16
C GLN F 166 21.93 -24.08 -51.03
N ALA F 167 22.85 -25.05 -51.02
CA ALA F 167 22.82 -26.13 -49.99
C ALA F 167 22.68 -25.61 -48.55
N GLU F 168 23.31 -24.46 -48.33
CA GLU F 168 23.47 -23.88 -47.02
C GLU F 168 22.25 -23.06 -46.62
N VAL F 169 21.79 -22.24 -47.56
CA VAL F 169 20.53 -21.50 -47.42
C VAL F 169 19.42 -22.50 -47.11
N GLU F 170 19.51 -23.67 -47.75
CA GLU F 170 18.57 -24.75 -47.54
C GLU F 170 18.61 -25.38 -46.17
N ARG F 171 19.82 -25.53 -45.64
CA ARG F 171 20.02 -26.06 -44.31
C ARG F 171 19.46 -25.04 -43.31
N ALA F 172 19.76 -23.76 -43.56
CA ALA F 172 19.20 -22.65 -42.77
C ALA F 172 17.66 -22.69 -42.69
N VAL F 173 17.02 -22.78 -43.85
CA VAL F 173 15.55 -22.84 -43.95
C VAL F 173 14.97 -24.10 -43.30
N LYS F 174 15.68 -25.21 -43.36
CA LYS F 174 15.25 -26.44 -42.69
C LYS F 174 15.21 -26.28 -41.15
N HIS F 175 16.27 -25.70 -40.59
CA HIS F 175 16.40 -25.54 -39.13
C HIS F 175 15.45 -24.47 -38.60
N ALA F 176 15.45 -23.31 -39.25
CA ALA F 176 14.44 -22.27 -39.03
C ALA F 176 13.00 -22.77 -39.09
N SER F 177 12.63 -23.62 -40.06
CA SER F 177 11.22 -24.09 -40.13
C SER F 177 10.84 -24.93 -38.92
N ALA F 178 11.75 -25.83 -38.52
CA ALA F 178 11.55 -26.67 -37.36
C ALA F 178 11.45 -25.83 -36.11
N ILE F 179 12.34 -24.83 -36.01
CA ILE F 179 12.36 -23.89 -34.87
C ILE F 179 11.05 -23.10 -34.75
N ALA F 180 10.52 -22.64 -35.87
CA ALA F 180 9.32 -21.79 -35.87
C ALA F 180 8.04 -22.58 -35.56
N THR F 181 7.94 -23.79 -36.12
CA THR F 181 6.87 -24.76 -35.85
C THR F 181 6.90 -25.08 -34.37
N GLY F 182 8.11 -25.26 -33.82
CA GLY F 182 8.26 -25.44 -32.37
C GLY F 182 7.73 -24.22 -31.61
N MET F 183 8.16 -23.04 -32.06
CA MET F 183 7.75 -21.76 -31.46
C MET F 183 6.22 -21.55 -31.44
N ALA F 184 5.57 -21.90 -32.56
CA ALA F 184 4.11 -21.85 -32.67
C ALA F 184 3.40 -22.79 -31.71
N PHE F 185 3.96 -23.99 -31.51
CA PHE F 185 3.42 -24.95 -30.54
C PHE F 185 3.50 -24.36 -29.11
N THR F 186 4.68 -23.90 -28.73
CA THR F 186 4.90 -23.17 -27.49
C THR F 186 3.95 -21.95 -27.29
N ARG F 187 3.73 -21.15 -28.34
CA ARG F 187 2.87 -19.97 -28.21
C ARG F 187 1.39 -20.34 -28.00
N ASP F 188 0.88 -21.27 -28.80
CA ASP F 188 -0.44 -21.84 -28.59
C ASP F 188 -0.65 -22.24 -27.14
N LEU F 189 0.26 -23.03 -26.59
CA LEU F 189 0.11 -23.55 -25.23
C LEU F 189 0.14 -22.41 -24.21
N GLY F 190 1.09 -21.48 -24.40
CA GLY F 190 1.13 -20.24 -23.66
C GLY F 190 -0.17 -19.44 -23.65
N ASN F 191 -0.71 -19.15 -24.82
CA ASN F 191 -1.88 -18.24 -24.92
C ASN F 191 -3.26 -18.83 -24.58
N LEU F 192 -3.35 -20.17 -24.60
CA LEU F 192 -4.56 -20.90 -24.19
C LEU F 192 -4.92 -20.48 -22.76
N PRO F 193 -6.19 -20.18 -22.52
CA PRO F 193 -6.60 -19.69 -21.20
C PRO F 193 -6.56 -20.83 -20.16
N PRO F 194 -6.28 -20.53 -18.87
CA PRO F 194 -6.07 -21.63 -17.93
C PRO F 194 -7.30 -22.50 -17.60
N ASN F 195 -8.53 -22.06 -17.91
CA ASN F 195 -9.73 -22.91 -17.70
C ASN F 195 -9.75 -24.09 -18.69
N LEU F 196 -8.96 -23.97 -19.76
CA LEU F 196 -8.87 -25.03 -20.75
C LEU F 196 -7.49 -25.65 -20.65
N CYS F 197 -6.44 -24.83 -20.54
CA CYS F 197 -5.08 -25.34 -20.39
C CYS F 197 -4.64 -25.58 -18.93
N HIS F 198 -5.00 -26.74 -18.41
CA HIS F 198 -4.63 -27.20 -17.07
C HIS F 198 -3.71 -28.45 -17.25
N PRO F 199 -3.25 -29.11 -16.16
CA PRO F 199 -2.26 -30.20 -16.34
C PRO F 199 -2.72 -31.50 -17.06
N SER F 200 -3.94 -31.97 -16.83
CA SER F 200 -4.47 -33.10 -17.63
C SER F 200 -4.46 -32.76 -19.14
N PHE F 201 -4.70 -31.49 -19.48
CA PHE F 201 -4.81 -31.16 -20.89
C PHE F 201 -3.44 -31.24 -21.52
N LEU F 202 -2.42 -30.79 -20.79
CA LEU F 202 -1.04 -30.85 -21.27
C LEU F 202 -0.63 -32.32 -21.40
N ALA F 203 -1.21 -33.15 -20.53
CA ALA F 203 -0.97 -34.59 -20.55
C ALA F 203 -1.50 -35.16 -21.86
N GLU F 204 -2.77 -34.88 -22.18
CA GLU F 204 -3.34 -35.25 -23.45
C GLU F 204 -2.51 -34.73 -24.61
N GLN F 205 -2.01 -33.50 -24.53
CA GLN F 205 -1.16 -32.98 -25.60
C GLN F 205 0.09 -33.84 -25.78
N ALA F 206 0.64 -34.31 -24.65
CA ALA F 206 1.83 -35.13 -24.69
C ALA F 206 1.53 -36.55 -25.23
N LYS F 207 0.45 -37.17 -24.78
CA LYS F 207 0.07 -38.47 -25.29
C LYS F 207 -0.06 -38.45 -26.81
N GLU F 208 -0.72 -37.41 -27.31
CA GLU F 208 -0.93 -37.22 -28.72
C GLU F 208 0.34 -37.01 -29.51
N LEU F 209 1.33 -36.38 -28.88
CA LEU F 209 2.60 -36.17 -29.53
C LEU F 209 3.39 -37.50 -29.56
N GLY F 210 3.09 -38.37 -28.59
CA GLY F 210 3.64 -39.72 -28.57
C GLY F 210 3.16 -40.61 -29.70
N LYS F 211 1.85 -40.66 -29.89
CA LYS F 211 1.25 -41.39 -30.99
C LYS F 211 1.72 -40.93 -32.36
N ALA F 212 2.00 -39.65 -32.51
CA ALA F 212 2.44 -39.13 -33.80
C ALA F 212 3.89 -39.43 -34.19
N HIS F 213 4.71 -39.94 -33.27
CA HIS F 213 6.16 -40.10 -33.52
C HIS F 213 6.74 -41.40 -32.98
N LYS F 214 7.38 -42.14 -33.88
CA LYS F 214 7.81 -43.50 -33.61
C LYS F 214 8.84 -43.58 -32.51
N ALA F 215 9.83 -42.69 -32.59
CA ALA F 215 10.97 -42.70 -31.66
C ALA F 215 10.68 -41.96 -30.34
N LEU F 216 9.47 -41.41 -30.24
CA LEU F 216 9.02 -40.76 -29.00
C LEU F 216 8.06 -41.63 -28.21
N LYS F 217 8.42 -41.96 -26.97
CA LYS F 217 7.51 -42.58 -26.00
C LYS F 217 7.16 -41.65 -24.81
N VAL F 218 5.90 -41.73 -24.38
CA VAL F 218 5.31 -40.79 -23.44
C VAL F 218 4.64 -41.55 -22.31
N GLU F 219 4.95 -41.16 -21.09
CA GLU F 219 4.38 -41.78 -19.92
C GLU F 219 3.87 -40.65 -19.00
N VAL F 220 2.70 -40.85 -18.41
CA VAL F 220 2.07 -39.78 -17.64
C VAL F 220 1.89 -40.21 -16.20
N LEU F 221 2.59 -39.51 -15.30
CA LEU F 221 2.56 -39.77 -13.88
C LEU F 221 1.55 -38.84 -13.23
N ASP F 222 0.50 -39.41 -12.67
CA ASP F 222 -0.55 -38.62 -12.07
C ASP F 222 -0.25 -38.22 -10.63
N GLU F 223 -1.29 -37.74 -9.96
CA GLU F 223 -1.24 -37.20 -8.62
C GLU F 223 -0.80 -38.25 -7.61
N LYS F 224 -1.46 -39.40 -7.65
CA LYS F 224 -1.18 -40.50 -6.71
C LYS F 224 0.25 -40.97 -6.88
N LYS F 225 0.67 -41.14 -8.13
CA LYS F 225 2.04 -41.51 -8.46
C LYS F 225 3.10 -40.51 -7.93
N ILE F 226 2.86 -39.21 -8.16
CA ILE F 226 3.70 -38.14 -7.62
C ILE F 226 3.80 -38.27 -6.09
N LYS F 227 2.64 -38.38 -5.45
CA LYS F 227 2.59 -38.57 -4.00
C LYS F 227 3.42 -39.81 -3.63
N ASP F 228 3.08 -40.94 -4.24
CA ASP F 228 3.77 -42.21 -3.93
C ASP F 228 5.28 -42.18 -4.08
N LEU F 229 5.79 -41.41 -5.04
CA LEU F 229 7.22 -41.34 -5.25
C LEU F 229 7.94 -40.49 -4.21
N GLY F 230 7.18 -40.06 -3.19
CA GLY F 230 7.72 -39.21 -2.14
C GLY F 230 7.99 -37.75 -2.55
N MET F 231 7.37 -37.33 -3.64
CA MET F 231 7.53 -35.98 -4.20
C MET F 231 6.75 -34.95 -3.40
N GLY F 232 7.22 -34.69 -2.18
CA GLY F 232 6.53 -33.85 -1.19
C GLY F 232 6.34 -32.40 -1.62
N ALA F 233 7.31 -31.81 -2.30
CA ALA F 233 7.18 -30.42 -2.68
C ALA F 233 6.22 -30.25 -3.89
N PHE F 234 6.36 -31.11 -4.92
CA PHE F 234 5.53 -31.10 -6.16
C PHE F 234 4.09 -31.30 -5.72
N TYR F 235 3.84 -32.30 -4.90
CA TYR F 235 2.48 -32.56 -4.43
C TYR F 235 1.88 -31.35 -3.70
N ALA F 236 2.65 -30.79 -2.78
CA ALA F 236 2.16 -29.73 -1.88
C ALA F 236 1.58 -28.58 -2.68
N VAL F 237 2.22 -28.28 -3.81
CA VAL F 237 1.86 -27.17 -4.69
C VAL F 237 0.53 -27.37 -5.40
N GLY F 238 0.32 -28.60 -5.90
CA GLY F 238 -0.88 -28.93 -6.66
C GLY F 238 -2.12 -29.27 -5.84
N GLN F 239 -1.96 -29.54 -4.54
CA GLN F 239 -3.05 -30.15 -3.72
C GLN F 239 -4.24 -29.22 -3.54
N GLY F 240 -4.01 -27.92 -3.71
CA GLY F 240 -5.06 -26.92 -3.58
C GLY F 240 -6.11 -26.86 -4.70
N SER F 241 -5.79 -27.39 -5.89
CA SER F 241 -6.69 -27.26 -7.03
C SER F 241 -7.65 -28.44 -7.21
N ASP F 242 -8.81 -28.20 -7.84
CA ASP F 242 -9.69 -29.28 -8.31
C ASP F 242 -8.97 -30.02 -9.46
N GLN F 243 -8.05 -29.32 -10.11
CA GLN F 243 -7.26 -29.86 -11.21
C GLN F 243 -5.99 -30.50 -10.64
N PRO F 244 -5.83 -31.83 -10.77
CA PRO F 244 -4.67 -32.43 -10.14
C PRO F 244 -3.43 -32.20 -10.98
N PRO F 245 -2.22 -32.35 -10.37
CA PRO F 245 -0.91 -32.34 -11.06
C PRO F 245 -0.64 -33.54 -11.95
N ARG F 246 0.27 -33.33 -12.90
CA ARG F 246 0.79 -34.37 -13.78
C ARG F 246 2.27 -34.10 -13.92
N LEU F 247 3.07 -35.15 -13.81
CA LEU F 247 4.48 -35.10 -14.24
C LEU F 247 4.54 -35.84 -15.56
N ILE F 248 5.04 -35.19 -16.61
CA ILE F 248 4.95 -35.75 -17.96
C ILE F 248 6.34 -36.12 -18.54
N VAL F 249 6.49 -37.37 -18.92
CA VAL F 249 7.76 -37.83 -19.43
C VAL F 249 7.65 -38.07 -20.93
N LEU F 250 8.47 -37.35 -21.69
CA LEU F 250 8.57 -37.50 -23.14
C LEU F 250 9.99 -37.92 -23.51
N ASN F 251 10.11 -39.15 -23.99
CA ASN F 251 11.38 -39.81 -24.17
C ASN F 251 11.68 -40.02 -25.66
N TYR F 252 12.58 -39.21 -26.19
CA TYR F 252 13.00 -39.31 -27.56
C TYR F 252 14.38 -39.97 -27.68
N GLN F 253 14.37 -41.12 -28.38
CA GLN F 253 15.54 -41.90 -28.69
C GLN F 253 15.98 -41.65 -30.13
N GLY F 254 16.95 -40.77 -30.31
CA GLY F 254 17.34 -40.31 -31.62
C GLY F 254 18.80 -40.52 -31.95
N GLY F 255 19.63 -40.54 -30.92
CA GLY F 255 21.07 -40.78 -31.09
C GLY F 255 21.47 -42.23 -30.87
N LYS F 256 22.79 -42.46 -30.77
CA LYS F 256 23.32 -43.78 -30.42
C LYS F 256 22.81 -44.20 -29.05
N LYS F 257 22.40 -45.47 -28.96
CA LYS F 257 21.89 -46.09 -27.74
C LYS F 257 22.84 -45.96 -26.51
N ALA F 258 24.16 -45.84 -26.75
CA ALA F 258 25.18 -45.55 -25.72
C ALA F 258 25.57 -44.06 -25.54
N ASP F 259 24.77 -43.16 -26.12
CA ASP F 259 24.87 -41.73 -25.80
C ASP F 259 23.99 -41.41 -24.62
N LYS F 260 24.60 -40.86 -23.56
CA LYS F 260 23.88 -40.34 -22.38
C LYS F 260 22.86 -39.31 -22.85
N PRO F 261 21.60 -39.36 -22.34
CA PRO F 261 20.58 -38.41 -22.76
C PRO F 261 20.83 -36.96 -22.32
N PHE F 262 20.16 -36.05 -23.02
CA PHE F 262 19.94 -34.69 -22.52
C PHE F 262 18.56 -34.64 -21.86
N VAL F 263 18.50 -33.98 -20.70
CA VAL F 263 17.22 -33.77 -20.02
C VAL F 263 16.79 -32.28 -20.00
N LEU F 264 15.60 -32.02 -20.51
CA LEU F 264 14.95 -30.71 -20.37
C LEU F 264 13.83 -30.80 -19.36
N VAL F 265 13.85 -29.89 -18.37
CA VAL F 265 12.86 -29.85 -17.31
C VAL F 265 12.10 -28.52 -17.33
N GLY F 266 10.79 -28.59 -17.50
CA GLY F 266 10.00 -27.37 -17.68
C GLY F 266 8.97 -27.13 -16.61
N LYS F 267 8.97 -25.90 -16.05
CA LYS F 267 7.91 -25.46 -15.14
C LYS F 267 6.56 -25.38 -15.86
N GLY F 268 5.57 -26.10 -15.38
CA GLY F 268 4.27 -26.11 -16.03
C GLY F 268 3.18 -25.73 -15.05
N ILE F 269 3.31 -24.58 -14.40
CA ILE F 269 2.24 -24.07 -13.57
C ILE F 269 1.22 -23.37 -14.49
N THR F 270 0.11 -24.05 -14.72
CA THR F 270 -0.83 -23.64 -15.76
C THR F 270 -1.65 -22.43 -15.35
N PHE F 271 -1.83 -22.24 -14.05
CA PHE F 271 -2.19 -20.96 -13.48
C PHE F 271 -1.60 -20.75 -12.11
N ASP F 272 -1.06 -19.56 -11.88
CA ASP F 272 -0.47 -19.28 -10.59
C ASP F 272 -1.25 -18.16 -9.87
N THR F 273 -2.12 -18.53 -8.95
CA THR F 273 -2.75 -17.47 -8.10
C THR F 273 -1.84 -17.01 -6.95
N GLY F 274 -0.70 -17.65 -6.78
CA GLY F 274 0.07 -17.46 -5.55
C GLY F 274 -0.33 -18.44 -4.45
N GLY F 275 -1.58 -18.93 -4.48
CA GLY F 275 -2.04 -19.89 -3.47
C GLY F 275 -2.44 -19.10 -2.24
N ILE F 276 -2.27 -19.67 -1.06
CA ILE F 276 -2.67 -18.94 0.16
C ILE F 276 -1.87 -17.61 0.32
N SER F 277 -0.66 -17.57 -0.23
CA SER F 277 0.08 -16.33 -0.37
C SER F 277 -0.36 -15.68 -1.65
N LEU F 278 -1.63 -15.27 -1.61
CA LEU F 278 -2.38 -14.84 -2.77
C LEU F 278 -1.76 -13.58 -3.42
N LYS F 279 -1.65 -13.61 -4.75
CA LYS F 279 -1.24 -12.42 -5.52
C LYS F 279 -2.28 -11.31 -5.53
N PRO F 280 -1.83 -10.05 -5.74
CA PRO F 280 -2.76 -8.96 -6.04
C PRO F 280 -3.53 -9.24 -7.33
N GLY F 281 -4.69 -8.64 -7.45
CA GLY F 281 -5.52 -8.76 -8.62
C GLY F 281 -4.97 -8.26 -9.95
N ALA F 282 -4.32 -7.09 -9.94
CA ALA F 282 -3.79 -6.40 -11.15
C ALA F 282 -2.90 -7.27 -12.02
N GLY F 283 -3.30 -7.49 -13.29
CA GLY F 283 -2.47 -8.25 -14.24
C GLY F 283 -2.34 -9.74 -13.90
N MET F 284 -3.14 -10.23 -12.97
CA MET F 284 -3.08 -11.65 -12.65
C MET F 284 -3.41 -12.60 -13.83
N ASP F 285 -4.09 -12.10 -14.87
CA ASP F 285 -4.38 -12.95 -16.05
C ASP F 285 -3.15 -13.53 -16.75
N GLU F 286 -2.01 -12.85 -16.59
CA GLU F 286 -0.71 -13.17 -17.21
C GLU F 286 -0.03 -14.43 -16.60
N MET F 287 -0.59 -14.91 -15.51
CA MET F 287 -0.03 -16.03 -14.80
C MET F 287 -0.38 -17.36 -15.44
N LYS F 288 -1.16 -17.32 -16.52
CA LYS F 288 -1.38 -18.48 -17.39
C LYS F 288 -0.12 -18.81 -18.18
N TYR F 289 0.78 -17.84 -18.25
CA TYR F 289 2.06 -17.96 -18.93
C TYR F 289 3.11 -18.53 -18.02
N ASP F 290 2.69 -18.99 -16.85
CA ASP F 290 3.61 -19.50 -15.85
C ASP F 290 3.93 -20.97 -16.16
N MET F 291 3.35 -21.44 -17.26
CA MET F 291 3.66 -22.75 -17.74
C MET F 291 4.51 -22.63 -19.00
N CYS F 292 4.99 -21.41 -19.30
CA CYS F 292 5.81 -21.19 -20.50
C CYS F 292 7.08 -22.00 -20.57
N GLY F 293 7.55 -22.51 -19.42
CA GLY F 293 8.74 -23.34 -19.31
C GLY F 293 8.45 -24.71 -19.93
N ALA F 294 7.40 -25.34 -19.43
CA ALA F 294 6.90 -26.57 -20.00
C ALA F 294 6.61 -26.32 -21.49
N ALA F 295 5.93 -25.22 -21.79
CA ALA F 295 5.56 -24.93 -23.17
C ALA F 295 6.76 -24.88 -24.10
N SER F 296 7.88 -24.31 -23.63
CA SER F 296 9.06 -24.21 -24.49
C SER F 296 9.80 -25.55 -24.66
N VAL F 297 9.58 -26.48 -23.72
CA VAL F 297 10.16 -27.83 -23.83
C VAL F 297 9.38 -28.61 -24.90
N PHE F 298 8.05 -28.57 -24.82
CA PHE F 298 7.15 -29.01 -25.90
C PHE F 298 7.57 -28.52 -27.26
N GLY F 299 7.96 -27.25 -27.38
CA GLY F 299 8.34 -26.68 -28.67
C GLY F 299 9.71 -27.10 -29.18
N THR F 300 10.68 -27.15 -28.26
CA THR F 300 12.01 -27.60 -28.61
C THR F 300 11.93 -29.08 -29.06
N LEU F 301 11.13 -29.85 -28.35
CA LEU F 301 10.95 -31.22 -28.67
C LEU F 301 10.31 -31.29 -30.06
N ARG F 302 9.23 -30.55 -30.31
CA ARG F 302 8.59 -30.65 -31.64
C ARG F 302 9.61 -30.36 -32.76
N ALA F 303 10.52 -29.43 -32.52
CA ALA F 303 11.48 -29.00 -33.52
C ALA F 303 12.49 -30.09 -33.82
N VAL F 304 12.97 -30.70 -32.74
CA VAL F 304 13.86 -31.83 -32.73
C VAL F 304 13.18 -33.00 -33.40
N LEU F 305 11.91 -33.24 -33.07
CA LEU F 305 11.11 -34.26 -33.78
C LEU F 305 11.01 -34.00 -35.29
N GLU F 306 10.94 -32.73 -35.69
CA GLU F 306 10.94 -32.41 -37.10
C GLU F 306 12.29 -32.63 -37.77
N LEU F 307 13.36 -32.46 -37.02
CA LEU F 307 14.67 -32.48 -37.62
C LEU F 307 15.26 -33.88 -37.60
N GLN F 308 14.63 -34.75 -36.80
CA GLN F 308 15.09 -36.10 -36.54
C GLN F 308 16.56 -36.03 -36.15
N LEU F 309 16.83 -35.17 -35.16
CA LEU F 309 18.15 -35.00 -34.58
C LEU F 309 18.67 -36.30 -33.95
N PRO F 310 19.92 -36.70 -34.29
CA PRO F 310 20.53 -37.91 -33.71
C PRO F 310 21.10 -37.62 -32.32
N VAL F 311 20.19 -37.32 -31.38
CA VAL F 311 20.50 -37.23 -29.93
C VAL F 311 19.45 -37.99 -29.15
N ASN F 312 19.74 -38.30 -27.91
CA ASN F 312 18.71 -38.76 -26.97
C ASN F 312 18.23 -37.64 -26.03
N LEU F 313 16.92 -37.51 -25.94
CA LEU F 313 16.31 -36.32 -25.32
C LEU F 313 15.11 -36.73 -24.47
N VAL F 314 15.27 -36.57 -23.15
CA VAL F 314 14.19 -36.87 -22.24
C VAL F 314 13.57 -35.54 -21.77
N CYS F 315 12.27 -35.40 -21.99
CA CYS F 315 11.57 -34.18 -21.56
C CYS F 315 10.71 -34.45 -20.33
N LEU F 316 10.91 -33.62 -19.31
CA LEU F 316 10.15 -33.71 -18.05
C LEU F 316 9.38 -32.43 -17.80
N LEU F 317 8.05 -32.55 -17.73
CA LEU F 317 7.17 -31.40 -17.54
C LEU F 317 6.46 -31.49 -16.20
N ALA F 318 6.71 -30.49 -15.36
CA ALA F 318 6.25 -30.46 -13.97
C ALA F 318 5.03 -29.54 -13.92
N CYS F 319 3.85 -30.16 -14.00
CA CYS F 319 2.58 -29.47 -14.25
C CYS F 319 1.67 -29.41 -13.05
N ALA F 320 1.31 -28.19 -12.68
CA ALA F 320 0.42 -28.00 -11.53
C ALA F 320 -0.39 -26.70 -11.72
N GLU F 321 -1.48 -26.56 -10.95
CA GLU F 321 -2.29 -25.37 -10.88
C GLU F 321 -2.34 -24.94 -9.41
N ASN F 322 -1.90 -23.72 -9.15
CA ASN F 322 -1.69 -23.20 -7.79
C ASN F 322 -2.88 -22.33 -7.40
N MET F 323 -3.78 -22.94 -6.61
CA MET F 323 -5.07 -22.40 -6.19
C MET F 323 -5.16 -22.31 -4.67
N PRO F 324 -5.88 -21.30 -4.15
CA PRO F 324 -6.23 -21.28 -2.71
C PRO F 324 -7.51 -22.10 -2.47
N SER F 325 -7.60 -22.73 -1.32
CA SER F 325 -8.79 -23.49 -0.93
C SER F 325 -8.59 -24.06 0.46
N GLY F 326 -9.59 -24.82 0.88
CA GLY F 326 -9.64 -25.46 2.17
C GLY F 326 -8.62 -26.56 2.38
N GLY F 327 -7.99 -27.06 1.31
CA GLY F 327 -6.90 -28.03 1.46
C GLY F 327 -5.60 -27.57 0.84
N ALA F 328 -5.44 -26.27 0.63
CA ALA F 328 -4.23 -25.79 -0.03
C ALA F 328 -3.05 -25.79 0.93
N THR F 329 -1.84 -25.76 0.39
CA THR F 329 -0.66 -25.57 1.22
C THR F 329 -0.67 -24.23 1.97
N ARG F 330 -0.24 -24.32 3.24
CA ARG F 330 -0.11 -23.14 4.12
C ARG F 330 1.34 -22.68 4.21
N PRO F 331 1.56 -21.36 4.27
CA PRO F 331 2.87 -20.85 4.70
C PRO F 331 3.29 -21.52 6.04
N GLY F 332 4.52 -22.02 6.10
CA GLY F 332 4.99 -22.74 7.31
C GLY F 332 4.86 -24.25 7.26
N ASP F 333 4.11 -24.79 6.31
CA ASP F 333 4.14 -26.26 6.09
C ASP F 333 5.57 -26.70 5.84
N ILE F 334 5.92 -27.90 6.32
CA ILE F 334 7.19 -28.55 5.99
C ILE F 334 6.91 -29.85 5.23
N VAL F 335 7.62 -30.05 4.13
CA VAL F 335 7.40 -31.23 3.32
C VAL F 335 8.71 -32.01 3.11
N THR F 336 8.61 -33.32 2.84
CA THR F 336 9.79 -34.11 2.55
C THR F 336 9.96 -34.22 1.04
N THR F 337 11.11 -33.79 0.52
CA THR F 337 11.29 -33.89 -0.93
C THR F 337 11.79 -35.26 -1.35
N MET F 338 11.80 -35.50 -2.66
CA MET F 338 12.18 -36.80 -3.19
C MET F 338 13.63 -37.13 -2.78
N SER F 339 14.49 -36.12 -2.78
CA SER F 339 15.89 -36.27 -2.41
C SER F 339 16.02 -36.62 -0.93
N GLY F 340 14.94 -36.42 -0.17
CA GLY F 340 15.00 -36.59 1.28
C GLY F 340 15.21 -35.30 2.08
N GLN F 341 15.68 -34.26 1.39
CA GLN F 341 15.84 -32.95 2.02
C GLN F 341 14.48 -32.34 2.42
N THR F 342 14.37 -31.81 3.62
CA THR F 342 13.11 -31.18 4.02
C THR F 342 13.09 -29.70 3.59
N VAL F 343 11.91 -29.20 3.23
CA VAL F 343 11.72 -27.82 2.80
C VAL F 343 10.63 -27.17 3.65
N GLU F 344 10.92 -26.00 4.24
CA GLU F 344 9.89 -25.21 4.90
C GLU F 344 9.26 -24.30 3.85
N ILE F 345 7.95 -24.42 3.63
CA ILE F 345 7.27 -23.59 2.60
C ILE F 345 6.78 -22.25 3.15
N LEU F 346 7.68 -21.25 3.14
CA LEU F 346 7.40 -19.95 3.74
C LEU F 346 6.39 -19.13 2.94
N ASN F 347 6.53 -19.16 1.61
CA ASN F 347 5.65 -18.45 0.70
C ASN F 347 5.19 -19.43 -0.41
N THR F 348 3.87 -19.58 -0.59
CA THR F 348 3.26 -20.63 -1.44
C THR F 348 3.27 -20.15 -2.87
N ASP F 349 3.58 -18.86 -3.04
CA ASP F 349 3.83 -18.26 -4.35
C ASP F 349 5.28 -18.49 -4.87
N ALA F 350 6.14 -19.07 -4.05
CA ALA F 350 7.41 -19.55 -4.61
C ALA F 350 7.20 -21.05 -4.86
N GLU F 351 6.30 -21.35 -5.79
CA GLU F 351 5.86 -22.73 -6.00
C GLU F 351 6.62 -23.41 -7.17
N GLY F 352 7.07 -22.60 -8.14
CA GLY F 352 7.83 -23.11 -9.27
C GLY F 352 9.05 -23.92 -8.86
N ARG F 353 9.85 -23.40 -7.93
CA ARG F 353 11.00 -24.16 -7.40
C ARG F 353 10.59 -25.47 -6.75
N LEU F 354 9.37 -25.52 -6.22
CA LEU F 354 8.91 -26.70 -5.50
C LEU F 354 8.59 -27.87 -6.45
N VAL F 355 8.01 -27.60 -7.61
CA VAL F 355 7.73 -28.68 -8.55
C VAL F 355 9.03 -29.05 -9.27
N LEU F 356 9.90 -28.07 -9.48
CA LEU F 356 11.16 -28.35 -10.14
C LEU F 356 12.14 -29.20 -9.33
N CYS F 357 12.31 -28.90 -8.04
CA CYS F 357 13.26 -29.63 -7.20
C CYS F 357 12.95 -31.13 -7.19
N ASP F 358 11.68 -31.49 -7.06
CA ASP F 358 11.31 -32.91 -7.10
C ASP F 358 11.57 -33.58 -8.46
N THR F 359 11.34 -32.82 -9.53
CA THR F 359 11.46 -33.30 -10.90
C THR F 359 12.96 -33.40 -11.31
N LEU F 360 13.79 -32.52 -10.74
CA LEU F 360 15.24 -32.57 -10.90
C LEU F 360 15.86 -33.84 -10.25
N THR F 361 15.26 -34.26 -9.14
CA THR F 361 15.64 -35.52 -8.52
C THR F 361 15.18 -36.68 -9.43
N TYR F 362 14.03 -36.54 -10.08
CA TYR F 362 13.55 -37.60 -10.95
C TYR F 362 14.45 -37.79 -12.16
N ALA F 363 15.00 -36.69 -12.66
CA ALA F 363 15.92 -36.70 -13.81
C ALA F 363 17.15 -37.60 -13.62
N GLU F 364 17.45 -37.94 -12.36
CA GLU F 364 18.63 -38.72 -11.99
C GLU F 364 18.71 -40.11 -12.64
N ARG F 365 17.58 -40.83 -12.67
CA ARG F 365 17.55 -42.15 -13.30
C ARG F 365 18.12 -42.16 -14.73
N PHE F 366 17.96 -41.06 -15.46
CA PHE F 366 18.35 -41.08 -16.87
C PHE F 366 19.86 -40.99 -17.09
N LYS F 367 20.61 -40.87 -16.00
CA LYS F 367 22.06 -40.83 -16.14
C LYS F 367 22.46 -39.80 -17.22
N PRO F 368 21.86 -38.58 -17.16
CA PRO F 368 21.98 -37.60 -18.25
C PRO F 368 23.35 -36.95 -18.29
N GLN F 369 23.79 -36.51 -19.48
CA GLN F 369 25.07 -35.79 -19.60
C GLN F 369 24.86 -34.29 -19.35
N ALA F 370 23.61 -33.86 -19.48
CA ALA F 370 23.21 -32.49 -19.19
C ALA F 370 21.74 -32.45 -18.76
N VAL F 371 21.43 -31.54 -17.83
CA VAL F 371 20.06 -31.32 -17.38
C VAL F 371 19.75 -29.80 -17.35
N ILE F 372 18.77 -29.36 -18.13
CA ILE F 372 18.47 -27.94 -18.23
C ILE F 372 17.04 -27.72 -17.81
N ASP F 373 16.83 -26.92 -16.75
CA ASP F 373 15.47 -26.54 -16.40
C ASP F 373 15.13 -25.12 -16.89
N ILE F 374 13.91 -24.99 -17.39
CA ILE F 374 13.45 -23.71 -17.93
C ILE F 374 12.22 -23.37 -17.13
N ALA F 375 12.14 -22.11 -16.66
CA ALA F 375 11.04 -21.69 -15.81
C ALA F 375 10.79 -20.19 -15.82
N THR F 376 9.52 -19.81 -15.65
CA THR F 376 9.14 -18.43 -15.49
C THR F 376 9.22 -18.24 -13.98
N LEU F 377 10.44 -18.19 -13.50
CA LEU F 377 10.62 -18.44 -12.09
C LEU F 377 10.50 -17.24 -11.16
N THR F 378 11.19 -16.13 -11.44
CA THR F 378 11.19 -15.01 -10.50
C THR F 378 10.91 -13.65 -11.14
N GLY F 379 9.98 -12.88 -10.55
CA GLY F 379 9.79 -11.46 -10.86
C GLY F 379 11.05 -10.63 -10.62
N ALA F 380 12.00 -11.21 -9.87
CA ALA F 380 13.29 -10.58 -9.62
C ALA F 380 14.19 -10.64 -10.86
N CYS F 381 14.00 -11.66 -11.71
CA CYS F 381 14.73 -11.81 -12.97
C CYS F 381 14.38 -10.72 -13.97
N ILE F 382 13.11 -10.35 -14.02
CA ILE F 382 12.68 -9.20 -14.79
C ILE F 382 13.36 -7.91 -14.30
N VAL F 383 13.49 -7.76 -12.97
CA VAL F 383 14.19 -6.60 -12.40
C VAL F 383 15.68 -6.56 -12.82
N ALA F 384 16.26 -7.76 -12.94
CA ALA F 384 17.70 -7.94 -13.20
C ALA F 384 18.06 -7.88 -14.68
N LEU F 385 17.27 -8.54 -15.54
CA LEU F 385 17.62 -8.57 -16.97
C LEU F 385 16.55 -8.12 -17.94
N GLY F 386 15.38 -7.74 -17.44
CA GLY F 386 14.36 -7.19 -18.33
C GLY F 386 13.74 -8.27 -19.21
N SER F 387 13.34 -7.89 -20.41
CA SER F 387 12.63 -8.81 -21.25
C SER F 387 13.48 -9.27 -22.43
N HIS F 388 14.76 -8.92 -22.45
CA HIS F 388 15.55 -9.16 -23.65
C HIS F 388 16.51 -10.32 -23.52
N THR F 389 16.86 -10.63 -22.27
CA THR F 389 17.90 -11.59 -21.96
C THR F 389 17.42 -12.54 -20.89
N THR F 390 17.47 -13.85 -21.19
CA THR F 390 17.14 -14.90 -20.24
C THR F 390 18.24 -14.98 -19.17
N GLY F 391 17.86 -15.05 -17.90
CA GLY F 391 18.83 -15.35 -16.84
C GLY F 391 19.24 -16.82 -16.82
N LEU F 392 20.54 -17.05 -16.58
CA LEU F 392 21.12 -18.36 -16.67
C LEU F 392 22.06 -18.61 -15.50
N MET F 393 21.88 -19.76 -14.89
CA MET F 393 22.72 -20.19 -13.78
C MET F 393 23.01 -21.67 -13.98
N GLY F 394 24.09 -22.15 -13.40
CA GLY F 394 24.47 -23.58 -13.51
C GLY F 394 25.63 -24.02 -12.63
N ASN F 395 25.82 -25.34 -12.53
CA ASN F 395 26.95 -25.90 -11.73
C ASN F 395 28.14 -26.42 -12.57
N ASN F 396 28.14 -26.11 -13.86
CA ASN F 396 29.19 -26.51 -14.78
C ASN F 396 29.47 -25.43 -15.83
N ASP F 397 30.69 -24.90 -15.83
CA ASP F 397 31.09 -23.82 -16.74
C ASP F 397 30.88 -24.12 -18.25
N ASP F 398 31.18 -25.35 -18.67
CA ASP F 398 31.13 -25.76 -20.08
C ASP F 398 29.68 -25.76 -20.58
N LEU F 399 28.79 -26.37 -19.82
CA LEU F 399 27.36 -26.34 -20.12
C LEU F 399 26.82 -24.92 -20.20
N VAL F 400 27.06 -24.11 -19.17
CA VAL F 400 26.65 -22.70 -19.19
C VAL F 400 27.23 -22.00 -20.41
N GLY F 401 28.54 -22.19 -20.65
CA GLY F 401 29.25 -21.68 -21.85
C GLY F 401 28.61 -22.05 -23.21
N GLN F 402 28.22 -23.30 -23.36
CA GLN F 402 27.61 -23.79 -24.56
C GLN F 402 26.24 -23.13 -24.78
N LEU F 403 25.50 -22.98 -23.69
CA LEU F 403 24.18 -22.40 -23.76
C LEU F 403 24.26 -20.89 -24.07
N LEU F 404 25.21 -20.21 -23.44
CA LEU F 404 25.49 -18.81 -23.78
C LEU F 404 25.77 -18.67 -25.27
N ASP F 405 26.70 -19.47 -25.77
CA ASP F 405 27.07 -19.42 -27.15
C ASP F 405 25.88 -19.77 -28.09
N ALA F 406 25.14 -20.83 -27.77
CA ALA F 406 23.92 -21.13 -28.50
C ALA F 406 22.98 -19.91 -28.57
N GLY F 407 22.88 -19.14 -27.49
CA GLY F 407 22.05 -17.96 -27.47
C GLY F 407 22.51 -16.90 -28.45
N LYS F 408 23.82 -16.70 -28.54
CA LYS F 408 24.33 -15.70 -29.47
C LYS F 408 24.07 -16.13 -30.90
N ARG F 409 24.27 -17.42 -31.19
CA ARG F 409 24.01 -17.90 -32.55
C ARG F 409 22.53 -17.95 -32.96
N ALA F 410 21.62 -18.19 -32.01
CA ALA F 410 20.20 -18.26 -32.33
C ALA F 410 19.61 -16.88 -32.23
N ASP F 411 20.44 -15.92 -31.81
CA ASP F 411 20.00 -14.56 -31.50
C ASP F 411 18.82 -14.66 -30.54
N ASP F 412 19.05 -15.41 -29.47
CA ASP F 412 18.09 -15.60 -28.42
C ASP F 412 18.87 -15.68 -27.10
N ARG F 413 19.37 -14.52 -26.70
CA ARG F 413 20.50 -14.43 -25.77
C ARG F 413 20.19 -14.72 -24.30
N ALA F 414 21.14 -15.36 -23.65
CA ALA F 414 21.08 -15.56 -22.20
C ALA F 414 22.19 -14.73 -21.59
N TRP F 415 22.25 -14.66 -20.27
CA TRP F 415 23.36 -13.97 -19.57
C TRP F 415 23.48 -14.67 -18.24
N GLN F 416 24.70 -14.97 -17.82
CA GLN F 416 24.88 -15.76 -16.62
C GLN F 416 24.84 -14.92 -15.33
N LEU F 417 24.25 -15.50 -14.29
CA LEU F 417 24.34 -14.97 -12.93
C LEU F 417 24.99 -15.98 -11.98
N PRO F 418 25.70 -15.48 -10.95
CA PRO F 418 26.56 -16.39 -10.20
C PRO F 418 25.80 -17.12 -9.13
N LEU F 419 26.20 -18.35 -8.84
CA LEU F 419 25.63 -19.13 -7.74
C LEU F 419 26.62 -19.29 -6.60
N PHE F 420 27.01 -18.17 -6.01
CA PHE F 420 28.03 -18.18 -4.97
C PHE F 420 27.50 -18.74 -3.65
N ASP F 421 28.35 -19.47 -2.95
CA ASP F 421 28.01 -20.06 -1.65
C ASP F 421 27.39 -19.14 -0.57
N GLU F 422 27.75 -17.84 -0.59
CA GLU F 422 27.21 -16.85 0.37
C GLU F 422 25.68 -16.65 0.30
N TYR F 423 25.12 -16.88 -0.89
CA TYR F 423 23.67 -16.70 -1.11
C TYR F 423 22.87 -17.81 -0.47
N GLN F 424 23.50 -18.94 -0.26
CA GLN F 424 22.86 -20.14 0.26
C GLN F 424 22.41 -19.97 1.71
N GLU F 425 23.14 -19.22 2.52
CA GLU F 425 22.72 -19.02 3.92
C GLU F 425 21.33 -18.35 3.99
N GLN F 426 20.90 -17.76 2.88
CA GLN F 426 19.61 -17.08 2.85
C GLN F 426 18.44 -18.07 2.89
N LEU F 427 18.70 -19.32 2.51
CA LEU F 427 17.66 -20.34 2.53
C LEU F 427 17.59 -21.07 3.87
N ASP F 428 18.48 -20.73 4.79
CA ASP F 428 18.45 -21.30 6.12
C ASP F 428 17.09 -21.18 6.81
N SER F 429 16.65 -22.28 7.38
CA SER F 429 15.44 -22.41 8.18
C SER F 429 15.90 -22.82 9.58
N PRO F 430 15.15 -22.40 10.61
CA PRO F 430 15.44 -23.00 11.91
C PRO F 430 14.85 -24.40 12.07
N PHE F 431 13.82 -24.75 11.29
CA PHE F 431 13.20 -26.04 11.49
C PHE F 431 13.57 -27.11 10.44
N ALA F 432 13.50 -26.80 9.15
CA ALA F 432 13.76 -27.75 8.09
C ALA F 432 15.17 -27.61 7.49
N ASP F 433 15.56 -28.46 6.55
CA ASP F 433 16.87 -28.31 5.92
C ASP F 433 17.03 -26.94 5.24
N MET F 434 15.96 -26.49 4.58
CA MET F 434 15.94 -25.17 3.95
C MET F 434 14.54 -24.58 3.89
N GLY F 435 14.46 -23.25 3.78
CA GLY F 435 13.22 -22.60 3.36
C GLY F 435 13.18 -22.47 1.84
N ASN F 436 12.01 -22.16 1.27
CA ASN F 436 11.95 -21.92 -0.20
C ASN F 436 12.16 -20.48 -0.65
N ILE F 437 12.35 -19.55 0.27
CA ILE F 437 12.67 -18.17 -0.15
C ILE F 437 13.85 -17.65 0.60
N GLY F 438 14.58 -16.69 0.00
CA GLY F 438 15.69 -16.01 0.72
C GLY F 438 15.50 -14.52 1.04
N GLY F 439 14.27 -14.03 0.89
CA GLY F 439 13.95 -12.63 1.12
C GLY F 439 14.18 -11.73 -0.08
N PRO F 440 14.26 -10.42 0.15
CA PRO F 440 14.20 -9.50 -1.02
C PRO F 440 15.54 -9.27 -1.77
N LYS F 441 16.66 -9.69 -1.17
CA LYS F 441 17.97 -9.55 -1.81
C LYS F 441 18.26 -10.74 -2.73
N ALA F 442 18.44 -10.47 -4.02
CA ALA F 442 18.96 -11.45 -4.97
C ALA F 442 17.98 -12.59 -5.25
N GLY F 443 16.78 -12.24 -5.69
CA GLY F 443 15.68 -13.18 -5.76
C GLY F 443 15.88 -14.27 -6.79
N THR F 444 16.40 -13.87 -7.95
CA THR F 444 16.73 -14.80 -9.06
C THR F 444 17.80 -15.79 -8.65
N ILE F 445 18.86 -15.28 -8.05
CA ILE F 445 20.00 -16.09 -7.66
C ILE F 445 19.59 -17.10 -6.59
N THR F 446 18.80 -16.67 -5.62
CA THR F 446 18.42 -17.56 -4.50
C THR F 446 17.50 -18.68 -4.97
N ALA F 447 16.60 -18.38 -5.89
CA ALA F 447 15.85 -19.46 -6.60
C ALA F 447 16.84 -20.44 -7.25
N GLY F 448 17.83 -19.89 -7.98
CA GLY F 448 18.98 -20.67 -8.47
C GLY F 448 19.68 -21.52 -7.40
N CYS F 449 20.01 -20.93 -6.24
CA CYS F 449 20.69 -21.71 -5.19
C CYS F 449 19.85 -22.86 -4.71
N PHE F 450 18.56 -22.59 -4.53
CA PHE F 450 17.61 -23.57 -4.08
C PHE F 450 17.60 -24.77 -5.02
N LEU F 451 17.46 -24.52 -6.31
CA LEU F 451 17.42 -25.61 -7.24
C LEU F 451 18.73 -26.39 -7.31
N SER F 452 19.87 -25.68 -7.25
CA SER F 452 21.22 -26.27 -7.27
C SER F 452 21.43 -27.34 -6.20
N ARG F 453 20.63 -27.27 -5.13
CA ARG F 453 20.69 -28.26 -4.05
C ARG F 453 20.12 -29.60 -4.44
N PHE F 454 19.53 -29.67 -5.63
CA PHE F 454 18.90 -30.90 -6.07
C PHE F 454 19.53 -31.40 -7.34
N ALA F 455 20.43 -30.62 -7.92
CA ALA F 455 21.07 -31.01 -9.18
C ALA F 455 22.54 -31.40 -9.04
N LYS F 456 22.89 -31.97 -7.88
CA LYS F 456 24.30 -32.27 -7.56
C LYS F 456 24.88 -33.47 -8.30
N ALA F 457 23.99 -34.38 -8.68
CA ALA F 457 24.30 -35.63 -9.38
C ALA F 457 24.66 -35.48 -10.87
N TYR F 458 24.56 -34.27 -11.44
CA TYR F 458 24.85 -34.14 -12.86
C TYR F 458 25.20 -32.72 -13.30
N ASN F 459 25.61 -32.58 -14.57
CA ASN F 459 25.88 -31.26 -15.14
C ASN F 459 24.58 -30.59 -15.37
N TRP F 460 24.40 -29.43 -14.76
CA TRP F 460 23.08 -28.76 -14.72
C TRP F 460 23.12 -27.24 -14.97
N ALA F 461 22.07 -26.74 -15.58
CA ALA F 461 21.90 -25.30 -15.73
C ALA F 461 20.43 -24.97 -15.61
N HIS F 462 20.17 -23.72 -15.25
CA HIS F 462 18.84 -23.22 -14.94
C HIS F 462 18.57 -21.89 -15.68
N MET F 463 17.44 -21.83 -16.39
CA MET F 463 17.07 -20.65 -17.18
C MET F 463 15.79 -20.09 -16.65
N ASP F 464 15.87 -18.84 -16.18
CA ASP F 464 14.72 -18.10 -15.69
C ASP F 464 14.19 -17.25 -16.85
N ILE F 465 13.07 -17.68 -17.44
CA ILE F 465 12.51 -17.01 -18.62
C ILE F 465 11.36 -16.07 -18.26
N ALA F 466 11.27 -15.71 -17.00
CA ALA F 466 10.15 -14.89 -16.52
C ALA F 466 10.01 -13.57 -17.30
N GLY F 467 11.12 -13.07 -17.87
CA GLY F 467 11.07 -11.82 -18.62
C GLY F 467 10.99 -12.00 -20.12
N THR F 468 11.39 -13.16 -20.62
CA THR F 468 11.55 -13.32 -22.08
C THR F 468 10.44 -14.13 -22.73
N ALA F 469 9.54 -14.70 -21.92
CA ALA F 469 8.60 -15.71 -22.42
C ALA F 469 7.31 -15.14 -22.93
N TRP F 470 6.98 -13.93 -22.52
CA TRP F 470 5.76 -13.27 -22.99
C TRP F 470 5.93 -11.80 -22.98
N ILE F 471 5.05 -11.14 -23.72
CA ILE F 471 4.93 -9.69 -23.72
C ILE F 471 3.66 -9.32 -22.95
N SER F 472 3.80 -8.42 -21.98
CA SER F 472 2.71 -8.04 -21.08
C SER F 472 1.51 -7.30 -21.68
N GLY F 473 1.76 -6.39 -22.61
CA GLY F 473 0.66 -5.53 -23.05
C GLY F 473 0.66 -5.17 -24.52
N GLY F 474 -0.38 -4.40 -24.89
CA GLY F 474 -0.54 -3.79 -26.20
C GLY F 474 -0.65 -4.75 -27.38
N LYS F 475 -0.08 -4.33 -28.52
CA LYS F 475 -0.29 -5.02 -29.79
C LYS F 475 0.22 -6.47 -29.86
N ASP F 476 1.39 -6.76 -29.31
CA ASP F 476 1.89 -8.14 -29.34
C ASP F 476 1.85 -8.89 -27.99
N LYS F 477 0.89 -8.54 -27.12
CA LYS F 477 0.65 -9.30 -25.89
C LYS F 477 0.45 -10.81 -26.17
N GLY F 478 1.28 -11.65 -25.55
CA GLY F 478 1.18 -13.11 -25.67
C GLY F 478 2.53 -13.78 -25.57
N ALA F 479 2.55 -15.11 -25.55
CA ALA F 479 3.79 -15.86 -25.55
C ALA F 479 4.69 -15.47 -26.71
N THR F 480 5.99 -15.46 -26.47
CA THR F 480 6.99 -15.18 -27.52
C THR F 480 7.51 -16.43 -28.15
N GLY F 481 7.41 -17.56 -27.44
CA GLY F 481 8.05 -18.82 -27.84
C GLY F 481 9.54 -18.96 -27.52
N ARG F 482 10.10 -17.96 -26.83
CA ARG F 482 11.47 -18.05 -26.33
C ARG F 482 11.49 -18.95 -25.07
N PRO F 483 12.49 -19.78 -24.88
CA PRO F 483 13.73 -19.79 -25.60
C PRO F 483 13.88 -21.00 -26.55
N VAL F 484 12.85 -21.29 -27.32
CA VAL F 484 12.93 -22.36 -28.32
C VAL F 484 14.13 -22.14 -29.27
N PRO F 485 14.39 -20.89 -29.74
CA PRO F 485 15.61 -20.75 -30.55
C PRO F 485 16.91 -21.16 -29.87
N LEU F 486 17.16 -20.65 -28.65
CA LEU F 486 18.35 -21.03 -27.89
C LEU F 486 18.42 -22.56 -27.63
N LEU F 487 17.32 -23.16 -27.17
CA LEU F 487 17.38 -24.57 -26.76
C LEU F 487 17.61 -25.48 -27.96
N THR F 488 16.88 -25.27 -29.05
CA THR F 488 17.06 -26.06 -30.25
C THR F 488 18.49 -25.86 -30.79
N GLN F 489 19.01 -24.63 -30.72
CA GLN F 489 20.35 -24.35 -31.21
C GLN F 489 21.41 -25.10 -30.39
N TYR F 490 21.19 -25.19 -29.08
CA TYR F 490 22.03 -25.98 -28.20
C TYR F 490 22.13 -27.45 -28.68
N LEU F 491 20.97 -28.03 -28.99
CA LEU F 491 20.90 -29.40 -29.48
C LEU F 491 21.44 -29.58 -30.90
N LEU F 492 21.25 -28.59 -31.76
CA LEU F 492 21.91 -28.58 -33.08
C LEU F 492 23.44 -28.65 -32.90
N ASP F 493 23.97 -27.85 -31.97
CA ASP F 493 25.39 -27.91 -31.60
C ASP F 493 25.83 -29.30 -31.09
N ARG F 494 25.03 -29.91 -30.21
CA ARG F 494 25.37 -31.23 -29.69
C ARG F 494 25.34 -32.30 -30.79
N ALA F 495 24.50 -32.10 -31.80
CA ALA F 495 24.31 -33.08 -32.85
C ALA F 495 25.33 -32.92 -33.99
N GLY F 496 26.16 -31.88 -33.89
CA GLY F 496 27.12 -31.54 -34.96
C GLY F 496 26.41 -31.17 -36.26
N ALA F 497 25.23 -30.56 -36.14
CA ALA F 497 24.32 -30.37 -37.28
C ALA F 497 24.41 -29.01 -37.98
ZN ZN G . -20.43 -7.48 -7.52
MN MN H . -17.14 -7.72 -7.81
K K I . -28.19 -9.80 1.62
C BCT J . -19.27 -5.79 -11.94
O1 BCT J . -19.74 -6.34 -10.93
O2 BCT J . -19.46 -6.26 -13.07
O3 BCT J . -18.51 -4.69 -11.85
ZN ZN K . 20.94 8.03 -4.73
MN MN L . 17.78 8.33 -5.22
K K M . 27.64 9.43 5.59
C BCT N . 20.32 6.93 -9.46
O1 BCT N . 20.38 7.30 -8.27
O2 BCT N . 20.07 5.75 -9.75
O3 BCT N . 20.54 7.80 -10.41
ZN ZN O . -3.90 20.62 -9.40
MN MN P . -3.78 19.10 -6.76
K K Q . 3.71 22.98 -18.78
C BCT R . -8.16 20.82 -7.17
O1 BCT R . -8.63 21.73 -6.45
O2 BCT R . -8.81 19.80 -7.46
O3 BCT R . -6.94 20.92 -7.66
ZN ZN S . -6.14 -16.14 15.28
MN MN T . -7.06 -14.15 13.03
K K U . 2.02 -25.45 15.36
C BCT V . -9.18 -13.08 17.28
O1 BCT V . -10.36 -13.23 17.68
O2 BCT V . -8.57 -13.95 16.60
O3 BCT V . -8.52 -11.96 17.57
ZN ZN W . 4.04 14.70 17.01
MN MN X . 5.33 13.01 14.62
K K Y . -3.77 24.22 17.14
C BCT Z . 6.81 11.25 19.11
O1 BCT Z . 7.95 11.26 19.63
O2 BCT Z . 6.15 10.20 19.04
O3 BCT Z . 6.33 12.35 18.62
ZN ZN AA . 4.97 -19.45 -10.60
MN MN BA . 4.59 -17.85 -7.77
K K CA . -1.74 -21.01 -20.94
C BCT DA . 9.10 -19.89 -7.95
O1 BCT DA . 9.71 -20.67 -7.21
O2 BCT DA . 9.59 -18.79 -8.18
O3 BCT DA . 7.94 -20.17 -8.49
#